data_6HQV
#
_entry.id   6HQV
#
_cell.length_a   153.943
_cell.length_b   377.616
_cell.length_c   70.882
_cell.angle_alpha   90.00
_cell.angle_beta   90.00
_cell.angle_gamma   90.00
#
_symmetry.space_group_name_H-M   'P 21 21 2'
#
loop_
_entity.id
_entity.type
_entity.pdbx_description
1 polymer 'Pentafunctional AROM polypeptide'
2 non-polymer NICOTINAMIDE-ADENINE-DINUCLEOTIDE
3 non-polymer 'ZINC ION'
4 non-polymer 'GLUTAMIC ACID'
5 non-polymer 'PHOSPHATE ION'
6 non-polymer '(4S,5R)-4,5-dihydroxy-3-oxocyclohex-1-ene-1-carboxylic acid'
7 non-polymer '(3R,4S,5R)-3,4,5-TRIHYDROXYCYCLOHEX-1-ENE-1-CARBOXYLIC ACID'
#
_entity_poly.entity_id   1
_entity_poly.type   'polypeptide(L)'
_entity_poly.pdbx_seq_one_letter_code
;(MSE)ATANVAGAGGSGSEPTRIAILGKEDIIVDHGIWLNFVAHDLLQTLPSSTYVLITDTNLYTTYVPPFQAVFEAAAP
RDVRLLTYAIPPGEYSKSRETKAEIEDW(MSE)LSHACTRDTVIIALGGGVIGD(MSE)IGYVAATF(MSE)RGVRFVQV
PTTLLA(MSE)VDSSIGGKTAIDTP(MSE)GKNLIGAFWQPRRIYIDLAFLETLPVREFING(MSE)AEVIKTAAIWNET
EFTALEENAAAILEAVRSKASSPAARLAPIRHILKRIVLGSARVKAEVVSADEREGGLRNLLNFGHSIGHAYEAILAPQV
LHGECVAIG(MSE)VKEAELARYLGVLRPSAVARLTKLIASYDLPTSVHDKRIAKLSAGKECPVDVLLQK(MSE)AVDKK
NEGRKKKIVLLSAIGKTYEKKATVVDDRAIRLVLSPSVRVTPGVPKGLSVTVTPPGSKSISNRALVLAALGEGTTRIHGL
LHSDDVQY(MSE)LAAIEQLHGADFSWEDAGEILVVTGKGGKLQASKEPLYLGNAGTASRFLTSVVALCAPSAVSSTVLT
GNAR(MSE)KVRPIGALVDALRANGVGVKYLEKEKSLPVEVDAAGGFAGGVIELAATVSSQYVSSIL(MSE)AAPYAHQP
VTLRLVGGKPISQPYID(MSE)TIA(MSE)(MSE)ASFGIKVERSAEDPNTYLIPKGVYKNPPEYVVESDASSATYPLAV
AAITGTTCTIPNIGSESLQGDARFAVEVLRP(MSE)GCAVEQTATSTTVTGPPIGTLKAIPHVD(MSE)EP(MSE)TDAF
LTAAVLAAVADGTTQITGIANQRVKECNRIAA(MSE)KDQLAKFGVQCNELEDGIEVIGKPYQELRNPVEGIYCYDDHRV
A(MSE)SHSVLSTISPHPVLILERECTAKTWPGWWDILSQFFKVQLDGEEDPTKRTTQSTQQVRKGTDRSIFIVG(MSE)
RGAGKSTAGRW(MSE)SELLKRPLVDLDAELERREG(MSE)TIPEIIRGERGWEGFRQAELELLQDVIKNQSKGYIFSCG
GGIVETEAARKLLIDYHKNGGPVLLVHRDTDQVVEYL(MSE)RDKTRPAYSENIREVYERRKPWFYECSNLQYHSPHEDG
SEALLQPPADFARFVKLIAGQSTHLEDVRAKKHSFFVSLTVPNVADALDIIPRVVVGSDAVELRVDLLESYEPEFVARQV
ALLRAAAQVPIVYTVRTQSQGGKFPDEDYDLALRLYQTGLRSGVEYLDLE(MSE)T(MSE)PDHILQAVTDAKGFTSIIA
SHHDPQCKLSWKSGSWIPFYNKALQYGDVIKLVGVARE(MSE)ADNFALTNFKAK(MSE)LAAHDNKP(MSE)IALN
(MSE)GTAGKLSRVLNGFLTPVSHPALPSKAAPGQLSATEIRQALSLIGEIEPKSFYLFGKPISASRSPALHNTLFYKTG
LPHHYSRFETDEASKALESLIRSPDFGGASVTIPLKLDI(MSE)PLLDSATDAARTIGAVNTIIPQTRDGSTTTLVGDNT
DWRG(MSE)VHALLHSSGSGSVVQRTAAPRGAA(MSE)VVGSGGTARAAIYALHDLGFAPIWIVARSEERVAELVRGFDG
YDLRR(MSE)TSPHQGKDN(MSE)PSVVISTIPATQPIDPS(MSE)REVIVEVLKHGHPSAEGKVLLE(MSE)AYQPPRT
PL(MSE)TLAEDQGWRTVGGLEVLAAQGWYQFQLWTGITPLYEEARAAV(MSE)GEDSVELEHHHHHH
;
_entity_poly.pdbx_strand_id   A,B
#
loop_
_chem_comp.id
_chem_comp.type
_chem_comp.name
_chem_comp.formula
3DS non-polymer '(4S,5R)-4,5-dihydroxy-3-oxocyclohex-1-ene-1-carboxylic acid' 'C7 H8 O5'
NAD non-polymer NICOTINAMIDE-ADENINE-DINUCLEOTIDE 'C21 H27 N7 O14 P2'
PO4 non-polymer 'PHOSPHATE ION' 'O4 P -3'
SKM non-polymer '(3R,4S,5R)-3,4,5-TRIHYDROXYCYCLOHEX-1-ENE-1-CARBOXYLIC ACID' 'C7 H10 O5'
ZN non-polymer 'ZINC ION' 'Zn 2'
#
# COMPACT_ATOMS: atom_id res chain seq x y z
N GLU A 15 21.42 -45.41 13.79
CA GLU A 15 22.74 -44.68 13.90
C GLU A 15 22.55 -43.15 13.91
N PRO A 16 21.93 -42.61 14.97
CA PRO A 16 21.76 -41.16 15.09
C PRO A 16 23.06 -40.44 15.44
N THR A 17 23.70 -39.81 14.46
CA THR A 17 24.95 -39.10 14.71
C THR A 17 24.68 -37.63 15.00
N ARG A 18 25.31 -37.11 16.06
CA ARG A 18 25.23 -35.70 16.40
C ARG A 18 26.47 -34.97 15.92
N ILE A 19 26.36 -33.65 15.79
CA ILE A 19 27.48 -32.81 15.34
C ILE A 19 27.60 -31.59 16.23
N ALA A 20 28.82 -31.29 16.64
CA ALA A 20 29.10 -30.16 17.54
C ALA A 20 29.17 -28.85 16.77
N ILE A 21 28.51 -27.84 17.30
CA ILE A 21 28.59 -26.49 16.75
C ILE A 21 28.56 -25.47 17.89
N LEU A 22 29.51 -24.54 17.86
CA LEU A 22 29.64 -23.50 18.89
C LEU A 22 29.66 -24.09 20.31
N GLY A 23 30.38 -25.19 20.48
CA GLY A 23 30.64 -25.77 21.80
C GLY A 23 29.62 -26.75 22.33
N LYS A 24 28.63 -27.12 21.50
CA LYS A 24 27.60 -28.07 21.90
C LYS A 24 27.09 -28.88 20.72
N GLU A 25 26.73 -30.13 20.98
CA GLU A 25 26.21 -31.03 19.95
C GLU A 25 24.72 -30.80 19.76
N ASP A 26 24.37 -29.67 19.15
CA ASP A 26 22.97 -29.24 18.97
C ASP A 26 22.41 -29.61 17.60
N ILE A 27 23.27 -30.13 16.72
CA ILE A 27 22.84 -30.73 15.46
C ILE A 27 22.68 -32.22 15.66
N ILE A 28 21.55 -32.77 15.23
CA ILE A 28 21.35 -34.22 15.24
C ILE A 28 20.86 -34.68 13.87
N VAL A 29 21.52 -35.71 13.33
CA VAL A 29 21.19 -36.24 12.02
C VAL A 29 20.72 -37.70 12.14
N ASP A 30 19.44 -37.92 11.90
CA ASP A 30 18.86 -39.25 12.01
C ASP A 30 17.75 -39.40 10.95
N HIS A 31 16.93 -40.43 11.08
CA HIS A 31 15.89 -40.75 10.12
C HIS A 31 14.59 -40.99 10.88
N GLY A 32 13.54 -40.26 10.50
CA GLY A 32 12.24 -40.37 11.14
C GLY A 32 12.18 -39.85 12.56
N ILE A 33 12.78 -38.68 12.79
CA ILE A 33 12.79 -38.06 14.11
C ILE A 33 11.73 -36.96 14.25
N TRP A 34 11.22 -36.45 13.14
CA TRP A 34 10.19 -35.40 13.16
C TRP A 34 8.97 -35.83 13.97
N LEU A 35 8.50 -37.05 13.76
CA LEU A 35 7.25 -37.50 14.37
C LEU A 35 7.44 -38.30 15.66
N ASN A 36 8.64 -38.31 16.22
CA ASN A 36 8.84 -38.85 17.57
C ASN A 36 9.85 -38.05 18.40
N PHE A 37 11.13 -38.17 18.07
CA PHE A 37 12.19 -37.56 18.87
C PHE A 37 12.02 -36.06 19.05
N VAL A 38 11.74 -35.34 17.96
CA VAL A 38 11.75 -33.88 17.97
C VAL A 38 10.74 -33.29 18.97
N ALA A 39 9.51 -33.79 18.94
CA ALA A 39 8.48 -33.31 19.85
C ALA A 39 8.89 -33.49 21.30
N HIS A 40 9.40 -34.67 21.61
CA HIS A 40 9.84 -34.99 22.97
C HIS A 40 11.06 -34.17 23.40
N ASP A 41 12.00 -33.96 22.48
CA ASP A 41 13.22 -33.21 22.81
C ASP A 41 12.92 -31.74 23.07
N LEU A 42 12.00 -31.18 22.29
CA LEU A 42 11.53 -29.82 22.52
C LEU A 42 10.95 -29.69 23.92
N LEU A 43 10.02 -30.58 24.26
CA LEU A 43 9.33 -30.51 25.55
C LEU A 43 10.25 -30.74 26.76
N GLN A 44 11.30 -31.54 26.56
CA GLN A 44 12.21 -31.88 27.65
C GLN A 44 13.41 -30.94 27.78
N THR A 45 13.98 -30.52 26.65
CA THR A 45 15.18 -29.66 26.69
C THR A 45 14.89 -28.16 26.52
N LEU A 46 13.76 -27.82 25.92
CA LEU A 46 13.35 -26.42 25.73
C LEU A 46 11.93 -26.21 26.24
N PRO A 47 11.72 -26.35 27.56
CA PRO A 47 10.37 -26.22 28.09
C PRO A 47 9.83 -24.82 27.90
N SER A 48 8.53 -24.73 27.60
CA SER A 48 7.87 -23.46 27.37
C SER A 48 6.36 -23.60 27.54
N SER A 49 5.68 -22.46 27.64
CA SER A 49 4.21 -22.45 27.68
C SER A 49 3.66 -22.48 26.26
N THR A 50 4.47 -22.04 25.30
CA THR A 50 4.00 -21.78 23.95
C THR A 50 5.05 -22.18 22.90
N TYR A 51 4.66 -23.11 22.02
CA TYR A 51 5.49 -23.52 20.89
C TYR A 51 4.83 -23.07 19.59
N VAL A 52 5.60 -22.44 18.71
CA VAL A 52 5.08 -21.89 17.47
C VAL A 52 5.74 -22.58 16.28
N LEU A 53 4.96 -23.39 15.56
CA LEU A 53 5.46 -24.15 14.42
C LEU A 53 5.04 -23.47 13.12
N ILE A 54 6.02 -22.97 12.37
CA ILE A 54 5.77 -22.24 11.14
C ILE A 54 6.42 -22.95 9.96
N THR A 55 5.64 -23.19 8.92
CA THR A 55 6.15 -23.79 7.68
C THR A 55 5.52 -23.05 6.48
N ASP A 56 5.56 -23.65 5.29
CA ASP A 56 4.90 -23.05 4.12
C ASP A 56 3.72 -23.90 3.64
N THR A 57 2.96 -23.37 2.69
CA THR A 57 1.71 -23.97 2.23
C THR A 57 1.90 -25.34 1.56
N ASN A 58 3.03 -25.52 0.89
CA ASN A 58 3.37 -26.81 0.27
C ASN A 58 3.58 -27.92 1.32
N LEU A 59 4.18 -27.56 2.46
CA LEU A 59 4.51 -28.52 3.52
C LEU A 59 3.40 -28.76 4.55
N TYR A 60 2.59 -27.74 4.83
CA TYR A 60 1.69 -27.77 5.99
C TYR A 60 0.86 -29.06 6.15
N THR A 61 -0.11 -29.29 5.27
CA THR A 61 -1.07 -30.40 5.50
C THR A 61 -0.43 -31.80 5.44
N THR A 62 0.76 -31.91 4.85
CA THR A 62 1.47 -33.18 4.80
C THR A 62 2.20 -33.50 6.11
N TYR A 63 2.87 -32.50 6.68
CA TYR A 63 3.78 -32.71 7.82
C TYR A 63 3.38 -32.09 9.17
N VAL A 64 2.46 -31.11 9.18
CA VAL A 64 2.10 -30.44 10.43
C VAL A 64 1.06 -31.23 11.26
N PRO A 65 -0.07 -31.60 10.65
CA PRO A 65 -1.08 -32.31 11.45
C PRO A 65 -0.58 -33.55 12.20
N PRO A 66 0.28 -34.38 11.57
CA PRO A 66 0.77 -35.53 12.34
C PRO A 66 1.69 -35.14 13.51
N PHE A 67 2.45 -34.06 13.36
CA PHE A 67 3.28 -33.55 14.45
C PHE A 67 2.43 -33.01 15.60
N GLN A 68 1.34 -32.31 15.27
CA GLN A 68 0.41 -31.80 16.27
C GLN A 68 -0.17 -32.93 17.10
N ALA A 69 -0.53 -34.02 16.45
CA ALA A 69 -1.08 -35.18 17.15
C ALA A 69 -0.08 -35.70 18.16
N VAL A 70 1.15 -35.90 17.72
CA VAL A 70 2.22 -36.43 18.58
C VAL A 70 2.52 -35.48 19.71
N PHE A 71 2.70 -34.21 19.37
CA PHE A 71 3.08 -33.18 20.32
C PHE A 71 2.03 -32.98 21.40
N GLU A 72 0.78 -32.78 21.00
CA GLU A 72 -0.30 -32.49 21.95
C GLU A 72 -0.63 -33.69 22.84
N ALA A 73 -0.25 -34.89 22.40
CA ALA A 73 -0.35 -36.09 23.23
C ALA A 73 0.71 -36.12 24.33
N ALA A 74 1.91 -35.64 24.01
CA ALA A 74 3.04 -35.64 24.94
C ALA A 74 3.05 -34.43 25.87
N ALA A 75 2.64 -33.27 25.36
CA ALA A 75 2.72 -32.01 26.11
C ALA A 75 1.83 -32.01 27.36
N PRO A 76 2.26 -31.33 28.43
CA PRO A 76 1.45 -31.20 29.64
C PRO A 76 0.30 -30.21 29.51
N ARG A 77 -0.53 -30.13 30.56
CA ARG A 77 -1.83 -29.46 30.53
C ARG A 77 -1.79 -27.99 30.11
N ASP A 78 -0.81 -27.24 30.62
CA ASP A 78 -0.75 -25.79 30.43
C ASP A 78 0.17 -25.35 29.27
N VAL A 79 0.37 -26.24 28.29
CA VAL A 79 1.29 -25.98 27.18
C VAL A 79 0.54 -26.09 25.85
N ARG A 80 0.90 -25.23 24.90
CA ARG A 80 0.16 -25.09 23.65
C ARG A 80 1.09 -25.06 22.43
N LEU A 81 0.55 -25.51 21.30
CA LEU A 81 1.27 -25.51 20.03
C LEU A 81 0.48 -24.70 19.01
N LEU A 82 1.10 -23.63 18.51
CA LEU A 82 0.47 -22.79 17.48
C LEU A 82 1.10 -23.11 16.13
N THR A 83 0.28 -23.09 15.08
CA THR A 83 0.74 -23.41 13.74
C THR A 83 0.35 -22.32 12.75
N TYR A 84 1.16 -22.15 11.71
CA TYR A 84 0.98 -21.11 10.70
C TYR A 84 1.77 -21.49 9.45
N ALA A 85 1.18 -21.22 8.29
CA ALA A 85 1.87 -21.47 7.02
C ALA A 85 1.98 -20.16 6.25
N ILE A 86 3.15 -19.91 5.68
CA ILE A 86 3.35 -18.76 4.81
C ILE A 86 3.47 -19.26 3.38
N PRO A 87 3.28 -18.36 2.39
CA PRO A 87 3.47 -18.80 1.02
C PRO A 87 4.91 -19.24 0.75
N PRO A 88 5.10 -20.24 -0.12
CA PRO A 88 6.43 -20.77 -0.39
C PRO A 88 7.25 -19.86 -1.29
N GLY A 89 8.57 -19.92 -1.15
CA GLY A 89 9.48 -19.29 -2.11
C GLY A 89 10.07 -17.97 -1.67
N GLU A 90 11.11 -17.56 -2.39
CA GLU A 90 11.93 -16.39 -2.06
C GLU A 90 11.14 -15.13 -1.70
N TYR A 91 10.00 -14.92 -2.33
CA TYR A 91 9.19 -13.72 -2.10
C TYR A 91 8.75 -13.56 -0.63
N SER A 92 8.78 -14.67 0.13
CA SER A 92 8.42 -14.66 1.53
C SER A 92 9.56 -14.25 2.46
N LYS A 93 10.78 -14.11 1.94
CA LYS A 93 11.86 -13.51 2.72
C LYS A 93 11.76 -12.01 2.53
N SER A 94 10.74 -11.42 3.19
CA SER A 94 10.35 -10.04 2.96
C SER A 94 9.94 -9.35 4.25
N ARG A 95 9.99 -8.03 4.21
CA ARG A 95 9.53 -7.21 5.32
C ARG A 95 8.06 -7.47 5.65
N GLU A 96 7.25 -7.75 4.64
CA GLU A 96 5.81 -7.98 4.84
C GLU A 96 5.57 -9.29 5.59
N THR A 97 6.04 -10.40 4.99
CA THR A 97 5.88 -11.71 5.60
C THR A 97 6.37 -11.72 7.05
N LYS A 98 7.46 -10.99 7.32
CA LYS A 98 7.94 -10.85 8.69
C LYS A 98 6.85 -10.27 9.58
N ALA A 99 6.26 -9.15 9.16
CA ALA A 99 5.22 -8.48 9.92
C ALA A 99 3.97 -9.34 10.08
N GLU A 100 3.64 -10.06 9.02
CA GLU A 100 2.48 -10.96 8.96
C GLU A 100 2.57 -12.04 10.04
N ILE A 101 3.75 -12.62 10.17
CA ILE A 101 4.02 -13.65 11.18
C ILE A 101 3.99 -13.06 12.58
N GLU A 102 4.64 -11.92 12.73
CA GLU A 102 4.76 -11.26 14.03
C GLU A 102 3.43 -10.78 14.57
N ASP A 103 2.65 -10.13 13.71
CA ASP A 103 1.32 -9.67 14.09
C ASP A 103 0.43 -10.84 14.48
N TRP A 104 0.54 -11.95 13.76
CA TRP A 104 -0.20 -13.18 14.08
C TRP A 104 0.21 -13.74 15.44
N MSE A 105 1.51 -13.80 15.70
CA MSE A 105 2.02 -14.30 16.99
C MSE A 105 1.47 -13.48 18.12
O MSE A 105 1.02 -14.01 19.12
CB MSE A 105 3.55 -14.28 17.03
CG MSE A 105 4.11 -15.50 16.30
SE MSE A 105 6.07 -15.45 16.20
CE MSE A 105 6.47 -15.73 18.11
N LEU A 106 1.50 -12.16 17.94
CA LEU A 106 1.02 -11.24 18.96
C LEU A 106 -0.51 -11.30 19.14
N SER A 107 -1.25 -11.77 18.14
CA SER A 107 -2.68 -12.04 18.27
C SER A 107 -2.92 -13.07 19.35
N HIS A 108 -2.03 -14.06 19.44
CA HIS A 108 -2.15 -15.14 20.42
C HIS A 108 -1.33 -14.91 21.70
N ALA A 109 -0.91 -13.67 21.93
CA ALA A 109 -0.17 -13.29 23.13
C ALA A 109 1.02 -14.19 23.37
N CYS A 110 1.77 -14.48 22.30
CA CYS A 110 3.03 -15.18 22.42
C CYS A 110 3.97 -14.32 23.25
N THR A 111 4.48 -14.89 24.33
CA THR A 111 5.35 -14.17 25.26
C THR A 111 6.80 -14.51 24.95
N ARG A 112 7.70 -14.08 25.82
CA ARG A 112 9.13 -14.24 25.58
C ARG A 112 9.61 -15.68 25.69
N ASP A 113 8.90 -16.51 26.44
CA ASP A 113 9.28 -17.92 26.60
C ASP A 113 8.98 -18.76 25.35
N THR A 114 8.28 -18.18 24.38
CA THR A 114 7.93 -18.88 23.15
C THR A 114 9.13 -19.56 22.52
N VAL A 115 8.90 -20.79 22.03
CA VAL A 115 9.90 -21.55 21.28
C VAL A 115 9.37 -21.74 19.87
N ILE A 116 10.08 -21.18 18.89
CA ILE A 116 9.68 -21.25 17.49
C ILE A 116 10.30 -22.47 16.82
N ILE A 117 9.53 -23.13 15.96
CA ILE A 117 10.00 -24.29 15.20
C ILE A 117 9.95 -23.94 13.71
N ALA A 118 11.12 -23.76 13.10
CA ALA A 118 11.19 -23.50 11.68
C ALA A 118 11.20 -24.82 10.92
N LEU A 119 10.06 -25.17 10.33
CA LEU A 119 9.94 -26.39 9.53
C LEU A 119 9.90 -26.02 8.06
N GLY A 120 10.94 -26.39 7.32
CA GLY A 120 11.00 -26.08 5.90
C GLY A 120 12.44 -25.96 5.42
N GLY A 121 12.60 -25.33 4.27
CA GLY A 121 13.91 -25.10 3.70
C GLY A 121 14.49 -23.78 4.17
N GLY A 122 15.47 -23.29 3.44
CA GLY A 122 16.18 -22.07 3.78
C GLY A 122 15.35 -20.80 3.78
N VAL A 123 14.30 -20.76 2.96
CA VAL A 123 13.41 -19.61 2.99
C VAL A 123 12.72 -19.53 4.35
N ILE A 124 12.18 -20.65 4.81
CA ILE A 124 11.59 -20.75 6.15
C ILE A 124 12.66 -20.51 7.21
N GLY A 125 13.80 -21.19 7.06
CA GLY A 125 14.91 -21.07 8.00
C GLY A 125 15.36 -19.63 8.21
N ASP A 126 15.58 -18.93 7.12
CA ASP A 126 16.02 -17.53 7.17
C ASP A 126 14.95 -16.60 7.71
N MSE A 127 13.72 -16.73 7.23
CA MSE A 127 12.65 -15.81 7.62
C MSE A 127 12.25 -16.05 9.05
O MSE A 127 12.22 -15.12 9.85
CB MSE A 127 11.42 -15.97 6.71
CG MSE A 127 10.21 -15.15 7.14
SE MSE A 127 10.45 -13.26 6.61
CE MSE A 127 11.31 -12.58 8.23
N ILE A 128 11.94 -17.30 9.39
CA ILE A 128 11.45 -17.61 10.72
C ILE A 128 12.55 -17.38 11.76
N GLY A 129 13.80 -17.69 11.40
CA GLY A 129 14.94 -17.42 12.25
C GLY A 129 15.10 -15.94 12.57
N TYR A 130 14.91 -15.10 11.57
CA TYR A 130 15.00 -13.66 11.74
C TYR A 130 13.84 -13.15 12.61
N VAL A 131 12.66 -13.74 12.45
CA VAL A 131 11.52 -13.43 13.32
C VAL A 131 11.86 -13.79 14.75
N ALA A 132 12.45 -14.97 14.92
CA ALA A 132 12.91 -15.44 16.22
C ALA A 132 13.97 -14.52 16.81
N ALA A 133 14.86 -14.02 15.96
CA ALA A 133 15.95 -13.17 16.40
C ALA A 133 15.49 -11.83 16.96
N THR A 134 14.35 -11.34 16.45
CA THR A 134 13.85 -10.00 16.77
C THR A 134 12.58 -9.96 17.61
N PHE A 135 11.81 -11.05 17.62
CA PHE A 135 10.58 -11.10 18.41
C PHE A 135 10.90 -10.89 19.89
N MSE A 136 10.40 -9.80 20.45
CA MSE A 136 10.67 -9.41 21.83
C MSE A 136 12.16 -9.40 22.08
O MSE A 136 12.64 -9.85 23.12
CB MSE A 136 9.92 -10.35 22.77
CG MSE A 136 8.42 -10.11 22.63
SE MSE A 136 7.42 -11.09 24.01
CE MSE A 136 5.66 -10.26 23.71
N ARG A 137 12.89 -8.87 21.11
CA ARG A 137 14.35 -8.80 21.15
C ARG A 137 15.04 -10.17 21.27
N GLY A 138 14.40 -11.21 20.73
CA GLY A 138 15.01 -12.54 20.67
C GLY A 138 14.27 -13.59 21.48
N VAL A 139 13.95 -14.69 20.82
CA VAL A 139 13.41 -15.87 21.49
C VAL A 139 14.06 -17.13 20.92
N ARG A 140 13.90 -18.23 21.65
CA ARG A 140 14.48 -19.51 21.26
C ARG A 140 13.79 -20.07 20.03
N PHE A 141 14.57 -20.70 19.15
CA PHE A 141 14.00 -21.41 18.02
C PHE A 141 14.87 -22.59 17.62
N VAL A 142 14.27 -23.51 16.87
CA VAL A 142 14.98 -24.67 16.36
C VAL A 142 14.80 -24.73 14.87
N GLN A 143 15.64 -25.53 14.22
CA GLN A 143 15.59 -25.70 12.77
C GLN A 143 15.22 -27.13 12.45
N VAL A 144 14.24 -27.30 11.58
CA VAL A 144 13.91 -28.61 11.03
C VAL A 144 13.99 -28.50 9.51
N PRO A 145 15.21 -28.60 8.94
CA PRO A 145 15.37 -28.52 7.48
C PRO A 145 14.72 -29.69 6.74
N THR A 146 14.06 -29.36 5.63
CA THR A 146 13.33 -30.31 4.82
C THR A 146 13.83 -30.40 3.38
N THR A 147 14.70 -29.48 2.97
CA THR A 147 15.37 -29.54 1.67
C THR A 147 16.81 -29.96 1.86
N LEU A 148 17.42 -30.48 0.79
CA LEU A 148 18.83 -30.87 0.83
C LEU A 148 19.69 -29.69 1.19
N LEU A 149 19.43 -28.56 0.53
CA LEU A 149 20.14 -27.32 0.77
C LEU A 149 20.15 -26.94 2.25
N ALA A 150 18.98 -26.98 2.88
CA ALA A 150 18.85 -26.58 4.28
C ALA A 150 19.54 -27.54 5.24
N MSE A 151 19.57 -28.82 4.88
CA MSE A 151 20.23 -29.86 5.68
C MSE A 151 21.72 -29.70 5.67
O MSE A 151 22.38 -29.99 6.66
CB MSE A 151 19.90 -31.25 5.17
CG MSE A 151 18.48 -31.63 5.51
SE MSE A 151 18.10 -33.42 4.79
CE MSE A 151 16.18 -33.51 5.20
N VAL A 152 22.25 -29.29 4.52
CA VAL A 152 23.71 -29.20 4.32
C VAL A 152 24.25 -27.78 4.46
N ASP A 153 23.37 -26.79 4.59
CA ASP A 153 23.81 -25.39 4.59
C ASP A 153 22.93 -24.44 5.40
N SER A 154 21.69 -24.20 4.96
CA SER A 154 20.90 -23.11 5.52
C SER A 154 20.61 -23.22 7.02
N SER A 155 20.23 -24.41 7.50
CA SER A 155 19.80 -24.57 8.91
C SER A 155 20.94 -24.39 9.92
N ILE A 156 22.18 -24.58 9.46
CA ILE A 156 23.36 -24.45 10.30
C ILE A 156 23.95 -23.03 10.15
N GLY A 157 24.47 -22.49 11.25
CA GLY A 157 25.22 -21.25 11.19
C GLY A 157 24.52 -20.02 11.75
N GLY A 158 23.20 -20.06 11.81
CA GLY A 158 22.42 -19.00 12.44
C GLY A 158 22.30 -17.70 11.67
N LYS A 159 22.62 -17.72 10.38
CA LYS A 159 22.42 -16.57 9.52
C LYS A 159 20.95 -16.51 9.11
N THR A 160 20.29 -15.47 9.55
CA THR A 160 18.90 -15.23 9.21
C THR A 160 18.82 -13.90 8.50
N ALA A 161 17.94 -13.77 7.52
CA ALA A 161 17.80 -12.54 6.78
C ALA A 161 16.53 -12.46 5.98
N ILE A 162 16.29 -11.28 5.43
CA ILE A 162 15.24 -11.05 4.44
C ILE A 162 15.85 -10.36 3.26
N ASP A 163 15.15 -10.39 2.14
CA ASP A 163 15.56 -9.65 0.96
C ASP A 163 14.86 -8.30 0.96
N THR A 164 15.51 -7.31 0.34
CA THR A 164 14.88 -6.04 0.05
C THR A 164 14.89 -5.88 -1.46
N PRO A 165 14.22 -4.85 -1.98
CA PRO A 165 14.32 -4.67 -3.42
C PRO A 165 15.75 -4.50 -3.93
N MSE A 166 16.68 -4.10 -3.06
CA MSE A 166 18.06 -3.87 -3.49
C MSE A 166 18.81 -5.14 -3.79
O MSE A 166 19.58 -5.18 -4.73
CB MSE A 166 18.84 -3.04 -2.46
CG MSE A 166 20.31 -2.83 -2.86
SE MSE A 166 20.44 -1.88 -4.58
CE MSE A 166 22.33 -1.31 -4.56
N GLY A 167 18.58 -6.20 -3.00
CA GLY A 167 19.30 -7.45 -3.21
C GLY A 167 19.09 -8.51 -2.15
N LYS A 168 20.04 -9.43 -2.05
CA LYS A 168 19.89 -10.63 -1.22
C LYS A 168 20.36 -10.48 0.22
N ASN A 169 19.51 -10.90 1.15
CA ASN A 169 19.88 -11.05 2.55
C ASN A 169 20.54 -9.79 3.14
N LEU A 170 20.07 -8.62 2.72
CA LEU A 170 20.71 -7.38 3.11
C LEU A 170 20.31 -6.93 4.51
N ILE A 171 19.19 -7.42 5.01
CA ILE A 171 18.78 -7.14 6.38
C ILE A 171 18.51 -8.46 7.09
N GLY A 172 19.05 -8.61 8.30
CA GLY A 172 18.93 -9.88 9.01
C GLY A 172 19.55 -9.87 10.38
N ALA A 173 19.91 -11.05 10.86
CA ALA A 173 20.52 -11.18 12.17
C ALA A 173 21.22 -12.53 12.33
N PHE A 174 22.35 -12.52 13.03
CA PHE A 174 22.99 -13.74 13.48
C PHE A 174 22.23 -14.22 14.71
N TRP A 175 21.60 -15.38 14.62
CA TRP A 175 20.79 -15.88 15.73
C TRP A 175 20.75 -17.39 15.67
N GLN A 176 21.46 -18.02 16.60
CA GLN A 176 21.69 -19.45 16.53
C GLN A 176 20.50 -20.21 17.07
N PRO A 177 20.10 -21.26 16.35
CA PRO A 177 19.05 -22.12 16.87
C PRO A 177 19.58 -22.97 18.00
N ARG A 178 18.74 -23.23 18.99
CA ARG A 178 19.11 -24.10 20.11
C ARG A 178 19.28 -25.53 19.66
N ARG A 179 18.52 -25.93 18.64
CA ARG A 179 18.60 -27.26 18.07
C ARG A 179 18.48 -27.21 16.56
N ILE A 180 19.16 -28.15 15.90
CA ILE A 180 19.01 -28.35 14.46
C ILE A 180 18.69 -29.81 14.24
N TYR A 181 17.43 -30.12 13.96
CA TYR A 181 16.97 -31.49 13.75
C TYR A 181 16.99 -31.86 12.26
N ILE A 182 17.97 -32.65 11.84
CA ILE A 182 18.11 -33.04 10.45
C ILE A 182 17.54 -34.45 10.22
N ASP A 183 16.29 -34.51 9.77
CA ASP A 183 15.62 -35.78 9.48
C ASP A 183 15.71 -36.10 7.99
N LEU A 184 16.68 -36.93 7.64
CA LEU A 184 16.93 -37.26 6.22
C LEU A 184 15.70 -37.73 5.45
N ALA A 185 14.69 -38.25 6.17
CA ALA A 185 13.44 -38.71 5.57
C ALA A 185 12.66 -37.64 4.76
N PHE A 186 12.83 -36.36 5.10
CA PHE A 186 12.16 -35.29 4.35
C PHE A 186 12.56 -35.26 2.87
N LEU A 187 13.76 -35.75 2.56
CA LEU A 187 14.23 -35.83 1.17
C LEU A 187 13.36 -36.72 0.28
N GLU A 188 12.52 -37.57 0.89
CA GLU A 188 11.68 -38.50 0.16
C GLU A 188 10.61 -37.82 -0.71
N THR A 189 10.00 -36.77 -0.18
CA THR A 189 8.96 -36.01 -0.89
C THR A 189 9.51 -34.77 -1.61
N LEU A 190 10.80 -34.49 -1.48
CA LEU A 190 11.40 -33.29 -2.09
C LEU A 190 11.45 -33.43 -3.60
N PRO A 191 11.01 -32.38 -4.34
CA PRO A 191 10.99 -32.48 -5.79
C PRO A 191 12.39 -32.51 -6.40
N VAL A 192 12.48 -33.03 -7.60
CA VAL A 192 13.76 -33.26 -8.27
C VAL A 192 14.54 -31.95 -8.43
N ARG A 193 13.85 -30.88 -8.77
CA ARG A 193 14.51 -29.59 -9.02
C ARG A 193 15.17 -29.04 -7.76
N GLU A 194 14.50 -29.21 -6.63
CA GLU A 194 14.98 -28.69 -5.35
C GLU A 194 16.15 -29.51 -4.83
N PHE A 195 16.25 -30.74 -5.30
CA PHE A 195 17.35 -31.63 -4.97
C PHE A 195 18.60 -31.13 -5.68
N ILE A 196 18.49 -30.95 -6.98
CA ILE A 196 19.57 -30.43 -7.82
C ILE A 196 19.99 -29.04 -7.34
N ASN A 197 19.02 -28.25 -6.92
CA ASN A 197 19.30 -26.93 -6.39
C ASN A 197 20.27 -26.97 -5.21
N GLY A 198 20.00 -27.86 -4.26
CA GLY A 198 20.84 -28.00 -3.07
C GLY A 198 22.20 -28.62 -3.31
N MSE A 199 22.34 -29.37 -4.40
CA MSE A 199 23.63 -29.96 -4.76
C MSE A 199 24.65 -28.92 -5.11
O MSE A 199 25.85 -29.18 -5.04
CB MSE A 199 23.47 -30.89 -5.96
CG MSE A 199 22.86 -32.25 -5.58
SE MSE A 199 24.04 -33.29 -4.40
CE MSE A 199 25.77 -32.83 -5.18
N ALA A 200 24.19 -27.72 -5.48
CA ALA A 200 25.09 -26.60 -5.72
C ALA A 200 25.87 -26.23 -4.46
N GLU A 201 25.17 -26.15 -3.34
CA GLU A 201 25.80 -25.84 -2.06
C GLU A 201 26.70 -27.00 -1.60
N VAL A 202 26.33 -28.24 -1.94
CA VAL A 202 27.15 -29.40 -1.64
C VAL A 202 28.45 -29.41 -2.45
N ILE A 203 28.34 -29.09 -3.74
CA ILE A 203 29.49 -28.96 -4.63
C ILE A 203 30.40 -27.86 -4.12
N LYS A 204 29.81 -26.70 -3.85
CA LYS A 204 30.54 -25.56 -3.30
C LYS A 204 31.39 -25.96 -2.11
N THR A 205 30.75 -26.57 -1.09
CA THR A 205 31.43 -26.93 0.15
C THR A 205 32.62 -27.85 -0.13
N ALA A 206 32.42 -28.82 -1.02
CA ALA A 206 33.51 -29.72 -1.40
C ALA A 206 34.62 -29.00 -2.16
N ALA A 207 34.25 -28.08 -3.05
CA ALA A 207 35.22 -27.37 -3.87
C ALA A 207 36.20 -26.50 -3.07
N ILE A 208 35.72 -25.91 -1.98
CA ILE A 208 36.56 -25.04 -1.15
C ILE A 208 37.35 -25.80 -0.09
N TRP A 209 36.95 -27.04 0.20
CA TRP A 209 37.40 -27.73 1.42
C TRP A 209 37.95 -29.14 1.28
N ASN A 210 37.54 -29.90 0.27
CA ASN A 210 37.87 -31.31 0.23
C ASN A 210 37.84 -31.93 -1.17
N GLU A 211 39.01 -32.08 -1.78
CA GLU A 211 39.13 -32.60 -3.13
C GLU A 211 38.73 -34.07 -3.25
N THR A 212 38.73 -34.79 -2.12
CA THR A 212 38.36 -36.20 -2.13
C THR A 212 36.83 -36.35 -2.17
N GLU A 213 36.11 -35.60 -1.35
CA GLU A 213 34.65 -35.52 -1.45
C GLU A 213 34.21 -35.04 -2.81
N PHE A 214 34.94 -34.05 -3.33
CA PHE A 214 34.70 -33.55 -4.68
C PHE A 214 34.73 -34.72 -5.67
N THR A 215 35.78 -35.53 -5.63
CA THR A 215 35.94 -36.67 -6.52
C THR A 215 34.80 -37.68 -6.38
N ALA A 216 34.29 -37.83 -5.15
CA ALA A 216 33.15 -38.70 -4.89
C ALA A 216 31.88 -38.15 -5.54
N LEU A 217 31.68 -36.83 -5.45
CA LEU A 217 30.53 -36.19 -6.06
C LEU A 217 30.53 -36.39 -7.57
N GLU A 218 31.71 -36.43 -8.17
CA GLU A 218 31.84 -36.71 -9.61
C GLU A 218 31.29 -38.09 -9.94
N GLU A 219 31.77 -39.11 -9.22
CA GLU A 219 31.36 -40.48 -9.46
C GLU A 219 29.89 -40.73 -9.11
N ASN A 220 29.41 -40.11 -8.03
CA ASN A 220 28.03 -40.31 -7.58
C ASN A 220 26.96 -39.59 -8.41
N ALA A 221 27.36 -38.62 -9.24
CA ALA A 221 26.41 -37.78 -9.99
C ALA A 221 25.42 -38.59 -10.80
N ALA A 222 25.92 -39.47 -11.66
CA ALA A 222 25.07 -40.29 -12.50
C ALA A 222 24.07 -41.11 -11.68
N ALA A 223 24.57 -41.73 -10.60
CA ALA A 223 23.74 -42.57 -9.75
C ALA A 223 22.71 -41.79 -8.93
N ILE A 224 23.05 -40.57 -8.51
CA ILE A 224 22.13 -39.74 -7.72
C ILE A 224 20.92 -39.29 -8.55
N LEU A 225 21.19 -38.68 -9.71
CA LEU A 225 20.14 -38.18 -10.59
C LEU A 225 19.18 -39.30 -11.00
N GLU A 226 19.74 -40.43 -11.40
CA GLU A 226 18.95 -41.60 -11.78
C GLU A 226 17.92 -41.97 -10.71
N ALA A 227 18.38 -42.00 -9.45
CA ALA A 227 17.54 -42.41 -8.33
C ALA A 227 16.49 -41.36 -8.01
N VAL A 228 16.89 -40.10 -8.06
CA VAL A 228 15.99 -38.99 -7.77
C VAL A 228 14.87 -38.87 -8.83
N ARG A 229 15.20 -39.17 -10.08
CA ARG A 229 14.24 -39.11 -11.18
C ARG A 229 13.45 -40.41 -11.34
N SER A 230 13.75 -41.41 -10.52
CA SER A 230 13.12 -42.72 -10.62
C SER A 230 11.63 -42.67 -10.28
N LYS A 231 10.84 -43.51 -10.96
CA LYS A 231 9.44 -43.70 -10.65
C LYS A 231 9.27 -45.07 -10.01
N ALA A 232 9.80 -45.21 -8.79
CA ALA A 232 9.75 -46.47 -8.05
C ALA A 232 8.51 -46.54 -7.17
N SER A 233 8.22 -47.75 -6.68
CA SER A 233 6.96 -48.06 -5.97
C SER A 233 6.61 -47.18 -4.77
N SER A 234 7.60 -46.50 -4.19
CA SER A 234 7.35 -45.55 -3.11
C SER A 234 8.41 -44.45 -3.13
N PRO A 235 8.16 -43.32 -2.42
CA PRO A 235 9.16 -42.25 -2.42
C PRO A 235 10.40 -42.61 -1.60
N ALA A 236 10.26 -43.55 -0.67
CA ALA A 236 11.37 -44.00 0.17
C ALA A 236 12.25 -45.02 -0.56
N ALA A 237 11.60 -45.99 -1.21
CA ALA A 237 12.31 -46.98 -2.03
C ALA A 237 13.00 -46.32 -3.22
N ARG A 238 12.45 -45.20 -3.68
CA ARG A 238 13.07 -44.35 -4.70
C ARG A 238 14.51 -43.99 -4.33
N LEU A 239 14.72 -43.54 -3.09
CA LEU A 239 16.03 -43.08 -2.61
C LEU A 239 16.95 -44.13 -1.98
N ALA A 240 16.43 -45.35 -1.77
CA ALA A 240 17.18 -46.41 -1.07
C ALA A 240 18.55 -46.73 -1.68
N PRO A 241 18.66 -46.78 -3.02
CA PRO A 241 19.94 -47.13 -3.64
C PRO A 241 21.06 -46.12 -3.38
N ILE A 242 20.71 -44.89 -3.05
CA ILE A 242 21.71 -43.85 -2.76
C ILE A 242 21.58 -43.31 -1.33
N ARG A 243 21.03 -44.14 -0.43
CA ARG A 243 20.83 -43.77 0.97
C ARG A 243 22.17 -43.53 1.68
N HIS A 244 23.15 -44.37 1.37
CA HIS A 244 24.50 -44.22 1.92
C HIS A 244 25.22 -42.98 1.37
N ILE A 245 25.01 -42.67 0.09
CA ILE A 245 25.60 -41.47 -0.52
C ILE A 245 25.05 -40.20 0.13
N LEU A 246 23.74 -40.16 0.34
CA LEU A 246 23.11 -38.97 0.93
C LEU A 246 23.57 -38.74 2.36
N LYS A 247 23.70 -39.82 3.13
CA LYS A 247 24.19 -39.72 4.50
C LYS A 247 25.61 -39.16 4.53
N ARG A 248 26.46 -39.63 3.62
CA ARG A 248 27.82 -39.11 3.51
C ARG A 248 27.82 -37.62 3.18
N ILE A 249 26.97 -37.22 2.24
CA ILE A 249 26.88 -35.83 1.81
C ILE A 249 26.40 -34.91 2.92
N VAL A 250 25.35 -35.32 3.64
CA VAL A 250 24.76 -34.46 4.66
C VAL A 250 25.67 -34.33 5.88
N LEU A 251 26.07 -35.45 6.48
CA LEU A 251 27.04 -35.44 7.58
C LEU A 251 28.28 -34.63 7.21
N GLY A 252 28.91 -35.01 6.09
CA GLY A 252 30.15 -34.38 5.66
C GLY A 252 30.02 -32.88 5.47
N SER A 253 29.00 -32.47 4.73
CA SER A 253 28.79 -31.08 4.43
C SER A 253 28.40 -30.28 5.68
N ALA A 254 27.62 -30.89 6.57
CA ALA A 254 27.21 -30.24 7.82
C ALA A 254 28.39 -30.05 8.78
N ARG A 255 29.27 -31.04 8.85
CA ARG A 255 30.47 -30.94 9.70
C ARG A 255 31.41 -29.83 9.26
N VAL A 256 31.61 -29.66 7.95
CA VAL A 256 32.50 -28.63 7.46
C VAL A 256 31.94 -27.29 7.92
N LYS A 257 30.67 -27.04 7.63
CA LYS A 257 30.04 -25.77 8.01
C LYS A 257 30.08 -25.55 9.52
N ALA A 258 29.70 -26.58 10.28
CA ALA A 258 29.69 -26.47 11.74
C ALA A 258 31.05 -26.02 12.28
N GLU A 259 32.12 -26.61 11.76
CA GLU A 259 33.48 -26.26 12.18
C GLU A 259 33.87 -24.85 11.69
N VAL A 260 33.51 -24.50 10.44
CA VAL A 260 33.78 -23.16 9.93
C VAL A 260 33.02 -22.11 10.75
N VAL A 261 31.76 -22.39 11.05
CA VAL A 261 30.93 -21.50 11.86
C VAL A 261 31.46 -21.36 13.27
N SER A 262 31.90 -22.45 13.87
CA SER A 262 32.45 -22.40 15.22
C SER A 262 33.67 -21.47 15.27
N ALA A 263 34.54 -21.62 14.29
CA ALA A 263 35.76 -20.81 14.19
C ALA A 263 35.48 -19.33 13.95
N ASP A 264 34.38 -19.03 13.27
CA ASP A 264 34.12 -17.70 12.77
C ASP A 264 32.62 -17.44 12.62
N GLU A 265 31.92 -17.37 13.76
CA GLU A 265 30.45 -17.24 13.78
C GLU A 265 29.98 -16.01 13.01
N ARG A 266 30.64 -14.88 13.26
CA ARG A 266 30.21 -13.59 12.74
C ARG A 266 30.93 -13.19 11.46
N GLU A 267 31.53 -14.14 10.77
CA GLU A 267 32.17 -13.90 9.48
C GLU A 267 33.15 -12.72 9.54
N GLY A 268 34.19 -12.88 10.34
CA GLY A 268 35.31 -11.95 10.34
C GLY A 268 36.37 -12.30 9.30
N GLY A 269 36.31 -13.50 8.75
CA GLY A 269 37.34 -13.95 7.81
C GLY A 269 37.08 -15.31 7.18
N LEU A 270 37.22 -16.37 7.97
CA LEU A 270 37.12 -17.73 7.44
C LEU A 270 35.74 -18.05 6.85
N ARG A 271 34.68 -17.50 7.43
CA ARG A 271 33.33 -17.81 6.98
C ARG A 271 33.03 -17.20 5.60
N ASN A 272 33.86 -16.25 5.15
CA ASN A 272 33.79 -15.78 3.75
C ASN A 272 33.76 -16.94 2.77
N LEU A 273 34.53 -17.99 3.06
CA LEU A 273 34.72 -19.10 2.13
C LEU A 273 33.42 -19.80 1.75
N LEU A 274 32.41 -19.72 2.62
CA LEU A 274 31.11 -20.30 2.32
C LEU A 274 30.26 -19.46 1.33
N ASN A 275 30.75 -18.29 0.96
CA ASN A 275 30.16 -17.51 -0.13
C ASN A 275 30.90 -17.72 -1.44
N PHE A 276 31.46 -18.91 -1.65
CA PHE A 276 32.07 -19.22 -2.92
C PHE A 276 30.95 -19.30 -3.95
N GLY A 277 31.14 -18.62 -5.07
CA GLY A 277 30.09 -18.48 -6.07
C GLY A 277 28.96 -17.53 -5.70
N HIS A 278 28.97 -16.99 -4.49
CA HIS A 278 27.86 -16.16 -4.01
C HIS A 278 28.05 -14.66 -4.25
N SER A 279 29.30 -14.22 -4.45
CA SER A 279 29.56 -12.81 -4.73
C SER A 279 28.87 -12.45 -6.03
N ILE A 280 29.12 -13.26 -7.06
CA ILE A 280 28.47 -13.09 -8.36
C ILE A 280 27.09 -13.76 -8.35
N GLY A 281 26.97 -14.90 -7.67
CA GLY A 281 25.70 -15.63 -7.59
C GLY A 281 24.55 -14.80 -7.05
N HIS A 282 24.78 -14.10 -5.94
CA HIS A 282 23.76 -13.26 -5.32
C HIS A 282 23.38 -12.05 -6.18
N ALA A 283 24.29 -11.65 -7.07
CA ALA A 283 24.01 -10.55 -7.99
C ALA A 283 23.03 -11.00 -9.08
N TYR A 284 23.30 -12.15 -9.68
CA TYR A 284 22.35 -12.76 -10.60
C TYR A 284 21.01 -12.99 -9.89
N GLU A 285 21.05 -13.51 -8.67
CA GLU A 285 19.83 -13.88 -7.96
C GLU A 285 18.95 -12.68 -7.63
N ALA A 286 19.56 -11.53 -7.40
CA ALA A 286 18.80 -10.30 -7.17
C ALA A 286 17.98 -9.92 -8.40
N ILE A 287 18.48 -10.27 -9.58
CA ILE A 287 17.81 -9.98 -10.85
C ILE A 287 16.86 -11.11 -11.26
N LEU A 288 17.24 -12.36 -11.02
CA LEU A 288 16.52 -13.52 -11.57
C LEU A 288 15.53 -14.21 -10.61
N ALA A 289 15.62 -13.94 -9.32
CA ALA A 289 14.68 -14.51 -8.37
C ALA A 289 13.34 -13.80 -8.50
N PRO A 290 12.23 -14.45 -8.09
CA PRO A 290 12.11 -15.78 -7.47
C PRO A 290 12.03 -16.95 -8.42
N GLN A 291 12.06 -16.69 -9.73
CA GLN A 291 11.83 -17.73 -10.73
C GLN A 291 13.03 -18.64 -10.88
N VAL A 292 14.23 -18.06 -10.75
CA VAL A 292 15.46 -18.83 -10.71
C VAL A 292 15.84 -19.00 -9.25
N LEU A 293 16.13 -20.24 -8.88
CA LEU A 293 16.39 -20.59 -7.49
C LEU A 293 17.81 -20.25 -7.08
N HIS A 294 18.05 -20.27 -5.76
CA HIS A 294 19.31 -19.83 -5.18
C HIS A 294 20.49 -20.68 -5.63
N GLY A 295 20.38 -21.99 -5.43
CA GLY A 295 21.45 -22.92 -5.82
C GLY A 295 21.77 -22.85 -7.29
N GLU A 296 20.73 -22.63 -8.11
CA GLU A 296 20.90 -22.46 -9.56
C GLU A 296 21.76 -21.24 -9.85
N CYS A 297 21.53 -20.14 -9.13
CA CYS A 297 22.35 -18.95 -9.24
C CYS A 297 23.76 -19.16 -8.70
N VAL A 298 23.87 -19.91 -7.60
CA VAL A 298 25.18 -20.20 -7.03
C VAL A 298 26.02 -20.97 -8.03
N ALA A 299 25.40 -21.93 -8.70
CA ALA A 299 26.09 -22.72 -9.74
C ALA A 299 26.70 -21.82 -10.81
N ILE A 300 25.89 -20.89 -11.31
CA ILE A 300 26.35 -19.94 -12.33
C ILE A 300 27.47 -19.07 -11.78
N GLY A 301 27.31 -18.62 -10.54
CA GLY A 301 28.29 -17.77 -9.88
C GLY A 301 29.60 -18.49 -9.61
N MSE A 302 29.51 -19.73 -9.18
CA MSE A 302 30.70 -20.55 -8.95
C MSE A 302 31.55 -20.64 -10.19
O MSE A 302 32.77 -20.55 -10.11
CB MSE A 302 30.32 -21.97 -8.52
CG MSE A 302 30.05 -22.07 -7.01
SE MSE A 302 30.12 -23.97 -6.52
CE MSE A 302 28.45 -24.57 -7.37
N VAL A 303 30.90 -20.80 -11.34
CA VAL A 303 31.62 -20.91 -12.60
C VAL A 303 32.29 -19.59 -12.97
N LYS A 304 31.64 -18.47 -12.69
CA LYS A 304 32.21 -17.16 -13.00
C LYS A 304 33.33 -16.78 -12.03
N GLU A 305 33.14 -17.09 -10.75
CA GLU A 305 34.18 -16.82 -9.74
C GLU A 305 35.40 -17.72 -9.93
N ALA A 306 35.19 -18.89 -10.54
CA ALA A 306 36.29 -19.76 -10.93
C ALA A 306 37.02 -19.17 -12.14
N GLU A 307 36.25 -18.77 -13.14
CA GLU A 307 36.81 -18.17 -14.34
C GLU A 307 37.57 -16.88 -14.01
N LEU A 308 37.06 -16.11 -13.04
CA LEU A 308 37.72 -14.91 -12.56
C LEU A 308 39.09 -15.27 -11.99
N ALA A 309 39.10 -16.24 -11.09
CA ALA A 309 40.35 -16.71 -10.47
C ALA A 309 41.35 -17.15 -11.54
N ARG A 310 40.85 -17.81 -12.59
CA ARG A 310 41.69 -18.26 -13.68
C ARG A 310 42.30 -17.07 -14.42
N TYR A 311 41.49 -16.05 -14.70
CA TYR A 311 41.99 -14.84 -15.35
C TYR A 311 43.06 -14.14 -14.51
N LEU A 312 42.91 -14.21 -13.19
CA LEU A 312 43.86 -13.63 -12.25
C LEU A 312 45.12 -14.47 -12.04
N GLY A 313 45.19 -15.66 -12.66
CA GLY A 313 46.37 -16.53 -12.56
C GLY A 313 46.52 -17.25 -11.22
N VAL A 314 45.42 -17.33 -10.48
CA VAL A 314 45.39 -17.95 -9.15
C VAL A 314 44.91 -19.41 -9.25
N LEU A 315 44.07 -19.69 -10.25
CA LEU A 315 43.50 -21.03 -10.46
C LEU A 315 43.93 -21.59 -11.81
N ARG A 316 44.27 -22.88 -11.85
CA ARG A 316 44.63 -23.55 -13.10
C ARG A 316 43.38 -23.82 -13.96
N PRO A 317 43.50 -23.72 -15.29
CA PRO A 317 42.34 -23.96 -16.15
C PRO A 317 41.69 -25.32 -15.96
N SER A 318 42.50 -26.37 -15.76
CA SER A 318 41.98 -27.72 -15.60
C SER A 318 40.96 -27.79 -14.45
N ALA A 319 41.22 -27.07 -13.38
CA ALA A 319 40.31 -27.00 -12.24
C ALA A 319 38.97 -26.35 -12.61
N VAL A 320 39.02 -25.29 -13.42
CA VAL A 320 37.82 -24.61 -13.86
C VAL A 320 36.95 -25.54 -14.69
N ALA A 321 37.58 -26.25 -15.62
CA ALA A 321 36.88 -27.23 -16.45
C ALA A 321 36.28 -28.33 -15.57
N ARG A 322 37.04 -28.77 -14.58
CA ARG A 322 36.60 -29.83 -13.69
C ARG A 322 35.41 -29.42 -12.82
N LEU A 323 35.43 -28.18 -12.34
CA LEU A 323 34.32 -27.63 -11.54
C LEU A 323 33.07 -27.43 -12.39
N THR A 324 33.26 -26.91 -13.60
CA THR A 324 32.15 -26.69 -14.52
C THR A 324 31.50 -28.01 -14.90
N LYS A 325 32.32 -29.00 -15.25
CA LYS A 325 31.81 -30.32 -15.63
C LYS A 325 31.02 -30.98 -14.50
N LEU A 326 31.44 -30.78 -13.26
CA LEU A 326 30.75 -31.35 -12.11
C LEU A 326 29.39 -30.72 -11.94
N ILE A 327 29.37 -29.39 -11.94
CA ILE A 327 28.13 -28.62 -11.85
C ILE A 327 27.15 -29.08 -12.93
N ALA A 328 27.63 -29.20 -14.16
CA ALA A 328 26.80 -29.62 -15.28
C ALA A 328 26.34 -31.07 -15.16
N SER A 329 27.15 -31.93 -14.55
CA SER A 329 26.82 -33.35 -14.43
C SER A 329 25.70 -33.59 -13.42
N TYR A 330 25.39 -32.59 -12.61
CA TYR A 330 24.24 -32.63 -11.70
C TYR A 330 23.04 -31.87 -12.28
N ASP A 331 23.12 -31.53 -13.57
CA ASP A 331 22.06 -30.82 -14.28
C ASP A 331 21.79 -29.42 -13.70
N LEU A 332 22.86 -28.75 -13.26
CA LEU A 332 22.79 -27.34 -12.87
C LEU A 332 23.24 -26.48 -14.05
N PRO A 333 22.85 -25.19 -14.04
CA PRO A 333 23.31 -24.31 -15.10
C PRO A 333 24.77 -23.94 -14.88
N THR A 334 25.53 -23.82 -15.96
CA THR A 334 26.89 -23.30 -15.91
C THR A 334 26.98 -21.85 -16.39
N SER A 335 25.92 -21.38 -17.05
CA SER A 335 25.86 -20.03 -17.62
C SER A 335 24.50 -19.41 -17.38
N VAL A 336 24.48 -18.08 -17.26
CA VAL A 336 23.22 -17.34 -17.16
C VAL A 336 22.38 -17.49 -18.44
N HIS A 337 23.04 -17.84 -19.55
CA HIS A 337 22.38 -18.02 -20.84
C HIS A 337 21.77 -19.41 -21.05
N ASP A 338 21.78 -20.26 -20.03
CA ASP A 338 21.11 -21.56 -20.10
C ASP A 338 19.67 -21.39 -20.59
N LYS A 339 19.25 -22.28 -21.50
CA LYS A 339 17.90 -22.20 -22.08
C LYS A 339 16.80 -22.30 -21.03
N ARG A 340 17.06 -23.00 -19.94
CA ARG A 340 16.09 -23.14 -18.84
C ARG A 340 15.92 -21.85 -18.05
N ILE A 341 17.00 -21.07 -17.93
CA ILE A 341 16.96 -19.77 -17.24
C ILE A 341 16.17 -18.75 -18.06
N ALA A 342 16.40 -18.73 -19.37
CA ALA A 342 15.61 -17.90 -20.26
C ALA A 342 14.12 -18.25 -20.15
N LYS A 343 13.82 -19.55 -20.19
CA LYS A 343 12.45 -20.05 -20.14
C LYS A 343 11.75 -19.65 -18.85
N LEU A 344 12.44 -19.80 -17.71
CA LEU A 344 11.85 -19.48 -16.40
C LEU A 344 11.78 -17.98 -16.13
N SER A 345 12.77 -17.24 -16.59
CA SER A 345 12.88 -15.81 -16.30
C SER A 345 12.25 -14.94 -17.37
N ALA A 346 11.72 -15.53 -18.43
CA ALA A 346 11.15 -14.72 -19.49
C ALA A 346 12.19 -13.90 -20.23
N GLY A 347 13.33 -14.50 -20.48
CA GLY A 347 14.43 -13.84 -21.16
C GLY A 347 14.93 -12.62 -20.41
N LYS A 348 14.81 -12.66 -19.09
CA LYS A 348 15.22 -11.55 -18.23
C LYS A 348 16.71 -11.31 -18.41
N GLU A 349 17.04 -10.05 -18.69
CA GLU A 349 18.42 -9.64 -18.92
C GLU A 349 19.10 -9.28 -17.62
N CYS A 350 20.39 -9.58 -17.55
CA CYS A 350 21.23 -9.26 -16.41
C CYS A 350 22.38 -8.42 -16.91
N PRO A 351 22.17 -7.10 -17.04
CA PRO A 351 23.26 -6.24 -17.52
C PRO A 351 24.39 -6.17 -16.50
N VAL A 352 25.60 -5.94 -16.99
CA VAL A 352 26.79 -5.93 -16.13
C VAL A 352 26.72 -4.81 -15.11
N ASP A 353 26.34 -3.61 -15.57
CA ASP A 353 26.21 -2.45 -14.69
C ASP A 353 25.25 -2.72 -13.52
N VAL A 354 24.20 -3.50 -13.76
CA VAL A 354 23.24 -3.85 -12.70
C VAL A 354 23.84 -4.92 -11.79
N LEU A 355 24.56 -5.89 -12.34
CA LEU A 355 25.22 -6.91 -11.53
C LEU A 355 26.25 -6.28 -10.59
N LEU A 356 27.04 -5.34 -11.11
CA LEU A 356 28.05 -4.63 -10.31
C LEU A 356 27.42 -3.77 -9.23
N GLN A 357 26.26 -3.22 -9.53
CA GLN A 357 25.51 -2.42 -8.58
C GLN A 357 25.02 -3.29 -7.41
N LYS A 358 24.71 -4.56 -7.72
CA LYS A 358 24.30 -5.53 -6.70
C LYS A 358 25.49 -6.05 -5.90
N MSE A 359 26.64 -6.16 -6.56
CA MSE A 359 27.87 -6.60 -5.90
C MSE A 359 28.44 -5.55 -4.99
O MSE A 359 29.19 -5.88 -4.08
CB MSE A 359 28.92 -7.01 -6.94
CG MSE A 359 28.57 -8.38 -7.50
SE MSE A 359 29.80 -8.87 -8.97
CE MSE A 359 31.21 -9.67 -7.89
N ALA A 360 28.08 -4.29 -5.19
CA ALA A 360 28.56 -3.21 -4.32
C ALA A 360 27.94 -3.25 -2.92
N VAL A 361 26.83 -3.98 -2.75
CA VAL A 361 26.26 -4.22 -1.42
C VAL A 361 26.39 -5.68 -0.99
N ASP A 362 27.43 -6.35 -1.49
CA ASP A 362 27.80 -7.67 -0.99
C ASP A 362 28.47 -7.45 0.36
N LYS A 363 28.10 -8.28 1.34
CA LYS A 363 28.49 -8.04 2.73
C LYS A 363 29.95 -8.34 3.06
N LYS A 364 30.64 -9.04 2.17
CA LYS A 364 32.09 -9.25 2.31
C LYS A 364 32.91 -7.99 2.02
N ASN A 365 32.32 -7.05 1.29
CA ASN A 365 33.05 -5.88 0.80
C ASN A 365 33.55 -5.01 1.93
N GLU A 366 34.82 -4.61 1.84
CA GLU A 366 35.42 -3.62 2.73
C GLU A 366 35.30 -2.27 2.07
N GLY A 367 34.25 -1.54 2.40
CA GLY A 367 33.96 -0.28 1.73
C GLY A 367 33.69 -0.51 0.25
N ARG A 368 34.29 0.32 -0.60
CA ARG A 368 34.09 0.20 -2.04
C ARG A 368 34.78 -1.03 -2.65
N LYS A 369 35.75 -1.60 -1.93
CA LYS A 369 36.49 -2.76 -2.42
C LYS A 369 35.64 -4.02 -2.38
N LYS A 370 35.42 -4.63 -3.54
CA LYS A 370 34.67 -5.88 -3.63
C LYS A 370 35.54 -7.06 -3.26
N LYS A 371 35.01 -7.97 -2.46
CA LYS A 371 35.76 -9.16 -2.05
C LYS A 371 35.09 -10.42 -2.56
N ILE A 372 35.89 -11.29 -3.17
CA ILE A 372 35.42 -12.52 -3.81
C ILE A 372 36.30 -13.69 -3.40
N VAL A 373 35.70 -14.85 -3.19
CA VAL A 373 36.43 -16.06 -2.86
C VAL A 373 37.09 -16.63 -4.13
N LEU A 374 38.42 -16.70 -4.13
CA LEU A 374 39.17 -17.24 -5.26
C LEU A 374 39.67 -18.64 -4.96
N LEU A 375 39.29 -19.62 -5.76
CA LEU A 375 39.86 -20.97 -5.65
C LEU A 375 41.28 -20.96 -6.18
N SER A 376 42.20 -21.61 -5.46
CA SER A 376 43.56 -21.81 -5.95
C SER A 376 43.65 -23.15 -6.67
N ALA A 377 42.97 -24.16 -6.12
CA ALA A 377 42.77 -25.44 -6.80
C ALA A 377 41.46 -26.03 -6.30
N ILE A 378 41.13 -27.24 -6.76
CA ILE A 378 39.96 -27.94 -6.25
C ILE A 378 40.30 -28.34 -4.82
N GLY A 379 39.50 -27.88 -3.87
CA GLY A 379 39.71 -28.19 -2.45
C GLY A 379 40.51 -27.16 -1.66
N LYS A 380 41.11 -26.19 -2.35
CA LYS A 380 41.88 -25.12 -1.72
C LYS A 380 41.33 -23.76 -2.13
N THR A 381 41.53 -22.77 -1.27
CA THR A 381 41.21 -21.38 -1.58
C THR A 381 42.49 -20.55 -1.50
N TYR A 382 42.57 -19.52 -2.35
CA TYR A 382 43.77 -18.66 -2.44
C TYR A 382 44.13 -18.05 -1.09
N GLU A 383 43.12 -17.58 -0.37
CA GLU A 383 43.28 -17.11 1.00
C GLU A 383 42.27 -17.84 1.88
N LYS A 384 42.42 -17.72 3.20
CA LYS A 384 41.43 -18.27 4.14
C LYS A 384 40.36 -17.22 4.44
N LYS A 385 39.98 -16.50 3.39
CA LYS A 385 38.96 -15.46 3.42
C LYS A 385 38.76 -14.96 1.99
N ALA A 386 37.89 -13.99 1.81
CA ALA A 386 37.66 -13.43 0.48
C ALA A 386 38.75 -12.43 0.13
N THR A 387 39.10 -12.37 -1.16
CA THR A 387 40.21 -11.55 -1.66
C THR A 387 39.67 -10.36 -2.41
N VAL A 388 40.35 -9.23 -2.28
CA VAL A 388 39.96 -8.01 -2.99
C VAL A 388 40.23 -8.18 -4.47
N VAL A 389 39.20 -7.98 -5.29
CA VAL A 389 39.34 -8.05 -6.76
C VAL A 389 38.94 -6.70 -7.36
N ASP A 390 39.69 -6.28 -8.37
CA ASP A 390 39.45 -5.02 -9.06
C ASP A 390 38.15 -5.08 -9.86
N ASP A 391 37.42 -3.98 -9.93
CA ASP A 391 36.17 -3.93 -10.70
C ASP A 391 36.38 -4.31 -12.17
N ARG A 392 37.49 -3.86 -12.77
CA ARG A 392 37.80 -4.15 -14.19
C ARG A 392 37.80 -5.64 -14.51
N ALA A 393 38.39 -6.44 -13.63
CA ALA A 393 38.45 -7.88 -13.82
C ALA A 393 37.09 -8.54 -13.66
N ILE A 394 36.31 -8.09 -12.68
CA ILE A 394 34.97 -8.61 -12.46
C ILE A 394 34.07 -8.24 -13.63
N ARG A 395 34.25 -7.04 -14.18
CA ARG A 395 33.50 -6.60 -15.36
C ARG A 395 33.80 -7.47 -16.58
N LEU A 396 35.08 -7.78 -16.79
CA LEU A 396 35.50 -8.58 -17.95
C LEU A 396 34.87 -9.97 -17.97
N VAL A 397 34.76 -10.58 -16.80
CA VAL A 397 34.21 -11.92 -16.68
C VAL A 397 32.70 -11.95 -16.92
N LEU A 398 32.00 -10.95 -16.40
CA LEU A 398 30.54 -10.86 -16.57
C LEU A 398 30.12 -10.36 -17.95
N SER A 399 31.01 -9.62 -18.62
CA SER A 399 30.68 -9.02 -19.90
C SER A 399 30.73 -10.03 -21.05
N PRO A 400 29.83 -9.87 -22.04
CA PRO A 400 29.83 -10.72 -23.23
C PRO A 400 30.91 -10.35 -24.26
N SER A 401 31.33 -9.08 -24.29
CA SER A 401 32.30 -8.62 -25.28
C SER A 401 33.60 -8.12 -24.64
N VAL A 402 34.67 -8.09 -25.43
CA VAL A 402 36.01 -7.69 -24.97
C VAL A 402 36.53 -6.46 -25.69
N ARG A 403 36.94 -5.45 -24.93
CA ARG A 403 37.63 -4.30 -25.49
C ARG A 403 39.11 -4.55 -25.33
N VAL A 404 39.82 -4.67 -26.46
CA VAL A 404 41.24 -4.99 -26.45
C VAL A 404 42.08 -3.72 -26.62
N THR A 405 42.77 -3.35 -25.54
CA THR A 405 43.69 -2.22 -25.55
C THR A 405 44.96 -2.63 -26.30
N PRO A 406 45.28 -1.94 -27.41
CA PRO A 406 46.48 -2.29 -28.17
C PRO A 406 47.75 -2.04 -27.37
N GLY A 407 48.74 -2.90 -27.55
CA GLY A 407 50.02 -2.75 -26.87
C GLY A 407 50.47 -4.00 -26.16
N VAL A 408 51.74 -4.36 -26.40
CA VAL A 408 52.40 -5.46 -25.71
C VAL A 408 53.79 -4.93 -25.34
N PRO A 409 54.30 -5.29 -24.15
CA PRO A 409 55.59 -4.76 -23.68
C PRO A 409 56.71 -4.84 -24.72
N LYS A 410 57.47 -3.75 -24.84
CA LYS A 410 58.60 -3.70 -25.77
C LYS A 410 59.62 -4.79 -25.41
N GLY A 411 60.04 -5.56 -26.41
CA GLY A 411 61.04 -6.60 -26.23
C GLY A 411 60.59 -7.77 -25.36
N LEU A 412 59.32 -8.12 -25.44
CA LEU A 412 58.78 -9.25 -24.69
C LEU A 412 59.27 -10.56 -25.28
N SER A 413 59.47 -11.56 -24.42
CA SER A 413 59.68 -12.94 -24.86
C SER A 413 59.01 -13.87 -23.85
N VAL A 414 58.12 -14.74 -24.33
CA VAL A 414 57.34 -15.61 -23.45
C VAL A 414 57.33 -17.05 -23.92
N THR A 415 57.03 -17.95 -22.99
CA THR A 415 56.85 -19.35 -23.28
C THR A 415 55.41 -19.71 -22.93
N VAL A 416 54.60 -19.96 -23.95
CA VAL A 416 53.19 -20.26 -23.76
C VAL A 416 52.88 -21.69 -24.21
N THR A 417 52.14 -22.42 -23.37
CA THR A 417 51.68 -23.79 -23.69
C THR A 417 50.15 -23.76 -23.83
N PRO A 418 49.64 -23.91 -25.06
CA PRO A 418 48.20 -24.07 -25.23
C PRO A 418 47.73 -25.45 -24.75
N PRO A 419 46.41 -25.69 -24.70
CA PRO A 419 45.91 -27.01 -24.32
C PRO A 419 46.34 -28.09 -25.30
N GLY A 420 46.48 -29.32 -24.82
CA GLY A 420 46.90 -30.44 -25.66
C GLY A 420 45.99 -30.68 -26.84
N SER A 421 46.55 -31.24 -27.91
CA SER A 421 45.75 -31.64 -29.07
C SER A 421 44.98 -32.90 -28.71
N LYS A 422 43.68 -32.90 -28.99
CA LYS A 422 42.85 -34.06 -28.64
C LYS A 422 43.13 -35.25 -29.56
N SER A 423 43.69 -35.00 -30.75
CA SER A 423 44.07 -36.07 -31.65
C SER A 423 45.19 -36.91 -31.05
N ILE A 424 46.28 -36.24 -30.70
CA ILE A 424 47.44 -36.91 -30.09
C ILE A 424 47.15 -37.35 -28.65
N SER A 425 46.33 -36.60 -27.92
CA SER A 425 46.05 -36.97 -26.51
C SER A 425 45.15 -38.21 -26.40
N ASN A 426 44.14 -38.32 -27.26
CA ASN A 426 43.26 -39.48 -27.26
C ASN A 426 43.99 -40.78 -27.63
N ARG A 427 44.91 -40.69 -28.59
CA ARG A 427 45.74 -41.83 -28.96
C ARG A 427 46.67 -42.23 -27.83
N ALA A 428 47.30 -41.24 -27.20
CA ALA A 428 48.28 -41.48 -26.13
C ALA A 428 47.74 -42.37 -25.03
N LEU A 429 46.50 -42.12 -24.63
CA LEU A 429 45.85 -42.90 -23.58
C LEU A 429 45.64 -44.35 -24.00
N VAL A 430 45.19 -44.54 -25.24
CA VAL A 430 44.90 -45.87 -25.78
C VAL A 430 46.16 -46.75 -25.83
N LEU A 431 47.22 -46.24 -26.45
CA LEU A 431 48.41 -47.05 -26.66
C LEU A 431 49.30 -47.13 -25.40
N ALA A 432 49.07 -46.25 -24.43
CA ALA A 432 49.70 -46.40 -23.12
C ALA A 432 49.00 -47.50 -22.31
N ALA A 433 47.68 -47.53 -22.40
CA ALA A 433 46.86 -48.51 -21.67
C ALA A 433 47.07 -49.93 -22.19
N LEU A 434 47.39 -50.08 -23.47
CA LEU A 434 47.60 -51.39 -24.07
C LEU A 434 49.00 -51.94 -23.80
N GLY A 435 49.95 -51.06 -23.45
CA GLY A 435 51.35 -51.45 -23.32
C GLY A 435 51.75 -52.04 -21.97
N GLU A 436 52.97 -52.58 -21.94
CA GLU A 436 53.58 -53.09 -20.71
C GLU A 436 54.47 -51.99 -20.14
N GLY A 437 54.40 -51.79 -18.82
CA GLY A 437 55.19 -50.76 -18.15
C GLY A 437 54.32 -49.62 -17.64
N THR A 438 54.95 -48.50 -17.33
CA THR A 438 54.24 -47.37 -16.74
C THR A 438 54.65 -46.03 -17.38
N THR A 439 53.66 -45.29 -17.87
CA THR A 439 53.89 -44.02 -18.57
C THR A 439 53.23 -42.85 -17.86
N ARG A 440 53.97 -41.75 -17.75
CA ARG A 440 53.45 -40.49 -17.25
C ARG A 440 53.20 -39.56 -18.44
N ILE A 441 51.94 -39.17 -18.64
CA ILE A 441 51.56 -38.38 -19.80
C ILE A 441 51.37 -36.91 -19.38
N HIS A 442 52.25 -36.06 -19.90
CA HIS A 442 52.17 -34.62 -19.66
C HIS A 442 51.37 -33.95 -20.75
N GLY A 443 50.69 -32.86 -20.40
CA GLY A 443 49.96 -32.03 -21.38
C GLY A 443 48.76 -32.70 -22.02
N LEU A 444 48.23 -33.72 -21.36
CA LEU A 444 47.08 -34.45 -21.86
C LEU A 444 45.84 -33.58 -21.79
N LEU A 445 45.10 -33.50 -22.88
CA LEU A 445 43.82 -32.79 -22.87
C LEU A 445 42.74 -33.67 -22.26
N HIS A 446 42.28 -33.31 -21.07
CA HIS A 446 41.23 -34.06 -20.39
C HIS A 446 39.89 -33.77 -21.03
N SER A 447 39.65 -34.42 -22.17
CA SER A 447 38.41 -34.24 -22.94
C SER A 447 37.38 -35.29 -22.52
N ASP A 448 36.19 -35.21 -23.10
CA ASP A 448 35.13 -36.19 -22.86
C ASP A 448 35.51 -37.56 -23.39
N ASP A 449 36.29 -37.58 -24.47
CA ASP A 449 36.78 -38.83 -25.05
C ASP A 449 37.73 -39.53 -24.07
N VAL A 450 38.62 -38.76 -23.46
CA VAL A 450 39.55 -39.30 -22.47
C VAL A 450 38.82 -39.80 -21.22
N GLN A 451 37.93 -38.97 -20.68
CA GLN A 451 37.22 -39.31 -19.44
C GLN A 451 36.43 -40.61 -19.54
N TYR A 452 35.81 -40.84 -20.68
CA TYR A 452 34.97 -42.04 -20.88
C TYR A 452 35.78 -43.27 -21.30
N MSE A 453 36.85 -43.07 -22.07
CA MSE A 453 37.77 -44.16 -22.42
C MSE A 453 38.49 -44.66 -21.20
O MSE A 453 38.75 -45.86 -21.07
CB MSE A 453 38.82 -43.73 -23.44
CG MSE A 453 38.30 -43.78 -24.87
SE MSE A 453 39.80 -43.55 -26.14
CE MSE A 453 40.20 -41.66 -25.75
N LEU A 454 38.85 -43.74 -20.31
CA LEU A 454 39.56 -44.06 -19.08
C LEU A 454 38.72 -44.98 -18.19
N ALA A 455 37.48 -44.58 -17.95
CA ALA A 455 36.53 -45.38 -17.16
C ALA A 455 36.20 -46.69 -17.85
N ALA A 456 36.16 -46.68 -19.18
CA ALA A 456 35.90 -47.88 -19.97
C ALA A 456 37.00 -48.92 -19.74
N ILE A 457 38.25 -48.50 -19.90
CA ILE A 457 39.39 -49.40 -19.74
C ILE A 457 39.52 -49.86 -18.28
N GLU A 458 39.20 -48.98 -17.32
CA GLU A 458 39.16 -49.37 -15.90
C GLU A 458 38.24 -50.57 -15.68
N GLN A 459 37.04 -50.51 -16.24
CA GLN A 459 36.05 -51.57 -16.05
C GLN A 459 36.38 -52.84 -16.84
N LEU A 460 37.23 -52.69 -17.86
CA LEU A 460 37.79 -53.83 -18.59
C LEU A 460 39.05 -54.40 -17.93
N HIS A 461 39.44 -53.82 -16.79
CA HIS A 461 40.67 -54.20 -16.07
C HIS A 461 41.90 -54.17 -16.99
N GLY A 462 41.90 -53.21 -17.91
CA GLY A 462 42.94 -53.11 -18.93
C GLY A 462 44.15 -52.31 -18.50
N ALA A 463 43.97 -51.44 -17.50
CA ALA A 463 45.06 -50.61 -17.00
C ALA A 463 44.70 -49.99 -15.66
N ASP A 464 45.74 -49.60 -14.93
CA ASP A 464 45.59 -48.85 -13.68
C ASP A 464 45.91 -47.38 -13.95
N PHE A 465 44.96 -46.50 -13.60
CA PHE A 465 45.11 -45.06 -13.82
C PHE A 465 45.27 -44.32 -12.50
N SER A 466 45.94 -43.18 -12.56
CA SER A 466 46.31 -42.42 -11.39
C SER A 466 46.78 -41.02 -11.81
N TRP A 467 46.56 -40.02 -10.98
CA TRP A 467 46.91 -38.63 -11.32
C TRP A 467 48.00 -38.08 -10.42
N GLU A 468 48.74 -37.10 -10.93
CA GLU A 468 49.77 -36.41 -10.15
C GLU A 468 49.78 -34.93 -10.53
N ASP A 469 50.40 -34.11 -9.69
CA ASP A 469 50.45 -32.66 -9.88
C ASP A 469 49.05 -32.07 -10.07
N ALA A 470 48.12 -32.46 -9.18
CA ALA A 470 46.73 -32.00 -9.22
C ALA A 470 46.04 -32.20 -10.57
N GLY A 471 46.22 -33.38 -11.16
CA GLY A 471 45.54 -33.77 -12.40
C GLY A 471 46.18 -33.37 -13.71
N GLU A 472 47.38 -32.78 -13.65
CA GLU A 472 48.08 -32.34 -14.86
C GLU A 472 48.90 -33.48 -15.49
N ILE A 473 49.21 -34.51 -14.70
CA ILE A 473 49.93 -35.69 -15.16
C ILE A 473 49.08 -36.93 -14.94
N LEU A 474 48.91 -37.73 -15.99
CA LEU A 474 48.18 -39.00 -15.92
C LEU A 474 49.17 -40.18 -15.87
N VAL A 475 49.20 -40.87 -14.73
CA VAL A 475 50.04 -42.05 -14.57
C VAL A 475 49.27 -43.28 -15.06
N VAL A 476 49.78 -43.92 -16.11
CA VAL A 476 49.13 -45.08 -16.71
C VAL A 476 50.05 -46.29 -16.61
N THR A 477 49.60 -47.33 -15.91
CA THR A 477 50.27 -48.62 -15.90
C THR A 477 49.40 -49.61 -16.68
N GLY A 478 49.78 -49.87 -17.92
CA GLY A 478 49.03 -50.76 -18.78
C GLY A 478 49.23 -52.23 -18.44
N LYS A 479 48.30 -53.07 -18.88
CA LYS A 479 48.35 -54.50 -18.57
C LYS A 479 48.71 -55.34 -19.80
N GLY A 480 49.42 -54.74 -20.75
CA GLY A 480 49.96 -55.47 -21.88
C GLY A 480 48.94 -56.12 -22.80
N GLY A 481 47.72 -55.58 -22.83
CA GLY A 481 46.66 -56.08 -23.69
C GLY A 481 45.77 -57.15 -23.10
N LYS A 482 46.05 -57.58 -21.87
CA LYS A 482 45.21 -58.57 -21.18
C LYS A 482 43.99 -57.85 -20.56
N LEU A 483 42.91 -57.77 -21.33
CA LEU A 483 41.67 -57.13 -20.89
C LEU A 483 40.58 -58.18 -20.65
N GLN A 484 39.57 -57.82 -19.86
CA GLN A 484 38.48 -58.73 -19.51
C GLN A 484 37.13 -58.15 -19.95
N ALA A 485 36.32 -58.98 -20.61
CA ALA A 485 35.04 -58.54 -21.13
C ALA A 485 34.09 -58.14 -20.02
N SER A 486 33.60 -56.90 -20.08
CA SER A 486 32.68 -56.37 -19.07
C SER A 486 31.25 -56.87 -19.27
N LYS A 487 30.67 -57.44 -18.23
CA LYS A 487 29.26 -57.85 -18.25
C LYS A 487 28.36 -56.63 -18.45
N GLU A 488 28.63 -55.58 -17.68
CA GLU A 488 27.89 -54.32 -17.78
C GLU A 488 28.29 -53.56 -19.05
N PRO A 489 27.32 -52.92 -19.73
CA PRO A 489 27.66 -52.10 -20.90
C PRO A 489 28.48 -50.86 -20.53
N LEU A 490 29.25 -50.36 -21.49
CA LEU A 490 30.12 -49.20 -21.29
C LEU A 490 29.52 -47.93 -21.88
N TYR A 491 28.99 -47.07 -21.01
CA TYR A 491 28.39 -45.80 -21.42
C TYR A 491 29.50 -44.83 -21.82
N LEU A 492 29.36 -44.22 -23.01
CA LEU A 492 30.38 -43.31 -23.55
C LEU A 492 29.92 -41.87 -23.77
N GLY A 493 28.63 -41.61 -23.61
CA GLY A 493 28.07 -40.30 -23.97
C GLY A 493 28.18 -40.11 -25.47
N ASN A 494 28.33 -38.87 -25.93
CA ASN A 494 28.56 -38.61 -27.34
C ASN A 494 30.05 -38.35 -27.61
N ALA A 495 30.87 -39.32 -27.23
CA ALA A 495 32.31 -39.28 -27.46
C ALA A 495 32.63 -40.09 -28.71
N GLY A 496 32.82 -39.40 -29.84
CA GLY A 496 33.03 -40.04 -31.13
C GLY A 496 34.33 -40.83 -31.16
N THR A 497 35.45 -40.13 -31.06
CA THR A 497 36.78 -40.75 -31.04
C THR A 497 36.86 -41.90 -30.03
N ALA A 498 36.14 -41.79 -28.91
CA ALA A 498 36.10 -42.85 -27.90
C ALA A 498 35.43 -44.11 -28.42
N SER A 499 34.23 -43.97 -28.99
CA SER A 499 33.50 -45.11 -29.53
C SER A 499 34.28 -45.81 -30.64
N ARG A 500 34.99 -45.02 -31.45
CA ARG A 500 35.78 -45.57 -32.56
C ARG A 500 36.99 -46.34 -32.06
N PHE A 501 37.76 -45.74 -31.15
CA PHE A 501 38.94 -46.38 -30.60
C PHE A 501 38.58 -47.61 -29.77
N LEU A 502 37.54 -47.49 -28.93
CA LEU A 502 37.14 -48.60 -28.06
C LEU A 502 36.51 -49.79 -28.78
N THR A 503 35.94 -49.56 -29.95
CA THR A 503 35.31 -50.64 -30.73
C THR A 503 36.34 -51.69 -31.13
N SER A 504 37.51 -51.23 -31.56
CA SER A 504 38.61 -52.15 -31.90
C SER A 504 39.40 -52.61 -30.66
N VAL A 505 39.50 -51.74 -29.65
CA VAL A 505 40.22 -52.09 -28.41
C VAL A 505 39.50 -53.18 -27.62
N VAL A 506 38.17 -53.08 -27.53
CA VAL A 506 37.38 -54.05 -26.75
C VAL A 506 37.21 -55.39 -27.49
N ALA A 507 37.68 -55.47 -28.73
CA ALA A 507 37.78 -56.75 -29.43
C ALA A 507 38.99 -57.55 -28.97
N LEU A 508 39.93 -56.90 -28.28
CA LEU A 508 41.13 -57.56 -27.78
C LEU A 508 40.91 -58.35 -26.50
N CYS A 509 39.87 -58.00 -25.74
CA CYS A 509 39.67 -58.58 -24.41
C CYS A 509 39.21 -60.04 -24.47
N ALA A 510 39.85 -60.87 -23.65
CA ALA A 510 39.55 -62.32 -23.61
C ALA A 510 38.18 -62.57 -22.97
N PRO A 511 37.55 -63.71 -23.30
CA PRO A 511 36.22 -63.99 -22.76
C PRO A 511 36.27 -64.35 -21.28
N SER A 512 35.77 -63.47 -20.43
CA SER A 512 35.79 -63.70 -18.97
C SER A 512 34.40 -64.03 -18.44
N ALA A 513 33.61 -63.02 -18.12
CA ALA A 513 32.26 -63.23 -17.59
C ALA A 513 31.30 -63.60 -18.72
N VAL A 514 31.37 -62.85 -19.82
CA VAL A 514 30.51 -63.06 -20.99
C VAL A 514 31.37 -63.25 -22.23
N SER A 515 30.79 -63.87 -23.26
CA SER A 515 31.47 -64.05 -24.55
C SER A 515 31.61 -62.74 -25.35
N SER A 516 30.85 -61.72 -24.97
CA SER A 516 30.87 -60.44 -25.69
C SER A 516 30.80 -59.24 -24.74
N THR A 517 30.96 -58.05 -25.29
CA THR A 517 31.01 -56.81 -24.51
C THR A 517 30.47 -55.63 -25.32
N VAL A 518 29.59 -54.84 -24.68
CA VAL A 518 28.73 -53.89 -25.41
C VAL A 518 29.04 -52.42 -25.12
N LEU A 519 29.08 -51.62 -26.18
CA LEU A 519 29.36 -50.17 -26.10
C LEU A 519 28.09 -49.37 -26.45
N THR A 520 27.58 -48.62 -25.49
CA THR A 520 26.39 -47.78 -25.69
C THR A 520 26.72 -46.33 -25.38
N GLY A 521 25.72 -45.44 -25.47
CA GLY A 521 25.95 -44.04 -25.16
C GLY A 521 24.72 -43.14 -25.22
N ASN A 522 24.97 -41.88 -25.58
CA ASN A 522 23.97 -40.83 -25.61
C ASN A 522 22.90 -41.10 -26.67
N ALA A 523 21.81 -40.31 -26.65
CA ALA A 523 20.81 -40.35 -27.72
C ALA A 523 21.43 -39.92 -29.05
N ARG A 524 22.30 -38.91 -29.01
CA ARG A 524 23.00 -38.43 -30.21
C ARG A 524 24.05 -39.42 -30.75
N MSE A 525 24.64 -40.23 -29.87
CA MSE A 525 25.59 -41.28 -30.28
C MSE A 525 24.88 -42.35 -31.08
O MSE A 525 25.45 -42.88 -32.04
CB MSE A 525 26.23 -41.91 -29.03
CG MSE A 525 27.05 -43.18 -29.27
SE MSE A 525 28.84 -42.75 -29.93
CE MSE A 525 28.85 -43.71 -31.65
N LYS A 526 23.65 -42.66 -30.70
CA LYS A 526 22.89 -43.74 -31.35
C LYS A 526 22.53 -43.47 -32.82
N VAL A 527 22.64 -42.21 -33.26
CA VAL A 527 22.47 -41.86 -34.67
C VAL A 527 23.78 -41.33 -35.25
N ARG A 528 24.87 -42.03 -34.96
CA ARG A 528 26.21 -41.60 -35.38
C ARG A 528 26.93 -42.78 -36.06
N PRO A 529 27.49 -42.55 -37.25
CA PRO A 529 27.94 -43.66 -38.10
C PRO A 529 29.20 -44.38 -37.61
N ILE A 530 29.17 -45.70 -37.66
CA ILE A 530 30.35 -46.54 -37.41
C ILE A 530 30.36 -47.75 -38.37
N GLY A 531 29.68 -47.60 -39.51
CA GLY A 531 29.44 -48.71 -40.42
C GLY A 531 30.70 -49.31 -41.02
N ALA A 532 31.58 -48.46 -41.53
CA ALA A 532 32.80 -48.91 -42.21
C ALA A 532 33.75 -49.67 -41.29
N LEU A 533 33.84 -49.23 -40.03
CA LEU A 533 34.73 -49.87 -39.05
C LEU A 533 34.23 -51.24 -38.62
N VAL A 534 32.91 -51.37 -38.48
CA VAL A 534 32.29 -52.66 -38.17
C VAL A 534 32.47 -53.62 -39.35
N ASP A 535 32.38 -53.10 -40.58
CA ASP A 535 32.62 -53.90 -41.78
C ASP A 535 34.03 -54.49 -41.81
N ALA A 536 35.00 -53.72 -41.31
CA ALA A 536 36.39 -54.16 -41.23
C ALA A 536 36.59 -55.26 -40.19
N LEU A 537 35.90 -55.15 -39.05
CA LEU A 537 36.01 -56.15 -37.97
C LEU A 537 35.36 -57.48 -38.33
N ARG A 538 34.19 -57.43 -38.95
CA ARG A 538 33.51 -58.63 -39.43
C ARG A 538 34.38 -59.36 -40.45
N ALA A 539 34.97 -58.59 -41.37
CA ALA A 539 35.87 -59.13 -42.40
C ALA A 539 37.13 -59.77 -41.80
N ASN A 540 37.60 -59.23 -40.68
CA ASN A 540 38.79 -59.75 -40.02
C ASN A 540 38.46 -60.62 -38.79
N GLY A 541 37.38 -61.38 -38.88
CA GLY A 541 37.06 -62.43 -37.91
C GLY A 541 36.73 -61.97 -36.50
N VAL A 542 35.87 -60.96 -36.40
CA VAL A 542 35.40 -60.46 -35.10
C VAL A 542 33.90 -60.22 -35.17
N GLY A 543 33.15 -61.12 -34.53
CA GLY A 543 31.70 -60.99 -34.47
C GLY A 543 31.26 -59.67 -33.86
N VAL A 544 30.20 -59.09 -34.41
CA VAL A 544 29.69 -57.82 -33.93
C VAL A 544 28.28 -57.57 -34.49
N LYS A 545 27.30 -57.47 -33.60
CA LYS A 545 25.91 -57.24 -33.98
C LYS A 545 25.43 -55.88 -33.45
N TYR A 546 24.68 -55.16 -34.26
CA TYR A 546 24.07 -53.88 -33.84
C TYR A 546 22.86 -54.18 -32.96
N LEU A 547 22.68 -53.39 -31.90
CA LEU A 547 21.61 -53.66 -30.92
C LEU A 547 20.34 -52.81 -31.13
N GLU A 548 20.47 -51.66 -31.78
CA GLU A 548 19.30 -50.84 -32.09
C GLU A 548 19.28 -50.43 -33.57
N LYS A 549 20.01 -49.38 -33.93
CA LYS A 549 20.05 -48.90 -35.31
C LYS A 549 21.22 -49.53 -36.06
N GLU A 550 21.04 -49.75 -37.35
CA GLU A 550 22.10 -50.31 -38.20
C GLU A 550 23.18 -49.25 -38.46
N LYS A 551 24.43 -49.71 -38.62
CA LYS A 551 25.58 -48.83 -38.87
C LYS A 551 25.83 -47.73 -37.83
N SER A 552 25.45 -47.99 -36.58
CA SER A 552 25.67 -47.04 -35.47
C SER A 552 25.45 -47.73 -34.12
N LEU A 553 25.90 -47.07 -33.05
CA LEU A 553 25.78 -47.63 -31.69
C LEU A 553 24.33 -47.66 -31.20
N PRO A 554 24.04 -48.50 -30.17
CA PRO A 554 24.94 -49.39 -29.43
C PRO A 554 25.37 -50.62 -30.23
N VAL A 555 26.57 -51.12 -29.92
CA VAL A 555 27.14 -52.27 -30.62
C VAL A 555 27.71 -53.30 -29.64
N GLU A 556 27.22 -54.54 -29.76
CA GLU A 556 27.78 -55.67 -29.04
C GLU A 556 28.88 -56.27 -29.91
N VAL A 557 30.12 -56.25 -29.43
CA VAL A 557 31.28 -56.72 -30.20
C VAL A 557 31.98 -57.85 -29.45
N ASP A 558 32.33 -58.90 -30.21
CA ASP A 558 32.80 -60.16 -29.63
C ASP A 558 34.09 -59.98 -28.84
N ALA A 559 34.28 -60.84 -27.83
CA ALA A 559 35.47 -60.82 -27.00
C ALA A 559 36.50 -61.82 -27.51
N ALA A 560 37.04 -61.56 -28.70
CA ALA A 560 38.10 -62.38 -29.27
C ALA A 560 39.42 -62.06 -28.58
N GLY A 561 40.49 -62.76 -28.97
CA GLY A 561 41.83 -62.45 -28.47
C GLY A 561 42.57 -61.51 -29.41
N GLY A 562 41.86 -60.50 -29.91
CA GLY A 562 42.34 -59.64 -30.98
C GLY A 562 41.71 -59.98 -32.31
N PHE A 563 42.13 -59.29 -33.37
CA PHE A 563 41.65 -59.59 -34.72
C PHE A 563 42.27 -60.91 -35.18
N ALA A 564 41.78 -61.45 -36.29
CA ALA A 564 42.37 -62.64 -36.88
C ALA A 564 43.79 -62.33 -37.36
N GLY A 565 43.94 -61.21 -38.05
CA GLY A 565 45.25 -60.77 -38.55
C GLY A 565 45.35 -60.93 -40.05
N GLY A 566 46.58 -60.92 -40.56
CA GLY A 566 46.83 -61.05 -41.98
C GLY A 566 46.38 -59.82 -42.76
N VAL A 567 45.66 -60.05 -43.86
CA VAL A 567 45.20 -58.97 -44.72
C VAL A 567 43.96 -58.30 -44.10
N ILE A 568 43.96 -56.98 -44.08
CA ILE A 568 42.77 -56.21 -43.69
C ILE A 568 42.74 -54.92 -44.52
N GLU A 569 41.88 -54.90 -45.54
CA GLU A 569 41.82 -53.78 -46.47
C GLU A 569 40.72 -52.79 -46.12
N LEU A 570 40.95 -51.52 -46.48
CA LEU A 570 40.00 -50.45 -46.26
C LEU A 570 39.97 -49.53 -47.49
N ALA A 571 38.97 -48.67 -47.57
CA ALA A 571 38.92 -47.63 -48.59
C ALA A 571 39.96 -46.56 -48.26
N ALA A 572 40.53 -45.94 -49.28
CA ALA A 572 41.45 -44.81 -49.08
C ALA A 572 40.69 -43.60 -48.53
N THR A 573 39.40 -43.52 -48.89
CA THR A 573 38.51 -42.46 -48.41
C THR A 573 37.79 -42.85 -47.13
N VAL A 574 38.51 -43.46 -46.19
CA VAL A 574 37.97 -43.88 -44.90
C VAL A 574 38.16 -42.76 -43.90
N SER A 575 37.27 -42.69 -42.91
CA SER A 575 37.40 -41.74 -41.82
C SER A 575 38.71 -42.01 -41.06
N SER A 576 39.39 -40.93 -40.66
CA SER A 576 40.69 -41.06 -39.98
C SER A 576 40.59 -41.82 -38.66
N GLN A 577 39.45 -41.70 -37.99
CA GLN A 577 39.23 -42.38 -36.71
C GLN A 577 39.19 -43.89 -36.85
N TYR A 578 38.59 -44.40 -37.93
CA TYR A 578 38.48 -45.84 -38.15
C TYR A 578 39.85 -46.48 -38.40
N VAL A 579 40.56 -45.97 -39.41
CA VAL A 579 41.85 -46.54 -39.80
C VAL A 579 42.87 -46.50 -38.67
N SER A 580 42.87 -45.42 -37.89
CA SER A 580 43.83 -45.27 -36.81
C SER A 580 43.47 -46.14 -35.59
N SER A 581 42.20 -46.43 -35.38
CA SER A 581 41.79 -47.31 -34.27
C SER A 581 42.21 -48.75 -34.53
N ILE A 582 42.15 -49.17 -35.79
CA ILE A 582 42.62 -50.49 -36.20
C ILE A 582 44.13 -50.59 -36.03
N LEU A 583 44.84 -49.56 -36.43
CA LEU A 583 46.30 -49.50 -36.29
C LEU A 583 46.77 -49.69 -34.84
N MSE A 584 46.03 -49.12 -33.89
CA MSE A 584 46.43 -49.18 -32.47
C MSE A 584 46.28 -50.58 -31.94
O MSE A 584 47.08 -51.02 -31.11
CB MSE A 584 45.65 -48.20 -31.58
CG MSE A 584 45.45 -46.81 -32.21
SE MSE A 584 45.78 -45.33 -30.94
CE MSE A 584 47.76 -45.51 -30.98
N ALA A 585 45.26 -51.30 -32.42
CA ALA A 585 44.94 -52.65 -31.94
C ALA A 585 45.44 -53.78 -32.86
N ALA A 586 46.16 -53.41 -33.92
CA ALA A 586 46.71 -54.38 -34.87
C ALA A 586 47.80 -55.27 -34.26
N PRO A 587 48.68 -54.71 -33.42
CA PRO A 587 49.73 -55.53 -32.80
C PRO A 587 49.20 -56.62 -31.86
N TYR A 588 47.99 -56.44 -31.33
CA TYR A 588 47.39 -57.40 -30.41
C TYR A 588 46.46 -58.38 -31.14
N ALA A 589 46.58 -58.44 -32.46
CA ALA A 589 45.88 -59.46 -33.26
C ALA A 589 46.59 -60.81 -33.10
N HIS A 590 45.90 -61.88 -33.49
CA HIS A 590 46.42 -63.24 -33.33
C HIS A 590 47.67 -63.48 -34.18
N GLN A 591 47.82 -62.74 -35.29
CA GLN A 591 49.05 -62.80 -36.09
C GLN A 591 49.25 -61.51 -36.89
N PRO A 592 50.51 -61.21 -37.29
CA PRO A 592 50.88 -59.99 -38.01
C PRO A 592 49.84 -59.46 -39.01
N VAL A 593 49.58 -58.16 -38.93
CA VAL A 593 48.55 -57.49 -39.72
C VAL A 593 49.16 -56.76 -40.91
N THR A 594 48.49 -56.85 -42.06
CA THR A 594 48.88 -56.13 -43.27
C THR A 594 47.71 -55.24 -43.68
N LEU A 595 47.83 -53.95 -43.40
CA LEU A 595 46.76 -52.99 -43.64
C LEU A 595 46.90 -52.40 -45.04
N ARG A 596 45.91 -52.64 -45.91
CA ARG A 596 45.92 -52.10 -47.27
C ARG A 596 44.84 -51.02 -47.44
N LEU A 597 45.18 -49.96 -48.18
CA LEU A 597 44.23 -48.89 -48.46
C LEU A 597 44.01 -48.77 -49.97
N VAL A 598 42.84 -49.21 -50.45
CA VAL A 598 42.53 -49.18 -51.88
C VAL A 598 42.08 -47.78 -52.32
N GLY A 599 42.63 -47.31 -53.44
CA GLY A 599 42.34 -45.97 -53.96
C GLY A 599 43.61 -45.17 -54.19
N GLY A 600 43.52 -43.86 -53.99
CA GLY A 600 44.67 -42.96 -54.17
C GLY A 600 45.33 -42.62 -52.84
N LYS A 601 45.95 -41.45 -52.78
CA LYS A 601 46.50 -40.94 -51.53
C LYS A 601 45.35 -40.72 -50.56
N PRO A 602 45.32 -41.48 -49.45
CA PRO A 602 44.14 -41.45 -48.57
C PRO A 602 43.92 -40.12 -47.86
N ILE A 603 42.65 -39.81 -47.57
CA ILE A 603 42.26 -38.54 -46.98
C ILE A 603 42.82 -38.41 -45.55
N SER A 604 42.96 -39.56 -44.89
CA SER A 604 43.39 -39.63 -43.49
C SER A 604 44.91 -39.73 -43.30
N GLN A 605 45.69 -39.47 -44.35
CA GLN A 605 47.15 -39.72 -44.35
C GLN A 605 47.94 -39.03 -43.21
N PRO A 606 47.64 -37.75 -42.91
CA PRO A 606 48.31 -37.12 -41.76
C PRO A 606 48.03 -37.82 -40.43
N TYR A 607 46.79 -38.28 -40.24
CA TYR A 607 46.41 -39.01 -39.02
C TYR A 607 46.94 -40.44 -39.00
N ILE A 608 47.16 -41.02 -40.17
CA ILE A 608 47.85 -42.31 -40.27
C ILE A 608 49.31 -42.14 -39.84
N ASP A 609 49.99 -41.16 -40.43
CA ASP A 609 51.37 -40.81 -40.06
C ASP A 609 51.51 -40.53 -38.57
N MSE A 610 50.54 -39.80 -38.01
CA MSE A 610 50.53 -39.48 -36.58
C MSE A 610 50.49 -40.74 -35.76
O MSE A 610 51.33 -40.94 -34.89
CB MSE A 610 49.33 -38.61 -36.22
CG MSE A 610 49.24 -38.32 -34.72
SE MSE A 610 47.54 -37.42 -34.27
CE MSE A 610 48.27 -35.61 -33.99
N THR A 611 49.51 -41.59 -36.03
CA THR A 611 49.31 -42.81 -35.27
C THR A 611 50.53 -43.73 -35.33
N ILE A 612 51.13 -43.86 -36.51
CA ILE A 612 52.31 -44.71 -36.70
C ILE A 612 53.52 -44.19 -35.92
N ALA A 613 53.77 -42.89 -36.00
CA ALA A 613 54.89 -42.28 -35.29
C ALA A 613 54.73 -42.39 -33.77
N MSE A 614 53.48 -42.32 -33.31
CA MSE A 614 53.16 -42.50 -31.89
C MSE A 614 53.39 -43.94 -31.49
O MSE A 614 53.99 -44.21 -30.46
CB MSE A 614 51.73 -42.05 -31.59
CG MSE A 614 51.64 -40.53 -31.60
SE MSE A 614 49.83 -39.91 -31.12
CE MSE A 614 49.95 -40.39 -29.21
N MSE A 615 52.91 -44.88 -32.32
CA MSE A 615 53.17 -46.30 -32.10
C MSE A 615 54.65 -46.57 -32.04
O MSE A 615 55.10 -47.40 -31.24
CB MSE A 615 52.53 -47.16 -33.20
CG MSE A 615 51.03 -47.26 -33.01
SE MSE A 615 50.22 -47.89 -34.70
CE MSE A 615 50.80 -49.76 -34.61
N ALA A 616 55.42 -45.86 -32.86
CA ALA A 616 56.88 -45.94 -32.81
C ALA A 616 57.44 -45.47 -31.47
N SER A 617 56.89 -44.36 -30.94
CA SER A 617 57.28 -43.87 -29.62
C SER A 617 57.00 -44.88 -28.51
N PHE A 618 56.01 -45.75 -28.72
CA PHE A 618 55.69 -46.84 -27.79
C PHE A 618 56.30 -48.19 -28.22
N GLY A 619 57.45 -48.14 -28.88
CA GLY A 619 58.25 -49.34 -29.15
C GLY A 619 57.73 -50.31 -30.20
N ILE A 620 56.91 -49.83 -31.14
CA ILE A 620 56.40 -50.68 -32.22
C ILE A 620 56.50 -49.95 -33.57
N LYS A 621 57.40 -50.45 -34.42
CA LYS A 621 57.70 -49.82 -35.70
C LYS A 621 56.86 -50.42 -36.84
N VAL A 622 55.97 -49.60 -37.40
CA VAL A 622 55.20 -49.98 -38.58
C VAL A 622 56.01 -49.60 -39.80
N GLU A 623 56.01 -50.43 -40.83
CA GLU A 623 56.82 -50.20 -42.02
C GLU A 623 56.00 -50.08 -43.30
N ARG A 624 56.36 -49.09 -44.12
CA ARG A 624 55.77 -48.92 -45.45
C ARG A 624 56.27 -50.05 -46.35
N SER A 625 55.40 -50.50 -47.25
CA SER A 625 55.78 -51.55 -48.19
C SER A 625 56.53 -50.95 -49.37
N ALA A 626 57.40 -51.76 -49.97
CA ALA A 626 58.13 -51.36 -51.17
C ALA A 626 57.19 -51.25 -52.37
N GLU A 627 56.31 -52.23 -52.51
CA GLU A 627 55.36 -52.29 -53.63
C GLU A 627 54.55 -50.99 -53.79
N ASP A 628 53.82 -50.60 -52.74
CA ASP A 628 53.08 -49.33 -52.75
C ASP A 628 53.07 -48.69 -51.36
N PRO A 629 52.94 -47.35 -51.30
CA PRO A 629 52.92 -46.66 -50.03
C PRO A 629 51.60 -46.81 -49.24
N ASN A 630 50.54 -47.25 -49.90
CA ASN A 630 49.22 -47.39 -49.27
C ASN A 630 48.93 -48.78 -48.69
N THR A 631 49.99 -49.58 -48.49
CA THR A 631 49.89 -50.81 -47.69
C THR A 631 50.91 -50.75 -46.57
N TYR A 632 50.45 -50.90 -45.33
CA TYR A 632 51.30 -50.76 -44.15
C TYR A 632 51.52 -52.12 -43.49
N LEU A 633 52.80 -52.43 -43.24
CA LEU A 633 53.20 -53.72 -42.69
C LEU A 633 53.33 -53.61 -41.17
N ILE A 634 52.39 -54.19 -40.44
CA ILE A 634 52.31 -54.02 -38.99
C ILE A 634 52.78 -55.27 -38.25
N PRO A 635 53.64 -55.09 -37.21
CA PRO A 635 54.12 -56.22 -36.43
C PRO A 635 53.09 -56.79 -35.44
N LYS A 636 53.51 -57.79 -34.68
CA LYS A 636 52.67 -58.41 -33.64
C LYS A 636 53.46 -58.44 -32.33
N GLY A 637 53.08 -57.57 -31.40
CA GLY A 637 53.74 -57.50 -30.09
C GLY A 637 53.00 -56.63 -29.10
N VAL A 638 53.70 -56.22 -28.04
CA VAL A 638 53.12 -55.39 -26.98
C VAL A 638 53.89 -54.08 -26.91
N TYR A 639 53.17 -52.98 -26.69
CA TYR A 639 53.79 -51.65 -26.65
C TYR A 639 54.75 -51.54 -25.46
N LYS A 640 55.98 -51.12 -25.74
CA LYS A 640 56.95 -50.79 -24.70
C LYS A 640 56.68 -49.36 -24.22
N ASN A 641 55.98 -49.25 -23.09
CA ASN A 641 55.60 -47.95 -22.52
C ASN A 641 56.80 -47.12 -22.10
N PRO A 642 56.93 -45.91 -22.63
CA PRO A 642 58.03 -45.05 -22.20
C PRO A 642 57.74 -44.46 -20.81
N PRO A 643 58.80 -44.12 -20.05
CA PRO A 643 58.58 -43.52 -18.73
C PRO A 643 57.79 -42.22 -18.80
N GLU A 644 58.03 -41.47 -19.87
CA GLU A 644 57.47 -40.15 -20.03
C GLU A 644 56.99 -39.98 -21.48
N TYR A 645 55.77 -39.47 -21.65
CA TYR A 645 55.29 -39.06 -22.98
C TYR A 645 54.65 -37.69 -22.93
N VAL A 646 55.23 -36.76 -23.69
CA VAL A 646 54.76 -35.39 -23.75
C VAL A 646 53.76 -35.23 -24.89
N VAL A 647 52.56 -34.77 -24.57
CA VAL A 647 51.55 -34.49 -25.57
C VAL A 647 51.75 -33.08 -26.09
N GLU A 648 51.70 -32.93 -27.41
CA GLU A 648 51.88 -31.63 -28.04
C GLU A 648 50.65 -30.77 -27.81
N SER A 649 50.86 -29.46 -27.73
CA SER A 649 49.76 -28.52 -27.65
C SER A 649 49.08 -28.45 -29.00
N ASP A 650 47.80 -28.14 -29.02
CA ASP A 650 47.05 -28.04 -30.27
C ASP A 650 47.78 -27.06 -31.17
N ALA A 651 48.17 -27.54 -32.35
CA ALA A 651 49.00 -26.75 -33.27
C ALA A 651 48.20 -25.59 -33.87
N SER A 652 46.90 -25.77 -34.02
CA SER A 652 46.03 -24.70 -34.51
C SER A 652 45.93 -23.60 -33.46
N SER A 653 45.60 -23.98 -32.23
CA SER A 653 45.57 -23.04 -31.10
C SER A 653 46.93 -22.37 -30.93
N ALA A 654 48.00 -23.12 -31.18
CA ALA A 654 49.37 -22.60 -31.11
C ALA A 654 49.67 -21.44 -32.06
N THR A 655 48.93 -21.32 -33.15
CA THR A 655 49.17 -20.29 -34.15
C THR A 655 48.91 -18.89 -33.59
N TYR A 656 47.92 -18.78 -32.72
CA TYR A 656 47.48 -17.47 -32.22
C TYR A 656 48.56 -16.75 -31.39
N PRO A 657 49.11 -17.40 -30.36
CA PRO A 657 50.19 -16.74 -29.62
C PRO A 657 51.48 -16.54 -30.43
N LEU A 658 51.75 -17.43 -31.38
CA LEU A 658 52.86 -17.25 -32.32
C LEU A 658 52.62 -16.06 -33.25
N ALA A 659 51.37 -15.89 -33.66
CA ALA A 659 50.98 -14.77 -34.52
C ALA A 659 51.11 -13.44 -33.79
N VAL A 660 50.87 -13.44 -32.48
CA VAL A 660 51.02 -12.24 -31.66
C VAL A 660 52.48 -11.78 -31.66
N ALA A 661 53.39 -12.73 -31.48
CA ALA A 661 54.82 -12.43 -31.53
C ALA A 661 55.24 -11.92 -32.91
N ALA A 662 54.64 -12.49 -33.96
CA ALA A 662 54.94 -12.09 -35.33
C ALA A 662 54.49 -10.67 -35.65
N ILE A 663 53.26 -10.35 -35.26
CA ILE A 663 52.66 -9.06 -35.60
C ILE A 663 53.19 -7.90 -34.74
N THR A 664 53.62 -8.21 -33.51
CA THR A 664 54.09 -7.21 -32.56
C THR A 664 55.62 -7.05 -32.48
N GLY A 665 56.34 -7.93 -33.16
CA GLY A 665 57.80 -7.86 -33.18
C GLY A 665 58.46 -8.28 -31.88
N THR A 666 57.75 -9.11 -31.10
CA THR A 666 58.28 -9.67 -29.87
C THR A 666 58.56 -11.15 -30.13
N THR A 667 58.92 -11.89 -29.08
CA THR A 667 59.24 -13.31 -29.20
C THR A 667 58.25 -14.18 -28.43
N CYS A 668 58.05 -15.41 -28.92
CA CYS A 668 57.20 -16.38 -28.23
C CYS A 668 57.65 -17.80 -28.55
N THR A 669 57.64 -18.66 -27.53
CA THR A 669 58.10 -20.03 -27.67
C THR A 669 56.99 -21.01 -27.29
N ILE A 670 56.86 -22.06 -28.07
CA ILE A 670 55.92 -23.14 -27.77
C ILE A 670 56.75 -24.38 -27.52
N PRO A 671 56.93 -24.74 -26.22
CA PRO A 671 57.98 -25.68 -25.80
C PRO A 671 57.72 -27.17 -26.08
N ASN A 672 56.61 -27.51 -26.74
CA ASN A 672 56.31 -28.90 -27.06
C ASN A 672 55.99 -29.21 -28.53
N ILE A 673 55.84 -28.18 -29.36
CA ILE A 673 55.72 -28.36 -30.80
C ILE A 673 57.06 -28.05 -31.44
N GLY A 674 57.64 -29.05 -32.12
CA GLY A 674 58.93 -28.88 -32.79
C GLY A 674 58.90 -29.29 -34.24
N SER A 675 60.08 -29.50 -34.81
CA SER A 675 60.22 -29.92 -36.22
C SER A 675 59.71 -31.35 -36.46
N GLU A 676 59.73 -32.19 -35.43
CA GLU A 676 59.20 -33.56 -35.52
C GLU A 676 57.71 -33.64 -35.14
N SER A 677 57.02 -32.50 -35.09
CA SER A 677 55.62 -32.46 -34.68
C SER A 677 54.72 -33.26 -35.62
N LEU A 678 53.77 -33.99 -35.04
CA LEU A 678 52.87 -34.85 -35.79
C LEU A 678 51.71 -34.08 -36.46
N GLN A 679 51.53 -32.81 -36.12
CA GLN A 679 50.35 -32.06 -36.55
C GLN A 679 50.61 -31.25 -37.81
N GLY A 680 49.63 -31.26 -38.72
CA GLY A 680 49.72 -30.52 -39.96
C GLY A 680 49.77 -29.02 -39.74
N ASP A 681 48.99 -28.53 -38.77
CA ASP A 681 48.91 -27.11 -38.46
C ASP A 681 50.19 -26.55 -37.81
N ALA A 682 51.10 -27.43 -37.41
CA ALA A 682 52.39 -27.02 -36.85
C ALA A 682 53.34 -26.48 -37.92
N ARG A 683 53.02 -26.75 -39.18
CA ARG A 683 53.78 -26.24 -40.31
C ARG A 683 53.62 -24.72 -40.48
N PHE A 684 52.65 -24.13 -39.78
CA PHE A 684 52.39 -22.68 -39.78
C PHE A 684 53.62 -21.81 -39.50
N ALA A 685 54.43 -22.20 -38.52
CA ALA A 685 55.60 -21.41 -38.14
C ALA A 685 56.61 -21.30 -39.29
N VAL A 686 56.98 -22.42 -39.89
CA VAL A 686 58.01 -22.45 -40.92
C VAL A 686 57.49 -21.94 -42.28
N GLU A 687 56.30 -22.39 -42.67
CA GLU A 687 55.77 -22.13 -44.01
C GLU A 687 55.01 -20.82 -44.17
N VAL A 688 54.75 -20.11 -43.06
CA VAL A 688 54.04 -18.83 -43.12
C VAL A 688 54.84 -17.70 -42.46
N LEU A 689 55.18 -17.87 -41.19
CA LEU A 689 55.80 -16.79 -40.41
C LEU A 689 57.21 -16.43 -40.86
N ARG A 690 58.03 -17.43 -41.21
CA ARG A 690 59.39 -17.17 -41.69
C ARG A 690 59.41 -16.45 -43.05
N PRO A 691 58.60 -16.90 -44.03
CA PRO A 691 58.41 -16.12 -45.25
C PRO A 691 57.95 -14.68 -45.00
N MSE A 692 57.16 -14.48 -43.93
CA MSE A 692 56.65 -13.16 -43.56
C MSE A 692 57.69 -12.29 -42.90
O MSE A 692 57.43 -11.10 -42.68
CB MSE A 692 55.40 -13.27 -42.69
CG MSE A 692 54.16 -12.80 -43.43
SE MSE A 692 52.50 -13.53 -42.66
CE MSE A 692 51.29 -13.17 -44.15
N GLY A 693 58.86 -12.84 -42.59
CA GLY A 693 59.98 -12.06 -42.06
C GLY A 693 60.35 -12.34 -40.61
N CYS A 694 59.72 -13.35 -40.01
CA CYS A 694 60.02 -13.73 -38.63
C CYS A 694 61.30 -14.57 -38.54
N ALA A 695 61.98 -14.46 -37.40
CA ALA A 695 63.09 -15.33 -37.07
C ALA A 695 62.54 -16.58 -36.38
N VAL A 696 62.39 -17.66 -37.15
CA VAL A 696 61.80 -18.90 -36.67
C VAL A 696 62.89 -19.92 -36.41
N GLU A 697 63.18 -20.19 -35.14
CA GLU A 697 64.12 -21.24 -34.77
C GLU A 697 63.39 -22.43 -34.15
N GLN A 698 63.75 -23.63 -34.58
CA GLN A 698 63.12 -24.85 -34.11
C GLN A 698 64.15 -25.85 -33.61
N THR A 699 63.72 -26.68 -32.65
CA THR A 699 64.43 -27.89 -32.28
C THR A 699 63.52 -29.06 -32.65
N ALA A 700 63.81 -30.25 -32.12
CA ALA A 700 62.96 -31.42 -32.35
C ALA A 700 61.59 -31.28 -31.68
N THR A 701 61.54 -30.54 -30.57
CA THR A 701 60.34 -30.48 -29.74
C THR A 701 60.05 -29.06 -29.20
N SER A 702 60.46 -28.04 -29.94
CA SER A 702 60.25 -26.65 -29.51
C SER A 702 60.34 -25.68 -30.69
N THR A 703 59.48 -24.66 -30.67
CA THR A 703 59.42 -23.67 -31.75
C THR A 703 59.42 -22.27 -31.14
N THR A 704 60.39 -21.45 -31.53
CA THR A 704 60.52 -20.08 -31.06
C THR A 704 60.44 -19.11 -32.23
N VAL A 705 59.61 -18.08 -32.09
CA VAL A 705 59.35 -17.13 -33.17
C VAL A 705 59.51 -15.69 -32.68
N THR A 706 60.52 -14.99 -33.20
CA THR A 706 60.67 -13.56 -32.99
C THR A 706 60.19 -12.84 -34.24
N GLY A 707 59.16 -12.01 -34.11
CA GLY A 707 58.64 -11.27 -35.25
C GLY A 707 59.55 -10.12 -35.64
N PRO A 708 59.42 -9.63 -36.89
CA PRO A 708 60.21 -8.50 -37.35
C PRO A 708 59.70 -7.20 -36.72
N PRO A 709 60.43 -6.09 -36.93
CA PRO A 709 59.97 -4.79 -36.43
C PRO A 709 58.50 -4.54 -36.74
N ILE A 710 57.85 -3.70 -35.93
CA ILE A 710 56.40 -3.61 -35.94
C ILE A 710 55.89 -3.09 -37.30
N GLY A 711 54.98 -3.84 -37.91
CA GLY A 711 54.33 -3.42 -39.15
C GLY A 711 55.17 -3.53 -40.40
N THR A 712 56.25 -4.30 -40.34
CA THR A 712 57.13 -4.50 -41.50
C THR A 712 57.07 -5.93 -42.03
N LEU A 713 55.95 -6.60 -41.81
CA LEU A 713 55.79 -7.99 -42.24
C LEU A 713 55.72 -8.06 -43.76
N LYS A 714 56.64 -8.82 -44.35
CA LYS A 714 56.68 -9.02 -45.79
C LYS A 714 55.48 -9.88 -46.21
N ALA A 715 54.77 -9.49 -47.26
CA ALA A 715 53.63 -10.27 -47.76
C ALA A 715 54.15 -11.52 -48.48
N ILE A 716 53.30 -12.54 -48.59
CA ILE A 716 53.67 -13.78 -49.27
C ILE A 716 52.84 -13.95 -50.54
N PRO A 717 53.48 -13.95 -51.72
CA PRO A 717 52.71 -13.96 -52.98
C PRO A 717 51.71 -15.13 -53.07
N HIS A 718 52.15 -16.34 -52.73
CA HIS A 718 51.27 -17.51 -52.78
C HIS A 718 51.60 -18.52 -51.67
N VAL A 719 50.56 -19.06 -51.04
CA VAL A 719 50.72 -20.10 -50.02
C VAL A 719 49.61 -21.15 -50.15
N ASP A 720 50.01 -22.41 -50.31
CA ASP A 720 49.06 -23.52 -50.23
C ASP A 720 48.89 -23.86 -48.76
N MSE A 721 47.64 -23.91 -48.30
CA MSE A 721 47.36 -24.07 -46.87
C MSE A 721 46.34 -25.15 -46.62
O MSE A 721 45.64 -25.12 -45.59
CB MSE A 721 46.92 -22.71 -46.33
CG MSE A 721 47.90 -22.18 -45.28
SE MSE A 721 47.41 -20.37 -44.66
CE MSE A 721 49.12 -19.49 -45.06
N GLU A 722 46.23 -26.14 -47.50
CA GLU A 722 45.33 -27.27 -47.28
C GLU A 722 45.80 -28.19 -46.14
N PRO A 723 47.14 -28.31 -45.95
CA PRO A 723 47.60 -29.05 -44.76
C PRO A 723 47.30 -28.33 -43.44
N MSE A 724 47.20 -27.00 -43.51
CA MSE A 724 46.89 -26.17 -42.35
C MSE A 724 45.56 -25.50 -42.56
O MSE A 724 45.45 -24.28 -42.44
CB MSE A 724 47.95 -25.09 -42.24
CG MSE A 724 49.36 -25.62 -42.39
SE MSE A 724 50.43 -24.01 -42.66
CE MSE A 724 50.96 -24.20 -44.54
N THR A 725 44.56 -26.30 -42.89
CA THR A 725 43.25 -25.77 -43.27
C THR A 725 42.66 -24.81 -42.21
N ASP A 726 42.78 -25.15 -40.92
CA ASP A 726 42.17 -24.36 -39.85
C ASP A 726 42.99 -23.12 -39.43
N ALA A 727 44.21 -23.00 -39.94
CA ALA A 727 45.11 -21.90 -39.57
C ALA A 727 45.16 -20.78 -40.60
N PHE A 728 44.21 -20.75 -41.54
CA PHE A 728 44.20 -19.71 -42.57
C PHE A 728 43.70 -18.37 -42.02
N LEU A 729 42.92 -18.42 -40.95
CA LEU A 729 42.37 -17.20 -40.34
C LEU A 729 43.48 -16.46 -39.62
N THR A 730 44.35 -17.21 -38.95
CA THR A 730 45.53 -16.66 -38.28
C THR A 730 46.49 -16.04 -39.31
N ALA A 731 46.61 -16.67 -40.47
CA ALA A 731 47.44 -16.16 -41.55
C ALA A 731 46.85 -14.90 -42.19
N ALA A 732 45.52 -14.86 -42.29
CA ALA A 732 44.82 -13.75 -42.93
C ALA A 732 45.02 -12.42 -42.20
N VAL A 733 44.90 -12.41 -40.88
CA VAL A 733 45.10 -11.17 -40.11
C VAL A 733 46.53 -10.64 -40.17
N LEU A 734 47.51 -11.56 -40.28
CA LEU A 734 48.90 -11.16 -40.49
C LEU A 734 49.10 -10.54 -41.87
N ALA A 735 48.44 -11.13 -42.87
CA ALA A 735 48.49 -10.61 -44.25
C ALA A 735 47.87 -9.22 -44.37
N ALA A 736 46.86 -8.95 -43.54
CA ALA A 736 46.17 -7.65 -43.54
C ALA A 736 47.06 -6.50 -43.08
N VAL A 737 48.19 -6.82 -42.44
CA VAL A 737 49.11 -5.83 -41.93
C VAL A 737 50.49 -5.96 -42.61
N ALA A 738 50.51 -6.63 -43.75
CA ALA A 738 51.76 -6.94 -44.46
C ALA A 738 52.02 -5.97 -45.61
N ASP A 739 53.27 -5.93 -46.06
CA ASP A 739 53.68 -5.08 -47.19
C ASP A 739 53.44 -5.81 -48.52
N GLY A 740 52.24 -5.64 -49.06
CA GLY A 740 51.87 -6.23 -50.36
C GLY A 740 50.66 -7.14 -50.28
N THR A 741 50.28 -7.69 -51.43
CA THR A 741 49.10 -8.54 -51.56
C THR A 741 49.45 -10.01 -51.30
N THR A 742 48.73 -10.62 -50.35
CA THR A 742 48.93 -12.03 -50.00
C THR A 742 47.76 -12.87 -50.55
N GLN A 743 48.06 -14.11 -50.93
CA GLN A 743 47.07 -15.00 -51.53
C GLN A 743 47.15 -16.41 -50.92
N ILE A 744 46.10 -16.80 -50.21
CA ILE A 744 46.00 -18.12 -49.58
C ILE A 744 45.10 -19.00 -50.43
N THR A 745 45.50 -20.25 -50.63
CA THR A 745 44.72 -21.20 -51.44
C THR A 745 44.56 -22.55 -50.74
N GLY A 746 43.78 -23.45 -51.34
CA GLY A 746 43.61 -24.81 -50.85
C GLY A 746 42.69 -24.92 -49.64
N ILE A 747 41.74 -24.00 -49.52
CA ILE A 747 40.83 -23.96 -48.36
C ILE A 747 39.37 -23.87 -48.80
N ALA A 748 38.98 -24.77 -49.69
CA ALA A 748 37.58 -24.89 -50.13
C ALA A 748 36.70 -25.32 -48.96
N ASN A 749 37.22 -26.21 -48.13
CA ASN A 749 36.48 -26.79 -47.00
C ASN A 749 36.13 -25.81 -45.86
N GLN A 750 36.64 -24.58 -45.92
CA GLN A 750 36.34 -23.57 -44.89
C GLN A 750 34.99 -22.88 -45.05
N ARG A 751 34.29 -23.13 -46.15
CA ARG A 751 32.98 -22.50 -46.40
C ARG A 751 31.86 -23.14 -45.58
N VAL A 752 31.87 -24.47 -45.48
CA VAL A 752 30.85 -25.20 -44.74
C VAL A 752 31.42 -25.79 -43.43
N LYS A 753 32.46 -25.15 -42.88
CA LYS A 753 33.12 -25.64 -41.66
C LYS A 753 32.28 -25.36 -40.42
N GLU A 754 31.88 -24.10 -40.25
CA GLU A 754 30.90 -23.72 -39.23
C GLU A 754 30.02 -22.60 -39.79
N CYS A 755 30.64 -21.45 -40.02
CA CYS A 755 30.06 -20.38 -40.83
C CYS A 755 30.81 -20.40 -42.16
N ASN A 756 30.55 -19.42 -43.02
CA ASN A 756 31.34 -19.24 -44.23
C ASN A 756 32.63 -18.48 -43.88
N ARG A 757 33.57 -19.20 -43.28
CA ARG A 757 34.78 -18.58 -42.69
C ARG A 757 35.60 -17.75 -43.66
N ILE A 758 35.62 -18.16 -44.92
CA ILE A 758 36.40 -17.47 -45.94
C ILE A 758 35.74 -16.13 -46.28
N ALA A 759 34.41 -16.07 -46.19
CA ALA A 759 33.64 -14.84 -46.37
C ALA A 759 33.48 -14.08 -45.06
N ALA A 760 33.59 -14.77 -43.94
CA ALA A 760 33.61 -14.13 -42.62
C ALA A 760 34.80 -13.20 -42.51
N MSE A 761 35.98 -13.72 -42.86
CA MSE A 761 37.22 -12.94 -42.82
C MSE A 761 37.19 -11.82 -43.82
O MSE A 761 37.74 -10.75 -43.57
CB MSE A 761 38.42 -13.85 -43.07
CG MSE A 761 39.53 -13.56 -42.05
SE MSE A 761 38.95 -14.05 -40.23
CE MSE A 761 40.46 -13.23 -39.29
N LYS A 762 36.54 -12.06 -44.97
CA LYS A 762 36.33 -11.04 -45.99
C LYS A 762 35.77 -9.75 -45.37
N ASP A 763 34.53 -9.82 -44.89
CA ASP A 763 33.81 -8.61 -44.47
C ASP A 763 33.95 -8.26 -42.98
N GLN A 764 34.77 -9.00 -42.24
CA GLN A 764 35.16 -8.58 -40.89
C GLN A 764 36.43 -7.76 -40.95
N LEU A 765 37.37 -8.18 -41.79
CA LEU A 765 38.56 -7.39 -42.06
C LEU A 765 38.20 -6.11 -42.81
N ALA A 766 37.12 -6.15 -43.59
CA ALA A 766 36.60 -4.94 -44.25
C ALA A 766 36.40 -3.80 -43.25
N LYS A 767 36.01 -4.14 -42.02
CA LYS A 767 35.77 -3.14 -40.97
C LYS A 767 37.05 -2.44 -40.53
N PHE A 768 38.20 -3.07 -40.78
CA PHE A 768 39.51 -2.44 -40.62
C PHE A 768 39.95 -1.69 -41.87
N GLY A 769 39.11 -1.70 -42.91
CA GLY A 769 39.42 -1.02 -44.15
C GLY A 769 40.49 -1.75 -44.96
N VAL A 770 40.47 -3.07 -44.90
CA VAL A 770 41.38 -3.90 -45.69
C VAL A 770 40.56 -4.88 -46.53
N GLN A 771 40.55 -4.64 -47.83
CA GLN A 771 39.71 -5.41 -48.73
C GLN A 771 40.34 -6.76 -49.04
N CYS A 772 39.49 -7.79 -49.06
CA CYS A 772 39.90 -9.13 -49.47
C CYS A 772 39.09 -9.51 -50.71
N ASN A 773 39.52 -10.58 -51.37
CA ASN A 773 38.80 -11.13 -52.51
C ASN A 773 38.59 -12.63 -52.30
N GLU A 774 37.39 -13.11 -52.64
CA GLU A 774 37.02 -14.49 -52.42
C GLU A 774 37.33 -15.34 -53.66
N LEU A 775 38.40 -16.14 -53.57
CA LEU A 775 38.84 -16.98 -54.69
C LEU A 775 38.11 -18.32 -54.70
N GLU A 776 38.27 -19.05 -55.79
CA GLU A 776 37.57 -20.33 -56.00
C GLU A 776 37.71 -21.28 -54.81
N ASP A 777 38.93 -21.43 -54.30
CA ASP A 777 39.17 -22.17 -53.05
C ASP A 777 40.24 -21.47 -52.20
N GLY A 778 40.09 -20.16 -52.05
CA GLY A 778 41.07 -19.36 -51.31
C GLY A 778 40.64 -17.92 -51.07
N ILE A 779 41.56 -17.13 -50.52
CA ILE A 779 41.32 -15.73 -50.22
C ILE A 779 42.56 -14.88 -50.51
N GLU A 780 42.34 -13.76 -51.20
CA GLU A 780 43.39 -12.79 -51.50
C GLU A 780 43.18 -11.64 -50.53
N VAL A 781 44.26 -11.15 -49.92
CA VAL A 781 44.20 -10.08 -48.92
C VAL A 781 45.21 -8.96 -49.22
N ILE A 782 44.71 -7.77 -49.53
CA ILE A 782 45.57 -6.61 -49.80
C ILE A 782 45.95 -5.97 -48.48
N GLY A 783 47.24 -6.07 -48.12
CA GLY A 783 47.72 -5.57 -46.84
C GLY A 783 47.75 -4.06 -46.75
N LYS A 784 47.70 -3.55 -45.52
CA LYS A 784 47.79 -2.11 -45.23
C LYS A 784 48.79 -1.86 -44.12
N PRO A 785 49.53 -0.74 -44.19
CA PRO A 785 50.32 -0.31 -43.04
C PRO A 785 49.45 -0.19 -41.79
N TYR A 786 49.93 -0.75 -40.68
CA TYR A 786 49.11 -0.89 -39.48
C TYR A 786 48.63 0.44 -38.90
N GLN A 787 49.43 1.49 -39.03
CA GLN A 787 49.12 2.78 -38.42
C GLN A 787 47.89 3.48 -39.02
N GLU A 788 47.58 3.15 -40.27
CA GLU A 788 46.46 3.78 -40.99
C GLU A 788 45.31 2.79 -41.25
N LEU A 789 45.13 1.83 -40.35
CA LEU A 789 43.98 0.93 -40.41
C LEU A 789 42.72 1.70 -40.01
N ARG A 790 41.57 1.23 -40.49
CA ARG A 790 40.29 1.85 -40.14
C ARG A 790 39.88 1.41 -38.74
N ASN A 791 39.10 2.27 -38.08
CA ASN A 791 38.57 1.96 -36.76
C ASN A 791 37.29 1.14 -36.91
N PRO A 792 37.31 -0.14 -36.50
CA PRO A 792 36.11 -0.97 -36.67
C PRO A 792 35.06 -0.65 -35.62
N VAL A 793 34.51 0.56 -35.68
CA VAL A 793 33.46 1.00 -34.75
C VAL A 793 32.27 0.04 -34.78
N GLU A 794 32.04 -0.56 -35.94
CA GLU A 794 31.03 -1.62 -36.10
C GLU A 794 31.10 -2.66 -34.98
N GLY A 795 32.32 -3.01 -34.56
CA GLY A 795 32.56 -4.11 -33.65
C GLY A 795 32.73 -5.38 -34.47
N ILE A 796 33.54 -6.30 -33.96
CA ILE A 796 33.86 -7.52 -34.71
C ILE A 796 32.98 -8.70 -34.30
N TYR A 797 32.05 -9.04 -35.19
CA TYR A 797 31.18 -10.20 -35.02
C TYR A 797 31.98 -11.44 -35.36
N CYS A 798 31.87 -12.48 -34.53
CA CYS A 798 32.69 -13.68 -34.66
C CYS A 798 31.92 -14.88 -35.22
N TYR A 799 30.63 -14.71 -35.48
CA TYR A 799 29.77 -15.79 -35.98
C TYR A 799 29.75 -16.99 -35.03
N ASP A 800 30.00 -16.73 -33.74
CA ASP A 800 30.16 -17.75 -32.71
C ASP A 800 31.26 -18.75 -33.09
N ASP A 801 32.28 -18.28 -33.80
CA ASP A 801 33.36 -19.12 -34.29
C ASP A 801 34.64 -18.81 -33.53
N HIS A 802 35.00 -19.69 -32.60
CA HIS A 802 36.24 -19.58 -31.83
C HIS A 802 37.43 -19.09 -32.66
N ARG A 803 37.60 -19.62 -33.87
CA ARG A 803 38.74 -19.27 -34.72
C ARG A 803 38.72 -17.80 -35.15
N VAL A 804 37.54 -17.30 -35.48
CA VAL A 804 37.37 -15.92 -35.94
C VAL A 804 37.66 -14.92 -34.83
N ALA A 805 37.17 -15.22 -33.62
CA ALA A 805 37.40 -14.36 -32.47
C ALA A 805 38.88 -14.26 -32.13
N MSE A 806 39.56 -15.40 -32.12
CA MSE A 806 40.97 -15.46 -31.72
C MSE A 806 41.91 -14.91 -32.75
O MSE A 806 43.00 -14.42 -32.41
CB MSE A 806 41.35 -16.90 -31.39
CG MSE A 806 40.63 -17.38 -30.14
SE MSE A 806 41.48 -19.03 -29.48
CE MSE A 806 40.70 -20.27 -30.80
N SER A 807 41.54 -14.99 -34.03
CA SER A 807 42.38 -14.43 -35.10
C SER A 807 42.37 -12.89 -35.06
N HIS A 808 41.18 -12.30 -34.95
CA HIS A 808 41.05 -10.85 -34.81
C HIS A 808 41.58 -10.35 -33.47
N SER A 809 41.68 -11.25 -32.50
CA SER A 809 42.36 -10.97 -31.25
C SER A 809 43.81 -10.55 -31.49
N VAL A 810 44.48 -11.27 -32.40
CA VAL A 810 45.88 -10.99 -32.72
C VAL A 810 46.03 -9.62 -33.38
N LEU A 811 45.17 -9.36 -34.37
CA LEU A 811 45.22 -8.08 -35.08
C LEU A 811 45.03 -6.91 -34.12
N SER A 812 44.05 -7.02 -33.23
CA SER A 812 43.72 -5.93 -32.31
C SER A 812 44.82 -5.62 -31.28
N THR A 813 45.88 -6.43 -31.29
CA THR A 813 47.06 -6.16 -30.48
C THR A 813 47.82 -4.92 -30.95
N ILE A 814 47.88 -4.71 -32.27
CA ILE A 814 48.62 -3.58 -32.84
C ILE A 814 47.73 -2.49 -33.44
N SER A 815 46.41 -2.70 -33.45
CA SER A 815 45.48 -1.74 -34.04
C SER A 815 45.68 -0.34 -33.43
N PRO A 816 45.56 0.71 -34.27
CA PRO A 816 45.68 2.06 -33.74
C PRO A 816 44.47 2.48 -32.89
N HIS A 817 43.33 1.79 -33.07
CA HIS A 817 42.13 2.06 -32.28
C HIS A 817 41.74 0.81 -31.50
N PRO A 818 41.36 0.97 -30.21
CA PRO A 818 40.93 -0.17 -29.39
C PRO A 818 39.73 -0.92 -30.01
N VAL A 819 39.92 -2.21 -30.22
CA VAL A 819 38.95 -3.02 -30.95
C VAL A 819 38.01 -3.73 -30.00
N LEU A 820 36.72 -3.67 -30.30
CA LEU A 820 35.71 -4.42 -29.54
C LEU A 820 35.44 -5.74 -30.25
N ILE A 821 35.49 -6.83 -29.50
CA ILE A 821 35.19 -8.14 -30.04
C ILE A 821 33.92 -8.65 -29.36
N LEU A 822 32.84 -8.75 -30.12
CA LEU A 822 31.59 -9.33 -29.65
C LEU A 822 31.84 -10.82 -29.48
N GLU A 823 31.08 -11.47 -28.60
CA GLU A 823 31.24 -12.92 -28.37
C GLU A 823 32.65 -13.28 -27.88
N ARG A 824 32.95 -12.89 -26.63
CA ARG A 824 34.18 -13.27 -25.96
C ARG A 824 34.22 -14.76 -25.71
N GLU A 825 33.13 -15.29 -25.16
CA GLU A 825 33.06 -16.64 -24.62
C GLU A 825 33.08 -17.75 -25.65
N CYS A 826 33.03 -17.41 -26.94
CA CYS A 826 33.01 -18.41 -28.01
C CYS A 826 34.38 -19.09 -28.20
N THR A 827 35.44 -18.49 -27.67
CA THR A 827 36.75 -19.13 -27.67
C THR A 827 36.74 -20.44 -26.89
N ALA A 828 35.80 -20.58 -25.96
CA ALA A 828 35.64 -21.79 -25.14
C ALA A 828 35.73 -23.12 -25.89
N LYS A 829 35.31 -23.15 -27.15
CA LYS A 829 35.32 -24.41 -27.91
C LYS A 829 36.70 -25.06 -27.96
N THR A 830 37.75 -24.26 -28.16
CA THR A 830 39.12 -24.79 -28.19
C THR A 830 40.04 -24.22 -27.09
N TRP A 831 39.78 -23.01 -26.62
CA TRP A 831 40.66 -22.34 -25.65
C TRP A 831 39.91 -21.33 -24.76
N PRO A 832 39.25 -21.83 -23.71
CA PRO A 832 38.52 -20.91 -22.82
C PRO A 832 39.41 -19.83 -22.23
N GLY A 833 40.61 -20.21 -21.79
CA GLY A 833 41.52 -19.27 -21.14
C GLY A 833 42.46 -18.54 -22.08
N TRP A 834 42.03 -18.30 -23.32
CA TRP A 834 42.86 -17.57 -24.29
C TRP A 834 43.00 -16.12 -23.83
N TRP A 835 41.87 -15.52 -23.45
CA TRP A 835 41.86 -14.13 -22.98
C TRP A 835 42.70 -14.00 -21.72
N ASP A 836 42.68 -15.04 -20.87
CA ASP A 836 43.54 -15.09 -19.69
C ASP A 836 45.01 -14.99 -20.12
N ILE A 837 45.39 -15.84 -21.06
CA ILE A 837 46.79 -15.95 -21.49
C ILE A 837 47.25 -14.70 -22.23
N LEU A 838 46.34 -14.07 -22.95
CA LEU A 838 46.60 -12.80 -23.61
C LEU A 838 46.92 -11.73 -22.57
N SER A 839 46.18 -11.77 -21.46
CA SER A 839 46.38 -10.84 -20.36
C SER A 839 47.61 -11.18 -19.50
N GLN A 840 47.77 -12.45 -19.17
CA GLN A 840 48.82 -12.89 -18.25
C GLN A 840 50.22 -12.88 -18.87
N PHE A 841 50.36 -13.48 -20.04
CA PHE A 841 51.66 -13.64 -20.70
C PHE A 841 52.02 -12.45 -21.58
N PHE A 842 51.10 -12.06 -22.46
CA PHE A 842 51.32 -10.93 -23.36
C PHE A 842 51.02 -9.56 -22.74
N LYS A 843 50.53 -9.55 -21.49
CA LYS A 843 50.31 -8.31 -20.75
C LYS A 843 49.43 -7.33 -21.51
N VAL A 844 48.35 -7.85 -22.13
CA VAL A 844 47.39 -7.03 -22.85
C VAL A 844 46.24 -6.65 -21.92
N GLN A 845 45.97 -5.35 -21.82
CA GLN A 845 44.83 -4.87 -21.05
C GLN A 845 43.55 -5.23 -21.80
N LEU A 846 42.64 -5.93 -21.12
CA LEU A 846 41.34 -6.28 -21.68
C LEU A 846 40.26 -5.72 -20.78
N ASP A 847 39.14 -5.34 -21.38
CA ASP A 847 38.04 -4.77 -20.61
C ASP A 847 36.69 -5.33 -21.05
N GLY A 848 35.78 -5.46 -20.08
CA GLY A 848 34.45 -5.97 -20.35
C GLY A 848 33.52 -4.88 -20.81
N GLU A 849 32.74 -5.17 -21.85
CA GLU A 849 31.71 -4.27 -22.33
C GLU A 849 30.50 -5.06 -22.79
N GLU A 850 29.35 -4.40 -22.79
CA GLU A 850 28.11 -5.00 -23.29
C GLU A 850 28.18 -5.08 -24.81
N ASP A 851 27.36 -5.96 -25.38
CA ASP A 851 27.27 -6.10 -26.84
C ASP A 851 26.36 -5.00 -27.38
N PRO A 852 26.94 -4.03 -28.13
CA PRO A 852 26.12 -2.90 -28.57
C PRO A 852 25.15 -3.22 -29.72
N THR A 853 24.96 -4.51 -30.03
CA THR A 853 23.98 -4.95 -31.02
C THR A 853 23.12 -6.09 -30.48
N GLY A 866 10.46 -15.30 -36.05
CA GLY A 866 10.75 -16.07 -37.26
C GLY A 866 9.72 -15.85 -38.35
N THR A 867 9.70 -14.63 -38.90
CA THR A 867 8.79 -14.25 -39.99
C THR A 867 9.27 -14.78 -41.35
N ASP A 868 8.41 -14.66 -42.37
CA ASP A 868 8.75 -15.03 -43.75
C ASP A 868 9.06 -16.52 -43.90
N ARG A 869 8.17 -17.37 -43.37
CA ARG A 869 8.29 -18.82 -43.51
C ARG A 869 7.40 -19.31 -44.64
N SER A 870 7.83 -20.34 -45.35
CA SER A 870 7.07 -20.83 -46.49
C SER A 870 5.75 -21.45 -46.04
N ILE A 871 4.66 -21.01 -46.65
CA ILE A 871 3.31 -21.46 -46.28
C ILE A 871 2.91 -22.62 -47.18
N PHE A 872 2.46 -23.72 -46.59
CA PHE A 872 1.95 -24.85 -47.35
C PHE A 872 0.44 -24.91 -47.21
N ILE A 873 -0.26 -25.14 -48.32
CA ILE A 873 -1.71 -25.22 -48.31
C ILE A 873 -2.12 -26.64 -48.69
N VAL A 874 -2.98 -27.23 -47.88
CA VAL A 874 -3.42 -28.60 -48.09
C VAL A 874 -4.94 -28.66 -48.12
N GLY A 875 -5.45 -29.85 -48.42
CA GLY A 875 -6.88 -30.07 -48.59
C GLY A 875 -7.04 -30.82 -49.89
N MSE A 876 -8.14 -30.56 -50.58
CA MSE A 876 -8.39 -31.21 -51.86
C MSE A 876 -8.77 -30.20 -52.90
O MSE A 876 -9.19 -29.10 -52.58
CB MSE A 876 -9.50 -32.23 -51.69
CG MSE A 876 -8.88 -33.44 -51.01
SE MSE A 876 -10.21 -34.81 -50.66
CE MSE A 876 -10.82 -35.17 -52.51
N ARG A 877 -8.60 -30.59 -54.16
CA ARG A 877 -8.97 -29.70 -55.27
C ARG A 877 -10.47 -29.45 -55.22
N GLY A 878 -10.87 -28.24 -55.62
CA GLY A 878 -12.28 -27.79 -55.56
C GLY A 878 -12.69 -27.11 -54.26
N ALA A 879 -11.85 -27.23 -53.24
CA ALA A 879 -12.18 -26.73 -51.89
C ALA A 879 -12.06 -25.21 -51.71
N GLY A 880 -11.57 -24.51 -52.73
CA GLY A 880 -11.15 -23.11 -52.57
C GLY A 880 -9.66 -22.99 -52.26
N LYS A 881 -8.92 -24.07 -52.47
CA LYS A 881 -7.50 -24.13 -52.16
C LYS A 881 -6.68 -23.12 -52.96
N SER A 882 -6.92 -23.07 -54.28
CA SER A 882 -6.18 -22.19 -55.17
C SER A 882 -6.50 -20.72 -54.91
N THR A 883 -7.78 -20.43 -54.71
CA THR A 883 -8.24 -19.06 -54.42
C THR A 883 -7.60 -18.53 -53.14
N ALA A 884 -7.55 -19.38 -52.11
CA ALA A 884 -6.87 -19.01 -50.87
C ALA A 884 -5.38 -18.79 -51.12
N GLY A 885 -4.77 -19.65 -51.92
CA GLY A 885 -3.38 -19.49 -52.33
C GLY A 885 -3.16 -18.17 -53.06
N ARG A 886 -3.97 -17.94 -54.08
CA ARG A 886 -3.90 -16.71 -54.87
C ARG A 886 -4.02 -15.49 -53.96
N TRP A 887 -5.04 -15.48 -53.10
CA TRP A 887 -5.24 -14.37 -52.16
C TRP A 887 -4.00 -14.11 -51.33
N MSE A 888 -3.39 -15.18 -50.81
CA MSE A 888 -2.20 -15.05 -49.97
C MSE A 888 -1.05 -14.46 -50.75
O MSE A 888 -0.34 -13.60 -50.24
CB MSE A 888 -1.81 -16.40 -49.36
CG MSE A 888 -2.65 -16.71 -48.13
SE MSE A 888 -2.04 -18.30 -47.13
CE MSE A 888 -1.18 -19.23 -48.64
N SER A 889 -0.87 -14.91 -51.99
CA SER A 889 0.21 -14.40 -52.85
C SER A 889 0.08 -12.89 -53.04
N GLU A 890 -1.15 -12.43 -53.31
CA GLU A 890 -1.42 -11.01 -53.48
C GLU A 890 -1.23 -10.24 -52.16
N LEU A 891 -1.67 -10.84 -51.05
CA LEU A 891 -1.60 -10.20 -49.74
C LEU A 891 -0.19 -10.05 -49.19
N LEU A 892 0.63 -11.09 -49.36
CA LEU A 892 2.00 -11.10 -48.81
C LEU A 892 3.07 -10.72 -49.83
N LYS A 893 2.66 -10.35 -51.05
CA LYS A 893 3.60 -10.04 -52.13
C LYS A 893 4.64 -11.16 -52.29
N ARG A 894 4.14 -12.39 -52.37
CA ARG A 894 4.98 -13.59 -52.48
C ARG A 894 4.47 -14.51 -53.59
N PRO A 895 5.36 -15.37 -54.14
CA PRO A 895 5.00 -16.19 -55.29
C PRO A 895 4.25 -17.47 -54.94
N LEU A 896 3.09 -17.67 -55.56
CA LEU A 896 2.34 -18.92 -55.45
C LEU A 896 2.99 -19.96 -56.38
N VAL A 897 3.07 -21.20 -55.90
CA VAL A 897 3.63 -22.29 -56.70
C VAL A 897 2.76 -23.54 -56.55
N ASP A 898 2.09 -23.91 -57.64
CA ASP A 898 1.31 -25.15 -57.66
C ASP A 898 2.30 -26.30 -57.71
N LEU A 899 2.25 -27.16 -56.70
CA LEU A 899 3.18 -28.28 -56.56
C LEU A 899 2.86 -29.40 -57.54
N ASP A 900 1.65 -29.41 -58.08
CA ASP A 900 1.29 -30.29 -59.20
C ASP A 900 1.94 -29.79 -60.50
N ALA A 901 1.82 -28.48 -60.75
CA ALA A 901 2.43 -27.87 -61.94
C ALA A 901 3.96 -27.96 -61.93
N GLU A 902 4.56 -27.79 -60.76
CA GLU A 902 6.01 -27.96 -60.61
C GLU A 902 6.44 -29.41 -60.81
N LEU A 903 5.62 -30.35 -60.35
CA LEU A 903 5.89 -31.77 -60.55
C LEU A 903 5.85 -32.11 -62.03
N GLU A 904 4.94 -31.49 -62.77
CA GLU A 904 4.83 -31.69 -64.21
C GLU A 904 6.01 -31.09 -64.96
N ARG A 905 6.38 -29.85 -64.62
CA ARG A 905 7.52 -29.18 -65.26
C ARG A 905 8.85 -29.84 -64.90
N ARG A 906 9.02 -30.23 -63.63
CA ARG A 906 10.24 -30.88 -63.18
C ARG A 906 10.44 -32.24 -63.86
N GLU A 907 9.37 -33.02 -63.95
CA GLU A 907 9.41 -34.32 -64.62
C GLU A 907 9.45 -34.19 -66.15
N GLY A 908 8.77 -33.17 -66.68
CA GLY A 908 8.64 -32.99 -68.13
C GLY A 908 7.29 -33.46 -68.64
N MSE A 909 6.93 -34.68 -68.25
CA MSE A 909 5.62 -35.26 -68.56
C MSE A 909 4.58 -34.80 -67.56
O MSE A 909 4.92 -34.34 -66.47
CB MSE A 909 5.72 -36.79 -68.61
CG MSE A 909 6.11 -37.42 -67.28
SE MSE A 909 6.48 -39.35 -67.42
CE MSE A 909 7.91 -39.34 -68.76
N THR A 910 3.31 -34.95 -67.92
CA THR A 910 2.19 -34.48 -67.09
C THR A 910 1.78 -35.51 -66.03
N ILE A 911 0.92 -35.10 -65.10
CA ILE A 911 0.46 -35.95 -63.99
C ILE A 911 -0.42 -37.10 -64.47
N PRO A 912 -1.46 -36.81 -65.28
CA PRO A 912 -2.27 -37.91 -65.81
C PRO A 912 -1.45 -38.91 -66.63
N GLU A 913 -0.42 -38.43 -67.32
CA GLU A 913 0.48 -39.28 -68.12
C GLU A 913 1.31 -40.23 -67.25
N ILE A 914 1.68 -39.77 -66.06
CA ILE A 914 2.39 -40.61 -65.09
C ILE A 914 1.51 -41.76 -64.59
N ILE A 915 0.21 -41.51 -64.44
CA ILE A 915 -0.74 -42.51 -63.95
C ILE A 915 -0.90 -43.69 -64.91
N ARG A 916 -0.67 -43.46 -66.20
CA ARG A 916 -0.91 -44.49 -67.23
C ARG A 916 0.26 -45.47 -67.36
N GLY A 917 1.48 -44.95 -67.38
CA GLY A 917 2.68 -45.78 -67.60
C GLY A 917 3.05 -46.68 -66.43
N GLU A 918 4.20 -47.34 -66.55
CA GLU A 918 4.69 -48.26 -65.51
C GLU A 918 4.70 -47.64 -64.11
N ARG A 919 4.87 -46.33 -64.06
CA ARG A 919 4.78 -45.56 -62.80
C ARG A 919 3.52 -45.86 -62.00
N GLY A 920 2.36 -45.51 -62.58
CA GLY A 920 1.06 -45.72 -61.92
C GLY A 920 0.85 -44.79 -60.74
N TRP A 921 0.15 -45.28 -59.72
CA TRP A 921 0.00 -44.57 -58.45
C TRP A 921 1.16 -44.87 -57.51
N GLU A 922 1.84 -45.99 -57.74
CA GLU A 922 3.01 -46.40 -56.94
C GLU A 922 4.12 -45.34 -56.99
N GLY A 923 4.65 -45.10 -58.20
CA GLY A 923 5.75 -44.17 -58.41
C GLY A 923 5.35 -42.71 -58.27
N PHE A 924 4.11 -42.39 -58.65
CA PHE A 924 3.59 -41.02 -58.57
C PHE A 924 3.65 -40.45 -57.15
N ARG A 925 3.26 -41.25 -56.17
CA ARG A 925 3.27 -40.81 -54.77
C ARG A 925 4.68 -40.56 -54.24
N GLN A 926 5.66 -41.32 -54.73
CA GLN A 926 7.06 -41.07 -54.37
C GLN A 926 7.68 -39.94 -55.20
N ALA A 927 7.07 -39.62 -56.33
CA ALA A 927 7.44 -38.42 -57.09
C ALA A 927 7.04 -37.15 -56.34
N GLU A 928 5.88 -37.19 -55.68
CA GLU A 928 5.44 -36.11 -54.79
C GLU A 928 6.35 -36.00 -53.57
N LEU A 929 6.59 -37.12 -52.91
CA LEU A 929 7.38 -37.17 -51.67
C LEU A 929 8.78 -36.56 -51.86
N GLU A 930 9.41 -36.84 -52.99
CA GLU A 930 10.76 -36.35 -53.27
C GLU A 930 10.78 -34.85 -53.57
N LEU A 931 9.74 -34.35 -54.24
CA LEU A 931 9.62 -32.91 -54.51
C LEU A 931 9.32 -32.15 -53.22
N LEU A 932 8.39 -32.66 -52.43
CA LEU A 932 8.06 -32.08 -51.13
C LEU A 932 9.28 -32.06 -50.22
N GLN A 933 10.00 -33.17 -50.18
CA GLN A 933 11.28 -33.27 -49.47
C GLN A 933 12.22 -32.14 -49.88
N ASP A 934 12.42 -31.99 -51.20
CA ASP A 934 13.34 -31.02 -51.75
C ASP A 934 12.88 -29.57 -51.53
N VAL A 935 11.58 -29.34 -51.68
CA VAL A 935 11.00 -28.01 -51.49
C VAL A 935 11.12 -27.54 -50.04
N ILE A 936 10.87 -28.43 -49.08
CA ILE A 936 10.90 -28.08 -47.67
C ILE A 936 12.29 -27.60 -47.23
N LYS A 937 13.34 -28.23 -47.72
CA LYS A 937 14.71 -27.84 -47.34
C LYS A 937 15.24 -26.65 -48.18
N ASN A 938 15.08 -26.71 -49.50
CA ASN A 938 15.63 -25.69 -50.39
C ASN A 938 14.79 -24.41 -50.42
N GLN A 939 13.52 -24.55 -50.78
CA GLN A 939 12.58 -23.41 -50.77
C GLN A 939 11.88 -23.30 -49.41
N SER A 940 12.70 -23.12 -48.37
CA SER A 940 12.24 -23.21 -46.98
C SER A 940 11.51 -21.96 -46.50
N LYS A 941 11.93 -20.79 -46.99
CA LYS A 941 11.31 -19.51 -46.62
C LYS A 941 10.99 -18.70 -47.87
N GLY A 942 9.92 -17.91 -47.79
CA GLY A 942 9.58 -16.93 -48.84
C GLY A 942 8.68 -17.39 -49.97
N TYR A 943 8.05 -18.57 -49.82
CA TYR A 943 7.16 -19.12 -50.84
C TYR A 943 5.81 -19.45 -50.23
N ILE A 944 4.81 -19.67 -51.09
CA ILE A 944 3.56 -20.32 -50.69
C ILE A 944 3.21 -21.42 -51.68
N PHE A 945 2.95 -22.62 -51.17
CA PHE A 945 2.81 -23.82 -51.99
C PHE A 945 1.41 -24.41 -51.90
N SER A 946 0.83 -24.72 -53.06
CA SER A 946 -0.40 -25.52 -53.14
C SER A 946 -0.02 -26.97 -53.32
N CYS A 947 -0.25 -27.78 -52.30
CA CYS A 947 0.08 -29.20 -52.34
C CYS A 947 -0.98 -29.96 -53.13
N GLY A 948 -0.64 -31.19 -53.49
CA GLY A 948 -1.57 -32.07 -54.18
C GLY A 948 -2.78 -32.41 -53.32
N GLY A 949 -3.84 -32.88 -53.97
CA GLY A 949 -5.06 -33.27 -53.26
C GLY A 949 -4.88 -34.50 -52.40
N GLY A 950 -3.99 -35.40 -52.81
CA GLY A 950 -3.77 -36.67 -52.12
C GLY A 950 -2.40 -36.82 -51.46
N ILE A 951 -1.65 -35.72 -51.37
CA ILE A 951 -0.36 -35.72 -50.68
C ILE A 951 -0.45 -36.39 -49.32
N VAL A 952 -1.59 -36.22 -48.66
CA VAL A 952 -1.78 -36.62 -47.27
C VAL A 952 -1.86 -38.14 -47.04
N GLU A 953 -2.09 -38.94 -48.09
CA GLU A 953 -2.19 -40.40 -47.91
C GLU A 953 -0.91 -41.18 -48.22
N THR A 954 0.20 -40.46 -48.36
CA THR A 954 1.53 -41.07 -48.34
C THR A 954 2.05 -40.91 -46.90
N GLU A 955 2.29 -42.03 -46.20
CA GLU A 955 2.64 -41.98 -44.77
C GLU A 955 3.87 -41.13 -44.49
N ALA A 956 4.89 -41.24 -45.32
CA ALA A 956 6.13 -40.48 -45.14
C ALA A 956 5.93 -38.97 -45.38
N ALA A 957 4.98 -38.62 -46.25
CA ALA A 957 4.66 -37.21 -46.52
C ALA A 957 3.98 -36.55 -45.32
N ARG A 958 3.12 -37.30 -44.64
CA ARG A 958 2.48 -36.82 -43.40
C ARG A 958 3.53 -36.48 -42.34
N LYS A 959 4.56 -37.31 -42.23
CA LYS A 959 5.63 -37.10 -41.26
C LYS A 959 6.35 -35.78 -41.52
N LEU A 960 6.55 -35.46 -42.79
CA LEU A 960 7.20 -34.21 -43.20
C LEU A 960 6.35 -32.98 -42.88
N LEU A 961 5.07 -33.05 -43.22
CA LEU A 961 4.13 -31.96 -42.90
C LEU A 961 3.99 -31.76 -41.39
N ILE A 962 3.77 -32.85 -40.66
CA ILE A 962 3.66 -32.82 -39.21
C ILE A 962 4.95 -32.26 -38.59
N ASP A 963 6.09 -32.74 -39.06
CA ASP A 963 7.40 -32.26 -38.59
C ASP A 963 7.60 -30.77 -38.90
N TYR A 964 7.04 -30.30 -40.02
CA TYR A 964 7.15 -28.91 -40.41
C TYR A 964 6.32 -28.00 -39.50
N HIS A 965 5.06 -28.34 -39.28
CA HIS A 965 4.17 -27.48 -38.50
C HIS A 965 4.34 -27.61 -36.98
N LYS A 966 5.00 -28.67 -36.52
CA LYS A 966 5.32 -28.80 -35.10
C LYS A 966 6.41 -27.81 -34.68
N ASN A 967 7.31 -27.48 -35.61
CA ASN A 967 8.35 -26.44 -35.34
C ASN A 967 8.18 -25.21 -36.24
N GLY A 968 7.06 -24.53 -36.08
CA GLY A 968 6.82 -23.23 -36.70
C GLY A 968 5.85 -23.24 -37.87
N GLY A 969 5.93 -24.26 -38.71
CA GLY A 969 5.00 -24.40 -39.84
C GLY A 969 5.16 -23.30 -40.87
N PRO A 970 4.05 -22.77 -41.41
CA PRO A 970 2.65 -23.16 -41.21
C PRO A 970 2.07 -23.95 -42.39
N VAL A 971 1.01 -24.70 -42.10
CA VAL A 971 0.36 -25.57 -43.06
C VAL A 971 -1.15 -25.36 -42.98
N LEU A 972 -1.72 -24.71 -43.99
CA LEU A 972 -3.12 -24.30 -43.98
C LEU A 972 -4.04 -25.30 -44.65
N LEU A 973 -5.13 -25.66 -43.98
CA LEU A 973 -6.15 -26.52 -44.55
C LEU A 973 -7.31 -25.69 -45.08
N VAL A 974 -7.73 -25.98 -46.32
CA VAL A 974 -8.92 -25.35 -46.89
C VAL A 974 -9.93 -26.44 -47.23
N HIS A 975 -11.11 -26.33 -46.62
CA HIS A 975 -12.16 -27.32 -46.74
C HIS A 975 -13.51 -26.59 -46.84
N ARG A 976 -14.09 -26.60 -48.04
CA ARG A 976 -15.45 -26.10 -48.24
C ARG A 976 -16.40 -27.21 -47.80
N ASP A 977 -17.70 -26.99 -47.96
CA ASP A 977 -18.70 -28.03 -47.67
C ASP A 977 -18.35 -29.35 -48.35
N THR A 978 -18.64 -30.45 -47.66
CA THR A 978 -18.32 -31.79 -48.15
C THR A 978 -19.20 -32.21 -49.34
N ASP A 979 -20.32 -31.50 -49.54
CA ASP A 979 -21.20 -31.70 -50.70
C ASP A 979 -20.70 -30.94 -51.94
N GLN A 980 -20.27 -29.69 -51.74
CA GLN A 980 -19.84 -28.81 -52.83
C GLN A 980 -18.45 -29.19 -53.38
N VAL A 981 -17.56 -29.62 -52.48
CA VAL A 981 -16.25 -30.14 -52.89
C VAL A 981 -16.41 -31.42 -53.71
N VAL A 982 -17.39 -32.23 -53.36
CA VAL A 982 -17.71 -33.47 -54.09
C VAL A 982 -18.20 -33.18 -55.52
N GLU A 983 -19.14 -32.25 -55.66
CA GLU A 983 -19.73 -31.95 -56.98
C GLU A 983 -18.79 -31.22 -57.95
N TYR A 984 -17.72 -30.63 -57.42
CA TYR A 984 -16.66 -30.05 -58.27
C TYR A 984 -15.83 -31.16 -58.92
N LEU A 985 -15.60 -32.24 -58.18
CA LEU A 985 -14.81 -33.38 -58.64
C LEU A 985 -15.65 -34.39 -59.43
N MSE A 986 -16.95 -34.49 -59.09
CA MSE A 986 -17.90 -35.32 -59.87
C MSE A 986 -18.13 -34.68 -61.21
O MSE A 986 -18.28 -35.39 -62.21
CB MSE A 986 -19.25 -35.47 -59.17
CG MSE A 986 -19.18 -36.23 -57.86
SE MSE A 986 -19.65 -38.13 -58.09
CE MSE A 986 -21.59 -37.95 -57.82
N ARG A 987 -18.16 -33.35 -61.26
CA ARG A 987 -18.28 -32.61 -62.53
C ARG A 987 -16.91 -32.48 -63.20
N ASP A 988 -16.33 -33.62 -63.59
CA ASP A 988 -15.00 -33.67 -64.20
C ASP A 988 -14.85 -35.00 -64.94
N LYS A 989 -15.06 -34.97 -66.26
CA LYS A 989 -15.12 -36.19 -67.08
C LYS A 989 -13.87 -37.07 -67.03
N THR A 990 -12.73 -36.47 -66.66
CA THR A 990 -11.50 -37.24 -66.37
C THR A 990 -11.63 -37.96 -65.03
N ARG A 991 -12.16 -39.18 -65.09
CA ARG A 991 -12.30 -40.03 -63.91
C ARG A 991 -12.59 -41.46 -64.37
N PRO A 992 -11.64 -42.39 -64.16
CA PRO A 992 -11.84 -43.79 -64.56
C PRO A 992 -13.09 -44.42 -63.97
N ALA A 993 -13.73 -45.32 -64.72
CA ALA A 993 -14.84 -46.11 -64.19
C ALA A 993 -14.33 -47.04 -63.09
N TYR A 994 -15.18 -47.31 -62.12
CA TYR A 994 -14.85 -48.18 -60.97
C TYR A 994 -13.73 -47.64 -60.06
N SER A 995 -13.38 -46.36 -60.18
CA SER A 995 -12.37 -45.77 -59.30
C SER A 995 -13.02 -45.35 -57.99
N GLU A 996 -12.19 -45.00 -57.00
CA GLU A 996 -12.69 -44.68 -55.66
C GLU A 996 -13.79 -43.61 -55.71
N ASN A 997 -14.82 -43.80 -54.90
CA ASN A 997 -15.85 -42.78 -54.70
C ASN A 997 -15.24 -41.63 -53.90
N ILE A 998 -15.68 -40.40 -54.19
CA ILE A 998 -15.10 -39.20 -53.56
C ILE A 998 -15.49 -39.08 -52.08
N ARG A 999 -16.66 -39.59 -51.72
CA ARG A 999 -17.11 -39.62 -50.33
C ARG A 999 -16.15 -40.39 -49.43
N GLU A 1000 -15.77 -41.59 -49.87
CA GLU A 1000 -14.91 -42.47 -49.08
C GLU A 1000 -13.47 -41.97 -48.99
N VAL A 1001 -13.02 -41.25 -50.02
CA VAL A 1001 -11.69 -40.65 -50.03
C VAL A 1001 -11.63 -39.49 -49.03
N TYR A 1002 -12.58 -38.57 -49.13
CA TYR A 1002 -12.65 -37.40 -48.26
C TYR A 1002 -12.76 -37.80 -46.78
N GLU A 1003 -13.58 -38.82 -46.51
CA GLU A 1003 -13.82 -39.27 -45.14
C GLU A 1003 -12.60 -39.99 -44.53
N ARG A 1004 -11.85 -40.69 -45.38
CA ARG A 1004 -10.63 -41.37 -44.94
C ARG A 1004 -9.48 -40.38 -44.78
N ARG A 1005 -9.48 -39.33 -45.60
CA ARG A 1005 -8.43 -38.30 -45.58
C ARG A 1005 -8.64 -37.24 -44.49
N LYS A 1006 -9.88 -37.02 -44.07
CA LYS A 1006 -10.20 -35.92 -43.15
C LYS A 1006 -9.30 -35.89 -41.90
N PRO A 1007 -9.16 -37.04 -41.20
CA PRO A 1007 -8.32 -37.03 -39.99
C PRO A 1007 -6.85 -36.74 -40.28
N TRP A 1008 -6.37 -37.15 -41.45
CA TRP A 1008 -4.99 -36.89 -41.84
C TRP A 1008 -4.74 -35.41 -42.16
N PHE A 1009 -5.73 -34.75 -42.77
CA PHE A 1009 -5.61 -33.33 -43.04
C PHE A 1009 -5.48 -32.53 -41.74
N TYR A 1010 -6.35 -32.81 -40.78
CA TYR A 1010 -6.28 -32.15 -39.47
C TYR A 1010 -4.91 -32.39 -38.83
N GLU A 1011 -4.53 -33.66 -38.69
CA GLU A 1011 -3.21 -34.02 -38.14
C GLU A 1011 -2.07 -33.24 -38.78
N CYS A 1012 -2.10 -33.16 -40.12
CA CYS A 1012 -1.02 -32.53 -40.88
C CYS A 1012 -1.16 -31.02 -41.01
N SER A 1013 -2.19 -30.44 -40.41
CA SER A 1013 -2.48 -29.02 -40.54
C SER A 1013 -2.17 -28.25 -39.26
N ASN A 1014 -1.63 -27.05 -39.48
CA ASN A 1014 -1.37 -26.08 -38.43
C ASN A 1014 -2.54 -25.12 -38.32
N LEU A 1015 -3.04 -24.68 -39.47
CA LEU A 1015 -4.04 -23.63 -39.56
C LEU A 1015 -5.26 -24.07 -40.35
N GLN A 1016 -6.34 -23.30 -40.20
CA GLN A 1016 -7.64 -23.65 -40.73
C GLN A 1016 -8.34 -22.37 -41.15
N TYR A 1017 -8.96 -22.38 -42.34
CA TYR A 1017 -9.78 -21.27 -42.74
C TYR A 1017 -10.91 -21.67 -43.67
N HIS A 1018 -12.12 -21.35 -43.22
CA HIS A 1018 -13.34 -21.47 -44.02
C HIS A 1018 -14.08 -20.12 -44.02
N SER A 1019 -14.63 -19.78 -45.18
CA SER A 1019 -15.30 -18.51 -45.40
C SER A 1019 -16.57 -18.45 -44.56
N PRO A 1020 -16.73 -17.40 -43.72
CA PRO A 1020 -17.88 -17.33 -42.83
C PRO A 1020 -19.22 -17.09 -43.57
N HIS A 1021 -19.13 -16.54 -44.78
CA HIS A 1021 -20.31 -16.33 -45.66
C HIS A 1021 -20.03 -16.94 -47.04
N GLU A 1022 -20.10 -18.27 -47.12
CA GLU A 1022 -19.79 -19.00 -48.34
C GLU A 1022 -20.84 -18.72 -49.42
N ASP A 1023 -20.46 -17.90 -50.40
CA ASP A 1023 -21.36 -17.52 -51.49
C ASP A 1023 -21.29 -18.50 -52.66
N GLY A 1024 -20.09 -19.01 -52.94
CA GLY A 1024 -19.84 -19.83 -54.13
C GLY A 1024 -18.98 -19.09 -55.13
N SER A 1025 -19.12 -17.77 -55.16
CA SER A 1025 -18.34 -16.90 -56.03
C SER A 1025 -17.12 -16.32 -55.31
N GLU A 1026 -16.31 -17.21 -54.72
CA GLU A 1026 -15.11 -16.78 -53.99
C GLU A 1026 -13.97 -16.47 -54.97
N ALA A 1027 -13.81 -17.33 -55.98
CA ALA A 1027 -12.71 -17.21 -56.95
C ALA A 1027 -12.65 -15.89 -57.72
N LEU A 1028 -13.83 -15.33 -58.04
CA LEU A 1028 -13.91 -14.08 -58.80
C LEU A 1028 -13.63 -12.83 -57.93
N LEU A 1029 -13.70 -12.97 -56.61
CA LEU A 1029 -13.43 -11.86 -55.70
C LEU A 1029 -11.93 -11.61 -55.52
N GLN A 1030 -11.61 -10.52 -54.83
CA GLN A 1030 -10.25 -10.20 -54.41
C GLN A 1030 -10.21 -10.24 -52.88
N PRO A 1031 -9.03 -10.55 -52.29
CA PRO A 1031 -8.94 -10.95 -50.87
C PRO A 1031 -9.79 -10.11 -49.91
N PRO A 1032 -10.78 -10.73 -49.21
CA PRO A 1032 -11.63 -9.97 -48.29
C PRO A 1032 -10.89 -9.55 -47.02
N ALA A 1033 -11.41 -8.54 -46.32
CA ALA A 1033 -10.80 -8.07 -45.08
C ALA A 1033 -10.77 -9.17 -44.03
N ASP A 1034 -11.83 -9.97 -44.03
CA ASP A 1034 -11.92 -11.17 -43.20
C ASP A 1034 -10.64 -12.02 -43.31
N PHE A 1035 -10.33 -12.47 -44.51
CA PHE A 1035 -9.17 -13.35 -44.75
C PHE A 1035 -7.83 -12.61 -44.58
N ALA A 1036 -7.82 -11.31 -44.88
CA ALA A 1036 -6.58 -10.53 -44.78
C ALA A 1036 -6.13 -10.42 -43.34
N ARG A 1037 -7.07 -10.16 -42.43
CA ARG A 1037 -6.80 -10.12 -40.99
C ARG A 1037 -6.23 -11.46 -40.51
N PHE A 1038 -6.81 -12.55 -41.03
CA PHE A 1038 -6.32 -13.90 -40.73
C PHE A 1038 -4.88 -14.09 -41.21
N VAL A 1039 -4.63 -13.77 -42.48
CA VAL A 1039 -3.30 -13.95 -43.07
C VAL A 1039 -2.26 -13.11 -42.35
N LYS A 1040 -2.64 -11.89 -41.99
CA LYS A 1040 -1.73 -10.95 -41.37
C LYS A 1040 -1.13 -11.55 -40.11
N LEU A 1041 -1.96 -12.26 -39.34
CA LEU A 1041 -1.50 -12.86 -38.09
C LEU A 1041 -0.59 -14.07 -38.26
N ILE A 1042 -1.05 -15.03 -39.06
CA ILE A 1042 -0.33 -16.29 -39.25
C ILE A 1042 1.02 -16.14 -39.96
N ALA A 1043 1.17 -15.06 -40.73
CA ALA A 1043 2.42 -14.74 -41.39
C ALA A 1043 3.37 -13.91 -40.52
N GLY A 1044 2.98 -13.68 -39.27
CA GLY A 1044 3.79 -12.96 -38.31
C GLY A 1044 3.84 -11.46 -38.49
N GLN A 1045 2.91 -10.91 -39.27
CA GLN A 1045 2.92 -9.47 -39.56
C GLN A 1045 1.99 -8.68 -38.65
N SER A 1046 1.30 -9.36 -37.74
CA SER A 1046 0.39 -8.69 -36.83
C SER A 1046 1.18 -7.92 -35.79
N THR A 1047 0.72 -6.71 -35.50
CA THR A 1047 1.31 -5.86 -34.50
C THR A 1047 0.28 -5.61 -33.41
N HIS A 1048 -0.65 -6.55 -33.22
CA HIS A 1048 -1.79 -6.35 -32.32
C HIS A 1048 -1.36 -6.07 -30.90
N LEU A 1049 -0.29 -6.71 -30.44
CA LEU A 1049 0.17 -6.56 -29.08
C LEU A 1049 0.95 -5.28 -28.88
N GLU A 1050 1.88 -4.98 -29.79
CA GLU A 1050 2.68 -3.74 -29.71
C GLU A 1050 1.79 -2.52 -29.68
N ASP A 1051 0.78 -2.52 -30.55
CA ASP A 1051 -0.16 -1.40 -30.68
C ASP A 1051 -0.95 -1.16 -29.40
N VAL A 1052 -1.47 -2.25 -28.84
CA VAL A 1052 -2.24 -2.20 -27.60
C VAL A 1052 -1.38 -1.73 -26.45
N ARG A 1053 -0.14 -2.21 -26.42
CA ARG A 1053 0.78 -1.92 -25.32
C ARG A 1053 1.37 -0.50 -25.42
N ALA A 1054 1.39 0.05 -26.62
CA ALA A 1054 1.85 1.43 -26.82
C ALA A 1054 0.79 2.45 -26.42
N LYS A 1055 -0.42 1.97 -26.12
CA LYS A 1055 -1.54 2.84 -25.77
C LYS A 1055 -1.66 2.87 -24.25
N LYS A 1056 -1.90 4.05 -23.70
CA LYS A 1056 -1.96 4.19 -22.25
C LYS A 1056 -3.11 3.40 -21.63
N HIS A 1057 -4.25 3.38 -22.30
CA HIS A 1057 -5.40 2.58 -21.89
C HIS A 1057 -5.91 1.73 -23.04
N SER A 1058 -6.20 0.47 -22.74
CA SER A 1058 -6.71 -0.45 -23.74
C SER A 1058 -7.71 -1.40 -23.10
N PHE A 1059 -8.60 -1.94 -23.93
CA PHE A 1059 -9.73 -2.75 -23.45
C PHE A 1059 -10.04 -3.84 -24.43
N PHE A 1060 -10.65 -4.92 -23.94
CA PHE A 1060 -11.32 -5.88 -24.82
C PHE A 1060 -12.67 -6.25 -24.24
N VAL A 1061 -13.68 -6.34 -25.10
CA VAL A 1061 -15.05 -6.54 -24.66
C VAL A 1061 -15.42 -8.02 -24.61
N SER A 1062 -15.97 -8.45 -23.47
CA SER A 1062 -16.28 -9.85 -23.25
C SER A 1062 -17.70 -10.19 -23.69
N LEU A 1063 -17.82 -10.95 -24.78
CA LEU A 1063 -19.11 -11.39 -25.28
C LEU A 1063 -19.70 -12.45 -24.37
N THR A 1064 -20.97 -12.30 -24.04
CA THR A 1064 -21.70 -13.27 -23.22
C THR A 1064 -22.79 -13.96 -24.04
N VAL A 1065 -22.69 -13.84 -25.37
CA VAL A 1065 -23.77 -14.25 -26.26
C VAL A 1065 -23.63 -15.75 -26.62
N PRO A 1066 -24.77 -16.49 -26.63
CA PRO A 1066 -24.70 -17.93 -26.91
C PRO A 1066 -24.38 -18.28 -28.37
N ASN A 1067 -24.63 -17.34 -29.28
CA ASN A 1067 -24.36 -17.56 -30.70
C ASN A 1067 -24.06 -16.23 -31.40
N VAL A 1068 -22.95 -16.20 -32.13
CA VAL A 1068 -22.48 -14.98 -32.80
C VAL A 1068 -23.38 -14.63 -33.99
N ALA A 1069 -23.83 -15.64 -34.72
CA ALA A 1069 -24.73 -15.41 -35.85
C ALA A 1069 -25.99 -14.68 -35.42
N ASP A 1070 -26.58 -15.09 -34.30
CA ASP A 1070 -27.84 -14.53 -33.83
C ASP A 1070 -27.73 -13.11 -33.27
N ALA A 1071 -26.52 -12.65 -33.00
CA ALA A 1071 -26.31 -11.27 -32.56
C ALA A 1071 -25.28 -10.56 -33.44
N LEU A 1072 -25.20 -10.96 -34.70
CA LEU A 1072 -24.23 -10.41 -35.65
C LEU A 1072 -24.43 -8.90 -35.88
N ASP A 1073 -25.69 -8.45 -35.80
CA ASP A 1073 -26.03 -7.03 -35.93
C ASP A 1073 -25.52 -6.16 -34.77
N ILE A 1074 -25.37 -6.77 -33.60
CA ILE A 1074 -24.93 -6.09 -32.38
C ILE A 1074 -23.40 -5.93 -32.35
N ILE A 1075 -22.67 -6.94 -32.81
CA ILE A 1075 -21.20 -7.00 -32.68
C ILE A 1075 -20.48 -5.64 -32.87
N PRO A 1076 -20.61 -5.01 -34.04
CA PRO A 1076 -19.84 -3.78 -34.27
C PRO A 1076 -20.06 -2.68 -33.22
N ARG A 1077 -21.29 -2.54 -32.71
CA ARG A 1077 -21.61 -1.58 -31.64
C ARG A 1077 -20.84 -1.92 -30.37
N VAL A 1078 -20.93 -3.19 -29.99
CA VAL A 1078 -20.30 -3.71 -28.77
C VAL A 1078 -18.79 -3.52 -28.74
N VAL A 1079 -18.17 -3.53 -29.91
CA VAL A 1079 -16.71 -3.47 -30.05
C VAL A 1079 -16.15 -2.04 -30.00
N VAL A 1080 -17.02 -1.03 -30.07
CA VAL A 1080 -16.58 0.37 -30.00
C VAL A 1080 -15.80 0.63 -28.71
N GLY A 1081 -14.64 1.27 -28.85
CA GLY A 1081 -13.81 1.62 -27.71
C GLY A 1081 -12.88 0.52 -27.20
N SER A 1082 -13.06 -0.70 -27.71
CA SER A 1082 -12.23 -1.83 -27.33
C SER A 1082 -11.20 -2.13 -28.41
N ASP A 1083 -10.09 -2.75 -28.00
CA ASP A 1083 -9.01 -3.10 -28.90
C ASP A 1083 -9.05 -4.58 -29.30
N ALA A 1084 -10.05 -5.30 -28.79
CA ALA A 1084 -10.25 -6.71 -29.14
C ALA A 1084 -11.61 -7.18 -28.65
N VAL A 1085 -12.07 -8.31 -29.19
CA VAL A 1085 -13.32 -8.92 -28.74
C VAL A 1085 -12.99 -10.27 -28.14
N GLU A 1086 -13.50 -10.54 -26.95
CA GLU A 1086 -13.34 -11.87 -26.35
C GLU A 1086 -14.52 -12.76 -26.72
N LEU A 1087 -14.22 -13.84 -27.45
CA LEU A 1087 -15.17 -14.91 -27.64
C LEU A 1087 -15.06 -15.84 -26.43
N ARG A 1088 -16.05 -15.77 -25.54
CA ARG A 1088 -16.12 -16.71 -24.41
C ARG A 1088 -16.75 -18.01 -24.90
N VAL A 1089 -15.88 -18.94 -25.29
CA VAL A 1089 -16.30 -20.21 -25.85
C VAL A 1089 -17.21 -20.95 -24.90
N ASP A 1090 -16.91 -20.90 -23.61
CA ASP A 1090 -17.71 -21.58 -22.59
C ASP A 1090 -19.17 -21.11 -22.53
N LEU A 1091 -19.39 -19.83 -22.84
CA LEU A 1091 -20.74 -19.27 -22.81
C LEU A 1091 -21.52 -19.52 -24.12
N LEU A 1092 -20.92 -20.20 -25.10
CA LEU A 1092 -21.61 -20.54 -26.35
C LEU A 1092 -22.62 -21.67 -26.12
N GLU A 1093 -23.55 -21.82 -27.05
CA GLU A 1093 -24.61 -22.81 -26.94
C GLU A 1093 -24.15 -24.21 -27.32
N SER A 1094 -22.96 -24.32 -27.92
CA SER A 1094 -22.37 -25.61 -28.24
C SER A 1094 -20.85 -25.54 -28.17
N TYR A 1095 -20.22 -26.65 -27.80
CA TYR A 1095 -18.76 -26.75 -27.74
C TYR A 1095 -18.17 -27.61 -28.86
N GLU A 1096 -18.87 -27.77 -29.97
CA GLU A 1096 -18.34 -28.55 -31.08
C GLU A 1096 -17.28 -27.72 -31.81
N PRO A 1097 -16.05 -28.26 -31.95
CA PRO A 1097 -14.97 -27.57 -32.65
C PRO A 1097 -15.37 -26.93 -33.99
N GLU A 1098 -16.10 -27.66 -34.83
CA GLU A 1098 -16.57 -27.11 -36.11
C GLU A 1098 -17.48 -25.89 -35.90
N PHE A 1099 -18.38 -25.98 -34.91
CA PHE A 1099 -19.28 -24.89 -34.58
C PHE A 1099 -18.52 -23.65 -34.11
N VAL A 1100 -17.58 -23.87 -33.19
CA VAL A 1100 -16.78 -22.78 -32.61
C VAL A 1100 -15.90 -22.12 -33.67
N ALA A 1101 -15.35 -22.92 -34.58
CA ALA A 1101 -14.55 -22.40 -35.67
C ALA A 1101 -15.33 -21.38 -36.50
N ARG A 1102 -16.60 -21.66 -36.77
CA ARG A 1102 -17.49 -20.73 -37.48
C ARG A 1102 -17.70 -19.47 -36.67
N GLN A 1103 -18.05 -19.64 -35.38
CA GLN A 1103 -18.26 -18.50 -34.49
C GLN A 1103 -17.06 -17.54 -34.54
N VAL A 1104 -15.85 -18.10 -34.60
CA VAL A 1104 -14.65 -17.29 -34.68
C VAL A 1104 -14.57 -16.55 -36.02
N ALA A 1105 -14.77 -17.28 -37.11
CA ALA A 1105 -14.72 -16.69 -38.45
C ALA A 1105 -15.80 -15.62 -38.61
N LEU A 1106 -17.01 -15.91 -38.12
CA LEU A 1106 -18.11 -14.94 -38.16
C LEU A 1106 -17.75 -13.68 -37.38
N LEU A 1107 -17.15 -13.85 -36.21
CA LEU A 1107 -16.76 -12.74 -35.35
C LEU A 1107 -15.65 -11.89 -35.97
N ARG A 1108 -14.65 -12.56 -36.56
CA ARG A 1108 -13.55 -11.84 -37.21
C ARG A 1108 -14.08 -10.97 -38.32
N ALA A 1109 -15.00 -11.52 -39.11
CA ALA A 1109 -15.60 -10.81 -40.23
C ALA A 1109 -16.44 -9.63 -39.75
N ALA A 1110 -17.22 -9.83 -38.70
CA ALA A 1110 -18.16 -8.83 -38.19
C ALA A 1110 -17.50 -7.73 -37.38
N ALA A 1111 -16.60 -8.11 -36.48
CA ALA A 1111 -15.96 -7.17 -35.56
C ALA A 1111 -14.79 -6.42 -36.21
N GLN A 1112 -14.04 -7.12 -37.05
CA GLN A 1112 -12.85 -6.56 -37.72
C GLN A 1112 -11.85 -5.98 -36.73
N VAL A 1113 -11.69 -6.66 -35.61
CA VAL A 1113 -10.66 -6.35 -34.61
C VAL A 1113 -10.11 -7.67 -34.06
N PRO A 1114 -9.02 -7.60 -33.28
CA PRO A 1114 -8.44 -8.83 -32.76
C PRO A 1114 -9.39 -9.63 -31.87
N ILE A 1115 -9.25 -10.95 -31.91
CA ILE A 1115 -10.09 -11.85 -31.12
C ILE A 1115 -9.33 -12.47 -29.95
N VAL A 1116 -9.99 -12.54 -28.80
CA VAL A 1116 -9.48 -13.21 -27.62
C VAL A 1116 -10.28 -14.50 -27.47
N TYR A 1117 -9.63 -15.63 -27.68
CA TYR A 1117 -10.27 -16.94 -27.65
C TYR A 1117 -10.15 -17.56 -26.27
N THR A 1118 -11.25 -17.52 -25.51
CA THR A 1118 -11.23 -17.86 -24.09
C THR A 1118 -12.14 -19.04 -23.77
N VAL A 1119 -11.54 -20.13 -23.27
CA VAL A 1119 -12.29 -21.24 -22.70
C VAL A 1119 -12.15 -21.14 -21.19
N ARG A 1120 -13.20 -20.67 -20.52
CA ARG A 1120 -13.18 -20.46 -19.07
C ARG A 1120 -13.89 -21.60 -18.37
N THR A 1121 -13.17 -22.26 -17.47
CA THR A 1121 -13.69 -23.43 -16.76
C THR A 1121 -14.59 -22.98 -15.60
N GLN A 1122 -15.45 -23.88 -15.15
CA GLN A 1122 -16.46 -23.52 -14.14
C GLN A 1122 -15.89 -23.28 -12.74
N SER A 1123 -14.78 -23.94 -12.41
CA SER A 1123 -14.08 -23.65 -11.15
C SER A 1123 -13.52 -22.23 -11.13
N GLN A 1124 -13.21 -21.69 -12.31
CA GLN A 1124 -12.73 -20.32 -12.43
C GLN A 1124 -13.81 -19.31 -12.84
N GLY A 1125 -15.08 -19.69 -12.67
CA GLY A 1125 -16.21 -18.77 -12.88
C GLY A 1125 -16.90 -18.89 -14.22
N GLY A 1126 -16.54 -19.89 -15.02
CA GLY A 1126 -17.11 -20.09 -16.35
C GLY A 1126 -18.12 -21.21 -16.37
N LYS A 1127 -18.32 -21.79 -17.55
CA LYS A 1127 -19.26 -22.90 -17.76
C LYS A 1127 -18.57 -24.20 -18.14
N PHE A 1128 -17.38 -24.12 -18.74
CA PHE A 1128 -16.72 -25.31 -19.29
C PHE A 1128 -16.29 -26.25 -18.14
N PRO A 1129 -16.52 -27.57 -18.31
CA PRO A 1129 -16.13 -28.50 -17.24
C PRO A 1129 -14.62 -28.54 -17.01
N ASP A 1130 -14.22 -28.61 -15.73
CA ASP A 1130 -12.81 -28.57 -15.36
C ASP A 1130 -12.05 -29.77 -15.89
N GLU A 1131 -12.62 -30.96 -15.67
CA GLU A 1131 -11.93 -32.21 -15.96
C GLU A 1131 -11.96 -32.63 -17.44
N ASP A 1132 -12.88 -32.07 -18.22
CA ASP A 1132 -13.04 -32.47 -19.63
C ASP A 1132 -11.89 -31.94 -20.50
N TYR A 1133 -10.74 -32.59 -20.41
CA TYR A 1133 -9.51 -32.12 -21.06
C TYR A 1133 -9.42 -32.47 -22.55
N ASP A 1134 -9.89 -33.66 -22.92
CA ASP A 1134 -9.87 -34.09 -24.33
C ASP A 1134 -10.46 -33.02 -25.23
N LEU A 1135 -11.63 -32.51 -24.83
CA LEU A 1135 -12.35 -31.48 -25.56
C LEU A 1135 -11.64 -30.13 -25.49
N ALA A 1136 -11.13 -29.79 -24.30
CA ALA A 1136 -10.41 -28.54 -24.10
C ALA A 1136 -9.26 -28.38 -25.09
N LEU A 1137 -8.43 -29.43 -25.19
CA LEU A 1137 -7.29 -29.41 -26.11
C LEU A 1137 -7.76 -29.14 -27.53
N ARG A 1138 -8.79 -29.87 -27.96
CA ARG A 1138 -9.32 -29.71 -29.32
C ARG A 1138 -9.89 -28.30 -29.51
N LEU A 1139 -10.58 -27.78 -28.51
CA LEU A 1139 -11.08 -26.41 -28.55
C LEU A 1139 -9.94 -25.40 -28.60
N TYR A 1140 -8.88 -25.64 -27.82
CA TYR A 1140 -7.71 -24.76 -27.84
C TYR A 1140 -7.07 -24.71 -29.23
N GLN A 1141 -6.97 -25.87 -29.87
CA GLN A 1141 -6.40 -25.93 -31.21
C GLN A 1141 -7.30 -25.28 -32.25
N THR A 1142 -8.61 -25.39 -32.07
CA THR A 1142 -9.55 -24.69 -32.95
C THR A 1142 -9.29 -23.19 -32.92
N GLY A 1143 -8.97 -22.66 -31.73
CA GLY A 1143 -8.58 -21.26 -31.59
C GLY A 1143 -7.30 -20.95 -32.34
N LEU A 1144 -6.26 -21.76 -32.12
CA LEU A 1144 -4.97 -21.53 -32.73
C LEU A 1144 -5.03 -21.67 -34.23
N ARG A 1145 -5.69 -22.72 -34.71
CA ARG A 1145 -5.86 -22.96 -36.13
C ARG A 1145 -6.59 -21.81 -36.81
N SER A 1146 -7.56 -21.22 -36.11
CA SER A 1146 -8.32 -20.09 -36.62
C SER A 1146 -7.54 -18.77 -36.63
N GLY A 1147 -6.31 -18.78 -36.13
CA GLY A 1147 -5.46 -17.58 -36.16
C GLY A 1147 -6.03 -16.47 -35.32
N VAL A 1148 -6.32 -16.76 -34.06
CA VAL A 1148 -6.81 -15.76 -33.13
C VAL A 1148 -5.61 -14.99 -32.57
N GLU A 1149 -5.78 -13.69 -32.41
CA GLU A 1149 -4.69 -12.81 -31.96
C GLU A 1149 -4.31 -13.06 -30.51
N TYR A 1150 -5.29 -13.44 -29.69
CA TYR A 1150 -5.05 -13.81 -28.31
C TYR A 1150 -5.75 -15.13 -27.99
N LEU A 1151 -5.14 -15.94 -27.13
CA LEU A 1151 -5.77 -17.15 -26.63
C LEU A 1151 -5.52 -17.27 -25.12
N ASP A 1152 -6.61 -17.53 -24.39
CA ASP A 1152 -6.56 -17.57 -22.92
C ASP A 1152 -6.57 -19.03 -22.46
N LEU A 1153 -5.42 -19.50 -21.99
CA LEU A 1153 -5.37 -20.78 -21.30
C LEU A 1153 -5.15 -20.54 -19.82
N GLU A 1154 -5.86 -21.31 -19.01
CA GLU A 1154 -5.79 -21.19 -17.58
C GLU A 1154 -4.54 -21.92 -17.11
N MSE A 1155 -3.94 -21.42 -16.04
CA MSE A 1155 -2.74 -22.06 -15.52
C MSE A 1155 -3.07 -23.31 -14.75
O MSE A 1155 -2.19 -24.13 -14.51
CB MSE A 1155 -1.94 -21.08 -14.66
CG MSE A 1155 -1.29 -19.98 -15.51
SE MSE A 1155 -0.01 -20.59 -16.89
CE MSE A 1155 0.10 -22.53 -16.60
N THR A 1156 -4.34 -23.47 -14.38
CA THR A 1156 -4.81 -24.69 -13.72
C THR A 1156 -4.79 -25.92 -14.65
N MSE A 1157 -4.80 -25.70 -15.97
CA MSE A 1157 -4.77 -26.80 -16.94
C MSE A 1157 -3.56 -27.68 -16.74
O MSE A 1157 -2.52 -27.20 -16.30
CB MSE A 1157 -4.74 -26.26 -18.38
CG MSE A 1157 -6.07 -25.69 -18.82
SE MSE A 1157 -7.34 -27.13 -19.20
CE MSE A 1157 -6.40 -28.03 -20.66
N PRO A 1158 -3.68 -28.99 -17.03
CA PRO A 1158 -2.52 -29.86 -16.83
C PRO A 1158 -1.34 -29.48 -17.72
N ASP A 1159 -0.14 -29.84 -17.26
CA ASP A 1159 1.11 -29.46 -17.92
C ASP A 1159 1.21 -29.97 -19.35
N HIS A 1160 0.72 -31.18 -19.61
CA HIS A 1160 0.82 -31.77 -20.94
C HIS A 1160 0.03 -30.97 -22.00
N ILE A 1161 -1.03 -30.28 -21.58
CA ILE A 1161 -1.80 -29.42 -22.47
C ILE A 1161 -1.21 -28.02 -22.57
N LEU A 1162 -0.66 -27.53 -21.47
CA LEU A 1162 0.02 -26.23 -21.49
C LEU A 1162 1.21 -26.29 -22.43
N GLN A 1163 1.89 -27.42 -22.46
CA GLN A 1163 3.02 -27.62 -23.36
C GLN A 1163 2.55 -27.64 -24.82
N ALA A 1164 1.55 -28.49 -25.09
CA ALA A 1164 1.04 -28.69 -26.45
C ALA A 1164 0.50 -27.40 -27.08
N VAL A 1165 -0.22 -26.62 -26.29
CA VAL A 1165 -0.78 -25.36 -26.78
C VAL A 1165 0.31 -24.30 -26.97
N THR A 1166 1.28 -24.28 -26.06
CA THR A 1166 2.43 -23.37 -26.16
C THR A 1166 3.30 -23.66 -27.39
N ASP A 1167 3.53 -24.94 -27.66
CA ASP A 1167 4.39 -25.35 -28.78
C ASP A 1167 3.81 -24.98 -30.14
N ALA A 1168 2.48 -25.11 -30.30
CA ALA A 1168 1.82 -24.81 -31.57
C ALA A 1168 1.15 -23.44 -31.59
N LYS A 1169 1.54 -22.55 -30.67
CA LYS A 1169 0.87 -21.26 -30.54
C LYS A 1169 1.08 -20.37 -31.77
N GLY A 1170 2.21 -20.52 -32.45
CA GLY A 1170 2.53 -19.67 -33.58
C GLY A 1170 2.58 -18.22 -33.16
N PHE A 1171 1.95 -17.33 -33.93
CA PHE A 1171 1.97 -15.91 -33.62
C PHE A 1171 0.80 -15.45 -32.77
N THR A 1172 0.01 -16.41 -32.29
CA THR A 1172 -1.01 -16.13 -31.30
C THR A 1172 -0.32 -15.73 -30.00
N SER A 1173 -0.82 -14.67 -29.38
CA SER A 1173 -0.34 -14.25 -28.07
C SER A 1173 -1.10 -15.02 -27.02
N ILE A 1174 -0.38 -15.67 -26.11
CA ILE A 1174 -0.99 -16.45 -25.05
C ILE A 1174 -1.24 -15.56 -23.85
N ILE A 1175 -2.50 -15.52 -23.40
CA ILE A 1175 -2.85 -14.91 -22.12
C ILE A 1175 -2.90 -16.04 -21.12
N ALA A 1176 -1.91 -16.10 -20.24
CA ALA A 1176 -1.90 -17.08 -19.16
C ALA A 1176 -2.72 -16.55 -17.99
N SER A 1177 -3.79 -17.25 -17.64
CA SER A 1177 -4.77 -16.72 -16.70
C SER A 1177 -4.90 -17.53 -15.43
N HIS A 1178 -5.32 -16.86 -14.37
CA HIS A 1178 -5.82 -17.55 -13.18
C HIS A 1178 -6.82 -16.67 -12.47
N HIS A 1179 -7.92 -17.30 -12.04
CA HIS A 1179 -8.99 -16.63 -11.32
C HIS A 1179 -9.10 -17.24 -9.94
N ASP A 1180 -9.47 -16.41 -8.97
CA ASP A 1180 -9.56 -16.84 -7.58
C ASP A 1180 -10.93 -16.46 -7.02
N PRO A 1181 -12.01 -17.09 -7.53
CA PRO A 1181 -13.35 -16.68 -7.11
C PRO A 1181 -13.67 -16.97 -5.64
N GLN A 1182 -13.07 -18.02 -5.09
CA GLN A 1182 -13.27 -18.38 -3.69
C GLN A 1182 -12.34 -17.59 -2.74
N CYS A 1183 -11.49 -16.73 -3.31
CA CYS A 1183 -10.67 -15.79 -2.55
C CYS A 1183 -9.66 -16.48 -1.62
N LYS A 1184 -8.99 -17.51 -2.14
CA LYS A 1184 -7.96 -18.25 -1.41
C LYS A 1184 -6.60 -17.55 -1.43
N LEU A 1185 -6.40 -16.61 -2.35
CA LEU A 1185 -5.12 -15.92 -2.56
C LEU A 1185 -5.13 -14.49 -2.03
N SER A 1186 -3.95 -13.87 -2.02
CA SER A 1186 -3.75 -12.53 -1.45
C SER A 1186 -2.65 -11.78 -2.18
N TRP A 1187 -2.90 -10.50 -2.44
CA TRP A 1187 -1.95 -9.65 -3.17
C TRP A 1187 -0.75 -9.33 -2.31
N LYS A 1188 -0.98 -8.81 -1.11
CA LYS A 1188 0.12 -8.43 -0.24
C LYS A 1188 1.00 -9.61 0.23
N SER A 1189 0.40 -10.74 0.59
CA SER A 1189 1.17 -11.88 1.13
C SER A 1189 2.06 -12.54 0.08
N GLY A 1190 1.70 -12.37 -1.19
CA GLY A 1190 2.47 -12.94 -2.28
C GLY A 1190 2.13 -14.39 -2.57
N SER A 1191 0.91 -14.80 -2.22
CA SER A 1191 0.43 -16.15 -2.54
C SER A 1191 0.03 -16.27 -4.03
N TRP A 1192 0.11 -15.16 -4.77
CA TRP A 1192 -0.07 -15.18 -6.21
C TRP A 1192 1.21 -15.57 -6.95
N ILE A 1193 2.38 -15.37 -6.34
CA ILE A 1193 3.66 -15.60 -7.02
C ILE A 1193 3.76 -16.94 -7.74
N PRO A 1194 3.33 -18.04 -7.10
CA PRO A 1194 3.41 -19.33 -7.78
C PRO A 1194 2.69 -19.36 -9.13
N PHE A 1195 1.55 -18.67 -9.22
CA PHE A 1195 0.82 -18.53 -10.48
C PHE A 1195 1.49 -17.55 -11.44
N TYR A 1196 1.95 -16.41 -10.92
CA TYR A 1196 2.72 -15.47 -11.72
C TYR A 1196 3.92 -16.17 -12.37
N ASN A 1197 4.69 -16.88 -11.56
CA ASN A 1197 5.87 -17.61 -12.05
C ASN A 1197 5.54 -18.57 -13.17
N LYS A 1198 4.39 -19.23 -13.04
CA LYS A 1198 3.96 -20.19 -14.03
C LYS A 1198 3.50 -19.46 -15.29
N ALA A 1199 2.60 -18.50 -15.11
CA ALA A 1199 2.11 -17.67 -16.22
C ALA A 1199 3.23 -16.95 -16.96
N LEU A 1200 4.30 -16.61 -16.25
CA LEU A 1200 5.43 -15.94 -16.84
C LEU A 1200 6.09 -16.75 -17.95
N GLN A 1201 6.27 -18.05 -17.72
CA GLN A 1201 6.94 -18.88 -18.73
C GLN A 1201 6.02 -19.39 -19.82
N TYR A 1202 4.71 -19.36 -19.59
CA TYR A 1202 3.77 -19.85 -20.58
C TYR A 1202 3.12 -18.74 -21.41
N GLY A 1203 2.89 -17.58 -20.79
CA GLY A 1203 2.12 -16.52 -21.42
C GLY A 1203 2.92 -15.38 -22.00
N ASP A 1204 2.37 -14.74 -23.04
CA ASP A 1204 2.86 -13.46 -23.53
C ASP A 1204 2.22 -12.33 -22.74
N VAL A 1205 1.10 -12.65 -22.09
CA VAL A 1205 0.38 -11.74 -21.22
C VAL A 1205 -0.13 -12.50 -20.00
N ILE A 1206 0.12 -11.98 -18.81
CA ILE A 1206 -0.37 -12.60 -17.58
C ILE A 1206 -1.70 -11.98 -17.21
N LYS A 1207 -2.66 -12.81 -16.80
CA LYS A 1207 -3.95 -12.34 -16.32
C LYS A 1207 -4.29 -12.98 -14.98
N LEU A 1208 -4.22 -12.18 -13.93
CA LEU A 1208 -4.53 -12.63 -12.58
C LEU A 1208 -5.75 -11.87 -12.09
N VAL A 1209 -6.75 -12.61 -11.62
CA VAL A 1209 -7.99 -12.00 -11.14
C VAL A 1209 -8.36 -12.54 -9.76
N GLY A 1210 -8.51 -11.64 -8.80
CA GLY A 1210 -8.91 -11.99 -7.45
C GLY A 1210 -10.22 -11.34 -7.07
N VAL A 1211 -10.47 -11.27 -5.77
CA VAL A 1211 -11.69 -10.67 -5.24
C VAL A 1211 -11.33 -9.56 -4.26
N ALA A 1212 -12.03 -8.44 -4.37
CA ALA A 1212 -11.90 -7.37 -3.39
C ALA A 1212 -13.05 -7.50 -2.40
N ARG A 1213 -12.71 -7.47 -1.12
CA ARG A 1213 -13.70 -7.37 -0.06
C ARG A 1213 -13.82 -5.91 0.40
N GLU A 1214 -12.70 -5.20 0.38
CA GLU A 1214 -12.66 -3.78 0.73
C GLU A 1214 -11.77 -3.01 -0.23
N MSE A 1215 -11.90 -1.69 -0.23
CA MSE A 1215 -11.18 -0.79 -1.14
C MSE A 1215 -9.69 -0.98 -1.11
O MSE A 1215 -9.01 -0.87 -2.12
CB MSE A 1215 -11.49 0.66 -0.78
CG MSE A 1215 -10.86 1.70 -1.70
SE MSE A 1215 -11.45 1.54 -3.57
CE MSE A 1215 -13.39 1.62 -3.22
N ALA A 1216 -9.15 -1.27 0.08
CA ALA A 1216 -7.73 -1.51 0.25
C ALA A 1216 -7.20 -2.63 -0.63
N ASP A 1217 -8.03 -3.64 -0.89
CA ASP A 1217 -7.62 -4.79 -1.70
C ASP A 1217 -7.25 -4.40 -3.12
N ASN A 1218 -7.73 -3.25 -3.59
CA ASN A 1218 -7.36 -2.72 -4.88
C ASN A 1218 -6.01 -2.04 -4.83
N PHE A 1219 -5.71 -1.37 -3.72
CA PHE A 1219 -4.40 -0.75 -3.54
C PHE A 1219 -3.31 -1.82 -3.58
N ALA A 1220 -3.49 -2.88 -2.80
CA ALA A 1220 -2.53 -3.98 -2.73
C ALA A 1220 -2.29 -4.61 -4.09
N LEU A 1221 -3.36 -4.74 -4.89
CA LEU A 1221 -3.25 -5.26 -6.24
C LEU A 1221 -2.39 -4.34 -7.09
N THR A 1222 -2.74 -3.05 -7.10
CA THR A 1222 -2.01 -2.06 -7.88
C THR A 1222 -0.53 -2.07 -7.50
N ASN A 1223 -0.24 -2.12 -6.21
CA ASN A 1223 1.14 -2.21 -5.74
C ASN A 1223 1.82 -3.49 -6.24
N PHE A 1224 1.12 -4.61 -6.14
CA PHE A 1224 1.65 -5.89 -6.61
C PHE A 1224 2.02 -5.84 -8.07
N LYS A 1225 1.06 -5.41 -8.91
CA LYS A 1225 1.27 -5.31 -10.35
C LYS A 1225 2.49 -4.46 -10.69
N ALA A 1226 2.62 -3.32 -10.02
CA ALA A 1226 3.75 -2.42 -10.25
C ALA A 1226 5.08 -3.12 -9.97
N LYS A 1227 5.14 -3.89 -8.89
CA LYS A 1227 6.35 -4.62 -8.52
C LYS A 1227 6.69 -5.70 -9.55
N MSE A 1228 5.67 -6.34 -10.10
CA MSE A 1228 5.87 -7.39 -11.12
C MSE A 1228 6.34 -6.80 -12.44
O MSE A 1228 7.21 -7.37 -13.09
CB MSE A 1228 4.59 -8.19 -11.40
CG MSE A 1228 4.04 -8.95 -10.19
SE MSE A 1228 5.30 -10.30 -9.49
CE MSE A 1228 5.81 -9.38 -7.84
N LEU A 1229 5.77 -5.67 -12.84
CA LEU A 1229 6.19 -5.01 -14.09
C LEU A 1229 7.61 -4.45 -14.00
N ALA A 1230 8.01 -4.01 -12.82
CA ALA A 1230 9.39 -3.58 -12.59
C ALA A 1230 10.34 -4.76 -12.80
N ALA A 1231 9.98 -5.91 -12.22
CA ALA A 1231 10.82 -7.11 -12.30
C ALA A 1231 10.84 -7.76 -13.68
N HIS A 1232 9.70 -7.75 -14.36
CA HIS A 1232 9.61 -8.32 -15.72
C HIS A 1232 8.84 -7.38 -16.64
N ASP A 1233 9.54 -6.32 -17.03
CA ASP A 1233 9.08 -5.33 -18.00
C ASP A 1233 8.44 -5.98 -19.23
N ASN A 1234 9.07 -7.03 -19.74
CA ASN A 1234 8.71 -7.59 -21.05
C ASN A 1234 7.43 -8.42 -21.12
N LYS A 1235 6.75 -8.64 -20.00
CA LYS A 1235 5.48 -9.39 -20.05
C LYS A 1235 4.36 -8.70 -19.27
N PRO A 1236 3.49 -7.97 -19.99
CA PRO A 1236 2.46 -7.13 -19.38
C PRO A 1236 1.35 -7.93 -18.73
N MSE A 1237 0.56 -7.25 -17.90
CA MSE A 1237 -0.36 -7.91 -16.99
C MSE A 1237 -1.73 -7.31 -16.93
O MSE A 1237 -1.89 -6.08 -16.95
CB MSE A 1237 0.28 -7.82 -15.63
CG MSE A 1237 -0.31 -8.85 -14.67
SE MSE A 1237 0.83 -8.86 -13.07
CE MSE A 1237 -0.54 -8.76 -11.67
N ILE A 1238 -2.74 -8.17 -16.88
CA ILE A 1238 -4.11 -7.78 -16.65
C ILE A 1238 -4.44 -8.24 -15.23
N ALA A 1239 -4.65 -7.29 -14.33
CA ALA A 1239 -4.88 -7.60 -12.93
C ALA A 1239 -6.14 -6.93 -12.41
N LEU A 1240 -7.08 -7.73 -11.91
CA LEU A 1240 -8.38 -7.23 -11.49
C LEU A 1240 -8.85 -7.84 -10.19
N ASN A 1241 -9.78 -7.13 -9.55
CA ASN A 1241 -10.57 -7.68 -8.48
C ASN A 1241 -12.04 -7.72 -8.91
N MSE A 1242 -12.69 -8.85 -8.66
CA MSE A 1242 -14.11 -8.99 -8.94
C MSE A 1242 -14.93 -8.39 -7.85
O MSE A 1242 -14.41 -8.03 -6.79
CB MSE A 1242 -14.46 -10.47 -9.04
CG MSE A 1242 -13.79 -11.11 -10.23
SE MSE A 1242 -14.12 -13.03 -10.10
CE MSE A 1242 -14.27 -13.43 -12.02
N GLY A 1243 -16.23 -8.29 -8.10
CA GLY A 1243 -17.16 -7.71 -7.13
C GLY A 1243 -17.21 -6.21 -7.29
N THR A 1244 -18.22 -5.59 -6.71
CA THR A 1244 -18.41 -4.15 -6.81
C THR A 1244 -17.31 -3.41 -6.02
N ALA A 1245 -16.79 -4.04 -4.98
CA ALA A 1245 -15.68 -3.48 -4.21
C ALA A 1245 -14.44 -3.28 -5.08
N GLY A 1246 -14.23 -4.21 -6.02
CA GLY A 1246 -13.05 -4.17 -6.89
C GLY A 1246 -13.24 -3.48 -8.23
N LYS A 1247 -14.26 -2.63 -8.34
CA LYS A 1247 -14.48 -1.88 -9.57
C LYS A 1247 -13.30 -0.94 -9.87
N LEU A 1248 -12.68 -0.39 -8.83
CA LEU A 1248 -11.54 0.52 -9.01
C LEU A 1248 -10.35 -0.14 -9.69
N SER A 1249 -10.16 -1.44 -9.44
CA SER A 1249 -9.06 -2.18 -10.05
C SER A 1249 -9.23 -2.29 -11.56
N ARG A 1250 -10.48 -2.26 -12.02
CA ARG A 1250 -10.76 -2.25 -13.46
C ARG A 1250 -10.42 -0.92 -14.09
N VAL A 1251 -10.75 0.16 -13.38
CA VAL A 1251 -10.41 1.50 -13.82
C VAL A 1251 -8.89 1.66 -13.95
N LEU A 1252 -8.18 1.29 -12.89
CA LEU A 1252 -6.72 1.50 -12.80
C LEU A 1252 -5.88 0.48 -13.56
N ASN A 1253 -6.46 -0.64 -14.00
CA ASN A 1253 -5.69 -1.68 -14.67
C ASN A 1253 -4.93 -1.19 -15.90
N GLY A 1254 -5.62 -0.49 -16.78
CA GLY A 1254 -4.97 0.16 -17.93
C GLY A 1254 -4.84 -0.73 -19.14
N PHE A 1255 -4.12 -1.83 -18.99
CA PHE A 1255 -3.78 -2.69 -20.12
C PHE A 1255 -4.78 -3.82 -20.32
N LEU A 1256 -5.44 -3.85 -21.49
CA LEU A 1256 -6.38 -4.91 -21.86
C LEU A 1256 -7.39 -5.25 -20.76
N THR A 1257 -7.99 -4.21 -20.20
CA THR A 1257 -9.03 -4.40 -19.20
C THR A 1257 -10.26 -5.03 -19.86
N PRO A 1258 -10.71 -6.19 -19.36
CA PRO A 1258 -11.97 -6.71 -19.88
C PRO A 1258 -13.15 -5.83 -19.50
N VAL A 1259 -14.03 -5.57 -20.46
CA VAL A 1259 -15.18 -4.69 -20.27
C VAL A 1259 -16.49 -5.34 -20.69
N SER A 1260 -17.59 -4.72 -20.28
CA SER A 1260 -18.93 -5.10 -20.70
C SER A 1260 -19.45 -4.12 -21.75
N HIS A 1261 -20.70 -4.33 -22.18
CA HIS A 1261 -21.38 -3.40 -23.03
C HIS A 1261 -22.89 -3.57 -22.86
N PRO A 1262 -23.63 -2.44 -22.75
CA PRO A 1262 -25.07 -2.52 -22.44
C PRO A 1262 -25.91 -3.37 -23.40
N ALA A 1263 -25.49 -3.43 -24.66
CA ALA A 1263 -26.21 -4.18 -25.70
C ALA A 1263 -26.08 -5.70 -25.58
N LEU A 1264 -25.06 -6.18 -24.86
CA LEU A 1264 -24.91 -7.60 -24.61
C LEU A 1264 -25.89 -8.07 -23.54
N PRO A 1265 -26.36 -9.33 -23.64
CA PRO A 1265 -27.40 -9.81 -22.72
C PRO A 1265 -26.97 -9.92 -21.26
N SER A 1266 -25.69 -10.21 -21.02
CA SER A 1266 -25.14 -10.35 -19.67
C SER A 1266 -23.85 -9.57 -19.55
N LYS A 1267 -23.24 -9.64 -18.37
CA LYS A 1267 -21.84 -9.24 -18.19
C LYS A 1267 -21.05 -10.52 -17.97
N ALA A 1268 -19.88 -10.59 -18.60
CA ALA A 1268 -19.03 -11.79 -18.51
C ALA A 1268 -18.65 -12.10 -17.07
N ALA A 1269 -18.37 -11.06 -16.30
CA ALA A 1269 -18.13 -11.16 -14.87
C ALA A 1269 -19.03 -10.15 -14.16
N PRO A 1270 -19.38 -10.42 -12.89
CA PRO A 1270 -20.23 -9.47 -12.17
C PRO A 1270 -19.47 -8.18 -11.83
N GLY A 1271 -20.12 -7.05 -12.08
CA GLY A 1271 -19.55 -5.75 -11.76
C GLY A 1271 -18.39 -5.29 -12.63
N GLN A 1272 -18.33 -5.78 -13.87
CA GLN A 1272 -17.36 -5.21 -14.80
C GLN A 1272 -17.98 -3.98 -15.44
N LEU A 1273 -17.13 -3.00 -15.75
CA LEU A 1273 -17.57 -1.73 -16.33
C LEU A 1273 -17.33 -1.75 -17.83
N SER A 1274 -18.08 -0.91 -18.55
CA SER A 1274 -17.90 -0.77 -19.99
C SER A 1274 -16.69 0.09 -20.28
N ALA A 1275 -16.17 -0.03 -21.50
CA ALA A 1275 -15.03 0.79 -21.93
C ALA A 1275 -15.31 2.25 -21.70
N THR A 1276 -16.52 2.69 -22.04
CA THR A 1276 -16.91 4.09 -21.88
C THR A 1276 -16.93 4.49 -20.40
N GLU A 1277 -17.49 3.63 -19.56
CA GLU A 1277 -17.59 3.91 -18.12
C GLU A 1277 -16.20 4.03 -17.50
N ILE A 1278 -15.33 3.10 -17.82
CA ILE A 1278 -13.96 3.13 -17.33
C ILE A 1278 -13.26 4.38 -17.82
N ARG A 1279 -13.49 4.71 -19.09
CA ARG A 1279 -12.82 5.85 -19.71
C ARG A 1279 -13.28 7.17 -19.06
N GLN A 1280 -14.55 7.26 -18.70
CA GLN A 1280 -15.05 8.45 -17.98
C GLN A 1280 -14.69 8.39 -16.50
N ALA A 1281 -14.45 7.20 -15.95
CA ALA A 1281 -13.91 7.06 -14.60
C ALA A 1281 -12.47 7.57 -14.55
N LEU A 1282 -11.68 7.15 -15.54
CA LEU A 1282 -10.31 7.64 -15.70
C LEU A 1282 -10.26 9.14 -15.86
N SER A 1283 -11.24 9.71 -16.56
CA SER A 1283 -11.32 11.15 -16.78
C SER A 1283 -11.61 11.91 -15.49
N LEU A 1284 -12.46 11.35 -14.63
CA LEU A 1284 -12.84 11.99 -13.36
C LEU A 1284 -11.67 12.07 -12.38
N ILE A 1285 -10.80 11.06 -12.43
CA ILE A 1285 -9.53 11.09 -11.73
C ILE A 1285 -8.61 11.69 -12.78
N GLY A 1286 -7.39 12.09 -12.46
CA GLY A 1286 -6.56 12.75 -13.47
C GLY A 1286 -6.02 11.94 -14.66
N GLU A 1287 -6.45 10.69 -14.80
CA GLU A 1287 -5.72 9.72 -15.62
C GLU A 1287 -5.86 9.88 -17.15
N ILE A 1288 -6.98 10.42 -17.60
CA ILE A 1288 -7.10 10.89 -18.99
C ILE A 1288 -7.23 12.40 -18.91
N GLU A 1289 -6.12 13.08 -19.15
CA GLU A 1289 -6.09 14.54 -19.04
C GLU A 1289 -6.82 15.17 -20.22
N PRO A 1290 -7.72 16.15 -19.93
CA PRO A 1290 -8.45 16.80 -21.01
C PRO A 1290 -7.54 17.51 -22.01
N LYS A 1291 -8.04 17.68 -23.24
CA LYS A 1291 -7.28 18.23 -24.35
C LYS A 1291 -8.17 19.17 -25.15
N SER A 1292 -7.54 20.18 -25.76
CA SER A 1292 -8.25 21.12 -26.60
C SER A 1292 -8.14 20.68 -28.06
N PHE A 1293 -9.29 20.64 -28.73
CA PHE A 1293 -9.37 20.36 -30.15
C PHE A 1293 -9.95 21.58 -30.85
N TYR A 1294 -9.45 21.89 -32.04
CA TYR A 1294 -9.80 23.13 -32.71
C TYR A 1294 -10.24 22.93 -34.16
N LEU A 1295 -11.00 23.90 -34.65
CA LEU A 1295 -11.30 24.03 -36.08
C LEU A 1295 -10.69 25.34 -36.55
N PHE A 1296 -9.77 25.26 -37.52
CA PHE A 1296 -9.09 26.44 -38.03
C PHE A 1296 -9.59 26.80 -39.43
N GLY A 1297 -9.84 28.10 -39.64
CA GLY A 1297 -10.28 28.64 -40.93
C GLY A 1297 -11.37 29.67 -40.79
N LYS A 1298 -11.95 30.08 -41.91
CA LYS A 1298 -13.18 30.89 -41.92
C LYS A 1298 -13.84 30.87 -43.30
N PRO A 1299 -15.18 31.03 -43.36
CA PRO A 1299 -16.09 31.16 -42.25
C PRO A 1299 -16.48 29.81 -41.67
N ILE A 1300 -16.45 29.68 -40.35
CA ILE A 1300 -16.78 28.42 -39.67
C ILE A 1300 -17.84 28.63 -38.60
N SER A 1301 -18.64 29.69 -38.75
CA SER A 1301 -19.73 29.96 -37.82
C SER A 1301 -20.77 28.84 -37.85
N ALA A 1302 -21.05 28.30 -39.03
CA ALA A 1302 -22.09 27.29 -39.22
C ALA A 1302 -21.51 25.89 -39.43
N SER A 1303 -20.30 25.66 -38.92
CA SER A 1303 -19.64 24.36 -39.05
C SER A 1303 -20.20 23.37 -38.03
N ARG A 1304 -20.40 22.13 -38.49
CA ARG A 1304 -20.92 21.05 -37.65
C ARG A 1304 -19.84 20.25 -36.92
N SER A 1305 -18.56 20.53 -37.22
CA SER A 1305 -17.46 19.79 -36.60
C SER A 1305 -17.50 19.80 -35.07
N PRO A 1306 -17.73 20.97 -34.45
CA PRO A 1306 -17.83 20.98 -32.99
C PRO A 1306 -18.94 20.09 -32.45
N ALA A 1307 -20.09 20.13 -33.09
CA ALA A 1307 -21.18 19.24 -32.71
C ALA A 1307 -20.73 17.79 -32.87
N LEU A 1308 -20.08 17.49 -33.99
CA LEU A 1308 -19.64 16.13 -34.29
C LEU A 1308 -18.71 15.58 -33.21
N HIS A 1309 -17.58 16.26 -33.03
CA HIS A 1309 -16.51 15.74 -32.18
C HIS A 1309 -16.82 15.80 -30.69
N ASN A 1310 -17.47 16.87 -30.25
CA ASN A 1310 -17.88 16.96 -28.85
C ASN A 1310 -18.86 15.86 -28.50
N THR A 1311 -19.77 15.54 -29.42
CA THR A 1311 -20.72 14.45 -29.21
C THR A 1311 -19.98 13.12 -29.05
N LEU A 1312 -19.03 12.85 -29.94
CA LEU A 1312 -18.27 11.62 -29.89
C LEU A 1312 -17.41 11.54 -28.63
N PHE A 1313 -16.87 12.67 -28.19
CA PHE A 1313 -16.12 12.71 -26.92
C PHE A 1313 -17.03 12.27 -25.78
N TYR A 1314 -18.22 12.88 -25.69
CA TYR A 1314 -19.21 12.52 -24.68
C TYR A 1314 -19.63 11.06 -24.79
N LYS A 1315 -19.88 10.62 -26.03
CA LYS A 1315 -20.38 9.28 -26.27
C LYS A 1315 -19.35 8.19 -25.91
N THR A 1316 -18.06 8.49 -26.13
CA THR A 1316 -16.99 7.54 -25.88
C THR A 1316 -16.45 7.60 -24.44
N GLY A 1317 -16.80 8.65 -23.72
CA GLY A 1317 -16.41 8.81 -22.32
C GLY A 1317 -15.18 9.67 -22.11
N LEU A 1318 -14.71 10.34 -23.17
CA LEU A 1318 -13.53 11.20 -23.07
C LEU A 1318 -13.91 12.58 -22.54
N PRO A 1319 -12.94 13.29 -21.92
CA PRO A 1319 -13.19 14.61 -21.35
C PRO A 1319 -12.75 15.76 -22.25
N HIS A 1320 -12.36 15.47 -23.49
CA HIS A 1320 -11.82 16.50 -24.37
C HIS A 1320 -12.91 17.45 -24.83
N HIS A 1321 -12.50 18.58 -25.39
CA HIS A 1321 -13.43 19.59 -25.90
C HIS A 1321 -12.94 20.22 -27.20
N TYR A 1322 -13.88 20.40 -28.13
CA TYR A 1322 -13.61 20.91 -29.47
C TYR A 1322 -14.24 22.30 -29.57
N SER A 1323 -13.56 23.22 -30.24
CA SER A 1323 -14.05 24.61 -30.29
C SER A 1323 -13.66 25.34 -31.57
N ARG A 1324 -14.32 26.47 -31.80
CA ARG A 1324 -14.05 27.31 -32.97
C ARG A 1324 -12.73 28.05 -32.80
N PHE A 1325 -12.08 28.36 -33.92
CA PHE A 1325 -11.03 29.38 -33.94
C PHE A 1325 -10.92 29.98 -35.34
N GLU A 1326 -11.73 31.01 -35.60
CA GLU A 1326 -11.76 31.65 -36.92
C GLU A 1326 -10.45 32.39 -37.20
N THR A 1327 -9.90 32.19 -38.39
CA THR A 1327 -8.70 32.89 -38.83
C THR A 1327 -8.46 32.69 -40.33
N ASP A 1328 -8.11 33.78 -41.02
CA ASP A 1328 -7.82 33.73 -42.46
C ASP A 1328 -6.40 33.24 -42.74
N GLU A 1329 -5.50 33.40 -41.77
CA GLU A 1329 -4.08 33.04 -41.95
C GLU A 1329 -3.59 32.08 -40.87
N ALA A 1330 -2.52 31.35 -41.20
CA ALA A 1330 -1.84 30.48 -40.24
C ALA A 1330 -0.88 31.30 -39.40
N SER A 1331 -1.41 31.96 -38.38
CA SER A 1331 -0.67 32.97 -37.62
C SER A 1331 0.28 32.37 -36.59
N LYS A 1332 1.09 33.25 -35.99
CA LYS A 1332 1.94 32.88 -34.86
C LYS A 1332 1.09 32.59 -33.62
N ALA A 1333 -0.08 33.24 -33.54
CA ALA A 1333 -1.04 32.97 -32.48
C ALA A 1333 -1.70 31.61 -32.63
N LEU A 1334 -1.88 31.16 -33.87
CA LEU A 1334 -2.42 29.81 -34.13
C LEU A 1334 -1.47 28.75 -33.64
N GLU A 1335 -0.18 28.88 -33.98
CA GLU A 1335 0.80 27.86 -33.61
C GLU A 1335 1.11 27.84 -32.10
N SER A 1336 0.67 28.85 -31.36
CA SER A 1336 0.68 28.78 -29.89
C SER A 1336 -0.26 27.69 -29.41
N LEU A 1337 -1.45 27.62 -30.02
CA LEU A 1337 -2.44 26.61 -29.69
C LEU A 1337 -2.00 25.23 -30.15
N ILE A 1338 -1.44 25.19 -31.34
CA ILE A 1338 -1.07 23.94 -31.99
C ILE A 1338 0.12 23.25 -31.28
N ARG A 1339 1.04 24.06 -30.72
CA ARG A 1339 2.22 23.55 -30.02
C ARG A 1339 2.04 23.52 -28.50
N SER A 1340 0.89 23.98 -28.02
CA SER A 1340 0.55 23.88 -26.60
C SER A 1340 0.49 22.42 -26.17
N PRO A 1341 0.86 22.12 -24.90
CA PRO A 1341 0.69 20.75 -24.39
C PRO A 1341 -0.78 20.33 -24.20
N ASP A 1342 -1.70 21.30 -24.20
CA ASP A 1342 -3.15 21.02 -24.15
C ASP A 1342 -3.71 20.54 -25.47
N PHE A 1343 -2.93 20.68 -26.55
CA PHE A 1343 -3.38 20.38 -27.90
C PHE A 1343 -3.61 18.90 -28.11
N GLY A 1344 -4.84 18.54 -28.47
CA GLY A 1344 -5.20 17.16 -28.77
C GLY A 1344 -5.25 16.86 -30.26
N GLY A 1345 -5.44 17.89 -31.07
CA GLY A 1345 -5.63 17.74 -32.52
C GLY A 1345 -6.51 18.84 -33.08
N ALA A 1346 -6.61 18.92 -34.40
CA ALA A 1346 -7.41 19.99 -35.02
C ALA A 1346 -7.82 19.67 -36.46
N SER A 1347 -9.02 20.12 -36.81
CA SER A 1347 -9.48 20.11 -38.20
C SER A 1347 -9.07 21.42 -38.86
N VAL A 1348 -8.78 21.37 -40.15
CA VAL A 1348 -8.38 22.56 -40.90
C VAL A 1348 -9.20 22.63 -42.18
N THR A 1349 -9.83 23.78 -42.42
CA THR A 1349 -10.67 23.97 -43.60
C THR A 1349 -10.25 25.25 -44.34
N ILE A 1350 -11.08 25.67 -45.30
CA ILE A 1350 -10.78 26.83 -46.13
C ILE A 1350 -10.50 28.06 -45.25
N PRO A 1351 -9.44 28.83 -45.56
CA PRO A 1351 -8.48 28.72 -46.66
C PRO A 1351 -7.11 28.18 -46.22
N LEU A 1352 -7.07 27.35 -45.19
CA LEU A 1352 -5.81 26.97 -44.56
C LEU A 1352 -5.31 25.56 -44.86
N LYS A 1353 -6.04 24.81 -45.69
CA LYS A 1353 -5.65 23.43 -46.02
C LYS A 1353 -4.22 23.34 -46.58
N LEU A 1354 -3.80 24.36 -47.33
CA LEU A 1354 -2.47 24.38 -47.94
C LEU A 1354 -1.46 25.15 -47.09
N ASP A 1355 -1.87 26.31 -46.56
CA ASP A 1355 -0.96 27.18 -45.82
C ASP A 1355 -0.55 26.64 -44.44
N ILE A 1356 -1.23 25.59 -43.95
CA ILE A 1356 -0.91 25.00 -42.65
C ILE A 1356 0.35 24.13 -42.68
N MSE A 1357 0.60 23.48 -43.82
CA MSE A 1357 1.62 22.42 -43.90
C MSE A 1357 3.01 22.79 -43.42
O MSE A 1357 3.67 21.97 -42.79
CB MSE A 1357 1.68 21.88 -45.33
CG MSE A 1357 0.66 20.76 -45.52
SE MSE A 1357 0.21 20.53 -47.43
CE MSE A 1357 2.01 20.02 -48.07
N PRO A 1358 3.48 24.01 -43.73
CA PRO A 1358 4.79 24.44 -43.24
C PRO A 1358 4.95 24.47 -41.71
N LEU A 1359 3.85 24.66 -40.99
CA LEU A 1359 3.87 24.73 -39.53
C LEU A 1359 3.96 23.34 -38.88
N LEU A 1360 3.57 22.31 -39.65
CA LEU A 1360 3.58 20.95 -39.16
C LEU A 1360 4.93 20.29 -39.42
N ASP A 1361 5.30 19.33 -38.57
CA ASP A 1361 6.57 18.63 -38.69
C ASP A 1361 6.58 17.61 -39.83
N SER A 1362 5.49 16.87 -39.96
CA SER A 1362 5.40 15.76 -40.91
C SER A 1362 4.06 15.80 -41.66
N ALA A 1363 3.96 15.02 -42.74
CA ALA A 1363 2.70 14.87 -43.46
C ALA A 1363 2.58 13.49 -44.14
N THR A 1364 1.38 12.93 -44.11
CA THR A 1364 1.15 11.59 -44.67
C THR A 1364 1.21 11.61 -46.19
N ASP A 1365 1.45 10.43 -46.76
CA ASP A 1365 1.62 10.29 -48.21
C ASP A 1365 0.38 10.67 -49.00
N ALA A 1366 -0.79 10.53 -48.39
CA ALA A 1366 -2.03 11.00 -48.99
C ALA A 1366 -2.05 12.52 -49.05
N ALA A 1367 -1.88 13.16 -47.89
CA ALA A 1367 -1.90 14.61 -47.78
C ALA A 1367 -0.77 15.29 -48.55
N ARG A 1368 0.31 14.56 -48.79
CA ARG A 1368 1.46 15.08 -49.53
C ARG A 1368 1.16 15.14 -51.03
N THR A 1369 0.70 14.03 -51.61
CA THR A 1369 0.39 13.98 -53.04
C THR A 1369 -0.89 14.75 -53.40
N ILE A 1370 -1.83 14.84 -52.46
CA ILE A 1370 -3.04 15.66 -52.64
C ILE A 1370 -2.67 17.15 -52.51
N GLY A 1371 -1.70 17.45 -51.65
CA GLY A 1371 -1.22 18.82 -51.47
C GLY A 1371 -2.15 19.66 -50.62
N ALA A 1372 -2.70 19.04 -49.58
CA ALA A 1372 -3.67 19.69 -48.70
C ALA A 1372 -3.85 18.88 -47.41
N VAL A 1373 -3.85 19.58 -46.28
CA VAL A 1373 -4.00 18.97 -44.97
C VAL A 1373 -5.24 19.52 -44.30
N ASN A 1374 -6.17 18.63 -43.95
CA ASN A 1374 -7.35 19.04 -43.19
C ASN A 1374 -7.31 18.55 -41.73
N THR A 1375 -6.29 17.77 -41.37
CA THR A 1375 -6.20 17.17 -40.05
C THR A 1375 -4.80 17.30 -39.45
N ILE A 1376 -4.72 17.83 -38.23
CA ILE A 1376 -3.46 17.92 -37.50
C ILE A 1376 -3.50 16.91 -36.36
N ILE A 1377 -2.49 16.03 -36.30
CA ILE A 1377 -2.43 14.98 -35.29
C ILE A 1377 -1.13 15.12 -34.50
N PRO A 1378 -1.25 15.29 -33.17
CA PRO A 1378 -0.04 15.26 -32.34
C PRO A 1378 0.40 13.84 -32.03
N GLN A 1379 1.71 13.60 -32.04
CA GLN A 1379 2.28 12.28 -31.74
C GLN A 1379 3.23 12.43 -30.56
N THR A 1380 2.89 11.82 -29.43
CA THR A 1380 3.73 11.87 -28.24
C THR A 1380 4.95 10.97 -28.45
N ARG A 1381 6.11 11.59 -28.68
CA ARG A 1381 7.39 10.87 -28.76
C ARG A 1381 8.08 10.94 -27.39
N ASP A 1382 7.67 10.04 -26.48
CA ASP A 1382 8.13 10.05 -25.08
C ASP A 1382 9.65 10.20 -24.96
N GLY A 1383 10.08 11.19 -24.19
CA GLY A 1383 11.48 11.58 -24.10
C GLY A 1383 11.74 12.84 -24.92
N SER A 1384 11.34 12.80 -26.19
CA SER A 1384 11.44 13.96 -27.09
C SER A 1384 10.21 14.86 -26.97
N THR A 1385 10.27 16.00 -27.65
CA THR A 1385 9.13 16.90 -27.77
C THR A 1385 8.04 16.28 -28.64
N THR A 1386 6.85 16.89 -28.64
CA THR A 1386 5.72 16.34 -29.38
C THR A 1386 5.80 16.69 -30.88
N THR A 1387 5.49 15.72 -31.74
CA THR A 1387 5.53 15.88 -33.19
C THR A 1387 4.13 16.17 -33.72
N LEU A 1388 4.05 17.00 -34.76
CA LEU A 1388 2.77 17.34 -35.40
C LEU A 1388 2.69 16.82 -36.83
N VAL A 1389 1.72 15.94 -37.08
CA VAL A 1389 1.54 15.29 -38.38
C VAL A 1389 0.33 15.87 -39.10
N GLY A 1390 0.46 16.08 -40.40
CA GLY A 1390 -0.64 16.55 -41.24
C GLY A 1390 -1.21 15.42 -42.07
N ASP A 1391 -2.52 15.21 -41.96
CA ASP A 1391 -3.21 14.17 -42.74
C ASP A 1391 -4.40 14.77 -43.49
N ASN A 1392 -4.91 14.02 -44.45
CA ASN A 1392 -6.08 14.42 -45.23
C ASN A 1392 -7.16 13.34 -45.09
N THR A 1393 -8.27 13.69 -44.45
CA THR A 1393 -9.42 12.79 -44.34
C THR A 1393 -10.56 13.14 -45.30
N ASP A 1394 -10.39 14.18 -46.13
CA ASP A 1394 -11.41 14.55 -47.13
C ASP A 1394 -11.66 13.37 -48.10
N TRP A 1395 -10.60 12.90 -48.75
CA TRP A 1395 -10.68 11.76 -49.69
C TRP A 1395 -11.20 10.51 -48.97
N ARG A 1396 -10.75 10.34 -47.73
CA ARG A 1396 -11.13 9.20 -46.93
C ARG A 1396 -12.65 9.19 -46.75
N GLY A 1397 -13.20 10.37 -46.46
CA GLY A 1397 -14.64 10.52 -46.32
C GLY A 1397 -15.41 10.29 -47.61
N MSE A 1398 -14.90 10.81 -48.72
CA MSE A 1398 -15.52 10.61 -50.03
C MSE A 1398 -15.58 9.15 -50.39
O MSE A 1398 -16.60 8.65 -50.87
CB MSE A 1398 -14.76 11.35 -51.13
CG MSE A 1398 -14.97 12.86 -51.05
SE MSE A 1398 -13.67 13.73 -52.25
CE MSE A 1398 -13.73 15.57 -51.58
N VAL A 1399 -14.48 8.44 -50.17
CA VAL A 1399 -14.46 7.00 -50.39
C VAL A 1399 -15.51 6.32 -49.54
N HIS A 1400 -15.57 6.67 -48.26
CA HIS A 1400 -16.51 6.08 -47.34
C HIS A 1400 -17.95 6.33 -47.76
N ALA A 1401 -18.24 7.56 -48.20
CA ALA A 1401 -19.57 7.94 -48.64
C ALA A 1401 -20.01 7.15 -49.87
N LEU A 1402 -19.11 7.02 -50.84
CA LEU A 1402 -19.39 6.25 -52.05
C LEU A 1402 -19.57 4.77 -51.74
N LEU A 1403 -18.78 4.26 -50.79
CA LEU A 1403 -18.77 2.84 -50.47
C LEU A 1403 -20.00 2.44 -49.66
N HIS A 1404 -20.30 3.20 -48.62
CA HIS A 1404 -21.38 2.85 -47.66
C HIS A 1404 -22.60 3.75 -47.70
N SER A 1405 -22.39 5.06 -47.70
CA SER A 1405 -23.48 6.02 -47.54
C SER A 1405 -24.38 6.16 -48.78
N SER A 1406 -23.85 5.82 -49.95
CA SER A 1406 -24.70 5.63 -51.14
C SER A 1406 -25.42 4.30 -50.99
N GLY A 1407 -26.56 4.15 -51.65
CA GLY A 1407 -27.41 2.96 -51.45
C GLY A 1407 -26.73 1.65 -51.82
N SER A 1408 -27.29 0.55 -51.34
CA SER A 1408 -26.86 -0.77 -51.80
C SER A 1408 -27.37 -0.96 -53.22
N GLY A 1409 -26.56 -1.60 -54.06
CA GLY A 1409 -26.81 -1.62 -55.50
C GLY A 1409 -26.23 -0.41 -56.20
N SER A 1410 -25.39 0.35 -55.50
CA SER A 1410 -24.57 1.39 -56.13
C SER A 1410 -23.45 0.74 -56.91
N VAL A 1411 -22.94 1.42 -57.93
CA VAL A 1411 -21.82 0.92 -58.73
C VAL A 1411 -20.65 0.47 -57.85
N VAL A 1412 -20.44 1.15 -56.73
CA VAL A 1412 -19.35 0.80 -55.83
C VAL A 1412 -19.64 -0.53 -55.13
N GLN A 1413 -20.85 -0.68 -54.62
CA GLN A 1413 -21.29 -1.94 -54.00
C GLN A 1413 -21.42 -3.08 -55.00
N ARG A 1414 -21.85 -2.76 -56.22
CA ARG A 1414 -22.09 -3.76 -57.29
C ARG A 1414 -20.83 -4.33 -57.91
N THR A 1415 -19.85 -3.46 -58.17
CA THR A 1415 -18.66 -3.83 -58.95
C THR A 1415 -17.41 -3.83 -58.09
N ALA A 1416 -16.33 -4.36 -58.66
CA ALA A 1416 -15.04 -4.45 -57.99
C ALA A 1416 -13.96 -3.81 -58.86
N ALA A 1417 -12.87 -3.36 -58.23
CA ALA A 1417 -11.78 -2.72 -58.94
C ALA A 1417 -11.15 -3.70 -59.94
N PRO A 1418 -10.88 -3.24 -61.18
CA PRO A 1418 -11.08 -1.89 -61.72
C PRO A 1418 -12.56 -1.61 -62.04
N ARG A 1419 -13.05 -0.46 -61.58
CA ARG A 1419 -14.47 -0.11 -61.69
C ARG A 1419 -14.83 0.70 -62.95
N GLY A 1420 -13.88 0.83 -63.86
CA GLY A 1420 -14.11 1.58 -65.09
C GLY A 1420 -14.06 3.08 -64.85
N ALA A 1421 -14.84 3.82 -65.65
CA ALA A 1421 -14.71 5.27 -65.71
C ALA A 1421 -15.39 5.99 -64.55
N ALA A 1422 -14.97 7.23 -64.33
CA ALA A 1422 -15.57 8.12 -63.33
C ALA A 1422 -15.21 9.56 -63.68
N MSE A 1423 -15.81 10.52 -62.96
CA MSE A 1423 -15.72 11.93 -63.31
C MSE A 1423 -15.56 12.82 -62.12
O MSE A 1423 -16.07 12.53 -61.05
CB MSE A 1423 -16.98 12.34 -64.06
CG MSE A 1423 -16.70 13.00 -65.40
SE MSE A 1423 -18.19 14.16 -65.93
CE MSE A 1423 -17.85 15.63 -64.64
N VAL A 1424 -14.88 13.95 -62.33
CA VAL A 1424 -14.72 14.98 -61.30
C VAL A 1424 -14.93 16.35 -61.94
N VAL A 1425 -16.10 16.94 -61.72
CA VAL A 1425 -16.35 18.30 -62.19
C VAL A 1425 -15.87 19.29 -61.14
N GLY A 1426 -15.28 20.40 -61.61
CA GLY A 1426 -14.76 21.44 -60.73
C GLY A 1426 -13.25 21.41 -60.64
N SER A 1427 -12.67 22.51 -60.18
CA SER A 1427 -11.23 22.70 -60.23
C SER A 1427 -10.57 23.02 -58.87
N GLY A 1428 -11.35 22.97 -57.78
CA GLY A 1428 -10.84 23.36 -56.46
C GLY A 1428 -9.83 22.38 -55.86
N GLY A 1429 -9.48 22.64 -54.59
CA GLY A 1429 -8.64 21.73 -53.82
C GLY A 1429 -9.41 20.49 -53.38
N THR A 1430 -10.74 20.60 -53.36
CA THR A 1430 -11.63 19.46 -53.14
C THR A 1430 -11.48 18.45 -54.28
N ALA A 1431 -11.40 18.98 -55.50
CA ALA A 1431 -11.26 18.16 -56.70
C ALA A 1431 -9.99 17.30 -56.63
N ARG A 1432 -8.91 17.90 -56.14
CA ARG A 1432 -7.67 17.15 -55.91
C ARG A 1432 -7.94 15.89 -55.10
N ALA A 1433 -8.59 16.06 -53.94
CA ALA A 1433 -8.90 14.93 -53.06
C ALA A 1433 -9.87 13.96 -53.72
N ALA A 1434 -10.82 14.49 -54.50
CA ALA A 1434 -11.79 13.67 -55.24
C ALA A 1434 -11.11 12.68 -56.19
N ILE A 1435 -10.08 13.15 -56.88
CA ILE A 1435 -9.29 12.29 -57.77
C ILE A 1435 -8.68 11.15 -56.96
N TYR A 1436 -7.95 11.52 -55.92
CA TYR A 1436 -7.27 10.56 -55.04
C TYR A 1436 -8.26 9.52 -54.52
N ALA A 1437 -9.45 9.99 -54.14
CA ALA A 1437 -10.50 9.11 -53.64
C ALA A 1437 -10.93 8.09 -54.69
N LEU A 1438 -11.17 8.57 -55.91
CA LEU A 1438 -11.61 7.70 -57.00
C LEU A 1438 -10.55 6.69 -57.40
N HIS A 1439 -9.28 7.12 -57.41
CA HIS A 1439 -8.17 6.22 -57.71
C HIS A 1439 -8.08 5.10 -56.69
N ASP A 1440 -8.26 5.43 -55.41
CA ASP A 1440 -8.27 4.43 -54.35
C ASP A 1440 -9.38 3.39 -54.57
N LEU A 1441 -10.57 3.87 -54.89
CA LEU A 1441 -11.69 2.98 -55.22
C LEU A 1441 -11.47 2.24 -56.55
N GLY A 1442 -10.41 2.59 -57.28
CA GLY A 1442 -9.97 1.84 -58.44
C GLY A 1442 -10.66 2.25 -59.72
N PHE A 1443 -11.05 3.52 -59.80
CA PHE A 1443 -11.71 4.05 -60.99
C PHE A 1443 -10.66 4.56 -61.98
N ALA A 1444 -10.82 4.16 -63.24
CA ALA A 1444 -9.94 4.60 -64.32
C ALA A 1444 -10.60 4.30 -65.66
N PRO A 1445 -10.62 5.29 -66.58
CA PRO A 1445 -10.07 6.64 -66.46
C PRO A 1445 -10.91 7.55 -65.56
N ILE A 1446 -10.28 8.64 -65.12
CA ILE A 1446 -10.96 9.66 -64.32
C ILE A 1446 -11.09 10.92 -65.15
N TRP A 1447 -12.29 11.13 -65.71
CA TRP A 1447 -12.57 12.29 -66.54
C TRP A 1447 -12.64 13.55 -65.70
N ILE A 1448 -12.20 14.67 -66.27
CA ILE A 1448 -12.24 15.96 -65.58
C ILE A 1448 -12.93 17.00 -66.44
N VAL A 1449 -13.88 17.71 -65.84
CA VAL A 1449 -14.56 18.82 -66.50
C VAL A 1449 -14.25 20.08 -65.72
N ALA A 1450 -13.66 21.07 -66.40
CA ALA A 1450 -13.27 22.32 -65.76
C ALA A 1450 -13.25 23.48 -66.76
N ARG A 1451 -13.10 24.69 -66.23
CA ARG A 1451 -13.16 25.90 -67.04
C ARG A 1451 -12.14 25.90 -68.17
N SER A 1452 -10.85 25.89 -67.79
CA SER A 1452 -9.75 26.06 -68.75
C SER A 1452 -8.74 24.92 -68.68
N GLU A 1453 -8.00 24.72 -69.76
CA GLU A 1453 -6.93 23.73 -69.79
C GLU A 1453 -5.74 24.16 -68.91
N GLU A 1454 -5.67 25.44 -68.61
CA GLU A 1454 -4.64 25.98 -67.72
C GLU A 1454 -4.79 25.43 -66.31
N ARG A 1455 -5.98 25.56 -65.75
CA ARG A 1455 -6.23 25.12 -64.38
C ARG A 1455 -6.44 23.61 -64.24
N VAL A 1456 -6.84 22.94 -65.34
CA VAL A 1456 -6.94 21.48 -65.34
C VAL A 1456 -5.55 20.84 -65.39
N ALA A 1457 -4.60 21.53 -66.00
CA ALA A 1457 -3.21 21.06 -66.06
C ALA A 1457 -2.54 21.06 -64.70
N GLU A 1458 -2.82 22.08 -63.90
CA GLU A 1458 -2.29 22.16 -62.53
C GLU A 1458 -3.11 21.30 -61.57
N LEU A 1459 -4.31 20.93 -61.99
CA LEU A 1459 -5.13 19.96 -61.25
C LEU A 1459 -4.65 18.51 -61.47
N VAL A 1460 -4.04 18.25 -62.63
CA VAL A 1460 -3.42 16.95 -62.92
C VAL A 1460 -2.04 16.83 -62.27
N ARG A 1461 -1.25 17.91 -62.31
CA ARG A 1461 0.12 17.93 -61.77
C ARG A 1461 0.21 17.21 -60.44
N GLY A 1462 1.10 16.22 -60.35
CA GLY A 1462 1.25 15.39 -59.16
C GLY A 1462 0.81 13.96 -59.41
N PHE A 1463 -0.41 13.79 -59.91
CA PHE A 1463 -0.95 12.46 -60.17
C PHE A 1463 -0.37 11.88 -61.45
N ASP A 1464 0.34 10.77 -61.32
CA ASP A 1464 0.94 10.09 -62.47
C ASP A 1464 0.47 8.64 -62.51
N GLY A 1465 0.09 8.17 -63.69
CA GLY A 1465 -0.47 6.84 -63.85
C GLY A 1465 -1.86 6.69 -63.28
N TYR A 1466 -2.59 7.80 -63.19
CA TYR A 1466 -3.98 7.80 -62.74
C TYR A 1466 -4.96 7.72 -63.92
N ASP A 1467 -4.49 8.11 -65.11
CA ASP A 1467 -5.30 8.18 -66.33
C ASP A 1467 -6.32 9.33 -66.26
N LEU A 1468 -5.80 10.52 -65.97
CA LEU A 1468 -6.61 11.73 -65.99
C LEU A 1468 -6.69 12.27 -67.41
N ARG A 1469 -7.90 12.59 -67.85
CA ARG A 1469 -8.10 13.19 -69.16
C ARG A 1469 -9.33 14.09 -69.17
N ARG A 1470 -9.19 15.25 -69.80
CA ARG A 1470 -10.25 16.25 -69.82
C ARG A 1470 -11.39 15.82 -70.74
N MSE A 1471 -12.61 16.16 -70.35
CA MSE A 1471 -13.78 15.96 -71.22
C MSE A 1471 -14.31 17.32 -71.58
O MSE A 1471 -14.77 18.06 -70.70
CB MSE A 1471 -14.86 15.10 -70.54
CG MSE A 1471 -15.53 14.19 -71.57
SE MSE A 1471 -17.30 13.52 -71.00
CE MSE A 1471 -16.67 11.88 -70.13
N THR A 1472 -14.19 17.68 -72.85
CA THR A 1472 -14.75 18.92 -73.39
C THR A 1472 -15.95 18.68 -74.30
N SER A 1473 -16.16 17.43 -74.72
CA SER A 1473 -17.33 17.05 -75.52
C SER A 1473 -17.79 15.64 -75.13
N PRO A 1474 -19.12 15.40 -75.16
CA PRO A 1474 -19.66 14.09 -74.73
C PRO A 1474 -19.10 12.89 -75.49
N HIS A 1475 -18.96 13.02 -76.81
CA HIS A 1475 -18.53 11.90 -77.67
C HIS A 1475 -17.16 11.30 -77.33
N GLN A 1476 -16.34 12.06 -76.58
CA GLN A 1476 -15.03 11.57 -76.13
C GLN A 1476 -15.11 10.34 -75.22
N GLY A 1477 -16.24 10.20 -74.52
CA GLY A 1477 -16.41 9.10 -73.57
C GLY A 1477 -16.94 7.79 -74.11
N LYS A 1478 -17.14 7.69 -75.43
CA LYS A 1478 -17.64 6.46 -76.04
C LYS A 1478 -16.96 5.22 -75.43
N ASP A 1479 -17.76 4.27 -74.94
CA ASP A 1479 -17.27 3.03 -74.31
C ASP A 1479 -16.44 3.25 -73.03
N ASN A 1480 -16.59 4.43 -72.42
CA ASN A 1480 -15.90 4.75 -71.17
C ASN A 1480 -16.59 5.90 -70.41
N MSE A 1481 -17.92 5.90 -70.43
CA MSE A 1481 -18.70 6.96 -69.79
C MSE A 1481 -18.67 6.69 -68.31
O MSE A 1481 -18.68 5.52 -67.89
CB MSE A 1481 -20.14 7.00 -70.30
CG MSE A 1481 -20.23 7.43 -71.75
SE MSE A 1481 -19.79 9.35 -71.98
CE MSE A 1481 -21.64 10.05 -71.97
N PRO A 1482 -18.63 7.75 -67.49
CA PRO A 1482 -18.45 7.57 -66.04
C PRO A 1482 -19.68 7.01 -65.33
N SER A 1483 -19.42 6.16 -64.35
CA SER A 1483 -20.47 5.58 -63.51
C SER A 1483 -20.67 6.43 -62.24
N VAL A 1484 -19.63 7.18 -61.87
CA VAL A 1484 -19.64 7.99 -60.65
C VAL A 1484 -19.12 9.39 -60.96
N VAL A 1485 -19.80 10.39 -60.40
CA VAL A 1485 -19.42 11.78 -60.59
C VAL A 1485 -19.28 12.45 -59.23
N ILE A 1486 -18.22 13.25 -59.08
CA ILE A 1486 -17.97 13.99 -57.84
C ILE A 1486 -17.92 15.48 -58.19
N SER A 1487 -18.89 16.23 -57.70
CA SER A 1487 -19.02 17.65 -58.03
C SER A 1487 -18.42 18.55 -56.97
N THR A 1488 -17.42 19.35 -57.37
CA THR A 1488 -16.75 20.27 -56.46
C THR A 1488 -17.05 21.74 -56.79
N ILE A 1489 -17.84 22.00 -57.81
CA ILE A 1489 -18.29 23.37 -58.10
C ILE A 1489 -19.33 23.79 -57.06
N PRO A 1490 -19.33 25.08 -56.65
CA PRO A 1490 -20.32 25.51 -55.66
C PRO A 1490 -21.71 25.63 -56.26
N ALA A 1491 -22.73 25.50 -55.41
CA ALA A 1491 -24.12 25.67 -55.84
C ALA A 1491 -24.53 27.14 -55.92
N THR A 1492 -23.76 28.02 -55.28
CA THR A 1492 -23.96 29.46 -55.39
C THR A 1492 -23.61 29.97 -56.78
N GLN A 1493 -22.54 29.43 -57.37
CA GLN A 1493 -22.13 29.77 -58.73
C GLN A 1493 -23.02 29.11 -59.77
N PRO A 1494 -23.35 29.82 -60.86
CA PRO A 1494 -23.98 29.16 -61.99
C PRO A 1494 -22.93 28.40 -62.80
N ILE A 1495 -23.34 27.38 -63.52
CA ILE A 1495 -22.42 26.52 -64.27
C ILE A 1495 -22.14 27.15 -65.63
N ASP A 1496 -20.93 26.91 -66.14
CA ASP A 1496 -20.52 27.41 -67.46
C ASP A 1496 -21.28 26.66 -68.54
N PRO A 1497 -21.80 27.38 -69.55
CA PRO A 1497 -22.51 26.74 -70.65
C PRO A 1497 -21.81 25.51 -71.23
N SER A 1498 -20.51 25.60 -71.47
CA SER A 1498 -19.77 24.51 -72.11
C SER A 1498 -19.56 23.31 -71.19
N MSE A 1499 -19.46 23.56 -69.88
CA MSE A 1499 -19.35 22.48 -68.90
C MSE A 1499 -20.69 21.82 -68.70
O MSE A 1499 -20.77 20.61 -68.57
CB MSE A 1499 -18.85 23.01 -67.55
CG MSE A 1499 -17.38 23.41 -67.63
SE MSE A 1499 -16.67 23.98 -65.87
CE MSE A 1499 -18.21 23.96 -64.67
N ARG A 1500 -21.74 22.64 -68.68
CA ARG A 1500 -23.11 22.12 -68.56
C ARG A 1500 -23.42 21.15 -69.70
N GLU A 1501 -23.12 21.54 -70.93
CA GLU A 1501 -23.37 20.69 -72.10
C GLU A 1501 -22.75 19.30 -71.94
N VAL A 1502 -21.57 19.24 -71.33
CA VAL A 1502 -20.90 17.98 -71.06
C VAL A 1502 -21.59 17.22 -69.94
N ILE A 1503 -21.80 17.90 -68.80
CA ILE A 1503 -22.40 17.29 -67.61
C ILE A 1503 -23.79 16.73 -67.91
N VAL A 1504 -24.63 17.58 -68.49
CA VAL A 1504 -26.00 17.20 -68.87
C VAL A 1504 -26.02 15.87 -69.63
N GLU A 1505 -25.18 15.75 -70.66
CA GLU A 1505 -25.15 14.56 -71.50
C GLU A 1505 -24.63 13.32 -70.76
N VAL A 1506 -23.68 13.53 -69.84
CA VAL A 1506 -23.13 12.43 -69.03
C VAL A 1506 -24.18 11.84 -68.09
N LEU A 1507 -25.05 12.67 -67.55
CA LEU A 1507 -26.11 12.21 -66.66
C LEU A 1507 -27.20 11.46 -67.43
N LYS A 1508 -27.54 11.95 -68.61
CA LYS A 1508 -28.61 11.35 -69.42
C LYS A 1508 -28.20 10.05 -70.10
N HIS A 1509 -26.89 9.76 -70.15
CA HIS A 1509 -26.38 8.62 -70.92
C HIS A 1509 -26.74 7.25 -70.32
N GLY A 1510 -27.15 6.33 -71.19
CA GLY A 1510 -27.41 4.95 -70.79
C GLY A 1510 -28.68 4.78 -69.98
N HIS A 1511 -28.60 3.91 -68.98
CA HIS A 1511 -29.71 3.67 -68.04
C HIS A 1511 -29.17 3.73 -66.62
N PRO A 1512 -28.86 4.95 -66.14
CA PRO A 1512 -28.21 5.16 -64.84
C PRO A 1512 -28.83 4.39 -63.68
N SER A 1513 -30.16 4.33 -63.62
CA SER A 1513 -30.87 3.66 -62.53
C SER A 1513 -30.43 2.20 -62.34
N ALA A 1514 -30.45 1.43 -63.42
CA ALA A 1514 -30.06 0.02 -63.41
C ALA A 1514 -28.55 -0.16 -63.43
N GLU A 1515 -27.83 0.82 -63.96
CA GLU A 1515 -26.36 0.82 -63.95
C GLU A 1515 -25.86 1.06 -62.53
N GLY A 1516 -26.67 1.74 -61.72
CA GLY A 1516 -26.38 1.96 -60.30
C GLY A 1516 -25.54 3.19 -60.05
N LYS A 1517 -25.66 4.19 -60.94
CA LYS A 1517 -24.74 5.32 -60.95
C LYS A 1517 -24.95 6.27 -59.78
N VAL A 1518 -23.91 7.03 -59.45
CA VAL A 1518 -23.86 7.81 -58.23
C VAL A 1518 -23.26 9.20 -58.43
N LEU A 1519 -23.98 10.21 -57.94
CA LEU A 1519 -23.44 11.57 -57.90
C LEU A 1519 -23.12 11.94 -56.47
N LEU A 1520 -21.98 12.59 -56.29
CA LEU A 1520 -21.53 13.05 -54.99
C LEU A 1520 -21.36 14.56 -55.04
N GLU A 1521 -22.25 15.29 -54.37
CA GLU A 1521 -22.15 16.74 -54.27
C GLU A 1521 -21.42 17.12 -52.99
N MSE A 1522 -20.38 17.94 -53.12
CA MSE A 1522 -19.54 18.32 -51.98
C MSE A 1522 -20.08 19.50 -51.23
O MSE A 1522 -19.90 19.60 -50.01
CB MSE A 1522 -18.14 18.69 -52.47
CG MSE A 1522 -17.38 17.48 -53.03
SE MSE A 1522 -17.24 16.03 -51.70
CE MSE A 1522 -16.85 17.10 -50.09
N ALA A 1523 -20.71 20.44 -51.95
CA ALA A 1523 -21.36 21.57 -51.30
C ALA A 1523 -22.63 21.07 -50.62
N TYR A 1524 -22.82 21.42 -49.36
CA TYR A 1524 -23.95 20.90 -48.57
C TYR A 1524 -25.06 21.93 -48.33
N GLN A 1525 -24.90 23.11 -48.91
CA GLN A 1525 -25.89 24.18 -48.79
C GLN A 1525 -26.31 24.63 -50.20
N PRO A 1526 -27.59 24.40 -50.57
CA PRO A 1526 -28.65 23.73 -49.80
C PRO A 1526 -28.42 22.22 -49.69
N PRO A 1527 -29.24 21.53 -48.88
CA PRO A 1527 -29.20 20.07 -48.79
C PRO A 1527 -29.23 19.37 -50.15
N ARG A 1528 -30.08 19.87 -51.05
CA ARG A 1528 -30.18 19.37 -52.42
C ARG A 1528 -29.91 20.48 -53.43
N THR A 1529 -28.77 20.39 -54.12
CA THR A 1529 -28.33 21.40 -55.09
C THR A 1529 -29.06 21.25 -56.43
N PRO A 1530 -28.94 22.25 -57.32
CA PRO A 1530 -29.53 22.11 -58.66
C PRO A 1530 -28.98 20.92 -59.45
N LEU A 1531 -27.71 20.61 -59.28
CA LEU A 1531 -27.08 19.50 -59.98
C LEU A 1531 -27.62 18.14 -59.52
N MSE A 1532 -27.86 18.02 -58.21
CA MSE A 1532 -28.45 16.80 -57.65
C MSE A 1532 -29.83 16.58 -58.20
O MSE A 1532 -30.20 15.45 -58.51
CB MSE A 1532 -28.55 16.88 -56.12
CG MSE A 1532 -27.22 16.57 -55.45
SE MSE A 1532 -27.28 17.03 -53.54
CE MSE A 1532 -28.56 15.68 -52.88
N THR A 1533 -30.59 17.66 -58.32
CA THR A 1533 -31.95 17.59 -58.83
C THR A 1533 -31.99 16.98 -60.22
N LEU A 1534 -31.08 17.43 -61.10
CA LEU A 1534 -31.01 16.91 -62.47
C LEU A 1534 -30.62 15.43 -62.48
N ALA A 1535 -29.60 15.09 -61.69
CA ALA A 1535 -29.13 13.71 -61.61
C ALA A 1535 -30.23 12.77 -61.11
N GLU A 1536 -31.00 13.20 -60.12
CA GLU A 1536 -32.11 12.40 -59.58
C GLU A 1536 -33.19 12.14 -60.63
N ASP A 1537 -33.48 13.15 -61.45
CA ASP A 1537 -34.43 12.97 -62.56
C ASP A 1537 -33.96 11.92 -63.57
N GLN A 1538 -32.65 11.82 -63.77
CA GLN A 1538 -32.07 10.84 -64.69
C GLN A 1538 -31.79 9.47 -64.03
N GLY A 1539 -32.22 9.30 -62.77
CA GLY A 1539 -32.11 8.01 -62.09
C GLY A 1539 -30.82 7.76 -61.34
N TRP A 1540 -30.01 8.80 -61.15
CA TRP A 1540 -28.77 8.68 -60.40
C TRP A 1540 -29.05 8.67 -58.91
N ARG A 1541 -28.20 7.97 -58.14
CA ARG A 1541 -28.23 8.04 -56.70
C ARG A 1541 -27.38 9.23 -56.27
N THR A 1542 -27.93 10.11 -55.44
CA THR A 1542 -27.22 11.31 -55.00
C THR A 1542 -26.83 11.21 -53.54
N VAL A 1543 -25.58 11.55 -53.24
CA VAL A 1543 -25.09 11.60 -51.86
C VAL A 1543 -24.70 13.04 -51.53
N GLY A 1544 -25.36 13.62 -50.54
CA GLY A 1544 -25.17 15.02 -50.18
C GLY A 1544 -23.81 15.29 -49.55
N GLY A 1545 -23.48 16.56 -49.40
CA GLY A 1545 -22.20 16.98 -48.82
C GLY A 1545 -22.04 16.67 -47.34
N LEU A 1546 -23.12 16.82 -46.58
CA LEU A 1546 -23.09 16.54 -45.14
C LEU A 1546 -22.67 15.10 -44.87
N GLU A 1547 -23.12 14.19 -45.74
CA GLU A 1547 -22.76 12.79 -45.64
C GLU A 1547 -21.24 12.61 -45.70
N VAL A 1548 -20.57 13.38 -46.55
CA VAL A 1548 -19.11 13.37 -46.62
C VAL A 1548 -18.49 14.04 -45.39
N LEU A 1549 -19.07 15.16 -44.99
CA LEU A 1549 -18.62 15.89 -43.79
C LEU A 1549 -18.54 14.93 -42.57
N ALA A 1550 -19.60 14.19 -42.34
CA ALA A 1550 -19.62 13.16 -41.26
C ALA A 1550 -18.46 12.18 -41.38
N ALA A 1551 -18.31 11.59 -42.56
CA ALA A 1551 -17.26 10.60 -42.79
C ALA A 1551 -15.87 11.22 -42.59
N GLN A 1552 -15.59 12.30 -43.32
CA GLN A 1552 -14.35 13.06 -43.15
C GLN A 1552 -13.96 13.21 -41.68
N GLY A 1553 -14.91 13.66 -40.86
CA GLY A 1553 -14.66 13.90 -39.44
C GLY A 1553 -14.55 12.62 -38.62
N TRP A 1554 -15.45 11.69 -38.87
CA TRP A 1554 -15.41 10.35 -38.27
C TRP A 1554 -14.00 9.78 -38.30
N TYR A 1555 -13.31 9.96 -39.41
CA TYR A 1555 -11.93 9.51 -39.55
C TYR A 1555 -10.96 10.34 -38.70
N GLN A 1556 -11.17 11.65 -38.66
CA GLN A 1556 -10.36 12.52 -37.79
C GLN A 1556 -10.42 12.04 -36.33
N PHE A 1557 -11.63 11.77 -35.87
CA PHE A 1557 -11.86 11.30 -34.49
C PHE A 1557 -11.08 10.03 -34.20
N GLN A 1558 -11.12 9.08 -35.14
CA GLN A 1558 -10.36 7.84 -35.03
C GLN A 1558 -8.88 8.13 -34.88
N LEU A 1559 -8.36 9.00 -35.74
CA LEU A 1559 -6.93 9.35 -35.75
C LEU A 1559 -6.49 10.01 -34.44
N TRP A 1560 -7.39 10.74 -33.79
CA TRP A 1560 -7.07 11.44 -32.55
C TRP A 1560 -7.24 10.58 -31.29
N THR A 1561 -8.28 9.76 -31.26
CA THR A 1561 -8.66 9.02 -30.05
C THR A 1561 -8.26 7.56 -30.06
N GLY A 1562 -8.13 6.98 -31.26
CA GLY A 1562 -7.92 5.54 -31.38
C GLY A 1562 -9.21 4.75 -31.16
N ILE A 1563 -10.34 5.46 -31.15
CA ILE A 1563 -11.64 4.86 -30.96
C ILE A 1563 -12.44 5.04 -32.24
N THR A 1564 -13.05 3.96 -32.71
CA THR A 1564 -13.88 4.01 -33.90
C THR A 1564 -15.34 3.80 -33.49
N PRO A 1565 -16.06 4.89 -33.17
CA PRO A 1565 -17.50 4.73 -32.96
C PRO A 1565 -18.19 4.35 -34.26
N LEU A 1566 -19.44 3.93 -34.19
CA LEU A 1566 -20.19 3.64 -35.41
C LEU A 1566 -20.37 4.92 -36.20
N TYR A 1567 -20.38 4.80 -37.52
CA TYR A 1567 -20.57 5.96 -38.36
C TYR A 1567 -21.92 6.64 -38.10
N GLU A 1568 -22.97 5.85 -37.89
CA GLU A 1568 -24.29 6.40 -37.55
C GLU A 1568 -24.23 7.45 -36.45
N GLU A 1569 -23.36 7.24 -35.47
CA GLU A 1569 -23.20 8.19 -34.35
C GLU A 1569 -22.70 9.54 -34.85
N ALA A 1570 -21.69 9.50 -35.73
CA ALA A 1570 -21.10 10.71 -36.31
C ALA A 1570 -22.06 11.38 -37.29
N ARG A 1571 -22.73 10.55 -38.09
CA ARG A 1571 -23.77 11.02 -39.00
C ARG A 1571 -24.82 11.81 -38.24
N ALA A 1572 -25.40 11.19 -37.22
CA ALA A 1572 -26.47 11.79 -36.42
C ALA A 1572 -26.01 13.08 -35.74
N ALA A 1573 -24.75 13.14 -35.34
CA ALA A 1573 -24.20 14.33 -34.71
C ALA A 1573 -24.19 15.51 -35.68
N VAL A 1574 -23.86 15.25 -36.94
CA VAL A 1574 -23.80 16.29 -37.96
C VAL A 1574 -25.20 16.77 -38.35
N MSE A 1575 -26.14 15.84 -38.50
CA MSE A 1575 -27.53 16.18 -38.84
C MSE A 1575 -28.21 16.88 -37.68
O MSE A 1575 -29.15 17.64 -37.89
CB MSE A 1575 -28.39 14.95 -39.18
CG MSE A 1575 -27.90 14.10 -40.35
SE MSE A 1575 -27.29 15.14 -41.90
CE MSE A 1575 -25.85 13.98 -42.56
N GLY A 1576 -27.76 16.61 -36.45
CA GLY A 1576 -28.36 17.20 -35.26
C GLY A 1576 -29.47 16.34 -34.67
N GLU A 1577 -29.58 15.10 -35.16
CA GLU A 1577 -30.56 14.15 -34.63
C GLU A 1577 -30.16 13.63 -33.26
N ASP A 1578 -28.86 13.62 -32.97
CA ASP A 1578 -28.33 13.15 -31.68
C ASP A 1578 -26.95 13.75 -31.42
N SER A 1579 -26.95 14.97 -30.89
CA SER A 1579 -25.72 15.71 -30.61
C SER A 1579 -25.78 16.43 -29.26
N VAL A 1580 -24.68 17.10 -28.89
CA VAL A 1580 -24.64 17.90 -27.66
C VAL A 1580 -24.46 19.39 -27.99
N GLU A 1581 -25.56 20.14 -27.86
CA GLU A 1581 -25.57 21.61 -28.11
C GLU A 1581 -26.93 22.20 -27.75
N GLU B 15 35.94 18.68 33.20
CA GLU B 15 35.77 17.44 34.00
C GLU B 15 34.98 16.35 33.24
N PRO B 16 35.57 15.81 32.15
CA PRO B 16 34.94 14.74 31.38
C PRO B 16 34.97 13.38 32.08
N THR B 17 33.87 12.98 32.71
CA THR B 17 33.82 11.70 33.43
C THR B 17 33.31 10.59 32.52
N ARG B 18 34.01 9.46 32.52
CA ARG B 18 33.59 8.28 31.78
C ARG B 18 32.91 7.29 32.72
N ILE B 19 32.11 6.39 32.14
CA ILE B 19 31.41 5.37 32.92
C ILE B 19 31.56 4.02 32.23
N ALA B 20 31.87 3.00 33.04
CA ALA B 20 32.10 1.65 32.55
C ALA B 20 30.78 0.93 32.34
N ILE B 21 30.66 0.27 31.19
CA ILE B 21 29.52 -0.60 30.93
C ILE B 21 29.98 -1.82 30.14
N LEU B 22 29.57 -3.00 30.60
CA LEU B 22 29.94 -4.27 29.98
C LEU B 22 31.45 -4.42 29.80
N GLY B 23 32.21 -3.98 30.80
CA GLY B 23 33.66 -4.18 30.83
C GLY B 23 34.51 -3.15 30.11
N LYS B 24 33.90 -2.05 29.65
CA LYS B 24 34.62 -0.98 28.99
C LYS B 24 33.98 0.39 29.25
N GLU B 25 34.82 1.42 29.34
CA GLU B 25 34.35 2.78 29.60
C GLU B 25 33.94 3.44 28.29
N ASP B 26 32.82 2.99 27.76
CA ASP B 26 32.31 3.44 26.45
C ASP B 26 31.28 4.56 26.56
N ILE B 27 30.87 4.88 27.78
CA ILE B 27 30.05 6.06 28.04
C ILE B 27 30.99 7.20 28.44
N ILE B 28 30.80 8.37 27.82
CA ILE B 28 31.52 9.57 28.23
C ILE B 28 30.53 10.72 28.44
N VAL B 29 30.63 11.39 29.58
CA VAL B 29 29.75 12.50 29.94
C VAL B 29 30.56 13.79 30.07
N ASP B 30 30.35 14.71 29.14
CA ASP B 30 31.06 15.98 29.14
C ASP B 30 30.13 17.07 28.59
N HIS B 31 30.71 18.22 28.25
CA HIS B 31 29.94 19.37 27.80
C HIS B 31 30.60 19.91 26.54
N GLY B 32 29.82 20.03 25.46
CA GLY B 32 30.33 20.52 24.18
C GLY B 32 31.27 19.58 23.46
N ILE B 33 30.93 18.30 23.44
CA ILE B 33 31.75 17.28 22.77
C ILE B 33 31.24 16.92 21.38
N TRP B 34 29.98 17.22 21.09
CA TRP B 34 29.40 16.93 19.78
C TRP B 34 30.21 17.54 18.64
N LEU B 35 30.61 18.80 18.79
CA LEU B 35 31.26 19.53 17.71
C LEU B 35 32.79 19.53 17.78
N ASN B 36 33.38 18.70 18.64
CA ASN B 36 34.83 18.48 18.59
C ASN B 36 35.22 17.03 18.89
N PHE B 37 35.10 16.60 20.14
CA PHE B 37 35.57 15.28 20.54
C PHE B 37 34.94 14.14 19.74
N VAL B 38 33.62 14.18 19.56
CA VAL B 38 32.89 13.04 18.98
C VAL B 38 33.37 12.69 17.57
N ALA B 39 33.49 13.70 16.71
CA ALA B 39 33.95 13.48 15.33
C ALA B 39 35.32 12.82 15.31
N HIS B 40 36.24 13.35 16.11
CA HIS B 40 37.60 12.83 16.19
C HIS B 40 37.65 11.42 16.79
N ASP B 41 36.84 11.15 17.81
CA ASP B 41 36.83 9.83 18.45
C ASP B 41 36.28 8.75 17.51
N LEU B 42 35.25 9.10 16.74
CA LEU B 42 34.72 8.20 15.73
C LEU B 42 35.81 7.82 14.74
N LEU B 43 36.48 8.82 14.17
CA LEU B 43 37.49 8.60 13.14
C LEU B 43 38.70 7.84 13.64
N GLN B 44 39.03 7.98 14.93
CA GLN B 44 40.22 7.35 15.49
C GLN B 44 39.94 5.98 16.12
N THR B 45 38.81 5.81 16.80
CA THR B 45 38.52 4.54 17.49
C THR B 45 37.58 3.61 16.71
N LEU B 46 36.80 4.16 15.78
CA LEU B 46 35.90 3.38 14.93
C LEU B 46 36.12 3.72 13.45
N PRO B 47 37.29 3.39 12.91
CA PRO B 47 37.59 3.76 11.53
C PRO B 47 36.67 3.04 10.55
N SER B 48 36.28 3.76 9.49
CA SER B 48 35.38 3.21 8.49
C SER B 48 35.48 4.01 7.19
N SER B 49 34.93 3.45 6.12
CA SER B 49 34.81 4.17 4.86
C SER B 49 33.58 5.05 4.85
N THR B 50 32.60 4.69 5.67
CA THR B 50 31.26 5.27 5.60
C THR B 50 30.67 5.48 6.99
N TYR B 51 30.34 6.73 7.30
CA TYR B 51 29.63 7.09 8.54
C TYR B 51 28.24 7.62 8.20
N VAL B 52 27.23 7.10 8.89
CA VAL B 52 25.84 7.45 8.62
C VAL B 52 25.22 8.13 9.84
N LEU B 53 24.95 9.43 9.73
CA LEU B 53 24.41 10.22 10.82
C LEU B 53 22.91 10.44 10.62
N ILE B 54 22.11 9.85 11.50
CA ILE B 54 20.65 9.93 11.37
C ILE B 54 20.04 10.60 12.60
N THR B 55 19.21 11.61 12.36
CA THR B 55 18.51 12.31 13.43
C THR B 55 17.06 12.55 12.98
N ASP B 56 16.35 13.47 13.64
CA ASP B 56 14.99 13.82 13.21
C ASP B 56 14.90 15.26 12.70
N THR B 57 13.75 15.62 12.13
CA THR B 57 13.56 16.90 11.44
C THR B 57 13.71 18.11 12.37
N ASN B 58 13.30 17.96 13.62
CA ASN B 58 13.47 19.01 14.62
C ASN B 58 14.94 19.33 14.89
N LEU B 59 15.78 18.30 14.91
CA LEU B 59 17.20 18.45 15.23
C LEU B 59 18.12 18.76 14.05
N TYR B 60 17.78 18.28 12.86
CA TYR B 60 18.71 18.29 11.73
C TYR B 60 19.42 19.62 11.46
N THR B 61 18.72 20.64 11.00
CA THR B 61 19.39 21.87 10.56
C THR B 61 20.10 22.63 11.68
N THR B 62 19.74 22.36 12.93
CA THR B 62 20.41 23.00 14.07
C THR B 62 21.76 22.35 14.39
N TYR B 63 21.80 21.03 14.40
CA TYR B 63 22.95 20.26 14.91
C TYR B 63 23.76 19.45 13.88
N VAL B 64 23.20 19.16 12.70
CA VAL B 64 23.91 18.33 11.72
C VAL B 64 24.92 19.12 10.87
N PRO B 65 24.50 20.21 10.22
CA PRO B 65 25.45 20.94 9.38
C PRO B 65 26.77 21.32 10.08
N PRO B 66 26.73 21.80 11.34
CA PRO B 66 28.01 22.11 11.97
C PRO B 66 28.89 20.87 12.25
N PHE B 67 28.27 19.71 12.52
CA PHE B 67 29.01 18.46 12.69
C PHE B 67 29.66 18.01 11.39
N GLN B 68 28.93 18.16 10.28
CA GLN B 68 29.45 17.84 8.94
C GLN B 68 30.70 18.65 8.64
N ALA B 69 30.67 19.94 8.96
CA ALA B 69 31.80 20.81 8.73
C ALA B 69 33.02 20.29 9.47
N VAL B 70 32.84 20.00 10.75
CA VAL B 70 33.93 19.54 11.62
C VAL B 70 34.44 18.19 11.13
N PHE B 71 33.51 17.27 10.88
CA PHE B 71 33.84 15.91 10.49
C PHE B 71 34.60 15.85 9.17
N GLU B 72 34.05 16.50 8.15
CA GLU B 72 34.62 16.44 6.80
C GLU B 72 35.96 17.16 6.72
N ALA B 73 36.23 18.06 7.66
CA ALA B 73 37.54 18.69 7.79
C ALA B 73 38.59 17.73 8.37
N ALA B 74 38.16 16.89 9.31
CA ALA B 74 39.06 15.94 9.98
C ALA B 74 39.23 14.64 9.20
N ALA B 75 38.18 14.17 8.55
CA ALA B 75 38.19 12.86 7.88
C ALA B 75 39.18 12.82 6.72
N PRO B 76 39.77 11.63 6.47
CA PRO B 76 40.69 11.47 5.32
C PRO B 76 39.97 11.36 3.98
N ARG B 77 40.75 11.30 2.91
CA ARG B 77 40.26 11.47 1.53
C ARG B 77 39.14 10.50 1.11
N ASP B 78 39.30 9.23 1.48
CA ASP B 78 38.40 8.16 1.01
C ASP B 78 37.29 7.83 2.01
N VAL B 79 36.92 8.78 2.85
CA VAL B 79 35.92 8.57 3.91
C VAL B 79 34.78 9.55 3.75
N ARG B 80 33.56 9.09 4.00
CA ARG B 80 32.37 9.86 3.72
C ARG B 80 31.39 9.86 4.89
N LEU B 81 30.59 10.93 4.97
CA LEU B 81 29.57 11.08 5.99
C LEU B 81 28.22 11.27 5.31
N LEU B 82 27.29 10.35 5.55
CA LEU B 82 25.93 10.45 5.01
C LEU B 82 24.98 10.93 6.11
N THR B 83 24.00 11.75 5.73
CA THR B 83 23.05 12.30 6.69
C THR B 83 21.62 12.08 6.23
N TYR B 84 20.72 11.96 7.20
CA TYR B 84 19.31 11.67 6.95
C TYR B 84 18.49 12.07 8.17
N ALA B 85 17.31 12.63 7.94
CA ALA B 85 16.41 12.98 9.03
C ALA B 85 15.10 12.22 8.86
N ILE B 86 14.58 11.67 9.94
CA ILE B 86 13.28 11.05 9.94
C ILE B 86 12.32 11.94 10.72
N PRO B 87 11.01 11.73 10.54
CA PRO B 87 10.08 12.54 11.33
C PRO B 87 10.20 12.26 12.82
N PRO B 88 9.97 13.29 13.65
CA PRO B 88 10.11 13.12 15.09
C PRO B 88 8.92 12.39 15.71
N GLY B 89 9.17 11.72 16.84
CA GLY B 89 8.09 11.17 17.65
C GLY B 89 7.84 9.69 17.47
N GLU B 90 7.09 9.15 18.42
CA GLU B 90 6.84 7.70 18.53
C GLU B 90 6.45 7.01 17.23
N TYR B 91 5.68 7.68 16.38
CA TYR B 91 5.20 7.08 15.13
C TYR B 91 6.36 6.60 14.23
N SER B 92 7.57 7.10 14.46
CA SER B 92 8.75 6.70 13.69
C SER B 92 9.45 5.43 14.20
N LYS B 93 9.03 4.92 15.36
CA LYS B 93 9.48 3.60 15.79
C LYS B 93 8.57 2.57 15.14
N SER B 94 8.75 2.39 13.84
CA SER B 94 7.82 1.63 13.03
C SER B 94 8.53 0.79 11.98
N ARG B 95 7.84 -0.23 11.50
CA ARG B 95 8.34 -1.07 10.42
C ARG B 95 8.63 -0.25 9.16
N GLU B 96 7.84 0.78 8.90
CA GLU B 96 8.01 1.60 7.70
C GLU B 96 9.30 2.41 7.80
N THR B 97 9.39 3.24 8.82
CA THR B 97 10.57 4.08 9.03
C THR B 97 11.86 3.25 8.99
N LYS B 98 11.81 2.03 9.53
CA LYS B 98 12.95 1.13 9.46
C LYS B 98 13.33 0.89 8.00
N ALA B 99 12.35 0.49 7.19
CA ALA B 99 12.58 0.19 5.77
C ALA B 99 13.05 1.42 4.99
N GLU B 100 12.48 2.57 5.34
CA GLU B 100 12.80 3.86 4.72
C GLU B 100 14.27 4.21 4.89
N ILE B 101 14.79 3.99 6.10
CA ILE B 101 16.18 4.24 6.41
C ILE B 101 17.08 3.24 5.70
N GLU B 102 16.69 1.97 5.76
CA GLU B 102 17.49 0.88 5.20
C GLU B 102 17.59 0.99 3.68
N ASP B 103 16.46 1.24 3.04
CA ASP B 103 16.44 1.39 1.58
C ASP B 103 17.31 2.58 1.16
N TRP B 104 17.25 3.66 1.93
CA TRP B 104 18.10 4.84 1.67
C TRP B 104 19.57 4.51 1.82
N MSE B 105 19.93 3.79 2.88
CA MSE B 105 21.34 3.39 3.11
C MSE B 105 21.84 2.58 1.95
O MSE B 105 22.94 2.80 1.45
CB MSE B 105 21.49 2.59 4.41
CG MSE B 105 21.53 3.53 5.61
SE MSE B 105 21.56 2.53 7.31
CE MSE B 105 23.37 1.78 7.15
N LEU B 106 21.02 1.64 1.49
CA LEU B 106 21.39 0.77 0.39
C LEU B 106 21.45 1.50 -0.96
N SER B 107 20.77 2.65 -1.08
CA SER B 107 20.91 3.52 -2.25
C SER B 107 22.34 3.99 -2.39
N HIS B 108 22.99 4.27 -1.26
CA HIS B 108 24.37 4.75 -1.24
C HIS B 108 25.40 3.64 -1.02
N ALA B 109 25.00 2.39 -1.25
CA ALA B 109 25.91 1.25 -1.15
C ALA B 109 26.67 1.22 0.18
N CYS B 110 25.96 1.50 1.27
CA CYS B 110 26.53 1.36 2.60
C CYS B 110 26.88 -0.10 2.79
N THR B 111 28.13 -0.37 3.11
CA THR B 111 28.63 -1.73 3.29
C THR B 111 28.66 -2.07 4.76
N ARG B 112 29.27 -3.21 5.09
CA ARG B 112 29.26 -3.71 6.45
C ARG B 112 30.13 -2.90 7.41
N ASP B 113 31.14 -2.21 6.89
CA ASP B 113 32.01 -1.39 7.74
C ASP B 113 31.35 -0.10 8.20
N THR B 114 30.17 0.21 7.68
CA THR B 114 29.43 1.41 8.06
C THR B 114 29.34 1.59 9.56
N VAL B 115 29.52 2.83 10.01
CA VAL B 115 29.34 3.21 11.41
C VAL B 115 28.18 4.20 11.50
N ILE B 116 27.12 3.80 12.19
CA ILE B 116 25.93 4.63 12.31
C ILE B 116 26.00 5.51 13.56
N ILE B 117 25.55 6.75 13.43
CA ILE B 117 25.52 7.70 14.53
C ILE B 117 24.06 8.06 14.82
N ALA B 118 23.54 7.60 15.96
CA ALA B 118 22.18 7.93 16.36
C ALA B 118 22.20 9.24 17.14
N LEU B 119 21.79 10.32 16.49
CA LEU B 119 21.70 11.64 17.14
C LEU B 119 20.25 11.97 17.42
N GLY B 120 19.89 12.01 18.69
CA GLY B 120 18.52 12.33 19.08
C GLY B 120 18.17 11.72 20.40
N GLY B 121 16.87 11.63 20.67
CA GLY B 121 16.37 11.01 21.88
C GLY B 121 16.17 9.51 21.71
N GLY B 122 15.37 8.94 22.59
CA GLY B 122 15.10 7.50 22.60
C GLY B 122 14.40 6.96 21.37
N VAL B 123 13.59 7.78 20.71
CA VAL B 123 12.94 7.35 19.47
C VAL B 123 14.02 7.09 18.43
N ILE B 124 14.95 8.03 18.27
CA ILE B 124 16.08 7.85 17.37
C ILE B 124 16.96 6.71 17.86
N GLY B 125 17.27 6.70 19.15
CA GLY B 125 18.11 5.67 19.76
C GLY B 125 17.60 4.27 19.50
N ASP B 126 16.31 4.06 19.75
CA ASP B 126 15.70 2.76 19.56
C ASP B 126 15.60 2.36 18.08
N MSE B 127 15.15 3.30 17.24
CA MSE B 127 14.92 2.98 15.83
C MSE B 127 16.24 2.78 15.13
O MSE B 127 16.46 1.76 14.48
CB MSE B 127 14.13 4.10 15.14
CG MSE B 127 13.99 3.91 13.63
SE MSE B 127 12.58 2.59 13.23
CE MSE B 127 13.69 0.97 13.19
N ILE B 128 17.14 3.75 15.25
CA ILE B 128 18.40 3.69 14.53
C ILE B 128 19.27 2.55 15.06
N GLY B 129 19.22 2.30 16.37
CA GLY B 129 19.91 1.16 16.97
C GLY B 129 19.44 -0.17 16.40
N TYR B 130 18.14 -0.31 16.22
CA TYR B 130 17.56 -1.54 15.67
C TYR B 130 17.96 -1.68 14.20
N VAL B 131 18.03 -0.56 13.47
CA VAL B 131 18.52 -0.58 12.08
C VAL B 131 19.97 -1.05 12.08
N ALA B 132 20.77 -0.53 13.00
CA ALA B 132 22.16 -0.93 13.16
C ALA B 132 22.27 -2.40 13.51
N ALA B 133 21.37 -2.88 14.36
CA ALA B 133 21.40 -4.27 14.81
C ALA B 133 21.16 -5.27 13.70
N THR B 134 20.37 -4.88 12.69
CA THR B 134 19.93 -5.77 11.63
C THR B 134 20.53 -5.48 10.24
N PHE B 135 21.04 -4.27 10.01
CA PHE B 135 21.65 -3.93 8.72
C PHE B 135 22.84 -4.85 8.45
N MSE B 136 22.73 -5.66 7.40
CA MSE B 136 23.74 -6.65 7.04
C MSE B 136 24.06 -7.53 8.23
O MSE B 136 25.22 -7.86 8.49
CB MSE B 136 24.96 -5.94 6.46
CG MSE B 136 24.58 -5.33 5.12
SE MSE B 136 26.18 -4.62 4.20
CE MSE B 136 25.36 -4.24 2.45
N ARG B 137 23.01 -7.89 8.96
CA ARG B 137 23.12 -8.70 10.17
C ARG B 137 23.98 -8.06 11.28
N GLY B 138 24.00 -6.73 11.32
CA GLY B 138 24.67 -6.01 12.39
C GLY B 138 25.84 -5.16 11.92
N VAL B 139 25.81 -3.87 12.29
CA VAL B 139 26.94 -2.98 12.10
C VAL B 139 27.13 -2.12 13.33
N ARG B 140 28.30 -1.50 13.41
CA ARG B 140 28.66 -0.65 14.54
C ARG B 140 27.83 0.62 14.57
N PHE B 141 27.45 1.06 15.76
CA PHE B 141 26.80 2.35 15.93
C PHE B 141 27.12 2.98 17.27
N VAL B 142 26.89 4.29 17.36
CA VAL B 142 27.11 5.03 18.59
C VAL B 142 25.83 5.78 18.93
N GLN B 143 25.75 6.23 20.17
CA GLN B 143 24.59 6.95 20.67
C GLN B 143 25.02 8.36 21.04
N VAL B 144 24.27 9.34 20.54
CA VAL B 144 24.44 10.73 20.95
C VAL B 144 23.09 11.24 21.46
N PRO B 145 22.76 10.94 22.73
CA PRO B 145 21.48 11.36 23.31
C PRO B 145 21.37 12.87 23.44
N THR B 146 20.20 13.40 23.09
CA THR B 146 19.92 14.83 23.11
C THR B 146 18.75 15.22 24.05
N THR B 147 18.01 14.24 24.56
CA THR B 147 16.99 14.47 25.57
C THR B 147 17.48 13.98 26.92
N LEU B 148 16.87 14.49 27.99
CA LEU B 148 17.23 14.07 29.35
C LEU B 148 17.01 12.58 29.49
N LEU B 149 15.84 12.13 29.02
CA LEU B 149 15.47 10.71 29.05
C LEU B 149 16.57 9.83 28.45
N ALA B 150 17.03 10.20 27.26
CA ALA B 150 18.01 9.40 26.53
C ALA B 150 19.39 9.41 27.21
N MSE B 151 19.73 10.52 27.86
CA MSE B 151 21.00 10.65 28.59
C MSE B 151 21.04 9.80 29.83
O MSE B 151 22.09 9.27 30.19
CB MSE B 151 21.23 12.09 29.03
CG MSE B 151 21.60 12.97 27.84
SE MSE B 151 21.84 14.82 28.47
CE MSE B 151 22.08 15.68 26.73
N VAL B 152 19.88 9.65 30.48
CA VAL B 152 19.79 8.92 31.74
C VAL B 152 19.24 7.51 31.60
N ASP B 153 18.78 7.14 30.40
CA ASP B 153 18.12 5.85 30.23
C ASP B 153 18.26 5.24 28.82
N SER B 154 17.66 5.86 27.81
CA SER B 154 17.51 5.21 26.50
C SER B 154 18.84 4.84 25.81
N SER B 155 19.81 5.75 25.81
CA SER B 155 21.06 5.53 25.08
C SER B 155 21.93 4.41 25.66
N ILE B 156 21.74 4.11 26.95
CA ILE B 156 22.49 3.06 27.64
C ILE B 156 21.72 1.76 27.64
N GLY B 157 22.44 0.63 27.50
CA GLY B 157 21.82 -0.69 27.66
C GLY B 157 21.63 -1.50 26.39
N GLY B 158 21.58 -0.82 25.24
CA GLY B 158 21.51 -1.50 23.95
C GLY B 158 20.17 -2.12 23.59
N LYS B 159 19.11 -1.72 24.28
CA LYS B 159 17.78 -2.16 23.92
C LYS B 159 17.27 -1.30 22.77
N THR B 160 17.04 -1.94 21.62
CA THR B 160 16.51 -1.27 20.45
C THR B 160 15.22 -1.97 20.08
N ALA B 161 14.24 -1.21 19.58
CA ALA B 161 12.96 -1.79 19.20
C ALA B 161 12.14 -0.88 18.31
N ILE B 162 11.05 -1.44 17.81
CA ILE B 162 10.00 -0.67 17.14
C ILE B 162 8.68 -1.04 17.77
N ASP B 163 7.68 -0.20 17.54
CA ASP B 163 6.32 -0.49 17.95
C ASP B 163 5.58 -1.17 16.81
N THR B 164 4.60 -1.98 17.15
CA THR B 164 3.65 -2.51 16.19
C THR B 164 2.28 -2.01 16.61
N PRO B 165 1.25 -2.23 15.79
CA PRO B 165 -0.08 -1.86 16.27
C PRO B 165 -0.49 -2.52 17.59
N MSE B 166 0.13 -3.66 17.94
CA MSE B 166 -0.24 -4.37 19.17
C MSE B 166 0.21 -3.65 20.41
O MSE B 166 -0.51 -3.64 21.40
CB MSE B 166 0.29 -5.80 19.18
CG MSE B 166 -0.03 -6.56 20.46
SE MSE B 166 -1.98 -6.64 20.74
CE MSE B 166 -2.08 -8.06 22.12
N GLY B 167 1.40 -3.05 20.40
CA GLY B 167 1.92 -2.39 21.59
C GLY B 167 3.36 -1.90 21.50
N LYS B 168 3.99 -1.72 22.66
CA LYS B 168 5.29 -1.07 22.75
C LYS B 168 6.49 -2.02 22.63
N ASN B 169 7.43 -1.63 21.77
CA ASN B 169 8.74 -2.27 21.70
C ASN B 169 8.66 -3.78 21.56
N LEU B 170 7.68 -4.27 20.83
CA LEU B 170 7.43 -5.69 20.76
C LEU B 170 8.38 -6.41 19.81
N ILE B 171 8.97 -5.67 18.88
CA ILE B 171 9.96 -6.22 17.98
C ILE B 171 11.22 -5.38 18.07
N GLY B 172 12.37 -6.03 18.22
CA GLY B 172 13.61 -5.30 18.39
C GLY B 172 14.83 -6.18 18.49
N ALA B 173 15.87 -5.65 19.13
CA ALA B 173 17.12 -6.38 19.30
C ALA B 173 17.99 -5.77 20.39
N PHE B 174 18.70 -6.63 21.12
CA PHE B 174 19.77 -6.19 22.01
C PHE B 174 21.01 -5.94 21.15
N TRP B 175 21.48 -4.71 21.12
CA TRP B 175 22.60 -4.37 20.27
C TRP B 175 23.31 -3.18 20.87
N GLN B 176 24.48 -3.43 21.44
CA GLN B 176 25.18 -2.43 22.23
C GLN B 176 25.92 -1.45 21.33
N PRO B 177 25.80 -0.15 21.64
CA PRO B 177 26.59 0.83 20.90
C PRO B 177 28.03 0.76 21.34
N ARG B 178 28.95 0.99 20.40
CA ARG B 178 30.37 1.01 20.72
C ARG B 178 30.73 2.19 21.59
N ARG B 179 29.98 3.29 21.41
CA ARG B 179 30.18 4.50 22.20
C ARG B 179 28.84 5.14 22.56
N ILE B 180 28.80 5.78 23.73
CA ILE B 180 27.67 6.58 24.13
C ILE B 180 28.19 7.96 24.52
N TYR B 181 28.00 8.94 23.64
CA TYR B 181 28.48 10.30 23.87
C TYR B 181 27.39 11.17 24.50
N ILE B 182 27.51 11.46 25.80
CA ILE B 182 26.51 12.25 26.51
C ILE B 182 26.98 13.68 26.66
N ASP B 183 26.52 14.54 25.76
CA ASP B 183 26.86 15.98 25.77
C ASP B 183 25.74 16.76 26.46
N LEU B 184 25.93 17.05 27.75
CA LEU B 184 24.91 17.74 28.54
C LEU B 184 24.38 19.04 27.92
N ALA B 185 25.17 19.65 27.04
CA ALA B 185 24.79 20.89 26.35
C ALA B 185 23.50 20.80 25.51
N PHE B 186 23.16 19.60 25.03
CA PHE B 186 21.92 19.41 24.28
C PHE B 186 20.68 19.78 25.09
N LEU B 187 20.76 19.69 26.41
CA LEU B 187 19.64 20.05 27.29
C LEU B 187 19.24 21.53 27.19
N GLU B 188 20.11 22.35 26.62
CA GLU B 188 19.87 23.79 26.52
C GLU B 188 18.69 24.15 25.59
N THR B 189 18.59 23.44 24.46
CA THR B 189 17.51 23.66 23.49
C THR B 189 16.31 22.73 23.69
N LEU B 190 16.39 21.82 24.66
CA LEU B 190 15.31 20.85 24.89
C LEU B 190 14.08 21.54 25.48
N PRO B 191 12.88 21.24 24.93
CA PRO B 191 11.68 21.92 25.42
C PRO B 191 11.30 21.47 26.83
N VAL B 192 10.52 22.31 27.51
CA VAL B 192 10.18 22.08 28.91
C VAL B 192 9.45 20.76 29.09
N ARG B 193 8.54 20.44 28.18
CA ARG B 193 7.75 19.22 28.31
C ARG B 193 8.60 17.96 28.24
N GLU B 194 9.61 17.97 27.37
CA GLU B 194 10.48 16.82 27.15
C GLU B 194 11.45 16.63 28.32
N PHE B 195 11.67 17.72 29.04
CA PHE B 195 12.49 17.71 30.24
C PHE B 195 11.74 16.96 31.35
N ILE B 196 10.51 17.41 31.59
CA ILE B 196 9.62 16.80 32.58
C ILE B 196 9.39 15.33 32.23
N ASN B 197 9.26 15.05 30.94
CA ASN B 197 9.07 13.69 30.46
C ASN B 197 10.18 12.76 30.96
N GLY B 198 11.43 13.20 30.77
CA GLY B 198 12.61 12.41 31.16
C GLY B 198 12.81 12.27 32.66
N MSE B 199 12.27 13.22 33.43
CA MSE B 199 12.37 13.17 34.89
C MSE B 199 11.65 11.97 35.44
O MSE B 199 11.94 11.54 36.55
CB MSE B 199 11.80 14.43 35.51
CG MSE B 199 12.74 15.62 35.40
SE MSE B 199 14.40 15.39 36.43
CE MSE B 199 13.65 14.43 38.00
N ALA B 200 10.69 11.43 34.69
CA ALA B 200 9.97 10.22 35.08
C ALA B 200 10.93 9.04 35.19
N GLU B 201 11.80 8.90 34.20
CA GLU B 201 12.80 7.84 34.21
C GLU B 201 13.85 8.08 35.30
N VAL B 202 14.14 9.35 35.60
CA VAL B 202 15.06 9.72 36.68
C VAL B 202 14.49 9.38 38.05
N ILE B 203 13.22 9.71 38.24
CA ILE B 203 12.48 9.36 39.46
C ILE B 203 12.46 7.85 39.62
N LYS B 204 12.05 7.15 38.56
CA LYS B 204 12.00 5.69 38.54
C LYS B 204 13.31 5.10 39.04
N THR B 205 14.42 5.47 38.41
CA THR B 205 15.73 4.92 38.76
C THR B 205 16.06 5.13 40.24
N ALA B 206 15.78 6.32 40.75
CA ALA B 206 16.00 6.61 42.17
C ALA B 206 15.08 5.79 43.06
N ALA B 207 13.82 5.64 42.66
CA ALA B 207 12.83 4.92 43.47
C ALA B 207 13.16 3.44 43.69
N ILE B 208 13.76 2.80 42.69
CA ILE B 208 14.11 1.38 42.79
C ILE B 208 15.48 1.14 43.43
N TRP B 209 16.32 2.18 43.51
CA TRP B 209 17.74 1.98 43.78
C TRP B 209 18.39 2.83 44.88
N ASN B 210 17.86 4.02 45.15
CA ASN B 210 18.59 4.94 46.03
C ASN B 210 17.69 5.98 46.70
N GLU B 211 17.36 5.74 47.96
CA GLU B 211 16.45 6.62 48.69
C GLU B 211 17.07 8.00 48.99
N THR B 212 18.39 8.10 48.93
CA THR B 212 19.08 9.37 49.17
C THR B 212 18.97 10.29 47.95
N GLU B 213 19.23 9.74 46.77
CA GLU B 213 18.99 10.47 45.51
C GLU B 213 17.53 10.87 45.39
N PHE B 214 16.65 9.95 45.78
CA PHE B 214 15.22 10.22 45.80
C PHE B 214 14.94 11.49 46.61
N THR B 215 15.48 11.55 47.82
CA THR B 215 15.29 12.69 48.70
C THR B 215 15.83 13.99 48.09
N ALA B 216 16.91 13.87 47.33
CA ALA B 216 17.48 15.02 46.61
C ALA B 216 16.54 15.51 45.52
N LEU B 217 15.94 14.56 44.79
CA LEU B 217 15.00 14.90 43.74
C LEU B 217 13.80 15.66 44.31
N GLU B 218 13.41 15.33 45.54
CA GLU B 218 12.31 16.04 46.20
C GLU B 218 12.68 17.51 46.42
N GLU B 219 13.84 17.75 47.00
CA GLU B 219 14.30 19.11 47.28
C GLU B 219 14.60 19.91 46.01
N ASN B 220 15.17 19.25 45.00
CA ASN B 220 15.54 19.91 43.76
C ASN B 220 14.37 20.25 42.83
N ALA B 221 13.22 19.64 43.05
CA ALA B 221 12.07 19.78 42.13
C ALA B 221 11.68 21.23 41.87
N ALA B 222 11.44 21.98 42.93
CA ALA B 222 11.05 23.38 42.81
C ALA B 222 12.09 24.19 42.03
N ALA B 223 13.36 23.98 42.35
CA ALA B 223 14.46 24.71 41.71
C ALA B 223 14.66 24.31 40.24
N ILE B 224 14.45 23.04 39.90
CA ILE B 224 14.64 22.56 38.53
C ILE B 224 13.58 23.16 37.59
N LEU B 225 12.31 23.00 37.94
CA LEU B 225 11.21 23.50 37.12
C LEU B 225 11.34 25.00 36.88
N GLU B 226 11.61 25.75 37.95
CA GLU B 226 11.80 27.20 37.87
C GLU B 226 12.83 27.58 36.81
N ALA B 227 13.95 26.88 36.81
CA ALA B 227 15.05 27.16 35.88
C ALA B 227 14.69 26.77 34.45
N VAL B 228 14.05 25.63 34.31
CA VAL B 228 13.66 25.12 32.99
C VAL B 228 12.61 26.01 32.33
N ARG B 229 11.70 26.56 33.14
CA ARG B 229 10.65 27.46 32.64
C ARG B 229 11.10 28.92 32.56
N SER B 230 12.33 29.21 32.96
CA SER B 230 12.85 30.57 32.98
C SER B 230 12.98 31.15 31.58
N LYS B 231 12.74 32.46 31.47
CA LYS B 231 12.98 33.20 30.22
C LYS B 231 14.21 34.08 30.42
N ALA B 232 15.36 33.44 30.54
CA ALA B 232 16.63 34.13 30.77
C ALA B 232 17.33 34.44 29.45
N SER B 233 18.32 35.33 29.51
CA SER B 233 18.96 35.93 28.33
C SER B 233 19.52 34.95 27.29
N SER B 234 19.75 33.69 27.67
CA SER B 234 20.19 32.66 26.73
C SER B 234 19.70 31.30 27.21
N PRO B 235 19.69 30.29 26.30
CA PRO B 235 19.27 28.95 26.73
C PRO B 235 20.27 28.27 27.68
N ALA B 236 21.54 28.69 27.63
CA ALA B 236 22.59 28.14 28.48
C ALA B 236 22.56 28.76 29.87
N ALA B 237 22.43 30.10 29.93
CA ALA B 237 22.30 30.82 31.19
C ALA B 237 21.01 30.43 31.92
N ARG B 238 19.99 30.05 31.14
CA ARG B 238 18.75 29.48 31.67
C ARG B 238 19.02 28.32 32.64
N LEU B 239 19.89 27.39 32.23
CA LEU B 239 20.19 26.18 33.01
C LEU B 239 21.34 26.27 34.01
N ALA B 240 22.08 27.37 33.99
CA ALA B 240 23.28 27.52 34.82
C ALA B 240 23.05 27.32 36.33
N PRO B 241 21.93 27.86 36.87
CA PRO B 241 21.69 27.69 38.31
C PRO B 241 21.51 26.24 38.78
N ILE B 242 21.13 25.35 37.88
CA ILE B 242 20.93 23.93 38.22
C ILE B 242 21.89 23.03 37.42
N ARG B 243 23.02 23.58 37.00
CA ARG B 243 24.02 22.84 36.22
C ARG B 243 24.63 21.70 37.04
N HIS B 244 24.88 21.95 38.33
CA HIS B 244 25.39 20.91 39.23
C HIS B 244 24.35 19.82 39.51
N ILE B 245 23.07 20.21 39.63
CA ILE B 245 22.01 19.24 39.86
C ILE B 245 21.87 18.30 38.67
N LEU B 246 21.92 18.84 37.46
CA LEU B 246 21.76 18.03 36.25
C LEU B 246 22.92 17.06 36.09
N LYS B 247 24.13 17.51 36.37
CA LYS B 247 25.30 16.64 36.31
C LYS B 247 25.16 15.47 37.29
N ARG B 248 24.70 15.76 38.51
CA ARG B 248 24.45 14.71 39.50
C ARG B 248 23.41 13.71 39.02
N ILE B 249 22.33 14.21 38.43
CA ILE B 249 21.24 13.36 37.95
C ILE B 249 21.70 12.46 36.79
N VAL B 250 22.42 13.03 35.83
CA VAL B 250 22.83 12.27 34.65
C VAL B 250 23.89 11.22 35.01
N LEU B 251 25.01 11.64 35.60
CA LEU B 251 26.02 10.70 36.07
C LEU B 251 25.41 9.60 36.93
N GLY B 252 24.70 10.01 37.98
CA GLY B 252 24.11 9.07 38.93
C GLY B 252 23.17 8.08 38.29
N SER B 253 22.24 8.58 37.48
CA SER B 253 21.26 7.74 36.82
C SER B 253 21.90 6.83 35.76
N ALA B 254 22.90 7.33 35.05
CA ALA B 254 23.62 6.55 34.06
C ALA B 254 24.43 5.41 34.69
N ARG B 255 25.07 5.70 35.82
CA ARG B 255 25.85 4.69 36.54
C ARG B 255 25.00 3.53 37.03
N VAL B 256 23.81 3.83 37.54
CA VAL B 256 22.95 2.76 38.04
C VAL B 256 22.62 1.83 36.88
N LYS B 257 22.14 2.40 35.79
CA LYS B 257 21.77 1.61 34.63
C LYS B 257 22.96 0.81 34.10
N ALA B 258 24.09 1.49 33.95
CA ALA B 258 25.30 0.83 33.44
C ALA B 258 25.65 -0.42 34.26
N GLU B 259 25.57 -0.31 35.58
CA GLU B 259 25.82 -1.43 36.49
C GLU B 259 24.75 -2.51 36.37
N VAL B 260 23.50 -2.10 36.32
CA VAL B 260 22.41 -3.07 36.17
C VAL B 260 22.54 -3.82 34.84
N VAL B 261 22.82 -3.06 33.77
CA VAL B 261 23.00 -3.66 32.45
C VAL B 261 24.20 -4.60 32.41
N SER B 262 25.29 -4.21 33.05
CA SER B 262 26.48 -5.06 33.08
C SER B 262 26.18 -6.41 33.74
N ALA B 263 25.48 -6.37 34.85
CA ALA B 263 25.08 -7.56 35.59
C ALA B 263 24.10 -8.45 34.82
N ASP B 264 23.29 -7.85 33.96
CA ASP B 264 22.16 -8.55 33.35
C ASP B 264 21.77 -7.92 32.00
N GLU B 265 22.66 -8.06 31.02
CA GLU B 265 22.47 -7.43 29.71
C GLU B 265 21.16 -7.83 29.05
N ARG B 266 20.86 -9.12 29.07
CA ARG B 266 19.72 -9.69 28.35
C ARG B 266 18.48 -9.86 29.21
N GLU B 267 18.41 -9.14 30.32
CA GLU B 267 17.24 -9.14 31.19
C GLU B 267 16.77 -10.56 31.53
N GLY B 268 17.63 -11.29 32.23
CA GLY B 268 17.27 -12.57 32.82
C GLY B 268 16.67 -12.44 34.20
N GLY B 269 16.79 -11.26 34.81
CA GLY B 269 16.29 -11.06 36.16
C GLY B 269 16.40 -9.64 36.68
N LEU B 270 17.63 -9.22 36.98
CA LEU B 270 17.85 -7.91 37.61
C LEU B 270 17.38 -6.73 36.76
N ARG B 271 17.51 -6.85 35.44
CA ARG B 271 17.16 -5.74 34.57
C ARG B 271 15.64 -5.51 34.49
N ASN B 272 14.85 -6.47 34.95
CA ASN B 272 13.41 -6.25 35.14
C ASN B 272 13.15 -4.95 35.90
N LEU B 273 13.99 -4.66 36.89
CA LEU B 273 13.77 -3.54 37.79
C LEU B 273 13.67 -2.18 37.08
N LEU B 274 14.29 -2.08 35.91
CA LEU B 274 14.22 -0.85 35.11
C LEU B 274 12.89 -0.67 34.37
N ASN B 275 12.02 -1.67 34.43
CA ASN B 275 10.64 -1.53 33.96
C ASN B 275 9.68 -1.23 35.11
N PHE B 276 10.15 -0.53 36.13
CA PHE B 276 9.26 -0.09 37.18
C PHE B 276 8.32 0.95 36.58
N GLY B 277 7.02 0.78 36.82
CA GLY B 277 6.01 1.61 36.20
C GLY B 277 5.74 1.32 34.73
N HIS B 278 6.51 0.42 34.12
CA HIS B 278 6.41 0.17 32.68
C HIS B 278 5.46 -0.97 32.32
N SER B 279 5.18 -1.87 33.27
CA SER B 279 4.26 -2.96 33.02
C SER B 279 2.89 -2.35 32.70
N ILE B 280 2.45 -1.46 33.57
CA ILE B 280 1.19 -0.73 33.37
C ILE B 280 1.40 0.48 32.46
N GLY B 281 2.56 1.13 32.58
CA GLY B 281 2.88 2.30 31.77
C GLY B 281 2.84 2.06 30.28
N HIS B 282 3.45 0.97 29.84
CA HIS B 282 3.45 0.60 28.43
C HIS B 282 2.06 0.21 27.89
N ALA B 283 1.18 -0.20 28.79
CA ALA B 283 -0.20 -0.53 28.42
C ALA B 283 -0.99 0.74 28.11
N TYR B 284 -0.90 1.73 29.00
CA TYR B 284 -1.46 3.05 28.72
C TYR B 284 -0.85 3.64 27.44
N GLU B 285 0.47 3.52 27.29
CA GLU B 285 1.17 4.14 26.17
C GLU B 285 0.76 3.55 24.83
N ALA B 286 0.43 2.26 24.81
CA ALA B 286 -0.07 1.62 23.59
C ALA B 286 -1.39 2.24 23.13
N ILE B 287 -2.19 2.72 24.08
CA ILE B 287 -3.47 3.35 23.79
C ILE B 287 -3.33 4.86 23.57
N LEU B 288 -2.45 5.53 24.31
CA LEU B 288 -2.41 7.00 24.33
C LEU B 288 -1.34 7.66 23.45
N ALA B 289 -0.36 6.87 23.01
CA ALA B 289 0.68 7.41 22.12
C ALA B 289 0.09 7.60 20.72
N PRO B 290 0.66 8.51 19.91
CA PRO B 290 1.85 9.34 20.14
C PRO B 290 1.60 10.66 20.86
N GLN B 291 0.34 10.99 21.18
CA GLN B 291 0.01 12.29 21.73
C GLN B 291 0.47 12.41 23.18
N VAL B 292 0.37 11.30 23.92
CA VAL B 292 0.92 11.22 25.28
C VAL B 292 2.29 10.56 25.22
N LEU B 293 3.27 11.21 25.85
CA LEU B 293 4.67 10.78 25.75
C LEU B 293 4.97 9.63 26.71
N HIS B 294 6.12 9.01 26.50
CA HIS B 294 6.52 7.81 27.22
C HIS B 294 6.66 8.04 28.72
N GLY B 295 7.49 9.00 29.09
CA GLY B 295 7.71 9.32 30.51
C GLY B 295 6.44 9.70 31.23
N GLU B 296 5.54 10.38 30.52
CA GLU B 296 4.22 10.74 31.06
C GLU B 296 3.43 9.48 31.40
N CYS B 297 3.49 8.48 30.52
CA CYS B 297 2.85 7.20 30.78
C CYS B 297 3.54 6.42 31.88
N VAL B 298 4.87 6.48 31.94
CA VAL B 298 5.63 5.82 32.99
C VAL B 298 5.23 6.37 34.36
N ALA B 299 5.08 7.69 34.44
CA ALA B 299 4.65 8.35 35.67
C ALA B 299 3.32 7.78 36.18
N ILE B 300 2.35 7.67 35.27
CA ILE B 300 1.03 7.12 35.60
C ILE B 300 1.15 5.67 36.03
N GLY B 301 1.98 4.91 35.31
CA GLY B 301 2.21 3.50 35.60
C GLY B 301 2.92 3.28 36.92
N MSE B 302 3.92 4.11 37.20
CA MSE B 302 4.64 4.04 38.48
C MSE B 302 3.69 4.16 39.64
O MSE B 302 3.82 3.44 40.63
CB MSE B 302 5.69 5.13 38.58
CG MSE B 302 7.01 4.74 37.90
SE MSE B 302 8.40 5.97 38.55
CE MSE B 302 7.83 7.62 37.66
N VAL B 303 2.72 5.06 39.52
CA VAL B 303 1.75 5.28 40.58
C VAL B 303 0.83 4.07 40.75
N LYS B 304 0.44 3.45 39.65
CA LYS B 304 -0.43 2.27 39.72
C LYS B 304 0.31 1.01 40.20
N GLU B 305 1.56 0.84 39.75
CA GLU B 305 2.38 -0.29 40.19
C GLU B 305 2.78 -0.15 41.67
N ALA B 306 2.84 1.09 42.16
CA ALA B 306 3.04 1.33 43.58
C ALA B 306 1.78 0.99 44.34
N GLU B 307 0.65 1.47 43.86
CA GLU B 307 -0.64 1.19 44.48
C GLU B 307 -0.93 -0.32 44.51
N LEU B 308 -0.52 -1.01 43.44
CA LEU B 308 -0.65 -2.46 43.37
C LEU B 308 0.15 -3.12 44.50
N ALA B 309 1.42 -2.73 44.61
CA ALA B 309 2.29 -3.25 45.66
C ALA B 309 1.71 -3.01 47.05
N ARG B 310 1.09 -1.85 47.22
CA ARG B 310 0.45 -1.50 48.47
C ARG B 310 -0.73 -2.44 48.75
N TYR B 311 -1.55 -2.70 47.74
CA TYR B 311 -2.66 -3.64 47.87
C TYR B 311 -2.18 -5.05 48.24
N LEU B 312 -1.03 -5.42 47.72
CA LEU B 312 -0.44 -6.72 48.00
C LEU B 312 0.29 -6.80 49.35
N GLY B 313 0.36 -5.70 50.08
CA GLY B 313 0.99 -5.67 51.42
C GLY B 313 2.50 -5.69 51.41
N VAL B 314 3.08 -5.37 50.26
CA VAL B 314 4.51 -5.40 50.06
C VAL B 314 5.11 -4.00 50.25
N LEU B 315 4.32 -2.96 49.97
CA LEU B 315 4.75 -1.57 50.09
C LEU B 315 3.90 -0.83 51.12
N ARG B 316 4.55 -0.01 51.93
CA ARG B 316 3.86 0.80 52.94
C ARG B 316 3.15 1.99 52.27
N PRO B 317 1.96 2.37 52.76
CA PRO B 317 1.23 3.48 52.13
C PRO B 317 2.01 4.78 52.08
N SER B 318 2.78 5.08 53.13
CA SER B 318 3.57 6.32 53.18
C SER B 318 4.49 6.45 51.96
N ALA B 319 5.05 5.35 51.53
CA ALA B 319 5.92 5.32 50.36
C ALA B 319 5.15 5.67 49.08
N VAL B 320 3.93 5.15 48.96
CA VAL B 320 3.10 5.40 47.78
C VAL B 320 2.78 6.89 47.70
N ALA B 321 2.39 7.48 48.83
CA ALA B 321 2.12 8.91 48.89
C ALA B 321 3.36 9.71 48.53
N ARG B 322 4.51 9.26 49.03
CA ARG B 322 5.76 9.96 48.81
C ARG B 322 6.20 9.90 47.35
N LEU B 323 5.99 8.75 46.70
CA LEU B 323 6.29 8.60 45.28
C LEU B 323 5.36 9.43 44.41
N THR B 324 4.08 9.40 44.75
CA THR B 324 3.06 10.16 44.00
C THR B 324 3.35 11.66 44.10
N LYS B 325 3.62 12.13 45.31
CA LYS B 325 3.92 13.54 45.53
C LYS B 325 5.14 14.00 44.76
N LEU B 326 6.15 13.14 44.64
CA LEU B 326 7.38 13.49 43.92
C LEU B 326 7.08 13.63 42.44
N ILE B 327 6.41 12.62 41.88
CA ILE B 327 5.99 12.64 40.48
C ILE B 327 5.21 13.92 40.18
N ALA B 328 4.25 14.24 41.03
CA ALA B 328 3.43 15.44 40.85
C ALA B 328 4.22 16.74 41.01
N SER B 329 5.26 16.72 41.86
CA SER B 329 6.05 17.92 42.11
C SER B 329 6.95 18.29 40.92
N TYR B 330 7.12 17.35 39.99
CA TYR B 330 7.81 17.63 38.73
C TYR B 330 6.83 17.89 37.58
N ASP B 331 5.55 18.09 37.93
CA ASP B 331 4.49 18.38 36.96
C ASP B 331 4.25 17.22 35.98
N LEU B 332 4.38 16.00 36.48
CA LEU B 332 4.00 14.80 35.72
C LEU B 332 2.60 14.37 36.14
N PRO B 333 1.92 13.60 35.28
CA PRO B 333 0.60 13.10 35.65
C PRO B 333 0.73 11.99 36.67
N THR B 334 -0.19 11.94 37.63
CA THR B 334 -0.28 10.82 38.58
C THR B 334 -1.42 9.87 38.21
N SER B 335 -2.32 10.32 37.34
CA SER B 335 -3.50 9.56 36.93
C SER B 335 -3.72 9.68 35.43
N VAL B 336 -4.30 8.64 34.84
CA VAL B 336 -4.69 8.68 33.43
C VAL B 336 -5.79 9.73 33.19
N HIS B 337 -6.51 10.09 34.25
CA HIS B 337 -7.60 11.07 34.17
C HIS B 337 -7.13 12.53 34.26
N ASP B 338 -5.82 12.77 34.28
CA ASP B 338 -5.28 14.14 34.25
C ASP B 338 -5.91 14.95 33.10
N LYS B 339 -6.28 16.19 33.38
CA LYS B 339 -6.93 17.06 32.40
C LYS B 339 -6.07 17.28 31.15
N ARG B 340 -4.75 17.25 31.32
CA ARG B 340 -3.81 17.41 30.20
C ARG B 340 -3.81 16.20 29.27
N ILE B 341 -4.00 15.02 29.83
CA ILE B 341 -4.07 13.79 29.04
C ILE B 341 -5.36 13.74 28.22
N ALA B 342 -6.47 14.13 28.82
CA ALA B 342 -7.72 14.27 28.08
C ALA B 342 -7.56 15.28 26.92
N LYS B 343 -6.96 16.44 27.22
CA LYS B 343 -6.76 17.51 26.24
C LYS B 343 -5.90 17.05 25.05
N LEU B 344 -4.80 16.35 25.33
CA LEU B 344 -3.89 15.89 24.29
C LEU B 344 -4.44 14.70 23.51
N SER B 345 -5.14 13.81 24.20
CA SER B 345 -5.62 12.56 23.60
C SER B 345 -7.04 12.67 23.01
N ALA B 346 -7.67 13.85 23.10
CA ALA B 346 -9.05 14.06 22.65
C ALA B 346 -9.96 13.09 23.42
N GLY B 347 -9.78 13.02 24.74
CA GLY B 347 -10.62 12.20 25.61
C GLY B 347 -10.57 10.71 25.32
N LYS B 348 -9.41 10.26 24.83
CA LYS B 348 -9.21 8.86 24.49
C LYS B 348 -9.38 7.99 25.73
N GLU B 349 -10.21 6.96 25.63
CA GLU B 349 -10.48 6.06 26.74
C GLU B 349 -9.50 4.89 26.77
N CYS B 350 -9.18 4.45 27.98
CA CYS B 350 -8.31 3.31 28.21
C CYS B 350 -9.06 2.26 29.04
N PRO B 351 -9.85 1.40 28.38
CA PRO B 351 -10.60 0.38 29.13
C PRO B 351 -9.67 -0.67 29.74
N VAL B 352 -10.10 -1.27 30.85
CA VAL B 352 -9.27 -2.23 31.58
C VAL B 352 -8.97 -3.46 30.73
N ASP B 353 -10.01 -3.99 30.08
CA ASP B 353 -9.86 -5.15 29.20
C ASP B 353 -8.80 -4.92 28.10
N VAL B 354 -8.70 -3.68 27.61
CA VAL B 354 -7.71 -3.34 26.60
C VAL B 354 -6.31 -3.21 27.23
N LEU B 355 -6.24 -2.62 28.42
CA LEU B 355 -4.98 -2.51 29.13
C LEU B 355 -4.39 -3.89 29.46
N LEU B 356 -5.24 -4.80 29.93
CA LEU B 356 -4.81 -6.18 30.24
C LEU B 356 -4.38 -6.94 29.00
N GLN B 357 -5.03 -6.65 27.88
CA GLN B 357 -4.69 -7.25 26.60
C GLN B 357 -3.29 -6.80 26.16
N LYS B 358 -2.93 -5.56 26.50
CA LYS B 358 -1.60 -5.02 26.22
C LYS B 358 -0.55 -5.55 27.18
N MSE B 359 -0.95 -5.79 28.42
CA MSE B 359 -0.06 -6.35 29.44
C MSE B 359 0.25 -7.81 29.20
O MSE B 359 1.26 -8.31 29.70
CB MSE B 359 -0.64 -6.16 30.84
CG MSE B 359 -0.47 -4.70 31.29
SE MSE B 359 -1.39 -4.37 32.99
CE MSE B 359 0.10 -4.94 34.17
N ALA B 360 -0.61 -8.51 28.46
CA ALA B 360 -0.37 -9.92 28.15
C ALA B 360 0.79 -10.13 27.18
N VAL B 361 1.21 -9.08 26.48
CA VAL B 361 2.42 -9.12 25.65
C VAL B 361 3.54 -8.25 26.22
N ASP B 362 3.56 -8.08 27.55
CA ASP B 362 4.68 -7.47 28.24
C ASP B 362 5.79 -8.51 28.29
N LYS B 363 7.02 -8.09 28.00
CA LYS B 363 8.12 -9.02 27.77
C LYS B 363 8.69 -9.68 29.03
N LYS B 364 8.34 -9.15 30.20
CA LYS B 364 8.70 -9.78 31.47
C LYS B 364 7.88 -11.03 31.76
N ASN B 365 6.73 -11.15 31.12
CA ASN B 365 5.78 -12.22 31.43
C ASN B 365 6.34 -13.61 31.12
N GLU B 366 6.18 -14.52 32.08
CA GLU B 366 6.50 -15.94 31.92
C GLU B 366 5.22 -16.65 31.49
N GLY B 367 5.04 -16.80 30.17
CA GLY B 367 3.79 -17.34 29.64
C GLY B 367 2.64 -16.43 29.99
N ARG B 368 1.53 -17.02 30.44
CA ARG B 368 0.36 -16.23 30.79
C ARG B 368 0.51 -15.43 32.08
N LYS B 369 1.50 -15.78 32.90
CA LYS B 369 1.75 -15.08 34.16
C LYS B 369 2.36 -13.70 33.92
N LYS B 370 1.65 -12.66 34.37
CA LYS B 370 2.14 -11.28 34.24
C LYS B 370 3.13 -10.98 35.34
N LYS B 371 4.24 -10.33 35.00
CA LYS B 371 5.26 -9.98 35.98
C LYS B 371 5.40 -8.47 36.08
N ILE B 372 5.39 -7.98 37.32
CA ILE B 372 5.41 -6.54 37.62
C ILE B 372 6.44 -6.27 38.71
N VAL B 373 7.15 -5.15 38.60
CA VAL B 373 8.11 -4.75 39.61
C VAL B 373 7.38 -4.15 40.81
N LEU B 374 7.55 -4.76 41.97
CA LEU B 374 6.91 -4.29 43.20
C LEU B 374 7.93 -3.60 44.10
N LEU B 375 7.70 -2.33 44.43
CA LEU B 375 8.52 -1.63 45.42
C LEU B 375 8.19 -2.17 46.81
N SER B 376 9.22 -2.42 47.61
CA SER B 376 9.03 -2.76 49.02
C SER B 376 9.09 -1.50 49.88
N ALA B 377 10.00 -0.61 49.52
CA ALA B 377 10.03 0.74 50.08
C ALA B 377 10.64 1.67 49.04
N ILE B 378 10.81 2.94 49.39
CA ILE B 378 11.51 3.86 48.51
C ILE B 378 12.97 3.44 48.51
N GLY B 379 13.48 3.10 47.33
CA GLY B 379 14.87 2.69 47.18
C GLY B 379 15.11 1.19 47.20
N LYS B 380 14.08 0.41 47.55
CA LYS B 380 14.16 -1.05 47.56
C LYS B 380 13.07 -1.64 46.68
N THR B 381 13.33 -2.86 46.19
CA THR B 381 12.32 -3.63 45.46
C THR B 381 12.09 -4.95 46.20
N TYR B 382 10.86 -5.45 46.13
CA TYR B 382 10.45 -6.67 46.83
C TYR B 382 11.32 -7.86 46.47
N GLU B 383 11.61 -8.01 45.19
CA GLU B 383 12.56 -8.99 44.68
C GLU B 383 13.59 -8.26 43.84
N LYS B 384 14.67 -8.96 43.50
CA LYS B 384 15.67 -8.42 42.57
C LYS B 384 15.30 -8.79 41.13
N LYS B 385 14.01 -8.73 40.85
CA LYS B 385 13.42 -9.00 39.55
C LYS B 385 11.92 -8.70 39.63
N ALA B 386 11.20 -8.93 38.54
CA ALA B 386 9.75 -8.71 38.52
C ALA B 386 9.04 -9.90 39.17
N THR B 387 7.95 -9.60 39.86
CA THR B 387 7.21 -10.59 40.64
C THR B 387 5.90 -10.93 39.94
N VAL B 388 5.51 -12.20 40.01
CA VAL B 388 4.26 -12.65 39.41
C VAL B 388 3.10 -12.06 40.20
N VAL B 389 2.21 -11.36 39.49
CA VAL B 389 0.99 -10.80 40.09
C VAL B 389 -0.23 -11.38 39.41
N ASP B 390 -1.25 -11.70 40.21
CA ASP B 390 -2.49 -12.27 39.71
C ASP B 390 -3.28 -11.24 38.89
N ASP B 391 -3.95 -11.68 37.84
CA ASP B 391 -4.74 -10.78 36.99
C ASP B 391 -5.79 -10.01 37.81
N ARG B 392 -6.42 -10.70 38.76
CA ARG B 392 -7.46 -10.10 39.60
C ARG B 392 -7.00 -8.84 40.32
N ALA B 393 -5.79 -8.86 40.85
CA ALA B 393 -5.22 -7.72 41.56
C ALA B 393 -4.88 -6.57 40.62
N ILE B 394 -4.34 -6.89 39.45
CA ILE B 394 -4.01 -5.89 38.44
C ILE B 394 -5.30 -5.25 37.90
N ARG B 395 -6.34 -6.06 37.74
CA ARG B 395 -7.64 -5.54 37.31
C ARG B 395 -8.22 -4.57 38.33
N LEU B 396 -8.12 -4.91 39.61
CA LEU B 396 -8.67 -4.07 40.68
C LEU B 396 -8.06 -2.67 40.72
N VAL B 397 -6.76 -2.59 40.47
CA VAL B 397 -6.04 -1.32 40.52
C VAL B 397 -6.39 -0.43 39.33
N LEU B 398 -6.50 -1.02 38.15
CA LEU B 398 -6.83 -0.29 36.93
C LEU B 398 -8.31 0.08 36.84
N SER B 399 -9.16 -0.67 37.52
CA SER B 399 -10.61 -0.48 37.42
C SER B 399 -11.08 0.70 38.26
N PRO B 400 -12.12 1.41 37.78
CA PRO B 400 -12.72 2.51 38.54
C PRO B 400 -13.67 2.06 39.65
N SER B 401 -14.31 0.89 39.49
CA SER B 401 -15.29 0.39 40.46
C SER B 401 -14.85 -0.92 41.15
N VAL B 402 -15.44 -1.20 42.31
CA VAL B 402 -15.10 -2.38 43.12
C VAL B 402 -16.28 -3.31 43.29
N ARG B 403 -16.07 -4.58 42.96
CA ARG B 403 -17.05 -5.62 43.27
C ARG B 403 -16.62 -6.28 44.59
N VAL B 404 -17.46 -6.13 45.61
CA VAL B 404 -17.14 -6.64 46.95
C VAL B 404 -17.82 -7.98 47.20
N THR B 405 -17.01 -9.04 47.26
CA THR B 405 -17.48 -10.37 47.59
C THR B 405 -17.78 -10.44 49.08
N PRO B 406 -19.04 -10.72 49.45
CA PRO B 406 -19.38 -10.78 50.87
C PRO B 406 -18.68 -11.93 51.58
N GLY B 407 -18.29 -11.73 52.83
CA GLY B 407 -17.65 -12.77 53.62
C GLY B 407 -16.37 -12.33 54.28
N VAL B 408 -16.26 -12.62 55.58
CA VAL B 408 -15.05 -12.39 56.36
C VAL B 408 -14.84 -13.65 57.20
N PRO B 409 -13.57 -14.08 57.37
CA PRO B 409 -13.29 -15.33 58.10
C PRO B 409 -14.01 -15.48 59.44
N LYS B 410 -14.56 -16.67 59.68
CA LYS B 410 -15.25 -16.96 60.94
C LYS B 410 -14.30 -16.76 62.12
N GLY B 411 -14.74 -16.02 63.12
CA GLY B 411 -13.97 -15.80 64.34
C GLY B 411 -12.68 -15.00 64.13
N LEU B 412 -12.72 -14.04 63.21
CA LEU B 412 -11.58 -13.18 62.95
C LEU B 412 -11.38 -12.20 64.12
N SER B 413 -10.12 -11.87 64.38
CA SER B 413 -9.78 -10.76 65.27
C SER B 413 -8.51 -10.08 64.74
N VAL B 414 -8.60 -8.77 64.50
CA VAL B 414 -7.48 -8.04 63.89
C VAL B 414 -7.17 -6.75 64.62
N THR B 415 -5.95 -6.26 64.41
CA THR B 415 -5.51 -4.99 64.92
C THR B 415 -5.20 -4.10 63.72
N VAL B 416 -6.04 -3.11 63.49
CA VAL B 416 -5.89 -2.22 62.35
C VAL B 416 -5.59 -0.79 62.82
N THR B 417 -4.60 -0.19 62.18
CA THR B 417 -4.22 1.19 62.43
C THR B 417 -4.53 2.01 61.19
N PRO B 418 -5.57 2.85 61.26
CA PRO B 418 -5.78 3.79 60.17
C PRO B 418 -4.72 4.88 60.14
N PRO B 419 -4.70 5.71 59.08
CA PRO B 419 -3.75 6.81 59.06
C PRO B 419 -4.00 7.81 60.19
N GLY B 420 -2.94 8.48 60.63
CA GLY B 420 -3.04 9.45 61.72
C GLY B 420 -4.05 10.54 61.42
N SER B 421 -4.62 11.12 62.48
CA SER B 421 -5.53 12.25 62.32
C SER B 421 -4.68 13.47 62.00
N LYS B 422 -5.07 14.20 60.96
CA LYS B 422 -4.31 15.36 60.54
C LYS B 422 -4.48 16.52 61.54
N SER B 423 -5.55 16.51 62.32
CA SER B 423 -5.75 17.52 63.35
C SER B 423 -4.69 17.40 64.43
N ILE B 424 -4.58 16.20 65.01
CA ILE B 424 -3.58 15.94 66.07
C ILE B 424 -2.16 15.87 65.49
N SER B 425 -2.00 15.39 64.26
CA SER B 425 -0.66 15.28 63.68
C SER B 425 -0.05 16.65 63.33
N ASN B 426 -0.87 17.55 62.77
CA ASN B 426 -0.39 18.89 62.42
C ASN B 426 0.01 19.69 63.66
N ARG B 427 -0.75 19.55 64.74
CA ARG B 427 -0.41 20.19 66.01
C ARG B 427 0.89 19.63 66.57
N ALA B 428 1.03 18.30 66.55
CA ALA B 428 2.18 17.62 67.13
C ALA B 428 3.51 18.16 66.61
N LEU B 429 3.58 18.41 65.30
CA LEU B 429 4.79 18.93 64.67
C LEU B 429 5.10 20.35 65.16
N VAL B 430 4.08 21.19 65.26
CA VAL B 430 4.24 22.59 65.65
C VAL B 430 4.78 22.69 67.07
N LEU B 431 4.13 22.02 68.02
CA LEU B 431 4.51 22.15 69.42
C LEU B 431 5.74 21.32 69.80
N ALA B 432 6.12 20.35 68.97
CA ALA B 432 7.40 19.67 69.12
C ALA B 432 8.54 20.56 68.64
N ALA B 433 8.32 21.26 67.52
CA ALA B 433 9.32 22.15 66.94
C ALA B 433 9.61 23.37 67.80
N LEU B 434 8.62 23.83 68.56
CA LEU B 434 8.78 24.99 69.40
C LEU B 434 9.45 24.66 70.74
N GLY B 435 9.44 23.38 71.12
CA GLY B 435 9.93 22.96 72.44
C GLY B 435 11.43 22.73 72.55
N GLU B 436 11.89 22.54 73.78
CA GLU B 436 13.28 22.20 74.09
C GLU B 436 13.33 20.69 74.28
N GLY B 437 14.37 20.06 73.71
CA GLY B 437 14.53 18.60 73.80
C GLY B 437 14.29 17.92 72.46
N THR B 438 14.06 16.62 72.50
CA THR B 438 13.93 15.83 71.28
C THR B 438 12.78 14.82 71.37
N THR B 439 11.86 14.89 70.40
CA THR B 439 10.65 14.06 70.38
C THR B 439 10.60 13.17 69.15
N ARG B 440 10.24 11.91 69.37
CA ARG B 440 9.98 10.97 68.29
C ARG B 440 8.47 10.81 68.12
N ILE B 441 7.96 11.19 66.96
CA ILE B 441 6.53 11.18 66.72
C ILE B 441 6.13 9.95 65.90
N HIS B 442 5.37 9.05 66.51
CA HIS B 442 4.85 7.88 65.83
C HIS B 442 3.46 8.15 65.25
N GLY B 443 3.16 7.48 64.14
CA GLY B 443 1.82 7.54 63.53
C GLY B 443 1.45 8.89 62.93
N LEU B 444 2.46 9.70 62.64
CA LEU B 444 2.25 11.03 62.07
C LEU B 444 1.73 10.90 60.65
N LEU B 445 0.66 11.62 60.35
CA LEU B 445 0.16 11.68 58.98
C LEU B 445 0.99 12.66 58.18
N HIS B 446 1.80 12.13 57.25
CA HIS B 446 2.61 12.97 56.39
C HIS B 446 1.73 13.63 55.34
N SER B 447 1.04 14.69 55.74
CA SER B 447 0.13 15.44 54.86
C SER B 447 0.87 16.59 54.20
N ASP B 448 0.18 17.30 53.32
CA ASP B 448 0.74 18.48 52.66
C ASP B 448 1.00 19.60 53.68
N ASP B 449 0.17 19.66 54.73
CA ASP B 449 0.37 20.62 55.82
C ASP B 449 1.68 20.35 56.55
N VAL B 450 1.94 19.09 56.86
CA VAL B 450 3.17 18.69 57.53
C VAL B 450 4.39 18.95 56.65
N GLN B 451 4.34 18.51 55.40
CA GLN B 451 5.48 18.62 54.49
C GLN B 451 5.94 20.08 54.31
N TYR B 452 4.97 21.00 54.23
CA TYR B 452 5.29 22.41 53.99
C TYR B 452 5.64 23.17 55.28
N MSE B 453 5.01 22.79 56.40
CA MSE B 453 5.37 23.36 57.71
C MSE B 453 6.76 22.94 58.12
O MSE B 453 7.49 23.71 58.72
CB MSE B 453 4.42 22.91 58.81
CG MSE B 453 3.14 23.74 58.86
SE MSE B 453 2.16 23.34 60.53
CE MSE B 453 1.59 21.50 60.05
N LEU B 454 7.12 21.70 57.79
CA LEU B 454 8.43 21.14 58.11
C LEU B 454 9.54 21.93 57.42
N ALA B 455 9.37 22.10 56.10
CA ALA B 455 10.33 22.88 55.31
C ALA B 455 10.34 24.35 55.72
N ALA B 456 9.18 24.86 56.14
CA ALA B 456 9.06 26.24 56.60
C ALA B 456 9.91 26.46 57.85
N ILE B 457 9.72 25.59 58.84
CA ILE B 457 10.46 25.69 60.10
C ILE B 457 11.97 25.44 59.89
N GLU B 458 12.31 24.53 58.98
CA GLU B 458 13.72 24.32 58.61
C GLU B 458 14.38 25.62 58.16
N GLN B 459 13.71 26.36 57.27
CA GLN B 459 14.26 27.60 56.73
C GLN B 459 14.25 28.74 57.74
N LEU B 460 13.41 28.61 58.77
CA LEU B 460 13.42 29.53 59.91
C LEU B 460 14.43 29.13 60.98
N HIS B 461 15.18 28.04 60.74
CA HIS B 461 16.15 27.49 61.70
C HIS B 461 15.51 27.22 63.07
N GLY B 462 14.24 26.82 63.04
CA GLY B 462 13.45 26.62 64.25
C GLY B 462 13.58 25.25 64.86
N ALA B 463 13.98 24.26 64.07
CA ALA B 463 14.15 22.90 64.55
C ALA B 463 14.94 22.05 63.57
N ASP B 464 15.52 20.97 64.08
CA ASP B 464 16.20 19.98 63.26
C ASP B 464 15.27 18.77 63.09
N PHE B 465 15.02 18.39 61.84
CA PHE B 465 14.16 17.27 61.54
C PHE B 465 14.96 16.10 60.97
N SER B 466 14.43 14.90 61.18
CA SER B 466 15.12 13.66 60.82
C SER B 466 14.12 12.51 60.88
N TRP B 467 14.31 11.50 60.04
CA TRP B 467 13.38 10.38 59.95
C TRP B 467 14.01 9.06 60.41
N GLU B 468 13.18 8.12 60.86
CA GLU B 468 13.61 6.77 61.22
C GLU B 468 12.54 5.75 60.82
N ASP B 469 12.92 4.48 60.76
CA ASP B 469 12.01 3.40 60.34
C ASP B 469 11.39 3.72 58.96
N ALA B 470 12.24 4.10 58.02
CA ALA B 470 11.83 4.43 56.66
C ALA B 470 10.70 5.47 56.59
N GLY B 471 10.81 6.53 57.39
CA GLY B 471 9.88 7.65 57.35
C GLY B 471 8.63 7.54 58.20
N GLU B 472 8.53 6.49 59.02
CA GLU B 472 7.35 6.30 59.87
C GLU B 472 7.49 7.01 61.22
N ILE B 473 8.72 7.35 61.58
CA ILE B 473 8.99 8.08 62.80
C ILE B 473 9.70 9.38 62.44
N LEU B 474 9.16 10.50 62.94
CA LEU B 474 9.76 11.82 62.73
C LEU B 474 10.50 12.25 63.99
N VAL B 475 11.82 12.34 63.89
CA VAL B 475 12.66 12.81 65.00
C VAL B 475 12.75 14.33 64.94
N VAL B 476 12.20 15.00 65.95
CA VAL B 476 12.18 16.46 66.00
C VAL B 476 12.98 16.95 67.21
N THR B 477 14.04 17.70 66.94
CA THR B 477 14.77 18.41 67.99
C THR B 477 14.48 19.90 67.85
N GLY B 478 13.60 20.41 68.70
CA GLY B 478 13.19 21.81 68.65
C GLY B 478 14.23 22.73 69.23
N LYS B 479 14.17 24.00 68.87
CA LYS B 479 15.14 25.01 69.33
C LYS B 479 14.54 25.97 70.35
N GLY B 480 13.52 25.52 71.08
CA GLY B 480 12.96 26.26 72.20
C GLY B 480 12.38 27.62 71.85
N GLY B 481 11.93 27.78 70.61
CA GLY B 481 11.30 29.02 70.16
C GLY B 481 12.22 30.07 69.56
N LYS B 482 13.53 29.81 69.55
CA LYS B 482 14.49 30.74 68.93
C LYS B 482 14.52 30.51 67.41
N LEU B 483 13.68 31.26 66.70
CA LEU B 483 13.57 31.18 65.24
C LEU B 483 14.16 32.44 64.59
N GLN B 484 14.51 32.32 63.31
CA GLN B 484 15.12 33.43 62.56
C GLN B 484 14.29 33.78 61.34
N ALA B 485 14.04 35.07 61.15
CA ALA B 485 13.19 35.53 60.05
C ALA B 485 13.82 35.24 58.71
N SER B 486 13.09 34.53 57.85
CA SER B 486 13.58 34.15 56.52
C SER B 486 13.45 35.30 55.53
N LYS B 487 14.56 35.63 54.87
CA LYS B 487 14.56 36.63 53.81
C LYS B 487 13.67 36.18 52.65
N GLU B 488 13.85 34.92 52.25
CA GLU B 488 13.06 34.31 51.19
C GLU B 488 11.63 34.01 51.70
N PRO B 489 10.61 34.22 50.86
CA PRO B 489 9.24 33.85 51.26
C PRO B 489 9.05 32.35 51.39
N LEU B 490 8.08 31.95 52.21
CA LEU B 490 7.80 30.54 52.48
C LEU B 490 6.59 30.05 51.69
N TYR B 491 6.84 29.29 50.64
CA TYR B 491 5.79 28.74 49.80
C TYR B 491 5.11 27.59 50.55
N LEU B 492 3.78 27.62 50.61
CA LEU B 492 3.01 26.62 51.35
C LEU B 492 2.04 25.78 50.51
N GLY B 493 1.87 26.12 49.23
CA GLY B 493 0.84 25.48 48.41
C GLY B 493 -0.52 25.85 48.96
N ASN B 494 -1.51 24.97 48.80
CA ASN B 494 -2.83 25.20 49.39
C ASN B 494 -2.99 24.40 50.68
N ALA B 495 -2.07 24.64 51.61
CA ALA B 495 -2.10 24.00 52.91
C ALA B 495 -2.73 24.97 53.91
N GLY B 496 -4.01 24.76 54.20
CA GLY B 496 -4.77 25.67 55.05
C GLY B 496 -4.24 25.69 56.48
N THR B 497 -4.36 24.56 57.17
CA THR B 497 -3.86 24.41 58.54
C THR B 497 -2.41 24.90 58.69
N ALA B 498 -1.60 24.72 57.65
CA ALA B 498 -0.21 25.20 57.64
C ALA B 498 -0.13 26.73 57.69
N SER B 499 -0.85 27.39 56.79
CA SER B 499 -0.86 28.86 56.75
C SER B 499 -1.36 29.46 58.05
N ARG B 500 -2.36 28.81 58.66
CA ARG B 500 -2.94 29.28 59.91
C ARG B 500 -1.97 29.12 61.08
N PHE B 501 -1.39 27.93 61.21
CA PHE B 501 -0.44 27.68 62.29
C PHE B 501 0.83 28.52 62.13
N LEU B 502 1.36 28.59 60.91
CA LEU B 502 2.61 29.31 60.67
C LEU B 502 2.49 30.83 60.79
N THR B 503 1.28 31.36 60.60
CA THR B 503 1.07 32.81 60.70
C THR B 503 1.38 33.30 62.11
N SER B 504 0.95 32.55 63.12
CA SER B 504 1.24 32.88 64.51
C SER B 504 2.64 32.40 64.94
N VAL B 505 3.10 31.28 64.38
CA VAL B 505 4.43 30.73 64.70
C VAL B 505 5.55 31.64 64.21
N VAL B 506 5.41 32.17 62.99
CA VAL B 506 6.45 33.00 62.38
C VAL B 506 6.45 34.43 62.96
N ALA B 507 5.49 34.75 63.82
CA ALA B 507 5.52 35.98 64.61
C ALA B 507 6.48 35.85 65.79
N LEU B 508 6.87 34.63 66.13
CA LEU B 508 7.79 34.39 67.26
C LEU B 508 9.25 34.63 66.91
N CYS B 509 9.59 34.56 65.62
CA CYS B 509 11.00 34.61 65.20
C CYS B 509 11.60 36.01 65.35
N ALA B 510 12.80 36.06 65.92
CA ALA B 510 13.51 37.33 66.16
C ALA B 510 14.01 37.93 64.85
N PRO B 511 14.18 39.27 64.82
CA PRO B 511 14.61 39.91 63.58
C PRO B 511 16.07 39.61 63.26
N SER B 512 16.31 38.81 62.22
CA SER B 512 17.67 38.43 61.83
C SER B 512 18.12 39.16 60.56
N ALA B 513 17.79 38.61 59.40
CA ALA B 513 18.17 39.21 58.12
C ALA B 513 17.26 40.39 57.80
N VAL B 514 15.95 40.18 57.96
CA VAL B 514 14.95 41.20 57.68
C VAL B 514 14.08 41.42 58.92
N SER B 515 13.42 42.58 58.99
CA SER B 515 12.49 42.90 60.07
C SER B 515 11.19 42.10 59.99
N SER B 516 10.90 41.51 58.84
CA SER B 516 9.66 40.76 58.64
C SER B 516 9.88 39.48 57.83
N THR B 517 8.82 38.67 57.73
CA THR B 517 8.89 37.36 57.08
C THR B 517 7.54 37.00 56.44
N VAL B 518 7.58 36.55 55.19
CA VAL B 518 6.38 36.49 54.34
C VAL B 518 5.95 35.06 53.98
N LEU B 519 4.65 34.82 54.08
CA LEU B 519 4.03 33.51 53.78
C LEU B 519 3.17 33.62 52.53
N THR B 520 3.56 32.89 51.49
CA THR B 520 2.81 32.88 50.22
C THR B 520 2.40 31.45 49.88
N GLY B 521 1.75 31.26 48.73
CA GLY B 521 1.36 29.92 48.32
C GLY B 521 0.71 29.82 46.95
N ASN B 522 -0.19 28.84 46.84
CA ASN B 522 -0.87 28.49 45.59
C ASN B 522 -1.79 29.61 45.12
N ALA B 523 -2.31 29.49 43.90
CA ALA B 523 -3.35 30.40 43.41
C ALA B 523 -4.62 30.27 44.25
N ARG B 524 -4.96 29.04 44.63
CA ARG B 524 -6.13 28.75 45.50
C ARG B 524 -5.96 29.28 46.93
N MSE B 525 -4.73 29.31 47.43
CA MSE B 525 -4.43 29.86 48.76
C MSE B 525 -4.70 31.33 48.80
O MSE B 525 -5.18 31.86 49.81
CB MSE B 525 -2.97 29.57 49.11
CG MSE B 525 -2.45 30.27 50.38
SE MSE B 525 -3.00 29.30 52.00
CE MSE B 525 -3.99 30.73 52.92
N LYS B 526 -4.39 32.03 47.71
CA LYS B 526 -4.51 33.49 47.66
C LYS B 526 -5.95 34.01 47.75
N VAL B 527 -6.93 33.13 47.54
CA VAL B 527 -8.35 33.46 47.74
C VAL B 527 -8.93 32.64 48.89
N ARG B 528 -8.19 32.57 49.99
CA ARG B 528 -8.58 31.75 51.14
C ARG B 528 -8.48 32.61 52.41
N PRO B 529 -9.56 32.61 53.23
CA PRO B 529 -9.68 33.61 54.30
C PRO B 529 -8.74 33.40 55.48
N ILE B 530 -8.13 34.48 55.95
CA ILE B 530 -7.35 34.49 57.19
C ILE B 530 -7.58 35.81 57.95
N GLY B 531 -8.73 36.45 57.70
CA GLY B 531 -8.99 37.79 58.21
C GLY B 531 -9.03 37.90 59.71
N ALA B 532 -9.77 37.00 60.35
CA ALA B 532 -9.98 37.03 61.79
C ALA B 532 -8.69 36.82 62.59
N LEU B 533 -7.81 35.96 62.09
CA LEU B 533 -6.54 35.66 62.74
C LEU B 533 -5.57 36.83 62.66
N VAL B 534 -5.55 37.49 61.51
CA VAL B 534 -4.74 38.69 61.33
C VAL B 534 -5.25 39.82 62.23
N ASP B 535 -6.57 39.92 62.38
CA ASP B 535 -7.18 40.91 63.29
C ASP B 535 -6.72 40.70 64.74
N ALA B 536 -6.55 39.45 65.13
CA ALA B 536 -6.07 39.10 66.47
C ALA B 536 -4.60 39.47 66.69
N LEU B 537 -3.77 39.29 65.66
CA LEU B 537 -2.34 39.60 65.74
C LEU B 537 -2.08 41.11 65.78
N ARG B 538 -2.79 41.86 64.95
CA ARG B 538 -2.70 43.33 64.97
C ARG B 538 -3.11 43.87 66.33
N ALA B 539 -4.20 43.34 66.87
CA ALA B 539 -4.69 43.73 68.21
C ALA B 539 -3.69 43.41 69.32
N ASN B 540 -2.93 42.33 69.15
CA ASN B 540 -1.94 41.91 70.14
C ASN B 540 -0.50 42.28 69.75
N GLY B 541 -0.35 43.45 69.11
CA GLY B 541 0.95 44.06 68.90
C GLY B 541 1.89 43.31 67.96
N VAL B 542 1.37 42.88 66.82
CA VAL B 542 2.18 42.22 65.80
C VAL B 542 1.81 42.76 64.43
N GLY B 543 2.70 43.59 63.87
CA GLY B 543 2.50 44.17 62.55
C GLY B 543 2.31 43.09 61.49
N VAL B 544 1.40 43.35 60.55
CA VAL B 544 1.12 42.39 59.47
C VAL B 544 0.33 43.08 58.36
N LYS B 545 0.92 43.13 57.16
CA LYS B 545 0.30 43.76 56.00
C LYS B 545 0.03 42.70 54.92
N TYR B 546 -1.14 42.80 54.28
CA TYR B 546 -1.48 41.92 53.16
C TYR B 546 -0.74 42.39 51.91
N LEU B 547 -0.24 41.46 51.11
CA LEU B 547 0.59 41.80 49.94
C LEU B 547 -0.18 41.81 48.61
N GLU B 548 -1.28 41.08 48.52
CA GLU B 548 -2.13 41.11 47.32
C GLU B 548 -3.60 41.37 47.66
N LYS B 549 -4.32 40.32 48.04
CA LYS B 549 -5.74 40.45 48.37
C LYS B 549 -5.91 40.68 49.87
N GLU B 550 -6.95 41.43 50.23
CA GLU B 550 -7.26 41.69 51.64
C GLU B 550 -7.86 40.44 52.29
N LYS B 551 -7.60 40.27 53.58
CA LYS B 551 -8.10 39.13 54.36
C LYS B 551 -7.72 37.74 53.81
N SER B 552 -6.56 37.65 53.17
CA SER B 552 -6.05 36.37 52.65
C SER B 552 -4.58 36.49 52.24
N LEU B 553 -3.93 35.35 52.04
CA LEU B 553 -2.50 35.33 51.68
C LEU B 553 -2.24 35.85 50.25
N PRO B 554 -0.99 36.26 49.95
CA PRO B 554 0.20 36.26 50.80
C PRO B 554 0.19 37.34 51.89
N VAL B 555 0.86 37.05 53.00
CA VAL B 555 0.90 37.96 54.16
C VAL B 555 2.32 38.13 54.69
N GLU B 556 2.76 39.38 54.74
CA GLU B 556 4.01 39.73 55.39
C GLU B 556 3.71 40.01 56.85
N VAL B 557 4.28 39.22 57.75
CA VAL B 557 4.00 39.34 59.19
C VAL B 557 5.29 39.62 59.96
N ASP B 558 5.21 40.58 60.88
CA ASP B 558 6.39 41.13 61.56
C ASP B 558 7.14 40.06 62.35
N ALA B 559 8.45 40.27 62.48
CA ALA B 559 9.32 39.37 63.22
C ALA B 559 9.51 39.87 64.66
N ALA B 560 8.42 39.85 65.43
CA ALA B 560 8.49 40.21 66.85
C ALA B 560 9.07 39.05 67.66
N GLY B 561 9.24 39.25 68.95
CA GLY B 561 9.70 38.18 69.84
C GLY B 561 8.54 37.43 70.46
N GLY B 562 7.51 37.17 69.66
CA GLY B 562 6.23 36.67 70.13
C GLY B 562 5.16 37.75 70.16
N PHE B 563 3.97 37.41 70.63
CA PHE B 563 2.90 38.39 70.79
C PHE B 563 3.23 39.31 71.95
N ALA B 564 2.48 40.39 72.09
CA ALA B 564 2.64 41.29 73.24
C ALA B 564 2.27 40.56 74.53
N GLY B 565 1.14 39.86 74.48
CA GLY B 565 0.66 39.08 75.63
C GLY B 565 -0.53 39.73 76.28
N GLY B 566 -0.81 39.33 77.52
CA GLY B 566 -1.94 39.85 78.27
C GLY B 566 -3.26 39.40 77.68
N VAL B 567 -4.19 40.34 77.52
CA VAL B 567 -5.52 40.04 77.01
C VAL B 567 -5.48 39.86 75.49
N ILE B 568 -6.12 38.80 75.01
CA ILE B 568 -6.34 38.61 73.57
C ILE B 568 -7.70 37.92 73.35
N GLU B 569 -8.69 38.72 72.95
CA GLU B 569 -10.07 38.23 72.81
C GLU B 569 -10.36 37.81 71.37
N LEU B 570 -11.26 36.84 71.25
CA LEU B 570 -11.75 36.36 69.95
C LEU B 570 -13.26 36.13 70.02
N ALA B 571 -13.88 35.96 68.86
CA ALA B 571 -15.29 35.56 68.82
C ALA B 571 -15.39 34.09 69.21
N ALA B 572 -16.50 33.71 69.85
CA ALA B 572 -16.77 32.30 70.16
C ALA B 572 -16.98 31.50 68.88
N THR B 573 -17.50 32.18 67.86
CA THR B 573 -17.74 31.59 66.55
C THR B 573 -16.52 31.76 65.61
N VAL B 574 -15.32 31.53 66.15
CA VAL B 574 -14.09 31.59 65.35
C VAL B 574 -13.78 30.23 64.78
N SER B 575 -13.08 30.24 63.65
CA SER B 575 -12.57 29.00 63.05
C SER B 575 -11.63 28.31 64.03
N SER B 576 -11.71 26.99 64.10
CA SER B 576 -10.91 26.20 65.04
C SER B 576 -9.42 26.35 64.79
N GLN B 577 -9.04 26.54 63.53
CA GLN B 577 -7.64 26.69 63.17
C GLN B 577 -7.02 27.97 63.72
N TYR B 578 -7.77 29.06 63.74
CA TYR B 578 -7.26 30.34 64.24
C TYR B 578 -6.99 30.29 65.74
N VAL B 579 -8.01 29.93 66.51
CA VAL B 579 -7.89 29.91 67.97
C VAL B 579 -6.80 28.96 68.46
N SER B 580 -6.67 27.81 67.80
CA SER B 580 -5.69 26.82 68.22
C SER B 580 -4.27 27.21 67.82
N SER B 581 -4.10 27.98 66.74
CA SER B 581 -2.76 28.44 66.33
C SER B 581 -2.22 29.49 67.30
N ILE B 582 -3.11 30.32 67.83
CA ILE B 582 -2.75 31.30 68.85
C ILE B 582 -2.35 30.59 70.14
N LEU B 583 -3.11 29.58 70.52
CA LEU B 583 -2.83 28.79 71.71
C LEU B 583 -1.43 28.16 71.70
N MSE B 584 -0.98 27.69 70.54
CA MSE B 584 0.30 27.00 70.43
C MSE B 584 1.44 27.99 70.61
O MSE B 584 2.47 27.64 71.19
CB MSE B 584 0.48 26.28 69.10
CG MSE B 584 -0.76 25.51 68.63
SE MSE B 584 -0.35 23.69 67.99
CE MSE B 584 -0.05 22.90 69.77
N ALA B 585 1.25 29.22 70.14
CA ALA B 585 2.28 30.26 70.19
C ALA B 585 2.11 31.26 71.35
N ALA B 586 1.12 31.03 72.20
CA ALA B 586 0.86 31.91 73.35
C ALA B 586 1.96 31.86 74.41
N PRO B 587 2.52 30.67 74.69
CA PRO B 587 3.60 30.59 75.68
C PRO B 587 4.88 31.35 75.29
N TYR B 588 5.08 31.57 74.00
CA TYR B 588 6.26 32.27 73.51
C TYR B 588 6.01 33.76 73.31
N ALA B 589 4.91 34.27 73.88
CA ALA B 589 4.64 35.71 73.91
C ALA B 589 5.53 36.37 74.96
N HIS B 590 5.65 37.69 74.88
CA HIS B 590 6.51 38.46 75.76
C HIS B 590 6.07 38.38 77.22
N GLN B 591 4.79 38.15 77.47
CA GLN B 591 4.29 37.92 78.82
C GLN B 591 2.99 37.11 78.80
N PRO B 592 2.67 36.40 79.91
CA PRO B 592 1.48 35.55 80.05
C PRO B 592 0.23 36.01 79.29
N VAL B 593 -0.38 35.07 78.56
CA VAL B 593 -1.52 35.35 77.70
C VAL B 593 -2.83 34.93 78.36
N THR B 594 -3.85 35.76 78.20
CA THR B 594 -5.20 35.49 78.69
C THR B 594 -6.14 35.49 77.49
N LEU B 595 -6.53 34.31 77.04
CA LEU B 595 -7.35 34.15 75.84
C LEU B 595 -8.83 34.14 76.21
N ARG B 596 -9.57 35.13 75.73
CA ARG B 596 -11.00 35.23 75.99
C ARG B 596 -11.81 34.93 74.74
N LEU B 597 -12.93 34.22 74.90
CA LEU B 597 -13.86 33.95 73.81
C LEU B 597 -15.23 34.54 74.10
N VAL B 598 -15.58 35.63 73.41
CA VAL B 598 -16.86 36.31 73.62
C VAL B 598 -17.99 35.58 72.89
N GLY B 599 -19.11 35.38 73.58
CA GLY B 599 -20.25 34.67 73.04
C GLY B 599 -20.65 33.51 73.94
N GLY B 600 -21.15 32.43 73.32
CA GLY B 600 -21.59 31.24 74.06
C GLY B 600 -20.54 30.15 74.05
N LYS B 601 -20.99 28.91 74.15
CA LYS B 601 -20.10 27.76 74.01
C LYS B 601 -19.55 27.77 72.59
N PRO B 602 -18.22 27.97 72.45
CA PRO B 602 -17.64 28.17 71.13
C PRO B 602 -17.71 26.94 70.21
N ILE B 603 -17.78 27.20 68.91
CA ILE B 603 -17.97 26.14 67.90
C ILE B 603 -16.73 25.24 67.86
N SER B 604 -15.57 25.82 68.16
CA SER B 604 -14.29 25.14 68.08
C SER B 604 -13.86 24.42 69.37
N GLN B 605 -14.79 24.25 70.32
CA GLN B 605 -14.47 23.73 71.66
C GLN B 605 -13.73 22.38 71.71
N PRO B 606 -14.15 21.40 70.88
CA PRO B 606 -13.40 20.14 70.87
C PRO B 606 -11.94 20.31 70.42
N TYR B 607 -11.72 21.20 69.44
CA TYR B 607 -10.36 21.49 68.95
C TYR B 607 -9.56 22.35 69.93
N ILE B 608 -10.25 23.16 70.72
CA ILE B 608 -9.60 23.88 71.81
C ILE B 608 -9.13 22.89 72.87
N ASP B 609 -10.04 22.00 73.30
CA ASP B 609 -9.71 20.93 74.26
C ASP B 609 -8.55 20.06 73.76
N MSE B 610 -8.56 19.73 72.48
CA MSE B 610 -7.50 18.93 71.86
C MSE B 610 -6.18 19.64 72.01
O MSE B 610 -5.22 19.06 72.53
CB MSE B 610 -7.78 18.69 70.38
CG MSE B 610 -6.65 17.92 69.69
SE MSE B 610 -6.93 17.86 67.73
CE MSE B 610 -7.50 15.98 67.61
N THR B 611 -6.12 20.88 71.56
CA THR B 611 -4.87 21.65 71.57
C THR B 611 -4.32 21.83 72.99
N ILE B 612 -5.19 22.10 73.95
CA ILE B 612 -4.78 22.27 75.35
C ILE B 612 -4.21 20.99 75.94
N ALA B 613 -4.89 19.87 75.71
CA ALA B 613 -4.45 18.57 76.22
C ALA B 613 -3.11 18.16 75.62
N MSE B 614 -2.90 18.54 74.35
CA MSE B 614 -1.63 18.29 73.67
C MSE B 614 -0.55 19.17 74.25
O MSE B 614 0.55 18.70 74.53
CB MSE B 614 -1.78 18.49 72.16
CG MSE B 614 -2.57 17.33 71.54
SE MSE B 614 -2.68 17.53 69.59
CE MSE B 614 -0.79 17.13 69.22
N MSE B 615 -0.87 20.45 74.44
CA MSE B 615 0.07 21.37 75.12
C MSE B 615 0.44 20.86 76.47
O MSE B 615 1.59 21.00 76.90
CB MSE B 615 -0.53 22.77 75.24
CG MSE B 615 -0.50 23.50 73.91
SE MSE B 615 -1.74 25.03 74.00
CE MSE B 615 -0.67 26.21 75.15
N ALA B 616 -0.51 20.24 77.17
CA ALA B 616 -0.24 19.60 78.45
C ALA B 616 0.75 18.44 78.29
N SER B 617 0.59 17.63 77.25
CA SER B 617 1.53 16.54 76.97
C SER B 617 2.95 17.05 76.71
N PHE B 618 3.07 18.30 76.25
CA PHE B 618 4.37 18.94 76.05
C PHE B 618 4.74 19.89 77.21
N GLY B 619 4.30 19.56 78.42
CA GLY B 619 4.76 20.23 79.63
C GLY B 619 4.28 21.65 79.88
N ILE B 620 3.13 22.02 79.31
CA ILE B 620 2.54 23.34 79.53
C ILE B 620 1.04 23.24 79.82
N LYS B 621 0.67 23.54 81.06
CA LYS B 621 -0.70 23.38 81.54
C LYS B 621 -1.48 24.68 81.40
N VAL B 622 -2.48 24.68 80.52
CA VAL B 622 -3.40 25.81 80.39
C VAL B 622 -4.55 25.58 81.38
N GLU B 623 -5.01 26.66 82.02
CA GLU B 623 -6.04 26.54 83.05
C GLU B 623 -7.29 27.34 82.75
N ARG B 624 -8.45 26.75 83.01
CA ARG B 624 -9.73 27.44 82.93
C ARG B 624 -9.80 28.51 84.02
N SER B 625 -10.46 29.63 83.73
CA SER B 625 -10.70 30.67 84.73
C SER B 625 -11.90 30.29 85.60
N ALA B 626 -11.89 30.77 86.83
CA ALA B 626 -13.02 30.58 87.75
C ALA B 626 -14.23 31.39 87.27
N GLU B 627 -14.00 32.64 86.87
CA GLU B 627 -15.06 33.56 86.42
C GLU B 627 -15.95 32.93 85.34
N ASP B 628 -15.35 32.54 84.22
CA ASP B 628 -16.09 31.85 83.15
C ASP B 628 -15.21 30.82 82.44
N PRO B 629 -15.83 29.78 81.85
CA PRO B 629 -15.07 28.73 81.16
C PRO B 629 -14.51 29.16 79.80
N ASN B 630 -15.02 30.25 79.23
CA ASN B 630 -14.59 30.71 77.91
C ASN B 630 -13.45 31.74 77.95
N THR B 631 -12.74 31.82 79.08
CA THR B 631 -11.48 32.53 79.15
C THR B 631 -10.40 31.58 79.66
N TYR B 632 -9.34 31.41 78.87
CA TYR B 632 -8.29 30.43 79.17
C TYR B 632 -7.01 31.14 79.62
N LEU B 633 -6.49 30.68 80.75
CA LEU B 633 -5.33 31.30 81.38
C LEU B 633 -4.06 30.56 80.95
N ILE B 634 -3.27 31.20 80.09
CA ILE B 634 -2.12 30.53 79.47
C ILE B 634 -0.81 31.00 80.08
N PRO B 635 0.10 30.06 80.40
CA PRO B 635 1.41 30.41 80.96
C PRO B 635 2.39 30.97 79.93
N LYS B 636 3.60 31.29 80.39
CA LYS B 636 4.69 31.77 79.55
C LYS B 636 5.93 30.94 79.80
N GLY B 637 6.25 30.07 78.86
CA GLY B 637 7.42 29.20 78.97
C GLY B 637 7.74 28.48 77.68
N VAL B 638 8.54 27.42 77.78
CA VAL B 638 8.97 26.63 76.63
C VAL B 638 8.47 25.20 76.80
N TYR B 639 8.03 24.58 75.70
CA TYR B 639 7.48 23.23 75.75
C TYR B 639 8.57 22.22 76.14
N LYS B 640 8.29 21.42 77.17
CA LYS B 640 9.15 20.30 77.53
C LYS B 640 8.80 19.12 76.62
N ASN B 641 9.63 18.92 75.60
CA ASN B 641 9.42 17.86 74.61
C ASN B 641 9.54 16.46 75.20
N PRO B 642 8.49 15.64 75.06
CA PRO B 642 8.57 14.27 75.56
C PRO B 642 9.44 13.41 74.63
N PRO B 643 10.03 12.33 75.17
CA PRO B 643 10.85 11.46 74.32
C PRO B 643 10.04 10.83 73.20
N GLU B 644 8.78 10.55 73.49
CA GLU B 644 7.92 9.83 72.57
C GLU B 644 6.54 10.49 72.58
N TYR B 645 5.98 10.73 71.39
CA TYR B 645 4.57 11.14 71.27
C TYR B 645 3.84 10.33 70.20
N VAL B 646 2.79 9.61 70.60
CA VAL B 646 2.00 8.78 69.71
C VAL B 646 0.80 9.56 69.17
N VAL B 647 0.72 9.66 67.85
CA VAL B 647 -0.42 10.30 67.19
C VAL B 647 -1.55 9.29 66.99
N GLU B 648 -2.77 9.70 67.35
CA GLU B 648 -3.93 8.84 67.22
C GLU B 648 -4.31 8.70 65.76
N SER B 649 -4.88 7.56 65.40
CA SER B 649 -5.42 7.35 64.07
C SER B 649 -6.70 8.16 63.93
N ASP B 650 -7.01 8.57 62.71
CA ASP B 650 -8.22 9.35 62.47
C ASP B 650 -9.42 8.59 63.01
N ALA B 651 -10.14 9.22 63.94
CA ALA B 651 -11.24 8.56 64.64
C ALA B 651 -12.43 8.30 63.73
N SER B 652 -12.61 9.17 62.74
CA SER B 652 -13.67 9.00 61.75
C SER B 652 -13.34 7.80 60.87
N SER B 653 -12.12 7.79 60.33
CA SER B 653 -11.64 6.66 59.53
C SER B 653 -11.69 5.38 60.36
N ALA B 654 -11.40 5.49 61.65
CA ALA B 654 -11.44 4.37 62.59
C ALA B 654 -12.81 3.68 62.70
N THR B 655 -13.88 4.40 62.39
CA THR B 655 -15.23 3.85 62.52
C THR B 655 -15.50 2.72 61.53
N TYR B 656 -14.91 2.81 60.35
CA TYR B 656 -15.19 1.85 59.28
C TYR B 656 -14.72 0.42 59.61
N PRO B 657 -13.44 0.24 60.02
CA PRO B 657 -13.02 -1.11 60.39
C PRO B 657 -13.67 -1.63 61.69
N LEU B 658 -14.00 -0.72 62.60
CA LEU B 658 -14.78 -1.08 63.80
C LEU B 658 -16.20 -1.51 63.42
N ALA B 659 -16.78 -0.82 62.44
CA ALA B 659 -18.12 -1.16 61.95
C ALA B 659 -18.15 -2.53 61.26
N VAL B 660 -17.05 -2.90 60.61
CA VAL B 660 -16.94 -4.20 59.97
C VAL B 660 -17.00 -5.31 61.02
N ALA B 661 -16.26 -5.13 62.12
CA ALA B 661 -16.30 -6.08 63.23
C ALA B 661 -17.69 -6.16 63.84
N ALA B 662 -18.38 -5.02 63.93
CA ALA B 662 -19.72 -4.95 64.50
C ALA B 662 -20.74 -5.70 63.64
N ILE B 663 -20.71 -5.45 62.33
CA ILE B 663 -21.71 -6.00 61.42
C ILE B 663 -21.50 -7.50 61.11
N THR B 664 -20.24 -7.94 61.18
CA THR B 664 -19.87 -9.32 60.85
C THR B 664 -19.73 -10.25 62.05
N GLY B 665 -19.79 -9.70 63.26
CA GLY B 665 -19.66 -10.50 64.48
C GLY B 665 -18.27 -11.01 64.77
N THR B 666 -17.27 -10.31 64.23
CA THR B 666 -15.87 -10.62 64.49
C THR B 666 -15.31 -9.53 65.41
N THR B 667 -14.01 -9.55 65.65
CA THR B 667 -13.36 -8.58 66.54
C THR B 667 -12.37 -7.70 65.78
N CYS B 668 -12.19 -6.47 66.29
CA CYS B 668 -11.21 -5.54 65.73
C CYS B 668 -10.73 -4.56 66.79
N THR B 669 -9.43 -4.30 66.78
CA THR B 669 -8.81 -3.43 67.77
C THR B 669 -8.11 -2.25 67.09
N ILE B 670 -8.27 -1.07 67.66
CA ILE B 670 -7.57 0.12 67.21
C ILE B 670 -6.62 0.56 68.32
N PRO B 671 -5.33 0.24 68.18
CA PRO B 671 -4.38 0.28 69.30
C PRO B 671 -3.89 1.66 69.77
N ASN B 672 -4.39 2.75 69.18
CA ASN B 672 -3.98 4.10 69.61
C ASN B 672 -5.12 5.06 69.95
N ILE B 673 -6.37 4.67 69.69
CA ILE B 673 -7.54 5.42 70.15
C ILE B 673 -8.12 4.75 71.38
N GLY B 674 -8.15 5.47 72.50
CA GLY B 674 -8.67 4.94 73.74
C GLY B 674 -9.71 5.84 74.37
N SER B 675 -9.96 5.62 75.66
CA SER B 675 -10.95 6.40 76.40
C SER B 675 -10.50 7.86 76.63
N GLU B 676 -9.18 8.09 76.63
CA GLU B 676 -8.62 9.45 76.75
C GLU B 676 -8.37 10.13 75.39
N SER B 677 -8.98 9.61 74.33
CA SER B 677 -8.78 10.14 72.98
C SER B 677 -9.28 11.59 72.85
N LEU B 678 -8.52 12.41 72.12
CA LEU B 678 -8.85 13.83 71.93
C LEU B 678 -9.94 14.07 70.90
N GLN B 679 -10.33 13.03 70.14
CA GLN B 679 -11.23 13.21 68.99
C GLN B 679 -12.69 12.93 69.35
N GLY B 680 -13.58 13.78 68.84
CA GLY B 680 -15.02 13.63 69.07
C GLY B 680 -15.58 12.37 68.44
N ASP B 681 -15.07 12.04 67.25
CA ASP B 681 -15.54 10.87 66.50
C ASP B 681 -15.11 9.54 67.14
N ALA B 682 -14.22 9.59 68.13
CA ALA B 682 -13.80 8.40 68.86
C ALA B 682 -14.88 7.90 69.81
N ARG B 683 -15.87 8.75 70.07
CA ARG B 683 -17.01 8.39 70.91
C ARG B 683 -17.94 7.36 70.22
N PHE B 684 -17.72 7.15 68.93
CA PHE B 684 -18.50 6.18 68.12
C PHE B 684 -18.57 4.78 68.72
N ALA B 685 -17.44 4.28 69.23
CA ALA B 685 -17.39 2.92 69.78
C ALA B 685 -18.32 2.74 70.98
N VAL B 686 -18.23 3.65 71.94
CA VAL B 686 -19.00 3.53 73.19
C VAL B 686 -20.46 3.93 73.00
N GLU B 687 -20.70 5.04 72.30
CA GLU B 687 -22.05 5.62 72.22
C GLU B 687 -22.92 5.07 71.09
N VAL B 688 -22.36 4.24 70.22
CA VAL B 688 -23.13 3.64 69.11
C VAL B 688 -23.04 2.12 69.11
N LEU B 689 -21.83 1.58 69.04
CA LEU B 689 -21.63 0.15 68.86
C LEU B 689 -22.06 -0.69 70.07
N ARG B 690 -21.76 -0.21 71.28
CA ARG B 690 -22.14 -0.94 72.50
C ARG B 690 -23.67 -0.98 72.70
N PRO B 691 -24.37 0.16 72.52
CA PRO B 691 -25.85 0.11 72.47
C PRO B 691 -26.40 -0.84 71.39
N MSE B 692 -25.67 -1.00 70.29
CA MSE B 692 -26.07 -1.89 69.20
C MSE B 692 -25.83 -3.35 69.50
O MSE B 692 -26.25 -4.21 68.72
CB MSE B 692 -25.39 -1.49 67.88
CG MSE B 692 -26.39 -0.92 66.88
SE MSE B 692 -25.53 0.20 65.51
CE MSE B 692 -27.15 1.12 64.85
N GLY B 693 -25.15 -3.65 70.60
CA GLY B 693 -24.96 -5.03 71.07
C GLY B 693 -23.54 -5.55 70.99
N CYS B 694 -22.59 -4.68 70.66
CA CYS B 694 -21.17 -5.06 70.60
C CYS B 694 -20.53 -5.11 71.99
N ALA B 695 -19.53 -5.98 72.12
CA ALA B 695 -18.69 -6.01 73.32
C ALA B 695 -17.54 -5.03 73.10
N VAL B 696 -17.68 -3.84 73.69
CA VAL B 696 -16.70 -2.76 73.52
C VAL B 696 -15.85 -2.64 74.78
N GLU B 697 -14.58 -3.05 74.68
CA GLU B 697 -13.65 -2.88 75.78
C GLU B 697 -12.60 -1.82 75.42
N GLN B 698 -12.34 -0.91 76.35
CA GLN B 698 -11.39 0.18 76.14
C GLN B 698 -10.34 0.23 77.25
N THR B 699 -9.16 0.72 76.89
CA THR B 699 -8.15 1.13 77.87
C THR B 699 -7.99 2.65 77.69
N ALA B 700 -6.91 3.21 78.23
CA ALA B 700 -6.61 4.63 78.05
C ALA B 700 -6.25 4.98 76.60
N THR B 701 -5.67 4.01 75.89
CA THR B 701 -5.10 4.26 74.57
C THR B 701 -5.38 3.12 73.57
N SER B 702 -6.49 2.41 73.75
CA SER B 702 -6.84 1.28 72.87
C SER B 702 -8.33 0.95 72.96
N THR B 703 -8.92 0.59 71.82
CA THR B 703 -10.34 0.27 71.73
C THR B 703 -10.52 -1.04 70.97
N THR B 704 -11.16 -2.02 71.60
CA THR B 704 -11.43 -3.33 70.99
C THR B 704 -12.94 -3.58 70.93
N VAL B 705 -13.43 -4.01 69.76
CA VAL B 705 -14.86 -4.19 69.53
C VAL B 705 -15.15 -5.57 68.92
N THR B 706 -15.82 -6.43 69.67
CA THR B 706 -16.34 -7.68 69.16
C THR B 706 -17.83 -7.50 68.89
N GLY B 707 -18.25 -7.66 67.64
CA GLY B 707 -19.65 -7.52 67.28
C GLY B 707 -20.47 -8.73 67.71
N PRO B 708 -21.80 -8.56 67.84
CA PRO B 708 -22.67 -9.66 68.21
C PRO B 708 -22.84 -10.63 67.04
N PRO B 709 -23.48 -11.79 67.27
CA PRO B 709 -23.75 -12.74 66.18
C PRO B 709 -24.32 -12.06 64.94
N ILE B 710 -24.11 -12.67 63.78
CA ILE B 710 -24.32 -11.97 62.50
C ILE B 710 -25.80 -11.60 62.33
N GLY B 711 -26.05 -10.33 62.07
CA GLY B 711 -27.40 -9.85 61.77
C GLY B 711 -28.33 -9.72 62.96
N THR B 712 -27.77 -9.70 64.18
CA THR B 712 -28.58 -9.57 65.40
C THR B 712 -28.30 -8.25 66.11
N LEU B 713 -27.92 -7.22 65.35
CA LEU B 713 -27.62 -5.90 65.92
C LEU B 713 -28.90 -5.24 66.42
N LYS B 714 -28.92 -4.91 67.70
CA LYS B 714 -30.06 -4.23 68.30
C LYS B 714 -30.11 -2.80 67.78
N ALA B 715 -31.29 -2.34 67.38
CA ALA B 715 -31.45 -0.95 66.91
C ALA B 715 -31.40 0.01 68.09
N ILE B 716 -31.07 1.28 67.81
CA ILE B 716 -30.99 2.29 68.86
C ILE B 716 -32.08 3.33 68.66
N PRO B 717 -33.03 3.43 69.62
CA PRO B 717 -34.18 4.33 69.41
C PRO B 717 -33.79 5.77 69.06
N HIS B 718 -32.85 6.35 69.81
CA HIS B 718 -32.40 7.72 69.56
C HIS B 718 -30.91 7.90 69.86
N VAL B 719 -30.21 8.63 68.98
CA VAL B 719 -28.80 8.96 69.17
C VAL B 719 -28.51 10.38 68.71
N ASP B 720 -27.96 11.21 69.60
CA ASP B 720 -27.45 12.52 69.23
C ASP B 720 -26.04 12.31 68.72
N MSE B 721 -25.76 12.81 67.52
CA MSE B 721 -24.48 12.54 66.86
C MSE B 721 -23.82 13.80 66.33
O MSE B 721 -23.04 13.74 65.39
CB MSE B 721 -24.74 11.52 65.74
CG MSE B 721 -24.00 10.22 66.00
SE MSE B 721 -24.44 8.85 64.64
CE MSE B 721 -25.01 7.44 65.88
N GLU B 722 -24.11 14.95 66.95
CA GLU B 722 -23.45 16.20 66.56
C GLU B 722 -21.96 16.23 66.95
N PRO B 723 -21.58 15.56 68.06
CA PRO B 723 -20.14 15.43 68.34
C PRO B 723 -19.40 14.54 67.34
N MSE B 724 -20.13 13.60 66.75
CA MSE B 724 -19.59 12.68 65.75
C MSE B 724 -20.26 12.93 64.43
O MSE B 724 -20.79 12.01 63.80
CB MSE B 724 -19.91 11.26 66.17
CG MSE B 724 -19.60 11.00 67.63
SE MSE B 724 -20.52 9.32 67.99
CE MSE B 724 -22.00 9.91 69.15
N THR B 725 -20.26 14.18 64.02
CA THR B 725 -20.99 14.60 62.83
C THR B 725 -20.63 13.77 61.57
N ASP B 726 -19.34 13.49 61.38
CA ASP B 726 -18.88 12.78 60.17
C ASP B 726 -19.05 11.25 60.23
N ALA B 727 -19.41 10.72 61.38
CA ALA B 727 -19.53 9.28 61.57
C ALA B 727 -20.98 8.77 61.52
N PHE B 728 -21.90 9.60 61.02
CA PHE B 728 -23.31 9.21 60.94
C PHE B 728 -23.57 8.23 59.79
N LEU B 729 -22.70 8.25 58.77
CA LEU B 729 -22.85 7.39 57.62
C LEU B 729 -22.48 5.96 58.01
N THR B 730 -21.43 5.83 58.82
CA THR B 730 -21.01 4.54 59.36
C THR B 730 -22.10 3.96 60.29
N ALA B 731 -22.75 4.83 61.05
CA ALA B 731 -23.86 4.42 61.92
C ALA B 731 -25.09 4.00 61.11
N ALA B 732 -25.34 4.70 60.01
CA ALA B 732 -26.52 4.46 59.18
C ALA B 732 -26.55 3.04 58.57
N VAL B 733 -25.43 2.60 58.02
CA VAL B 733 -25.36 1.26 57.42
C VAL B 733 -25.53 0.14 58.44
N LEU B 734 -25.05 0.37 59.66
CA LEU B 734 -25.27 -0.57 60.76
C LEU B 734 -26.76 -0.62 61.15
N ALA B 735 -27.40 0.54 61.17
CA ALA B 735 -28.83 0.64 61.47
C ALA B 735 -29.69 -0.05 60.43
N ALA B 736 -29.23 -0.05 59.18
CA ALA B 736 -29.95 -0.69 58.07
C ALA B 736 -30.03 -2.21 58.20
N VAL B 737 -29.20 -2.79 59.07
CA VAL B 737 -29.15 -4.23 59.28
C VAL B 737 -29.52 -4.58 60.74
N ALA B 738 -30.17 -3.65 61.41
CA ALA B 738 -30.48 -3.79 62.83
C ALA B 738 -31.93 -4.22 63.06
N ASP B 739 -32.20 -4.73 64.26
CA ASP B 739 -33.54 -5.17 64.64
C ASP B 739 -34.36 -4.00 65.19
N GLY B 740 -35.04 -3.30 64.29
CA GLY B 740 -35.88 -2.16 64.66
C GLY B 740 -35.50 -0.86 63.98
N THR B 741 -36.27 0.19 64.27
CA THR B 741 -36.07 1.51 63.66
C THR B 741 -35.08 2.35 64.46
N THR B 742 -34.05 2.84 63.78
CA THR B 742 -33.01 3.68 64.39
C THR B 742 -33.19 5.13 63.94
N GLN B 743 -32.87 6.07 64.83
CA GLN B 743 -33.05 7.50 64.56
C GLN B 743 -31.82 8.31 64.98
N ILE B 744 -31.12 8.88 64.00
CA ILE B 744 -29.94 9.71 64.24
C ILE B 744 -30.32 11.17 64.12
N THR B 745 -29.83 12.01 65.02
CA THR B 745 -30.14 13.45 65.04
C THR B 745 -28.88 14.30 65.20
N GLY B 746 -29.04 15.60 65.11
CA GLY B 746 -27.96 16.56 65.35
C GLY B 746 -26.97 16.67 64.20
N ILE B 747 -27.43 16.41 62.98
CA ILE B 747 -26.56 16.40 61.80
C ILE B 747 -27.13 17.26 60.67
N ALA B 748 -27.50 18.49 61.02
CA ALA B 748 -27.97 19.47 60.03
C ALA B 748 -26.85 19.81 59.05
N ASN B 749 -25.62 19.91 59.58
CA ASN B 749 -24.45 20.30 58.79
C ASN B 749 -24.00 19.30 57.70
N GLN B 750 -24.62 18.13 57.65
CA GLN B 750 -24.26 17.12 56.66
C GLN B 750 -24.88 17.34 55.27
N ARG B 751 -25.79 18.32 55.16
CA ARG B 751 -26.47 18.61 53.89
C ARG B 751 -25.57 19.37 52.91
N VAL B 752 -24.81 20.34 53.42
CA VAL B 752 -23.92 21.16 52.60
C VAL B 752 -22.44 20.82 52.89
N LYS B 753 -22.18 19.58 53.31
CA LYS B 753 -20.82 19.14 53.65
C LYS B 753 -19.97 18.90 52.39
N GLU B 754 -20.49 18.08 51.49
CA GLU B 754 -19.92 17.91 50.15
C GLU B 754 -21.05 17.72 49.15
N CYS B 755 -21.76 16.61 49.30
CA CYS B 755 -23.05 16.40 48.65
C CYS B 755 -24.11 16.53 49.75
N ASN B 756 -25.37 16.24 49.42
CA ASN B 756 -26.41 16.14 50.43
C ASN B 756 -26.34 14.77 51.09
N ARG B 757 -25.36 14.59 51.98
CA ARG B 757 -25.03 13.27 52.56
C ARG B 757 -26.18 12.57 53.24
N ILE B 758 -27.07 13.35 53.86
CA ILE B 758 -28.21 12.80 54.59
C ILE B 758 -29.25 12.24 53.61
N ALA B 759 -29.34 12.86 52.42
CA ALA B 759 -30.19 12.39 51.33
C ALA B 759 -29.46 11.39 50.44
N ALA B 760 -28.13 11.44 50.43
CA ALA B 760 -27.33 10.45 49.73
C ALA B 760 -27.56 9.07 50.34
N MSE B 761 -27.47 8.99 51.65
CA MSE B 761 -27.68 7.74 52.38
C MSE B 761 -29.12 7.28 52.25
O MSE B 761 -29.37 6.07 52.20
CB MSE B 761 -27.31 7.90 53.86
CG MSE B 761 -26.46 6.73 54.33
SE MSE B 761 -24.71 6.74 53.41
CE MSE B 761 -24.15 4.95 54.03
N LYS B 762 -30.05 8.23 52.19
CA LYS B 762 -31.46 7.93 51.94
C LYS B 762 -31.64 7.01 50.73
N ASP B 763 -31.32 7.51 49.55
CA ASP B 763 -31.65 6.80 48.30
C ASP B 763 -30.52 5.89 47.77
N GLN B 764 -29.42 5.78 48.50
CA GLN B 764 -28.42 4.74 48.21
C GLN B 764 -28.74 3.46 48.97
N LEU B 765 -29.14 3.62 50.23
CA LEU B 765 -29.66 2.50 51.01
C LEU B 765 -30.97 1.98 50.44
N ALA B 766 -31.75 2.86 49.82
CA ALA B 766 -32.97 2.46 49.11
C ALA B 766 -32.70 1.31 48.13
N LYS B 767 -31.51 1.31 47.52
CA LYS B 767 -31.14 0.27 46.54
C LYS B 767 -30.95 -1.10 47.20
N PHE B 768 -30.74 -1.10 48.51
CA PHE B 768 -30.77 -2.33 49.32
C PHE B 768 -32.18 -2.65 49.81
N GLY B 769 -33.15 -1.82 49.46
CA GLY B 769 -34.53 -2.03 49.88
C GLY B 769 -34.74 -1.73 51.36
N VAL B 770 -34.03 -0.73 51.86
CA VAL B 770 -34.19 -0.26 53.23
C VAL B 770 -34.52 1.23 53.22
N GLN B 771 -35.77 1.55 53.56
CA GLN B 771 -36.25 2.91 53.45
C GLN B 771 -35.77 3.74 54.65
N CYS B 772 -35.38 4.97 54.36
CA CYS B 772 -35.01 5.94 55.38
C CYS B 772 -35.97 7.12 55.29
N ASN B 773 -35.96 7.96 56.32
CA ASN B 773 -36.74 9.20 56.32
C ASN B 773 -35.84 10.37 56.67
N GLU B 774 -36.02 11.49 55.96
CA GLU B 774 -35.18 12.66 56.13
C GLU B 774 -35.79 13.61 57.17
N LEU B 775 -35.21 13.64 58.36
CA LEU B 775 -35.70 14.48 59.46
C LEU B 775 -35.11 15.89 59.40
N GLU B 776 -35.67 16.79 60.20
CA GLU B 776 -35.29 18.21 60.18
C GLU B 776 -33.78 18.41 60.28
N ASP B 777 -33.13 17.70 61.20
CA ASP B 777 -31.67 17.66 61.28
C ASP B 777 -31.16 16.25 61.61
N GLY B 778 -31.70 15.27 60.90
CA GLY B 778 -31.35 13.87 61.15
C GLY B 778 -31.91 12.91 60.13
N ILE B 779 -31.72 11.61 60.39
CA ILE B 779 -32.21 10.55 59.52
C ILE B 779 -32.74 9.37 60.32
N GLU B 780 -33.92 8.89 59.93
CA GLU B 780 -34.53 7.71 60.52
C GLU B 780 -34.30 6.55 59.55
N VAL B 781 -33.90 5.40 60.07
CA VAL B 781 -33.59 4.23 59.23
C VAL B 781 -34.28 2.97 59.73
N ILE B 782 -35.20 2.43 58.94
CA ILE B 782 -35.92 1.20 59.29
C ILE B 782 -35.06 0.00 58.90
N GLY B 783 -34.55 -0.72 59.90
CA GLY B 783 -33.66 -1.85 59.67
C GLY B 783 -34.32 -3.05 59.05
N LYS B 784 -33.52 -3.88 58.38
CA LYS B 784 -33.99 -5.13 57.78
C LYS B 784 -33.04 -6.27 58.14
N PRO B 785 -33.59 -7.48 58.33
CA PRO B 785 -32.73 -8.66 58.44
C PRO B 785 -31.80 -8.77 57.23
N TYR B 786 -30.52 -9.01 57.48
CA TYR B 786 -29.51 -8.93 56.42
C TYR B 786 -29.73 -9.92 55.28
N GLN B 787 -30.27 -11.08 55.58
CA GLN B 787 -30.41 -12.15 54.58
C GLN B 787 -31.42 -11.81 53.47
N GLU B 788 -32.37 -10.93 53.76
CA GLU B 788 -33.42 -10.55 52.80
C GLU B 788 -33.28 -9.10 52.33
N LEU B 789 -32.05 -8.60 52.26
CA LEU B 789 -31.78 -7.30 51.66
C LEU B 789 -31.95 -7.38 50.15
N ARG B 790 -32.27 -6.24 49.53
CA ARG B 790 -32.42 -6.18 48.09
C ARG B 790 -31.04 -6.16 47.41
N ASN B 791 -30.98 -6.66 46.18
CA ASN B 791 -29.75 -6.66 45.41
C ASN B 791 -29.61 -5.31 44.71
N PRO B 792 -28.62 -4.50 45.10
CA PRO B 792 -28.48 -3.18 44.48
C PRO B 792 -27.83 -3.26 43.09
N VAL B 793 -28.55 -3.89 42.15
CA VAL B 793 -28.08 -4.04 40.76
C VAL B 793 -27.77 -2.67 40.14
N GLU B 794 -28.49 -1.65 40.61
CA GLU B 794 -28.23 -0.25 40.23
C GLU B 794 -26.74 0.10 40.35
N GLY B 795 -26.07 -0.44 41.37
CA GLY B 795 -24.71 -0.05 41.70
C GLY B 795 -24.76 1.12 42.65
N ILE B 796 -23.78 1.23 43.54
CA ILE B 796 -23.78 2.28 44.56
C ILE B 796 -22.94 3.48 44.15
N TYR B 797 -23.63 4.56 43.80
CA TYR B 797 -23.01 5.83 43.47
C TYR B 797 -22.60 6.50 44.78
N CYS B 798 -21.38 7.04 44.82
CA CYS B 798 -20.82 7.57 46.05
C CYS B 798 -20.77 9.10 46.08
N TYR B 799 -21.22 9.75 45.00
CA TYR B 799 -21.20 11.22 44.90
C TYR B 799 -19.78 11.77 45.04
N ASP B 800 -18.79 10.96 44.69
CA ASP B 800 -17.37 11.28 44.90
C ASP B 800 -17.07 11.60 46.37
N ASP B 801 -17.80 10.97 47.28
CA ASP B 801 -17.70 11.24 48.70
C ASP B 801 -17.05 10.05 49.39
N HIS B 802 -15.78 10.20 49.74
CA HIS B 802 -15.04 9.18 50.48
C HIS B 802 -15.86 8.49 51.57
N ARG B 803 -16.63 9.26 52.34
CA ARG B 803 -17.41 8.72 53.46
C ARG B 803 -18.51 7.78 53.01
N VAL B 804 -19.17 8.13 51.90
CA VAL B 804 -20.28 7.34 51.35
C VAL B 804 -19.78 6.00 50.81
N ALA B 805 -18.65 6.03 50.11
CA ALA B 805 -18.06 4.81 49.56
C ALA B 805 -17.64 3.83 50.65
N MSE B 806 -16.99 4.35 51.69
CA MSE B 806 -16.47 3.50 52.77
C MSE B 806 -17.54 2.99 53.71
O MSE B 806 -17.37 1.92 54.30
CB MSE B 806 -15.44 4.29 53.57
CG MSE B 806 -14.20 4.56 52.73
SE MSE B 806 -12.72 5.13 53.89
CE MSE B 806 -13.33 6.98 54.18
N SER B 807 -18.63 3.72 53.87
CA SER B 807 -19.74 3.27 54.72
C SER B 807 -20.47 2.09 54.07
N HIS B 808 -20.79 2.21 52.79
CA HIS B 808 -21.41 1.11 52.03
C HIS B 808 -20.46 -0.06 51.82
N SER B 809 -19.16 0.21 51.93
CA SER B 809 -18.16 -0.83 51.96
C SER B 809 -18.41 -1.81 53.11
N VAL B 810 -18.75 -1.27 54.28
CA VAL B 810 -19.01 -2.10 55.47
C VAL B 810 -20.25 -2.97 55.25
N LEU B 811 -21.32 -2.36 54.77
CA LEU B 811 -22.56 -3.08 54.53
C LEU B 811 -22.35 -4.24 53.57
N SER B 812 -21.63 -3.99 52.49
CA SER B 812 -21.42 -4.99 51.44
C SER B 812 -20.58 -6.19 51.90
N THR B 813 -20.06 -6.12 53.12
CA THR B 813 -19.37 -7.25 53.75
C THR B 813 -20.31 -8.42 54.05
N ILE B 814 -21.54 -8.10 54.47
CA ILE B 814 -22.52 -9.14 54.82
C ILE B 814 -23.68 -9.28 53.83
N SER B 815 -23.72 -8.43 52.80
CA SER B 815 -24.81 -8.47 51.82
C SER B 815 -24.97 -9.86 51.21
N PRO B 816 -26.22 -10.28 50.96
CA PRO B 816 -26.42 -11.58 50.34
C PRO B 816 -26.05 -11.59 48.86
N HIS B 817 -25.98 -10.40 48.24
CA HIS B 817 -25.56 -10.29 46.84
C HIS B 817 -24.32 -9.42 46.73
N PRO B 818 -23.33 -9.84 45.91
CA PRO B 818 -22.11 -9.05 45.72
C PRO B 818 -22.38 -7.62 45.23
N VAL B 819 -21.91 -6.64 45.99
CA VAL B 819 -22.24 -5.25 45.75
C VAL B 819 -21.16 -4.57 44.91
N LEU B 820 -21.60 -3.82 43.90
CA LEU B 820 -20.68 -3.01 43.09
C LEU B 820 -20.67 -1.59 43.65
N ILE B 821 -19.47 -1.06 43.87
CA ILE B 821 -19.32 0.30 44.34
C ILE B 821 -18.61 1.10 43.24
N LEU B 822 -19.34 2.02 42.63
CA LEU B 822 -18.77 2.94 41.65
C LEU B 822 -17.86 3.89 42.41
N GLU B 823 -16.86 4.45 41.73
CA GLU B 823 -15.93 5.38 42.36
C GLU B 823 -15.17 4.74 43.55
N ARG B 824 -14.26 3.83 43.22
CA ARG B 824 -13.35 3.21 44.17
C ARG B 824 -12.39 4.24 44.74
N GLU B 825 -11.77 5.00 43.83
CA GLU B 825 -10.63 5.86 44.14
C GLU B 825 -10.97 7.11 44.96
N CYS B 826 -12.26 7.35 45.21
CA CYS B 826 -12.69 8.53 45.97
C CYS B 826 -12.37 8.41 47.47
N THR B 827 -12.09 7.20 47.94
CA THR B 827 -11.62 7.00 49.31
C THR B 827 -10.30 7.71 49.58
N ALA B 828 -9.54 7.97 48.52
CA ALA B 828 -8.24 8.65 48.59
C ALA B 828 -8.20 9.90 49.47
N LYS B 829 -9.32 10.62 49.55
CA LYS B 829 -9.36 11.87 50.33
C LYS B 829 -8.91 11.66 51.78
N THR B 830 -9.37 10.58 52.41
CA THR B 830 -8.98 10.28 53.80
C THR B 830 -8.22 8.95 53.98
N TRP B 831 -8.45 7.98 53.10
CA TRP B 831 -7.88 6.64 53.24
C TRP B 831 -7.70 5.94 51.89
N PRO B 832 -6.60 6.26 51.18
CA PRO B 832 -6.38 5.61 49.89
C PRO B 832 -6.32 4.08 50.00
N GLY B 833 -5.63 3.59 51.01
CA GLY B 833 -5.45 2.15 51.20
C GLY B 833 -6.53 1.45 52.00
N TRP B 834 -7.76 1.97 51.96
CA TRP B 834 -8.86 1.33 52.69
C TRP B 834 -9.19 -0.02 52.08
N TRP B 835 -9.29 -0.04 50.75
CA TRP B 835 -9.57 -1.27 50.02
C TRP B 835 -8.46 -2.28 50.26
N ASP B 836 -7.22 -1.79 50.38
CA ASP B 836 -6.09 -2.64 50.73
C ASP B 836 -6.33 -3.32 52.07
N ILE B 837 -6.66 -2.52 53.08
CA ILE B 837 -6.82 -3.02 54.43
C ILE B 837 -8.05 -3.94 54.58
N LEU B 838 -9.08 -3.66 53.80
CA LEU B 838 -10.24 -4.54 53.72
C LEU B 838 -9.83 -5.91 53.19
N SER B 839 -8.94 -5.91 52.21
CA SER B 839 -8.43 -7.15 51.61
C SER B 839 -7.40 -7.85 52.50
N GLN B 840 -6.46 -7.08 53.06
CA GLN B 840 -5.33 -7.64 53.80
C GLN B 840 -5.72 -8.16 55.19
N PHE B 841 -6.41 -7.31 55.95
CA PHE B 841 -6.75 -7.62 57.34
C PHE B 841 -8.06 -8.40 57.47
N PHE B 842 -9.12 -7.88 56.82
CA PHE B 842 -10.43 -8.52 56.86
C PHE B 842 -10.61 -9.63 55.83
N LYS B 843 -9.59 -9.86 54.98
CA LYS B 843 -9.59 -10.98 54.04
C LYS B 843 -10.84 -10.99 53.15
N VAL B 844 -11.21 -9.81 52.66
CA VAL B 844 -12.36 -9.64 51.76
C VAL B 844 -11.87 -9.70 50.32
N GLN B 845 -12.47 -10.58 49.52
CA GLN B 845 -12.17 -10.64 48.10
C GLN B 845 -12.78 -9.42 47.41
N LEU B 846 -11.94 -8.67 46.70
CA LEU B 846 -12.39 -7.49 45.94
C LEU B 846 -12.02 -7.69 44.49
N ASP B 847 -12.83 -7.16 43.59
CA ASP B 847 -12.58 -7.30 42.16
C ASP B 847 -12.81 -6.00 41.41
N GLY B 848 -12.01 -5.78 40.37
CA GLY B 848 -12.14 -4.60 39.54
C GLY B 848 -13.20 -4.78 38.46
N GLU B 849 -14.01 -3.75 38.27
CA GLU B 849 -14.99 -3.73 37.19
C GLU B 849 -15.12 -2.32 36.64
N GLU B 850 -15.55 -2.23 35.38
CA GLU B 850 -15.80 -0.94 34.74
C GLU B 850 -17.05 -0.33 35.37
N ASP B 851 -17.21 0.98 35.22
CA ASP B 851 -18.40 1.68 35.71
C ASP B 851 -19.51 1.50 34.68
N PRO B 852 -20.58 0.75 35.02
CA PRO B 852 -21.61 0.49 34.02
C PRO B 852 -22.55 1.68 33.73
N THR B 853 -22.17 2.88 34.18
CA THR B 853 -22.89 4.10 33.82
C THR B 853 -22.39 4.64 32.47
N GLY B 866 -23.77 23.70 27.05
CA GLY B 866 -24.39 24.69 27.91
C GLY B 866 -25.45 25.51 27.20
N THR B 867 -26.56 24.86 26.85
CA THR B 867 -27.68 25.52 26.15
C THR B 867 -28.56 26.34 27.13
N ASP B 868 -29.49 27.10 26.56
CA ASP B 868 -30.48 27.88 27.35
C ASP B 868 -29.85 28.94 28.27
N ARG B 869 -28.95 29.73 27.70
CA ARG B 869 -28.33 30.84 28.43
C ARG B 869 -29.01 32.14 28.07
N SER B 870 -29.08 33.07 29.02
CA SER B 870 -29.78 34.33 28.79
C SER B 870 -29.03 35.17 27.75
N ILE B 871 -29.77 35.62 26.73
CA ILE B 871 -29.19 36.39 25.63
C ILE B 871 -29.34 37.88 25.91
N PHE B 872 -28.24 38.63 25.81
CA PHE B 872 -28.29 40.08 25.97
C PHE B 872 -28.10 40.72 24.61
N ILE B 873 -28.90 41.74 24.33
CA ILE B 873 -28.83 42.46 23.06
C ILE B 873 -28.39 43.89 23.33
N VAL B 874 -27.36 44.33 22.61
CA VAL B 874 -26.81 45.67 22.81
C VAL B 874 -26.76 46.41 21.49
N GLY B 875 -26.37 47.67 21.55
CA GLY B 875 -26.36 48.57 20.40
C GLY B 875 -27.08 49.83 20.82
N MSE B 876 -27.78 50.47 19.90
CA MSE B 876 -28.48 51.71 20.20
C MSE B 876 -29.92 51.63 19.79
O MSE B 876 -30.28 50.86 18.90
CB MSE B 876 -27.75 52.87 19.55
CG MSE B 876 -26.53 53.19 20.40
SE MSE B 876 -25.45 54.65 19.64
CE MSE B 876 -26.81 56.07 19.65
N ARG B 877 -30.74 52.46 20.44
CA ARG B 877 -32.19 52.32 20.37
C ARG B 877 -32.69 52.58 18.95
N GLY B 878 -33.70 51.81 18.55
CA GLY B 878 -34.21 51.84 17.20
C GLY B 878 -34.95 50.56 16.91
N ALA B 879 -35.59 50.50 15.75
CA ALA B 879 -36.40 49.35 15.35
C ALA B 879 -35.56 48.11 14.98
N GLY B 880 -34.23 48.22 15.01
CA GLY B 880 -33.36 47.09 14.74
C GLY B 880 -33.21 46.21 15.96
N LYS B 881 -32.84 46.82 17.08
CA LYS B 881 -32.56 46.09 18.32
C LYS B 881 -33.79 45.34 18.84
N SER B 882 -34.93 46.05 18.91
CA SER B 882 -36.17 45.48 19.44
C SER B 882 -36.72 44.39 18.52
N THR B 883 -36.69 44.64 17.22
CA THR B 883 -37.17 43.67 16.24
C THR B 883 -36.37 42.36 16.31
N ALA B 884 -35.06 42.48 16.45
CA ALA B 884 -34.20 41.32 16.63
C ALA B 884 -34.56 40.59 17.93
N GLY B 885 -34.78 41.36 18.98
CA GLY B 885 -35.23 40.80 20.25
C GLY B 885 -36.55 40.07 20.10
N ARG B 886 -37.53 40.74 19.52
CA ARG B 886 -38.85 40.16 19.30
C ARG B 886 -38.73 38.86 18.52
N TRP B 887 -37.99 38.88 17.42
CA TRP B 887 -37.78 37.69 16.59
C TRP B 887 -37.22 36.53 17.42
N MSE B 888 -36.23 36.81 18.24
CA MSE B 888 -35.60 35.77 19.07
C MSE B 888 -36.59 35.19 20.04
O MSE B 888 -36.62 33.97 20.23
CB MSE B 888 -34.38 36.33 19.81
CG MSE B 888 -33.16 36.32 18.89
SE MSE B 888 -31.51 36.82 19.85
CE MSE B 888 -30.81 35.04 20.31
N SER B 889 -37.41 36.05 20.65
CA SER B 889 -38.42 35.59 21.61
C SER B 889 -39.38 34.60 20.95
N GLU B 890 -39.84 34.94 19.75
CA GLU B 890 -40.73 34.06 19.00
C GLU B 890 -40.02 32.77 18.57
N LEU B 891 -38.76 32.88 18.16
CA LEU B 891 -37.99 31.73 17.67
C LEU B 891 -37.62 30.72 18.75
N LEU B 892 -37.21 31.23 19.92
CA LEU B 892 -36.76 30.36 21.02
C LEU B 892 -37.84 30.08 22.06
N LYS B 893 -39.07 30.57 21.83
CA LYS B 893 -40.16 30.44 22.78
C LYS B 893 -39.73 30.90 24.17
N ARG B 894 -39.14 32.09 24.22
CA ARG B 894 -38.62 32.67 25.46
C ARG B 894 -39.06 34.13 25.60
N PRO B 895 -39.09 34.65 26.85
CA PRO B 895 -39.64 35.97 27.11
C PRO B 895 -38.66 37.13 26.86
N LEU B 896 -39.06 38.09 26.05
CA LEU B 896 -38.29 39.32 25.84
C LEU B 896 -38.54 40.27 27.00
N VAL B 897 -37.48 40.95 27.45
CA VAL B 897 -37.59 41.92 28.53
C VAL B 897 -36.80 43.18 28.21
N ASP B 898 -37.50 44.28 27.97
CA ASP B 898 -36.85 45.57 27.75
C ASP B 898 -36.31 46.04 29.09
N LEU B 899 -35.00 46.23 29.15
CA LEU B 899 -34.31 46.59 30.39
C LEU B 899 -34.53 48.06 30.76
N ASP B 900 -34.94 48.87 29.78
CA ASP B 900 -35.41 50.23 30.03
C ASP B 900 -36.80 50.21 30.69
N ALA B 901 -37.71 49.41 30.13
CA ALA B 901 -39.06 49.27 30.68
C ALA B 901 -39.06 48.67 32.08
N GLU B 902 -38.17 47.70 32.32
CA GLU B 902 -38.01 47.10 33.65
C GLU B 902 -37.42 48.10 34.64
N LEU B 903 -36.50 48.95 34.17
CA LEU B 903 -35.93 50.00 35.00
C LEU B 903 -37.01 51.02 35.41
N GLU B 904 -37.92 51.31 34.48
CA GLU B 904 -39.04 52.22 34.76
C GLU B 904 -40.04 51.62 35.74
N ARG B 905 -40.41 50.36 35.52
CA ARG B 905 -41.36 49.66 36.41
C ARG B 905 -40.76 49.40 37.80
N ARG B 906 -39.48 49.00 37.84
CA ARG B 906 -38.79 48.75 39.10
C ARG B 906 -38.67 50.01 39.94
N GLU B 907 -38.29 51.11 39.30
CA GLU B 907 -38.17 52.41 39.97
C GLU B 907 -39.54 53.04 40.27
N GLY B 908 -40.50 52.83 39.37
CA GLY B 908 -41.83 53.44 39.48
C GLY B 908 -41.96 54.63 38.54
N MSE B 909 -40.99 55.53 38.61
CA MSE B 909 -40.91 56.69 37.70
C MSE B 909 -40.24 56.31 36.40
O MSE B 909 -39.58 55.29 36.32
CB MSE B 909 -40.17 57.82 38.39
CG MSE B 909 -38.71 57.51 38.72
SE MSE B 909 -38.00 59.12 39.62
CE MSE B 909 -39.03 59.00 41.30
N THR B 910 -40.42 57.16 35.39
CA THR B 910 -39.90 56.90 34.04
C THR B 910 -38.44 57.34 33.87
N ILE B 911 -37.84 56.95 32.75
CA ILE B 911 -36.42 57.25 32.46
C ILE B 911 -36.17 58.74 32.22
N PRO B 912 -36.96 59.37 31.34
CA PRO B 912 -36.78 60.81 31.17
C PRO B 912 -36.99 61.61 32.46
N GLU B 913 -37.88 61.12 33.33
CA GLU B 913 -38.16 61.77 34.61
C GLU B 913 -36.96 61.68 35.58
N ILE B 914 -36.20 60.58 35.49
CA ILE B 914 -34.97 60.41 36.27
C ILE B 914 -33.90 61.42 35.84
N ILE B 915 -33.84 61.74 34.55
CA ILE B 915 -32.86 62.68 34.00
C ILE B 915 -33.04 64.11 34.55
N ARG B 916 -34.27 64.47 34.92
CA ARG B 916 -34.59 65.83 35.33
C ARG B 916 -34.23 66.10 36.79
N GLY B 917 -34.58 65.18 37.67
CA GLY B 917 -34.39 65.36 39.13
C GLY B 917 -32.94 65.29 39.59
N GLU B 918 -32.75 65.30 40.90
CA GLU B 918 -31.41 65.26 41.52
C GLU B 918 -30.54 64.11 40.98
N ARG B 919 -31.19 63.03 40.57
CA ARG B 919 -30.51 61.89 39.94
C ARG B 919 -29.63 62.32 38.76
N GLY B 920 -30.24 62.86 37.71
CA GLY B 920 -29.52 63.29 36.50
C GLY B 920 -29.00 62.10 35.69
N TRP B 921 -27.86 62.29 35.05
CA TRP B 921 -27.16 61.20 34.35
C TRP B 921 -26.23 60.44 35.32
N GLU B 922 -25.86 61.09 36.42
CA GLU B 922 -25.01 60.49 37.46
C GLU B 922 -25.67 59.23 38.04
N GLY B 923 -26.82 59.40 38.66
CA GLY B 923 -27.53 58.30 39.31
C GLY B 923 -28.18 57.32 38.34
N PHE B 924 -28.62 57.82 37.19
CA PHE B 924 -29.26 56.99 36.17
C PHE B 924 -28.36 55.85 35.70
N ARG B 925 -27.09 56.14 35.46
CA ARG B 925 -26.14 55.12 34.99
C ARG B 925 -25.88 54.05 36.04
N GLN B 926 -25.92 54.42 37.32
CA GLN B 926 -25.78 53.43 38.40
C GLN B 926 -27.10 52.71 38.68
N ALA B 927 -28.23 53.29 38.25
CA ALA B 927 -29.52 52.59 38.28
C ALA B 927 -29.54 51.46 37.26
N GLU B 928 -28.92 51.68 36.10
CA GLU B 928 -28.73 50.63 35.10
C GLU B 928 -27.78 49.55 35.60
N LEU B 929 -26.63 49.96 36.12
CA LEU B 929 -25.59 49.04 36.57
C LEU B 929 -26.09 48.05 37.62
N GLU B 930 -26.92 48.54 38.55
CA GLU B 930 -27.46 47.69 39.62
C GLU B 930 -28.51 46.70 39.12
N LEU B 931 -29.32 47.12 38.13
CA LEU B 931 -30.31 46.22 37.51
C LEU B 931 -29.61 45.15 36.68
N LEU B 932 -28.64 45.57 35.87
CA LEU B 932 -27.84 44.65 35.07
C LEU B 932 -27.10 43.65 35.96
N GLN B 933 -26.50 44.15 37.04
CA GLN B 933 -25.87 43.30 38.06
C GLN B 933 -26.85 42.24 38.55
N ASP B 934 -28.04 42.68 38.94
CA ASP B 934 -29.06 41.79 39.52
C ASP B 934 -29.62 40.79 38.49
N VAL B 935 -29.84 41.27 37.27
CA VAL B 935 -30.37 40.44 36.19
C VAL B 935 -29.38 39.33 35.80
N ILE B 936 -28.09 39.66 35.72
CA ILE B 936 -27.08 38.69 35.31
C ILE B 936 -26.98 37.49 36.26
N LYS B 937 -27.10 37.74 37.57
CA LYS B 937 -27.02 36.65 38.55
C LYS B 937 -28.36 35.93 38.75
N ASN B 938 -29.44 36.68 38.90
CA ASN B 938 -30.76 36.10 39.18
C ASN B 938 -31.44 35.52 37.94
N GLN B 939 -31.64 36.35 36.92
CA GLN B 939 -32.20 35.91 35.65
C GLN B 939 -31.07 35.47 34.70
N SER B 940 -30.30 34.47 35.13
CA SER B 940 -29.06 34.07 34.46
C SER B 940 -29.29 33.22 33.20
N LYS B 941 -30.33 32.38 33.23
CA LYS B 941 -30.66 31.51 32.11
C LYS B 941 -32.15 31.62 31.76
N GLY B 942 -32.47 31.46 30.48
CA GLY B 942 -33.85 31.37 30.02
C GLY B 942 -34.56 32.67 29.65
N TYR B 943 -33.80 33.77 29.52
CA TYR B 943 -34.37 35.08 29.17
C TYR B 943 -33.64 35.65 27.95
N ILE B 944 -34.23 36.68 27.34
CA ILE B 944 -33.52 37.53 26.39
C ILE B 944 -33.79 39.01 26.72
N PHE B 945 -32.72 39.78 26.84
CA PHE B 945 -32.79 41.15 27.36
C PHE B 945 -32.36 42.18 26.33
N SER B 946 -33.16 43.23 26.18
CA SER B 946 -32.77 44.41 25.41
C SER B 946 -32.17 45.44 26.35
N CYS B 947 -30.86 45.65 26.23
CA CYS B 947 -30.17 46.61 27.09
C CYS B 947 -30.40 48.04 26.61
N GLY B 948 -30.06 49.00 27.47
CA GLY B 948 -30.15 50.41 27.12
C GLY B 948 -29.20 50.79 25.99
N GLY B 949 -29.48 51.93 25.36
CA GLY B 949 -28.64 52.43 24.28
C GLY B 949 -27.25 52.84 24.73
N GLY B 950 -27.15 53.33 25.96
CA GLY B 950 -25.89 53.85 26.50
C GLY B 950 -25.30 53.04 27.64
N ILE B 951 -25.83 51.84 27.85
CA ILE B 951 -25.29 50.92 28.87
C ILE B 951 -23.77 50.80 28.76
N VAL B 952 -23.28 50.87 27.53
CA VAL B 952 -21.89 50.58 27.22
C VAL B 952 -20.89 51.65 27.69
N GLU B 953 -21.35 52.85 28.03
CA GLU B 953 -20.41 53.92 28.46
C GLU B 953 -20.28 54.07 29.98
N THR B 954 -20.82 53.12 30.73
CA THR B 954 -20.52 52.96 32.15
C THR B 954 -19.39 51.92 32.24
N GLU B 955 -18.22 52.32 32.74
CA GLU B 955 -17.05 51.43 32.73
C GLU B 955 -17.29 50.10 33.44
N ALA B 956 -17.98 50.13 34.58
CA ALA B 956 -18.26 48.92 35.34
C ALA B 956 -19.25 48.00 34.62
N ALA B 957 -20.14 48.57 33.82
CA ALA B 957 -21.11 47.79 33.04
C ALA B 957 -20.43 47.01 31.92
N ARG B 958 -19.42 47.63 31.30
CA ARG B 958 -18.62 46.95 30.27
C ARG B 958 -17.93 45.70 30.84
N LYS B 959 -17.41 45.82 32.06
CA LYS B 959 -16.73 44.70 32.73
C LYS B 959 -17.68 43.53 32.91
N LEU B 960 -18.94 43.82 33.23
CA LEU B 960 -19.96 42.78 33.43
C LEU B 960 -20.32 42.09 32.12
N LEU B 961 -20.53 42.87 31.06
CA LEU B 961 -20.81 42.31 29.73
C LEU B 961 -19.64 41.50 29.20
N ILE B 962 -18.44 42.07 29.27
CA ILE B 962 -17.21 41.38 28.84
C ILE B 962 -17.02 40.09 29.65
N ASP B 963 -17.19 40.17 30.96
CA ASP B 963 -17.08 39.00 31.83
C ASP B 963 -18.13 37.94 31.51
N TYR B 964 -19.31 38.38 31.06
CA TYR B 964 -20.39 37.46 30.69
C TYR B 964 -20.06 36.71 29.40
N HIS B 965 -19.68 37.43 28.35
CA HIS B 965 -19.45 36.79 27.05
C HIS B 965 -18.10 36.09 26.92
N LYS B 966 -17.16 36.37 27.83
CA LYS B 966 -15.90 35.63 27.85
C LYS B 966 -16.12 34.21 28.36
N ASN B 967 -17.10 34.03 29.25
CA ASN B 967 -17.46 32.73 29.80
C ASN B 967 -18.83 32.24 29.30
N GLY B 968 -19.00 32.14 27.98
CA GLY B 968 -20.20 31.55 27.38
C GLY B 968 -21.17 32.54 26.75
N GLY B 969 -21.37 33.68 27.41
CA GLY B 969 -22.21 34.75 26.87
C GLY B 969 -23.67 34.34 26.81
N PRO B 970 -24.39 34.70 25.71
CA PRO B 970 -23.98 35.51 24.58
C PRO B 970 -24.55 36.93 24.63
N VAL B 971 -23.89 37.83 23.91
CA VAL B 971 -24.23 39.25 23.89
C VAL B 971 -24.23 39.73 22.44
N LEU B 972 -25.43 39.99 21.91
CA LEU B 972 -25.61 40.30 20.49
C LEU B 972 -25.63 41.79 20.22
N LEU B 973 -24.84 42.23 19.23
CA LEU B 973 -24.85 43.62 18.78
C LEU B 973 -25.73 43.77 17.55
N VAL B 974 -26.62 44.77 17.56
CA VAL B 974 -27.41 45.13 16.39
C VAL B 974 -27.06 46.58 16.00
N HIS B 975 -26.51 46.76 14.81
CA HIS B 975 -25.83 48.02 14.41
C HIS B 975 -26.27 48.58 13.05
N ARG B 976 -26.30 49.91 12.95
CA ARG B 976 -26.62 50.62 11.71
C ARG B 976 -25.42 51.46 11.23
N ASP B 977 -25.65 52.26 10.18
CA ASP B 977 -24.74 53.37 9.81
C ASP B 977 -25.48 54.54 9.14
N ASN B 997 -24.40 65.55 19.96
CA ASN B 997 -24.61 65.06 18.60
C ASN B 997 -24.53 63.53 18.52
N ILE B 998 -25.36 62.94 17.67
CA ILE B 998 -25.45 61.47 17.57
C ILE B 998 -24.22 60.86 16.88
N ARG B 999 -23.61 61.61 15.97
CA ARG B 999 -22.37 61.17 15.31
C ARG B 999 -21.24 60.89 16.30
N GLU B 1000 -21.01 61.84 17.22
CA GLU B 1000 -19.92 61.74 18.18
C GLU B 1000 -20.16 60.66 19.24
N VAL B 1001 -21.43 60.41 19.55
CA VAL B 1001 -21.79 59.36 20.51
C VAL B 1001 -21.56 57.98 19.90
N TYR B 1002 -22.09 57.78 18.70
CA TYR B 1002 -21.94 56.51 17.99
C TYR B 1002 -20.48 56.15 17.74
N GLU B 1003 -19.68 57.15 17.36
CA GLU B 1003 -18.27 56.92 17.05
C GLU B 1003 -17.43 56.63 18.29
N ARG B 1004 -17.81 57.22 19.42
CA ARG B 1004 -17.13 56.97 20.68
C ARG B 1004 -17.56 55.63 21.29
N ARG B 1005 -18.80 55.23 21.04
CA ARG B 1005 -19.36 53.98 21.55
C ARG B 1005 -19.00 52.74 20.72
N LYS B 1006 -18.72 52.93 19.44
CA LYS B 1006 -18.51 51.81 18.51
C LYS B 1006 -17.51 50.79 19.03
N PRO B 1007 -16.30 51.23 19.47
CA PRO B 1007 -15.33 50.26 19.96
C PRO B 1007 -15.77 49.52 21.22
N TRP B 1008 -16.56 50.19 22.07
CA TRP B 1008 -17.07 49.56 23.29
C TRP B 1008 -18.13 48.51 22.99
N PHE B 1009 -18.96 48.75 21.99
CA PHE B 1009 -19.96 47.75 21.59
C PHE B 1009 -19.29 46.47 21.11
N TYR B 1010 -18.30 46.61 20.24
CA TYR B 1010 -17.55 45.46 19.76
C TYR B 1010 -16.92 44.70 20.93
N GLU B 1011 -16.13 45.41 21.74
CA GLU B 1011 -15.50 44.83 22.94
C GLU B 1011 -16.49 44.05 23.81
N CYS B 1012 -17.66 44.64 24.02
CA CYS B 1012 -18.66 44.06 24.92
C CYS B 1012 -19.59 43.05 24.22
N SER B 1013 -19.35 42.79 22.93
CA SER B 1013 -20.20 41.90 22.15
C SER B 1013 -19.55 40.57 21.85
N ASN B 1014 -20.37 39.53 21.90
CA ASN B 1014 -19.99 38.17 21.52
C ASN B 1014 -20.39 37.91 20.07
N LEU B 1015 -21.60 38.36 19.72
CA LEU B 1015 -22.21 38.07 18.44
C LEU B 1015 -22.63 39.34 17.69
N GLN B 1016 -22.91 39.18 16.41
CA GLN B 1016 -23.15 40.29 15.49
C GLN B 1016 -24.17 39.87 14.45
N TYR B 1017 -25.15 40.73 14.19
CA TYR B 1017 -26.11 40.48 13.11
C TYR B 1017 -26.70 41.75 12.52
N HIS B 1018 -26.54 41.90 11.21
CA HIS B 1018 -27.22 42.96 10.44
C HIS B 1018 -28.04 42.30 9.36
N SER B 1019 -29.21 42.86 9.08
CA SER B 1019 -30.10 42.32 8.06
C SER B 1019 -29.43 42.53 6.70
N PRO B 1020 -29.26 41.44 5.93
CA PRO B 1020 -28.51 41.53 4.68
C PRO B 1020 -29.23 42.32 3.59
N HIS B 1021 -30.54 42.45 3.70
CA HIS B 1021 -31.32 43.27 2.78
C HIS B 1021 -32.18 44.24 3.57
N GLU B 1022 -31.55 45.31 4.05
CA GLU B 1022 -32.21 46.31 4.88
C GLU B 1022 -33.25 47.07 4.04
N ASP B 1023 -34.51 46.74 4.26
CA ASP B 1023 -35.62 47.36 3.52
C ASP B 1023 -36.13 48.61 4.23
N GLY B 1024 -36.14 48.59 5.57
CA GLY B 1024 -36.75 49.62 6.39
C GLY B 1024 -37.98 49.07 7.09
N SER B 1025 -38.67 48.14 6.43
CA SER B 1025 -39.84 47.48 6.98
C SER B 1025 -39.49 46.15 7.63
N GLU B 1026 -38.53 46.16 8.55
CA GLU B 1026 -38.10 44.94 9.23
C GLU B 1026 -39.07 44.61 10.35
N ALA B 1027 -39.49 45.64 11.08
CA ALA B 1027 -40.36 45.48 12.26
C ALA B 1027 -41.70 44.80 11.95
N LEU B 1028 -42.28 45.07 10.78
CA LEU B 1028 -43.57 44.49 10.41
C LEU B 1028 -43.48 43.04 9.94
N LEU B 1029 -42.28 42.59 9.61
CA LEU B 1029 -42.07 41.20 9.17
C LEU B 1029 -42.04 40.24 10.35
N GLN B 1030 -42.03 38.95 10.04
CA GLN B 1030 -41.87 37.89 11.05
C GLN B 1030 -40.56 37.18 10.76
N PRO B 1031 -39.92 36.58 11.79
CA PRO B 1031 -38.51 36.18 11.70
C PRO B 1031 -38.15 35.48 10.40
N PRO B 1032 -37.23 36.08 9.62
CA PRO B 1032 -36.84 35.46 8.36
C PRO B 1032 -35.99 34.20 8.56
N ALA B 1033 -35.94 33.35 7.55
CA ALA B 1033 -35.14 32.11 7.61
C ALA B 1033 -33.65 32.43 7.80
N ASP B 1034 -33.22 33.53 7.19
CA ASP B 1034 -31.89 34.10 7.40
C ASP B 1034 -31.53 34.18 8.89
N PHE B 1035 -32.32 34.94 9.64
CA PHE B 1035 -32.07 35.16 11.05
C PHE B 1035 -32.30 33.92 11.90
N ALA B 1036 -33.24 33.07 11.48
CA ALA B 1036 -33.57 31.86 12.23
C ALA B 1036 -32.40 30.89 12.25
N ARG B 1037 -31.77 30.71 11.09
CA ARG B 1037 -30.57 29.90 10.94
C ARG B 1037 -29.44 30.41 11.83
N PHE B 1038 -29.30 31.72 11.92
CA PHE B 1038 -28.34 32.37 12.82
C PHE B 1038 -28.65 32.04 14.27
N VAL B 1039 -29.89 32.28 14.67
CA VAL B 1039 -30.31 32.08 16.06
C VAL B 1039 -30.15 30.61 16.45
N LYS B 1040 -30.47 29.71 15.53
CA LYS B 1040 -30.38 28.27 15.79
C LYS B 1040 -28.98 27.87 16.25
N LEU B 1041 -27.95 28.43 15.62
CA LEU B 1041 -26.57 28.07 15.93
C LEU B 1041 -26.12 28.64 17.28
N ILE B 1042 -26.32 29.95 17.46
CA ILE B 1042 -25.82 30.65 18.66
C ILE B 1042 -26.53 30.23 19.95
N ALA B 1043 -27.76 29.72 19.82
CA ALA B 1043 -28.50 29.20 20.97
C ALA B 1043 -28.17 27.73 21.24
N GLY B 1044 -27.21 27.18 20.50
CA GLY B 1044 -26.74 25.81 20.72
C GLY B 1044 -27.64 24.72 20.16
N GLN B 1045 -28.58 25.08 19.30
CA GLN B 1045 -29.56 24.12 18.79
C GLN B 1045 -29.17 23.52 17.43
N SER B 1046 -28.03 23.93 16.87
CA SER B 1046 -27.59 23.42 15.56
C SER B 1046 -27.08 21.99 15.65
N THR B 1047 -27.44 21.18 14.65
CA THR B 1047 -27.02 19.78 14.54
C THR B 1047 -26.22 19.60 13.24
N HIS B 1048 -25.58 20.66 12.78
CA HIS B 1048 -24.95 20.66 11.46
C HIS B 1048 -23.87 19.58 11.30
N LEU B 1049 -23.13 19.33 12.37
CA LEU B 1049 -22.02 18.36 12.33
C LEU B 1049 -22.51 16.92 12.42
N GLU B 1050 -23.42 16.65 13.35
CA GLU B 1050 -23.98 15.30 13.52
C GLU B 1050 -24.63 14.82 12.23
N ASP B 1051 -25.38 15.70 11.58
CA ASP B 1051 -26.10 15.39 10.35
C ASP B 1051 -25.15 15.04 9.20
N VAL B 1052 -24.11 15.86 9.04
CA VAL B 1052 -23.10 15.63 8.01
C VAL B 1052 -22.33 14.33 8.25
N ARG B 1053 -22.03 14.06 9.51
CA ARG B 1053 -21.23 12.90 9.88
C ARG B 1053 -22.03 11.60 9.84
N ALA B 1054 -23.35 11.72 9.95
CA ALA B 1054 -24.22 10.54 9.83
C ALA B 1054 -24.40 10.11 8.37
N LYS B 1055 -23.91 10.92 7.44
CA LYS B 1055 -24.08 10.66 6.01
C LYS B 1055 -22.81 10.03 5.43
N LYS B 1056 -22.96 9.03 4.56
CA LYS B 1056 -21.80 8.31 4.02
C LYS B 1056 -20.91 9.20 3.18
N HIS B 1057 -21.52 10.09 2.39
CA HIS B 1057 -20.76 11.08 1.62
C HIS B 1057 -21.33 12.47 1.87
N SER B 1058 -20.44 13.43 2.09
CA SER B 1058 -20.82 14.81 2.32
C SER B 1058 -19.81 15.75 1.65
N PHE B 1059 -20.26 16.96 1.35
CA PHE B 1059 -19.46 17.91 0.58
C PHE B 1059 -19.74 19.32 1.04
N PHE B 1060 -18.77 20.22 0.82
CA PHE B 1060 -19.05 21.64 0.89
C PHE B 1060 -18.40 22.34 -0.29
N VAL B 1061 -19.12 23.28 -0.90
CA VAL B 1061 -18.68 23.94 -2.12
C VAL B 1061 -17.86 25.21 -1.84
N SER B 1062 -16.70 25.31 -2.46
CA SER B 1062 -15.78 26.41 -2.22
C SER B 1062 -16.03 27.55 -3.19
N LEU B 1063 -16.56 28.66 -2.68
CA LEU B 1063 -16.79 29.86 -3.48
C LEU B 1063 -15.47 30.53 -3.79
N THR B 1064 -15.31 30.93 -5.05
CA THR B 1064 -14.12 31.64 -5.50
C THR B 1064 -14.46 33.05 -5.95
N VAL B 1065 -15.65 33.50 -5.55
CA VAL B 1065 -16.22 34.74 -6.07
C VAL B 1065 -15.74 35.94 -5.24
N PRO B 1066 -15.37 37.06 -5.90
CA PRO B 1066 -14.84 38.22 -5.18
C PRO B 1066 -15.90 38.98 -4.35
N ASN B 1067 -17.16 38.82 -4.71
CA ASN B 1067 -18.25 39.46 -3.98
C ASN B 1067 -19.54 38.64 -4.08
N VAL B 1068 -20.14 38.38 -2.93
CA VAL B 1068 -21.33 37.54 -2.85
C VAL B 1068 -22.55 38.24 -3.45
N ALA B 1069 -22.65 39.54 -3.22
CA ALA B 1069 -23.76 40.33 -3.78
C ALA B 1069 -23.81 40.21 -5.30
N ASP B 1070 -22.65 40.30 -5.94
CA ASP B 1070 -22.57 40.29 -7.40
C ASP B 1070 -22.84 38.93 -8.05
N ALA B 1071 -22.83 37.86 -7.25
CA ALA B 1071 -23.19 36.54 -7.76
C ALA B 1071 -24.29 35.89 -6.91
N LEU B 1072 -25.15 36.72 -6.33
CA LEU B 1072 -26.22 36.25 -5.45
C LEU B 1072 -27.23 35.33 -6.17
N ASP B 1073 -27.44 35.57 -7.46
CA ASP B 1073 -28.32 34.74 -8.30
C ASP B 1073 -27.79 33.32 -8.53
N ILE B 1074 -26.47 33.18 -8.50
CA ILE B 1074 -25.80 31.90 -8.73
C ILE B 1074 -25.80 31.01 -7.49
N ILE B 1075 -25.61 31.61 -6.31
CA ILE B 1075 -25.44 30.86 -5.05
C ILE B 1075 -26.29 29.57 -4.93
N PRO B 1076 -27.64 29.69 -4.99
CA PRO B 1076 -28.46 28.48 -4.72
C PRO B 1076 -28.18 27.28 -5.63
N ARG B 1077 -27.87 27.57 -6.90
CA ARG B 1077 -27.48 26.52 -7.85
C ARG B 1077 -26.17 25.85 -7.41
N VAL B 1078 -25.18 26.68 -7.09
CA VAL B 1078 -23.84 26.23 -6.69
C VAL B 1078 -23.86 25.32 -5.46
N VAL B 1079 -24.84 25.53 -4.59
CA VAL B 1079 -24.93 24.82 -3.31
C VAL B 1079 -25.62 23.45 -3.42
N VAL B 1080 -26.25 23.15 -4.56
CA VAL B 1080 -26.91 21.85 -4.76
C VAL B 1080 -25.91 20.71 -4.56
N GLY B 1081 -26.32 19.70 -3.79
CA GLY B 1081 -25.48 18.51 -3.55
C GLY B 1081 -24.45 18.67 -2.43
N SER B 1082 -24.27 19.89 -1.94
CA SER B 1082 -23.31 20.17 -0.87
C SER B 1082 -24.04 20.35 0.46
N ASP B 1083 -23.33 20.09 1.54
CA ASP B 1083 -23.88 20.21 2.89
C ASP B 1083 -23.44 21.50 3.58
N ALA B 1084 -22.68 22.33 2.87
CA ALA B 1084 -22.26 23.64 3.37
C ALA B 1084 -21.62 24.47 2.25
N VAL B 1085 -21.51 25.77 2.46
CA VAL B 1085 -20.84 26.66 1.50
C VAL B 1085 -19.63 27.24 2.16
N GLU B 1086 -18.49 27.18 1.50
CA GLU B 1086 -17.28 27.80 2.03
C GLU B 1086 -17.17 29.22 1.48
N LEU B 1087 -17.21 30.20 2.39
CA LEU B 1087 -16.83 31.55 2.06
C LEU B 1087 -15.31 31.66 2.21
N ARG B 1088 -14.61 31.71 1.08
CA ARG B 1088 -13.17 31.93 1.09
C ARG B 1088 -12.92 33.43 1.22
N VAL B 1089 -12.73 33.86 2.46
CA VAL B 1089 -12.55 35.27 2.78
C VAL B 1089 -11.37 35.85 2.03
N ASP B 1090 -10.28 35.09 1.93
CA ASP B 1090 -9.08 35.55 1.23
C ASP B 1090 -9.31 35.88 -0.25
N LEU B 1091 -10.25 35.19 -0.89
CA LEU B 1091 -10.56 35.44 -2.30
C LEU B 1091 -11.57 36.58 -2.53
N LEU B 1092 -12.03 37.22 -1.45
CA LEU B 1092 -12.91 38.38 -1.56
C LEU B 1092 -12.15 39.62 -2.02
N GLU B 1093 -12.89 40.61 -2.52
CA GLU B 1093 -12.30 41.83 -3.05
C GLU B 1093 -11.88 42.81 -1.97
N SER B 1094 -12.31 42.57 -0.73
CA SER B 1094 -11.89 43.38 0.42
C SER B 1094 -11.83 42.53 1.69
N TYR B 1095 -10.92 42.89 2.59
CA TYR B 1095 -10.77 42.20 3.87
C TYR B 1095 -11.26 43.04 5.06
N GLU B 1096 -12.14 44.01 4.82
CA GLU B 1096 -12.66 44.82 5.91
C GLU B 1096 -13.70 44.02 6.69
N PRO B 1097 -13.50 43.87 8.02
CA PRO B 1097 -14.43 43.11 8.86
C PRO B 1097 -15.92 43.43 8.62
N GLU B 1098 -16.26 44.71 8.52
CA GLU B 1098 -17.65 45.10 8.24
C GLU B 1098 -18.12 44.56 6.90
N PHE B 1099 -17.26 44.64 5.88
CA PHE B 1099 -17.58 44.12 4.55
C PHE B 1099 -17.80 42.61 4.57
N VAL B 1100 -16.89 41.89 5.22
CA VAL B 1100 -16.94 40.44 5.30
C VAL B 1100 -18.17 39.98 6.08
N ALA B 1101 -18.52 40.70 7.13
CA ALA B 1101 -19.71 40.41 7.92
C ALA B 1101 -20.98 40.41 7.05
N ARG B 1102 -21.08 41.38 6.14
CA ARG B 1102 -22.18 41.44 5.17
C ARG B 1102 -22.14 40.23 4.23
N GLN B 1103 -20.97 39.96 3.66
CA GLN B 1103 -20.81 38.82 2.75
C GLN B 1103 -21.34 37.54 3.40
N VAL B 1104 -21.08 37.38 4.69
CA VAL B 1104 -21.54 36.20 5.43
C VAL B 1104 -23.07 36.22 5.54
N ALA B 1105 -23.61 37.36 5.96
CA ALA B 1105 -25.06 37.49 6.10
C ALA B 1105 -25.77 37.30 4.77
N LEU B 1106 -25.22 37.89 3.71
CA LEU B 1106 -25.77 37.73 2.37
C LEU B 1106 -25.76 36.25 1.93
N LEU B 1107 -24.67 35.56 2.24
CA LEU B 1107 -24.53 34.16 1.88
C LEU B 1107 -25.47 33.26 2.68
N ARG B 1108 -25.61 33.53 3.97
CA ARG B 1108 -26.52 32.74 4.80
C ARG B 1108 -27.94 32.85 4.28
N ALA B 1109 -28.33 34.08 3.91
CA ALA B 1109 -29.67 34.35 3.38
C ALA B 1109 -29.90 33.66 2.06
N ALA B 1110 -28.91 33.72 1.18
CA ALA B 1110 -29.04 33.19 -0.18
C ALA B 1110 -28.90 31.67 -0.24
N ALA B 1111 -27.92 31.13 0.45
CA ALA B 1111 -27.62 29.69 0.38
C ALA B 1111 -28.53 28.84 1.27
N GLN B 1112 -28.87 29.37 2.44
CA GLN B 1112 -29.70 28.67 3.43
C GLN B 1112 -29.14 27.29 3.78
N VAL B 1113 -27.81 27.21 3.89
CA VAL B 1113 -27.12 26.02 4.38
C VAL B 1113 -25.94 26.49 5.24
N PRO B 1114 -25.28 25.55 5.94
CA PRO B 1114 -24.17 25.95 6.82
C PRO B 1114 -23.02 26.61 6.08
N ILE B 1115 -22.35 27.54 6.76
CA ILE B 1115 -21.26 28.30 6.18
C ILE B 1115 -19.92 27.84 6.77
N VAL B 1116 -18.92 27.71 5.92
CA VAL B 1116 -17.55 27.44 6.31
C VAL B 1116 -16.76 28.73 6.11
N TYR B 1117 -16.34 29.34 7.21
CA TYR B 1117 -15.66 30.63 7.17
C TYR B 1117 -14.15 30.39 7.14
N THR B 1118 -13.56 30.58 5.96
CA THR B 1118 -12.16 30.20 5.73
C THR B 1118 -11.29 31.40 5.35
N VAL B 1119 -10.30 31.69 6.17
CA VAL B 1119 -9.24 32.64 5.82
C VAL B 1119 -8.00 31.82 5.49
N ARG B 1120 -7.70 31.71 4.19
CA ARG B 1120 -6.58 30.89 3.72
C ARG B 1120 -5.39 31.78 3.38
N THR B 1121 -4.26 31.52 4.03
CA THR B 1121 -3.06 32.34 3.87
C THR B 1121 -2.34 31.95 2.60
N GLN B 1122 -1.49 32.84 2.08
CA GLN B 1122 -0.85 32.64 0.78
C GLN B 1122 0.23 31.56 0.80
N SER B 1123 0.89 31.35 1.94
CA SER B 1123 1.83 30.23 2.08
C SER B 1123 1.11 28.89 1.97
N GLN B 1124 -0.16 28.85 2.33
CA GLN B 1124 -0.97 27.64 2.21
C GLN B 1124 -1.88 27.63 0.97
N GLY B 1125 -1.57 28.46 -0.03
CA GLY B 1125 -2.25 28.44 -1.32
C GLY B 1125 -3.36 29.45 -1.51
N GLY B 1126 -3.51 30.36 -0.54
CA GLY B 1126 -4.55 31.37 -0.59
C GLY B 1126 -4.00 32.73 -1.00
N LYS B 1127 -4.71 33.78 -0.60
CA LYS B 1127 -4.31 35.15 -0.90
C LYS B 1127 -3.93 35.94 0.35
N PHE B 1128 -4.46 35.56 1.51
CA PHE B 1128 -4.29 36.36 2.71
C PHE B 1128 -2.82 36.34 3.15
N PRO B 1129 -2.27 37.51 3.55
CA PRO B 1129 -0.87 37.54 3.97
C PRO B 1129 -0.61 36.72 5.23
N ASP B 1130 0.52 36.01 5.27
CA ASP B 1130 0.86 35.12 6.37
C ASP B 1130 1.04 35.89 7.66
N GLU B 1131 1.83 36.95 7.60
CA GLU B 1131 2.26 37.68 8.80
C GLU B 1131 1.23 38.66 9.35
N ASP B 1132 0.24 39.02 8.54
CA ASP B 1132 -0.75 40.02 8.97
C ASP B 1132 -1.75 39.44 9.98
N TYR B 1133 -1.30 39.31 11.23
CA TYR B 1133 -2.06 38.63 12.28
C TYR B 1133 -3.14 39.49 12.91
N ASP B 1134 -2.85 40.78 13.11
CA ASP B 1134 -3.83 41.71 13.70
C ASP B 1134 -5.17 41.61 12.98
N LEU B 1135 -5.12 41.64 11.65
CA LEU B 1135 -6.30 41.55 10.80
C LEU B 1135 -6.92 40.16 10.83
N ALA B 1136 -6.08 39.14 10.81
CA ALA B 1136 -6.55 37.75 10.85
C ALA B 1136 -7.44 37.49 12.07
N LEU B 1137 -6.96 37.89 13.23
CA LEU B 1137 -7.73 37.73 14.47
C LEU B 1137 -9.08 38.39 14.35
N ARG B 1138 -9.09 39.64 13.87
CA ARG B 1138 -10.34 40.39 13.72
C ARG B 1138 -11.26 39.71 12.71
N LEU B 1139 -10.69 39.21 11.62
CA LEU B 1139 -11.46 38.47 10.62
C LEU B 1139 -12.01 37.16 11.20
N TYR B 1140 -11.20 36.47 12.00
CA TYR B 1140 -11.64 35.23 12.66
C TYR B 1140 -12.84 35.51 13.57
N GLN B 1141 -12.78 36.61 14.33
CA GLN B 1141 -13.86 36.97 15.22
C GLN B 1141 -15.12 37.41 14.45
N THR B 1142 -14.93 38.06 13.31
CA THR B 1142 -16.06 38.39 12.44
C THR B 1142 -16.82 37.14 12.03
N GLY B 1143 -16.09 36.06 11.78
CA GLY B 1143 -16.69 34.76 11.50
C GLY B 1143 -17.48 34.23 12.69
N LEU B 1144 -16.85 34.23 13.86
CA LEU B 1144 -17.47 33.69 15.08
C LEU B 1144 -18.68 34.51 15.49
N ARG B 1145 -18.53 35.84 15.46
CA ARG B 1145 -19.63 36.75 15.76
C ARG B 1145 -20.82 36.56 14.82
N SER B 1146 -20.54 36.26 13.56
CA SER B 1146 -21.57 36.02 12.57
C SER B 1146 -22.27 34.67 12.72
N GLY B 1147 -21.84 33.86 13.67
CA GLY B 1147 -22.48 32.58 13.93
C GLY B 1147 -22.36 31.64 12.74
N VAL B 1148 -21.13 31.42 12.28
CA VAL B 1148 -20.87 30.49 11.20
C VAL B 1148 -20.76 29.09 11.76
N GLU B 1149 -21.30 28.11 11.04
CA GLU B 1149 -21.36 26.73 11.52
C GLU B 1149 -19.98 26.08 11.55
N TYR B 1150 -19.11 26.46 10.61
CA TYR B 1150 -17.73 25.99 10.60
C TYR B 1150 -16.78 27.17 10.45
N LEU B 1151 -15.62 27.09 11.09
CA LEU B 1151 -14.56 28.07 10.89
C LEU B 1151 -13.21 27.38 10.73
N ASP B 1152 -12.48 27.77 9.70
CA ASP B 1152 -11.20 27.14 9.34
C ASP B 1152 -10.06 28.02 9.82
N LEU B 1153 -9.37 27.58 10.87
CA LEU B 1153 -8.11 28.19 11.25
C LEU B 1153 -6.96 27.24 10.94
N GLU B 1154 -5.90 27.82 10.41
CA GLU B 1154 -4.73 27.06 10.02
C GLU B 1154 -3.91 26.77 11.26
N MSE B 1155 -3.26 25.63 11.28
CA MSE B 1155 -2.45 25.26 12.44
C MSE B 1155 -1.15 26.02 12.46
O MSE B 1155 -0.49 26.10 13.49
CB MSE B 1155 -2.19 23.76 12.49
CG MSE B 1155 -3.48 22.99 12.83
SE MSE B 1155 -4.28 23.40 14.60
CE MSE B 1155 -3.04 24.67 15.43
N THR B 1156 -0.78 26.62 11.33
CA THR B 1156 0.40 27.48 11.22
C THR B 1156 0.25 28.80 12.00
N MSE B 1157 -0.98 29.22 12.27
CA MSE B 1157 -1.23 30.47 13.02
C MSE B 1157 -0.56 30.42 14.38
O MSE B 1157 -0.42 29.34 14.96
CB MSE B 1157 -2.73 30.69 13.24
CG MSE B 1157 -3.44 31.14 11.96
SE MSE B 1157 -3.01 33.03 11.55
CE MSE B 1157 -3.79 33.84 13.16
N PRO B 1158 -0.12 31.58 14.90
CA PRO B 1158 0.54 31.56 16.21
C PRO B 1158 -0.39 31.09 17.33
N ASP B 1159 0.23 30.55 18.38
CA ASP B 1159 -0.52 29.93 19.49
C ASP B 1159 -1.47 30.90 20.18
N HIS B 1160 -1.07 32.17 20.32
CA HIS B 1160 -1.89 33.15 21.03
C HIS B 1160 -3.22 33.43 20.32
N ILE B 1161 -3.25 33.25 19.00
CA ILE B 1161 -4.49 33.39 18.21
C ILE B 1161 -5.29 32.09 18.17
N LEU B 1162 -4.60 30.97 18.13
CA LEU B 1162 -5.27 29.67 18.21
C LEU B 1162 -6.03 29.54 19.51
N GLN B 1163 -5.45 30.06 20.59
CA GLN B 1163 -6.08 30.05 21.90
C GLN B 1163 -7.31 30.94 21.91
N ALA B 1164 -7.13 32.18 21.47
CA ALA B 1164 -8.19 33.19 21.50
C ALA B 1164 -9.42 32.79 20.66
N VAL B 1165 -9.17 32.20 19.49
CA VAL B 1165 -10.26 31.76 18.62
C VAL B 1165 -10.96 30.52 19.19
N THR B 1166 -10.17 29.62 19.77
CA THR B 1166 -10.70 28.41 20.41
C THR B 1166 -11.57 28.74 21.63
N ASP B 1167 -11.13 29.71 22.43
CA ASP B 1167 -11.85 30.09 23.65
C ASP B 1167 -13.21 30.73 23.38
N ALA B 1168 -13.31 31.54 22.33
CA ALA B 1168 -14.56 32.22 21.99
C ALA B 1168 -15.33 31.53 20.84
N LYS B 1169 -15.00 30.28 20.56
CA LYS B 1169 -15.59 29.58 19.42
C LYS B 1169 -17.10 29.37 19.57
N GLY B 1170 -17.56 29.23 20.81
CA GLY B 1170 -18.97 28.97 21.06
C GLY B 1170 -19.42 27.70 20.38
N PHE B 1171 -20.56 27.75 19.71
CA PHE B 1171 -21.13 26.58 19.05
C PHE B 1171 -20.64 26.40 17.60
N THR B 1172 -19.70 27.24 17.17
CA THR B 1172 -19.00 27.06 15.90
C THR B 1172 -18.09 25.82 15.97
N SER B 1173 -18.11 25.01 14.92
CA SER B 1173 -17.19 23.88 14.81
C SER B 1173 -15.90 24.36 14.17
N ILE B 1174 -14.77 24.05 14.82
CA ILE B 1174 -13.47 24.46 14.30
C ILE B 1174 -12.91 23.39 13.38
N ILE B 1175 -12.59 23.78 12.15
CA ILE B 1175 -11.81 22.94 11.24
C ILE B 1175 -10.35 23.36 11.38
N ALA B 1176 -9.54 22.51 12.01
CA ALA B 1176 -8.11 22.76 12.13
C ALA B 1176 -7.43 22.26 10.87
N SER B 1177 -6.79 23.16 10.13
CA SER B 1177 -6.30 22.85 8.80
C SER B 1177 -4.79 22.95 8.66
N HIS B 1178 -4.25 22.20 7.72
CA HIS B 1178 -2.90 22.45 7.23
C HIS B 1178 -2.77 21.99 5.80
N HIS B 1179 -2.11 22.81 4.99
CA HIS B 1179 -1.87 22.54 3.59
C HIS B 1179 -0.38 22.44 3.35
N ASP B 1180 0.01 21.60 2.41
CA ASP B 1180 1.41 21.36 2.11
C ASP B 1180 1.66 21.52 0.61
N PRO B 1181 1.52 22.75 0.08
CA PRO B 1181 1.64 22.95 -1.37
C PRO B 1181 3.04 22.67 -1.93
N GLN B 1182 4.07 22.90 -1.12
CA GLN B 1182 5.45 22.66 -1.53
C GLN B 1182 5.86 21.19 -1.36
N CYS B 1183 4.95 20.37 -0.83
CA CYS B 1183 5.12 18.92 -0.73
C CYS B 1183 6.30 18.52 0.18
N LYS B 1184 6.42 19.17 1.33
CA LYS B 1184 7.45 18.85 2.32
C LYS B 1184 7.09 17.64 3.20
N LEU B 1185 5.81 17.27 3.21
CA LEU B 1185 5.29 16.22 4.08
C LEU B 1185 4.97 14.95 3.29
N SER B 1186 4.67 13.88 4.02
CA SER B 1186 4.45 12.54 3.46
C SER B 1186 3.48 11.73 4.31
N TRP B 1187 2.59 11.01 3.64
CA TRP B 1187 1.58 10.20 4.32
C TRP B 1187 2.19 8.95 4.96
N LYS B 1188 2.95 8.20 4.17
CA LYS B 1188 3.65 6.98 4.62
C LYS B 1188 4.57 7.22 5.79
N SER B 1189 5.43 8.21 5.65
CA SER B 1189 6.50 8.43 6.61
C SER B 1189 5.99 8.91 7.97
N GLY B 1190 4.80 9.52 7.97
CA GLY B 1190 4.19 10.01 9.19
C GLY B 1190 4.68 11.39 9.60
N SER B 1191 5.16 12.17 8.62
CA SER B 1191 5.57 13.55 8.88
C SER B 1191 4.35 14.48 9.03
N TRP B 1192 3.16 13.95 8.86
CA TRP B 1192 1.92 14.68 9.15
C TRP B 1192 1.54 14.65 10.64
N ILE B 1193 2.01 13.62 11.36
CA ILE B 1193 1.61 13.43 12.76
C ILE B 1193 1.70 14.69 13.64
N PRO B 1194 2.81 15.45 13.55
CA PRO B 1194 2.89 16.66 14.37
C PRO B 1194 1.73 17.62 14.16
N PHE B 1195 1.26 17.75 12.92
CA PHE B 1195 0.12 18.59 12.61
C PHE B 1195 -1.19 17.94 13.06
N TYR B 1196 -1.33 16.64 12.82
CA TYR B 1196 -2.48 15.89 13.32
C TYR B 1196 -2.62 16.06 14.83
N ASN B 1197 -1.53 15.83 15.56
CA ASN B 1197 -1.53 15.98 17.02
C ASN B 1197 -1.97 17.37 17.47
N LYS B 1198 -1.56 18.41 16.74
CA LYS B 1198 -1.93 19.79 17.05
C LYS B 1198 -3.40 20.03 16.71
N ALA B 1199 -3.78 19.71 15.49
CA ALA B 1199 -5.16 19.84 15.03
C ALA B 1199 -6.13 19.07 15.92
N LEU B 1200 -5.66 17.95 16.48
CA LEU B 1200 -6.48 17.09 17.34
C LEU B 1200 -6.97 17.85 18.57
N GLN B 1201 -6.10 18.63 19.19
CA GLN B 1201 -6.51 19.34 20.41
C GLN B 1201 -7.16 20.72 20.15
N TYR B 1202 -7.06 21.26 18.94
CA TYR B 1202 -7.70 22.56 18.60
C TYR B 1202 -9.00 22.43 17.82
N GLY B 1203 -9.10 21.41 16.96
CA GLY B 1203 -10.21 21.31 16.02
C GLY B 1203 -11.27 20.30 16.40
N ASP B 1204 -12.50 20.58 15.96
CA ASP B 1204 -13.59 19.60 15.99
C ASP B 1204 -13.52 18.73 14.73
N VAL B 1205 -12.84 19.25 13.71
CA VAL B 1205 -12.61 18.55 12.46
C VAL B 1205 -11.18 18.83 11.99
N ILE B 1206 -10.42 17.78 11.67
CA ILE B 1206 -9.07 17.95 11.16
C ILE B 1206 -9.10 18.00 9.63
N LYS B 1207 -8.35 18.92 9.04
CA LYS B 1207 -8.24 19.02 7.58
C LYS B 1207 -6.78 19.07 7.17
N LEU B 1208 -6.29 17.97 6.59
CA LEU B 1208 -4.92 17.87 6.12
C LEU B 1208 -4.93 17.72 4.62
N VAL B 1209 -4.17 18.57 3.92
CA VAL B 1209 -4.11 18.52 2.46
C VAL B 1209 -2.66 18.52 1.97
N GLY B 1210 -2.32 17.49 1.20
CA GLY B 1210 -0.98 17.37 0.62
C GLY B 1210 -1.03 17.38 -0.91
N VAL B 1211 0.03 16.89 -1.52
CA VAL B 1211 0.16 16.84 -2.97
C VAL B 1211 0.41 15.40 -3.40
N ALA B 1212 -0.27 14.98 -4.45
CA ALA B 1212 0.02 13.70 -5.07
C ALA B 1212 0.90 13.94 -6.28
N ARG B 1213 1.98 13.18 -6.37
CA ARG B 1213 2.81 13.14 -7.56
C ARG B 1213 2.44 11.92 -8.41
N GLU B 1214 2.08 10.83 -7.74
CA GLU B 1214 1.65 9.60 -8.40
C GLU B 1214 0.45 9.00 -7.69
N MSE B 1215 -0.25 8.09 -8.37
CA MSE B 1215 -1.48 7.47 -7.87
C MSE B 1215 -1.32 6.83 -6.52
O MSE B 1215 -2.24 6.85 -5.70
CB MSE B 1215 -1.94 6.41 -8.87
CG MSE B 1215 -3.25 5.73 -8.51
SE MSE B 1215 -4.75 7.01 -8.43
CE MSE B 1215 -4.54 7.76 -10.23
N ALA B 1216 -0.15 6.24 -6.27
CA ALA B 1216 0.15 5.62 -4.99
C ALA B 1216 -0.01 6.58 -3.81
N ASP B 1217 0.27 7.86 -4.04
CA ASP B 1217 0.20 8.85 -2.95
C ASP B 1217 -1.22 9.00 -2.40
N ASN B 1218 -2.21 8.59 -3.18
CA ASN B 1218 -3.59 8.59 -2.71
C ASN B 1218 -3.88 7.37 -1.84
N PHE B 1219 -3.28 6.24 -2.20
CA PHE B 1219 -3.42 5.02 -1.38
C PHE B 1219 -2.88 5.29 0.02
N ALA B 1220 -1.67 5.82 0.09
CA ALA B 1220 -1.01 6.11 1.36
C ALA B 1220 -1.84 7.06 2.21
N LEU B 1221 -2.47 8.05 1.58
CA LEU B 1221 -3.35 8.98 2.28
C LEU B 1221 -4.53 8.24 2.88
N THR B 1222 -5.21 7.45 2.04
CA THR B 1222 -6.37 6.70 2.50
C THR B 1222 -6.01 5.78 3.66
N ASN B 1223 -4.87 5.11 3.56
CA ASN B 1223 -4.40 4.26 4.64
C ASN B 1223 -4.14 5.08 5.90
N PHE B 1224 -3.49 6.22 5.74
CA PHE B 1224 -3.19 7.11 6.87
C PHE B 1224 -4.46 7.54 7.60
N LYS B 1225 -5.41 8.07 6.85
CA LYS B 1225 -6.69 8.52 7.39
C LYS B 1225 -7.38 7.42 8.19
N ALA B 1226 -7.40 6.21 7.62
CA ALA B 1226 -8.03 5.07 8.28
C ALA B 1226 -7.40 4.77 9.63
N LYS B 1227 -6.07 4.84 9.69
CA LYS B 1227 -5.34 4.59 10.93
C LYS B 1227 -5.64 5.67 11.98
N MSE B 1228 -5.80 6.92 11.54
CA MSE B 1228 -6.12 8.03 12.44
C MSE B 1228 -7.53 7.93 12.98
O MSE B 1228 -7.76 8.19 14.15
CB MSE B 1228 -5.97 9.40 11.77
CG MSE B 1228 -4.56 9.71 11.26
SE MSE B 1228 -3.23 9.76 12.70
CE MSE B 1228 -2.26 8.09 12.28
N LEU B 1229 -8.49 7.57 12.13
CA LEU B 1229 -9.89 7.42 12.58
C LEU B 1229 -10.08 6.25 13.53
N ALA B 1230 -9.30 5.19 13.35
CA ALA B 1230 -9.29 4.07 14.27
C ALA B 1230 -8.82 4.53 15.65
N ALA B 1231 -7.73 5.30 15.67
CA ALA B 1231 -7.14 5.78 16.91
C ALA B 1231 -7.98 6.85 17.61
N HIS B 1232 -8.59 7.76 16.83
CA HIS B 1232 -9.43 8.82 17.37
C HIS B 1232 -10.73 8.95 16.58
N ASP B 1233 -11.62 7.99 16.83
CA ASP B 1233 -12.98 7.95 16.31
C ASP B 1233 -13.69 9.31 16.40
N ASN B 1234 -13.54 9.98 17.53
CA ASN B 1234 -14.35 11.14 17.85
C ASN B 1234 -14.01 12.45 17.13
N LYS B 1235 -12.96 12.47 16.30
CA LYS B 1235 -12.64 13.68 15.55
C LYS B 1235 -12.39 13.39 14.07
N PRO B 1236 -13.42 13.63 13.23
CA PRO B 1236 -13.38 13.25 11.82
C PRO B 1236 -12.44 14.13 10.99
N MSE B 1237 -12.12 13.66 9.78
CA MSE B 1237 -11.03 14.21 9.01
C MSE B 1237 -11.35 14.44 7.55
O MSE B 1237 -11.99 13.61 6.90
CB MSE B 1237 -9.90 13.22 9.13
CG MSE B 1237 -8.56 13.85 8.78
SE MSE B 1237 -7.16 12.58 9.32
CE MSE B 1237 -6.06 12.58 7.68
N ILE B 1238 -10.88 15.57 7.04
CA ILE B 1238 -10.91 15.86 5.61
C ILE B 1238 -9.47 15.75 5.12
N ALA B 1239 -9.21 14.76 4.27
CA ALA B 1239 -7.84 14.49 3.81
C ALA B 1239 -7.79 14.40 2.28
N LEU B 1240 -6.97 15.25 1.68
CA LEU B 1240 -6.90 15.35 0.22
C LEU B 1240 -5.48 15.47 -0.30
N ASN B 1241 -5.33 15.13 -1.58
CA ASN B 1241 -4.15 15.47 -2.36
C ASN B 1241 -4.53 16.42 -3.47
N MSE B 1242 -3.74 17.48 -3.63
CA MSE B 1242 -3.95 18.45 -4.70
C MSE B 1242 -3.36 17.93 -5.98
O MSE B 1242 -2.63 16.94 -5.99
CB MSE B 1242 -3.26 19.76 -4.37
CG MSE B 1242 -3.91 20.43 -3.17
SE MSE B 1242 -2.78 21.97 -2.69
CE MSE B 1242 -4.26 23.16 -2.12
N GLY B 1243 -3.67 18.63 -7.08
CA GLY B 1243 -3.16 18.26 -8.38
C GLY B 1243 -4.07 17.24 -9.02
N THR B 1244 -3.92 17.05 -10.32
CA THR B 1244 -4.75 16.11 -11.05
C THR B 1244 -4.43 14.67 -10.64
N ALA B 1245 -3.20 14.42 -10.22
CA ALA B 1245 -2.81 13.10 -9.72
C ALA B 1245 -3.63 12.70 -8.50
N GLY B 1246 -3.94 13.69 -7.66
CA GLY B 1246 -4.67 13.44 -6.41
C GLY B 1246 -6.18 13.61 -6.49
N LYS B 1247 -6.74 13.54 -7.69
CA LYS B 1247 -8.19 13.64 -7.86
C LYS B 1247 -8.91 12.47 -7.15
N LEU B 1248 -8.28 11.29 -7.14
CA LEU B 1248 -8.88 10.12 -6.49
C LEU B 1248 -9.08 10.32 -4.99
N SER B 1249 -8.19 11.08 -4.35
CA SER B 1249 -8.29 11.33 -2.91
C SER B 1249 -9.54 12.15 -2.57
N ARG B 1250 -9.98 12.97 -3.53
CA ARG B 1250 -11.21 13.73 -3.37
C ARG B 1250 -12.43 12.83 -3.46
N VAL B 1251 -12.38 11.89 -4.39
CA VAL B 1251 -13.45 10.92 -4.54
C VAL B 1251 -13.59 10.08 -3.27
N LEU B 1252 -12.47 9.53 -2.80
CA LEU B 1252 -12.47 8.61 -1.66
C LEU B 1252 -12.56 9.27 -0.27
N ASN B 1253 -12.40 10.59 -0.18
CA ASN B 1253 -12.41 11.27 1.12
C ASN B 1253 -13.70 11.05 1.92
N GLY B 1254 -14.84 11.27 1.28
CA GLY B 1254 -16.13 10.96 1.89
C GLY B 1254 -16.71 12.07 2.74
N PHE B 1255 -16.00 12.47 3.78
CA PHE B 1255 -16.50 13.44 4.76
C PHE B 1255 -16.11 14.89 4.43
N LEU B 1256 -17.11 15.74 4.22
CA LEU B 1256 -16.89 17.17 3.94
C LEU B 1256 -15.81 17.43 2.89
N THR B 1257 -15.88 16.71 1.77
CA THR B 1257 -14.96 16.94 0.66
C THR B 1257 -15.23 18.32 0.05
N PRO B 1258 -14.22 19.18 -0.01
CA PRO B 1258 -14.43 20.44 -0.72
C PRO B 1258 -14.58 20.22 -2.21
N VAL B 1259 -15.56 20.89 -2.81
CA VAL B 1259 -15.89 20.72 -4.23
C VAL B 1259 -15.96 22.04 -4.98
N SER B 1260 -15.96 21.96 -6.30
CA SER B 1260 -16.16 23.10 -7.19
C SER B 1260 -17.58 23.08 -7.75
N HIS B 1261 -17.88 24.04 -8.62
CA HIS B 1261 -19.13 24.05 -9.37
C HIS B 1261 -18.95 24.84 -10.66
N PRO B 1262 -19.45 24.32 -11.79
CA PRO B 1262 -19.19 24.95 -13.09
C PRO B 1262 -19.59 26.41 -13.21
N ALA B 1263 -20.63 26.80 -12.46
CA ALA B 1263 -21.15 28.17 -12.49
C ALA B 1263 -20.25 29.20 -11.79
N LEU B 1264 -19.35 28.74 -10.91
CA LEU B 1264 -18.38 29.63 -10.25
C LEU B 1264 -17.25 29.99 -11.22
N PRO B 1265 -16.67 31.20 -11.08
CA PRO B 1265 -15.66 31.69 -12.03
C PRO B 1265 -14.33 30.92 -12.01
N SER B 1266 -13.94 30.41 -10.84
CA SER B 1266 -12.71 29.65 -10.69
C SER B 1266 -12.97 28.38 -9.91
N LYS B 1267 -11.92 27.62 -9.69
CA LYS B 1267 -11.93 26.54 -8.71
C LYS B 1267 -11.06 26.99 -7.55
N ALA B 1268 -11.52 26.73 -6.33
CA ALA B 1268 -10.80 27.16 -5.12
C ALA B 1268 -9.39 26.58 -5.07
N ALA B 1269 -9.28 25.32 -5.47
CA ALA B 1269 -7.99 24.67 -5.62
C ALA B 1269 -7.94 24.07 -7.00
N PRO B 1270 -6.72 23.89 -7.55
CA PRO B 1270 -6.62 23.29 -8.87
C PRO B 1270 -6.99 21.80 -8.84
N GLY B 1271 -7.80 21.40 -9.82
CA GLY B 1271 -8.19 20.01 -9.97
C GLY B 1271 -9.14 19.47 -8.92
N GLN B 1272 -9.95 20.33 -8.31
CA GLN B 1272 -11.00 19.83 -7.45
C GLN B 1272 -12.21 19.48 -8.31
N LEU B 1273 -12.95 18.47 -7.90
CA LEU B 1273 -14.12 18.01 -8.64
C LEU B 1273 -15.39 18.55 -8.01
N SER B 1274 -16.46 18.61 -8.81
CA SER B 1274 -17.76 19.05 -8.31
C SER B 1274 -18.43 17.92 -7.55
N ALA B 1275 -19.39 18.27 -6.70
CA ALA B 1275 -20.14 17.28 -5.94
C ALA B 1275 -20.71 16.22 -6.86
N THR B 1276 -21.27 16.66 -7.99
CA THR B 1276 -21.85 15.75 -8.97
C THR B 1276 -20.80 14.82 -9.59
N GLU B 1277 -19.65 15.38 -9.94
CA GLU B 1277 -18.57 14.61 -10.54
C GLU B 1277 -18.06 13.54 -9.57
N ILE B 1278 -17.82 13.95 -8.33
CA ILE B 1278 -17.37 13.01 -7.30
C ILE B 1278 -18.42 11.94 -7.08
N ARG B 1279 -19.68 12.35 -7.08
CA ARG B 1279 -20.77 11.44 -6.81
C ARG B 1279 -20.89 10.40 -7.95
N GLN B 1280 -20.67 10.82 -9.19
CA GLN B 1280 -20.67 9.87 -10.32
C GLN B 1280 -19.36 9.10 -10.41
N ALA B 1281 -18.29 9.65 -9.86
CA ALA B 1281 -17.04 8.88 -9.70
C ALA B 1281 -17.23 7.75 -8.70
N LEU B 1282 -17.84 8.09 -7.55
CA LEU B 1282 -18.17 7.10 -6.52
C LEU B 1282 -19.07 6.02 -7.06
N SER B 1283 -19.97 6.39 -7.96
CA SER B 1283 -20.88 5.45 -8.59
C SER B 1283 -20.18 4.47 -9.52
N LEU B 1284 -19.18 4.94 -10.25
CA LEU B 1284 -18.44 4.09 -11.20
C LEU B 1284 -17.63 3.01 -10.48
N ILE B 1285 -17.17 3.33 -9.27
CA ILE B 1285 -16.48 2.36 -8.41
C ILE B 1285 -17.38 1.54 -7.46
N GLY B 1286 -18.68 1.86 -7.40
CA GLY B 1286 -19.61 1.08 -6.58
C GLY B 1286 -19.60 1.46 -5.10
N GLU B 1287 -18.93 2.56 -4.77
CA GLU B 1287 -19.05 3.18 -3.45
C GLU B 1287 -20.43 3.78 -3.22
N ILE B 1288 -21.11 4.14 -4.29
CA ILE B 1288 -22.54 4.43 -4.25
C ILE B 1288 -23.19 3.33 -5.06
N GLU B 1289 -23.67 2.31 -4.38
CA GLU B 1289 -24.25 1.17 -5.09
C GLU B 1289 -25.60 1.57 -5.68
N PRO B 1290 -25.88 1.20 -6.95
CA PRO B 1290 -27.17 1.53 -7.55
C PRO B 1290 -28.35 0.92 -6.81
N LYS B 1291 -29.50 1.56 -6.94
CA LYS B 1291 -30.70 1.20 -6.19
C LYS B 1291 -31.91 1.29 -7.10
N SER B 1292 -32.91 0.47 -6.82
CA SER B 1292 -34.17 0.49 -7.56
C SER B 1292 -35.18 1.36 -6.82
N PHE B 1293 -35.80 2.27 -7.56
CA PHE B 1293 -36.87 3.10 -7.03
C PHE B 1293 -38.14 2.79 -7.83
N TYR B 1294 -39.27 2.78 -7.15
CA TYR B 1294 -40.51 2.31 -7.77
C TYR B 1294 -41.67 3.28 -7.59
N LEU B 1295 -42.64 3.18 -8.48
CA LEU B 1295 -43.96 3.82 -8.32
C LEU B 1295 -45.01 2.72 -8.21
N PHE B 1296 -45.72 2.70 -7.08
CA PHE B 1296 -46.72 1.67 -6.83
C PHE B 1296 -48.13 2.23 -6.95
N GLY B 1297 -49.00 1.48 -7.63
CA GLY B 1297 -50.41 1.85 -7.81
C GLY B 1297 -50.90 1.61 -9.22
N LYS B 1298 -52.12 2.06 -9.52
CA LYS B 1298 -52.61 2.12 -10.90
C LYS B 1298 -53.82 3.07 -11.00
N PRO B 1299 -54.03 3.70 -12.17
CA PRO B 1299 -53.21 3.61 -13.38
C PRO B 1299 -52.05 4.58 -13.32
N ILE B 1300 -50.86 4.10 -13.68
CA ILE B 1300 -49.65 4.93 -13.67
C ILE B 1300 -48.91 4.86 -15.00
N SER B 1301 -49.64 4.56 -16.07
CA SER B 1301 -49.07 4.53 -17.41
C SER B 1301 -48.58 5.91 -17.84
N ALA B 1302 -49.32 6.96 -17.47
CA ALA B 1302 -49.00 8.32 -17.87
C ALA B 1302 -48.42 9.16 -16.72
N SER B 1303 -47.79 8.49 -15.75
CA SER B 1303 -47.17 9.16 -14.61
C SER B 1303 -45.82 9.76 -15.00
N ARG B 1304 -45.55 10.97 -14.54
CA ARG B 1304 -44.30 11.67 -14.81
C ARG B 1304 -43.21 11.42 -13.76
N SER B 1305 -43.54 10.69 -12.69
CA SER B 1305 -42.57 10.41 -11.62
C SER B 1305 -41.25 9.79 -12.15
N PRO B 1306 -41.35 8.78 -13.03
CA PRO B 1306 -40.12 8.22 -13.58
C PRO B 1306 -39.26 9.24 -14.31
N ALA B 1307 -39.88 10.08 -15.12
CA ALA B 1307 -39.14 11.15 -15.78
C ALA B 1307 -38.51 12.07 -14.75
N LEU B 1308 -39.28 12.41 -13.73
CA LEU B 1308 -38.82 13.32 -12.68
C LEU B 1308 -37.57 12.80 -11.98
N HIS B 1309 -37.69 11.64 -11.36
CA HIS B 1309 -36.64 11.13 -10.48
C HIS B 1309 -35.41 10.63 -11.23
N ASN B 1310 -35.62 9.99 -12.39
CA ASN B 1310 -34.49 9.55 -13.20
C ASN B 1310 -33.67 10.74 -13.69
N THR B 1311 -34.34 11.83 -14.04
CA THR B 1311 -33.66 13.06 -14.44
C THR B 1311 -32.81 13.61 -13.30
N LEU B 1312 -33.39 13.69 -12.11
CA LEU B 1312 -32.66 14.21 -10.95
C LEU B 1312 -31.49 13.28 -10.57
N PHE B 1313 -31.68 11.97 -10.72
CA PHE B 1313 -30.58 11.04 -10.49
C PHE B 1313 -29.40 11.35 -11.42
N TYR B 1314 -29.70 11.47 -12.71
CA TYR B 1314 -28.71 11.83 -13.71
C TYR B 1314 -28.08 13.20 -13.42
N LYS B 1315 -28.92 14.16 -13.06
CA LYS B 1315 -28.48 15.55 -12.86
C LYS B 1315 -27.56 15.67 -11.63
N THR B 1316 -27.83 14.88 -10.60
CA THR B 1316 -27.07 14.93 -9.34
C THR B 1316 -25.85 13.99 -9.33
N GLY B 1317 -25.78 13.08 -10.30
CA GLY B 1317 -24.64 12.17 -10.45
C GLY B 1317 -24.85 10.80 -9.81
N LEU B 1318 -26.07 10.51 -9.39
CA LEU B 1318 -26.37 9.23 -8.76
C LEU B 1318 -26.62 8.18 -9.84
N PRO B 1319 -26.41 6.89 -9.51
CA PRO B 1319 -26.57 5.81 -10.47
C PRO B 1319 -27.92 5.09 -10.36
N HIS B 1320 -28.82 5.60 -9.53
CA HIS B 1320 -30.08 4.91 -9.25
C HIS B 1320 -31.02 4.96 -10.45
N HIS B 1321 -32.06 4.12 -10.42
CA HIS B 1321 -33.07 4.06 -11.49
C HIS B 1321 -34.48 3.86 -10.93
N TYR B 1322 -35.42 4.60 -11.51
CA TYR B 1322 -36.83 4.64 -11.09
C TYR B 1322 -37.67 3.97 -12.17
N SER B 1323 -38.68 3.20 -11.79
CA SER B 1323 -39.48 2.45 -12.76
C SER B 1323 -40.94 2.24 -12.33
N ARG B 1324 -41.77 1.82 -13.29
CA ARG B 1324 -43.17 1.54 -13.04
C ARG B 1324 -43.33 0.23 -12.27
N PHE B 1325 -44.41 0.12 -11.51
CA PHE B 1325 -44.89 -1.18 -11.03
C PHE B 1325 -46.39 -1.10 -10.74
N GLU B 1326 -47.20 -1.34 -11.78
CA GLU B 1326 -48.65 -1.26 -11.65
C GLU B 1326 -49.20 -2.38 -10.76
N THR B 1327 -50.06 -2.02 -9.82
CA THR B 1327 -50.72 -3.00 -8.97
C THR B 1327 -51.88 -2.37 -8.19
N ASP B 1328 -53.00 -3.08 -8.12
CA ASP B 1328 -54.19 -2.61 -7.40
C ASP B 1328 -54.08 -2.87 -5.89
N GLU B 1329 -53.28 -3.87 -5.50
CA GLU B 1329 -53.16 -4.27 -4.10
C GLU B 1329 -51.70 -4.25 -3.63
N ALA B 1330 -51.53 -4.14 -2.31
CA ALA B 1330 -50.21 -4.24 -1.68
C ALA B 1330 -49.86 -5.72 -1.48
N SER B 1331 -49.38 -6.35 -2.55
CA SER B 1331 -49.21 -7.80 -2.59
C SER B 1331 -47.95 -8.30 -1.87
N LYS B 1332 -47.84 -9.62 -1.75
CA LYS B 1332 -46.63 -10.26 -1.24
C LYS B 1332 -45.49 -10.11 -2.25
N ALA B 1333 -45.85 -10.00 -3.53
CA ALA B 1333 -44.86 -9.73 -4.58
C ALA B 1333 -44.33 -8.29 -4.53
N LEU B 1334 -45.16 -7.35 -4.08
CA LEU B 1334 -44.72 -5.97 -3.88
C LEU B 1334 -43.67 -5.89 -2.77
N GLU B 1335 -43.94 -6.53 -1.63
CA GLU B 1335 -43.02 -6.44 -0.50
C GLU B 1335 -41.71 -7.20 -0.71
N SER B 1336 -41.64 -8.03 -1.75
CA SER B 1336 -40.36 -8.59 -2.19
C SER B 1336 -39.44 -7.47 -2.70
N LEU B 1337 -40.00 -6.55 -3.46
CA LEU B 1337 -39.25 -5.41 -3.99
C LEU B 1337 -38.90 -4.43 -2.88
N ILE B 1338 -39.87 -4.20 -2.00
CA ILE B 1338 -39.74 -3.21 -0.94
C ILE B 1338 -38.69 -3.62 0.11
N ARG B 1339 -38.58 -4.92 0.37
CA ARG B 1339 -37.63 -5.46 1.35
C ARG B 1339 -36.33 -5.97 0.71
N SER B 1340 -36.24 -5.89 -0.61
CA SER B 1340 -35.02 -6.23 -1.32
C SER B 1340 -33.89 -5.30 -0.89
N PRO B 1341 -32.64 -5.79 -0.88
CA PRO B 1341 -31.50 -4.90 -0.59
C PRO B 1341 -31.22 -3.88 -1.70
N ASP B 1342 -31.77 -4.11 -2.89
CA ASP B 1342 -31.68 -3.16 -4.00
C ASP B 1342 -32.60 -1.94 -3.83
N PHE B 1343 -33.55 -2.03 -2.89
CA PHE B 1343 -34.56 -1.02 -2.72
C PHE B 1343 -34.01 0.31 -2.22
N GLY B 1344 -34.22 1.37 -2.99
CA GLY B 1344 -33.79 2.70 -2.60
C GLY B 1344 -34.89 3.58 -2.04
N GLY B 1345 -36.14 3.24 -2.39
CA GLY B 1345 -37.30 4.05 -2.01
C GLY B 1345 -38.40 3.91 -3.04
N ALA B 1346 -39.58 4.45 -2.73
CA ALA B 1346 -40.71 4.34 -3.65
C ALA B 1346 -41.79 5.37 -3.40
N SER B 1347 -42.40 5.82 -4.49
CA SER B 1347 -43.61 6.63 -4.44
C SER B 1347 -44.82 5.71 -4.43
N VAL B 1348 -45.87 6.11 -3.73
CA VAL B 1348 -47.10 5.33 -3.64
C VAL B 1348 -48.28 6.24 -3.96
N THR B 1349 -49.12 5.82 -4.90
CA THR B 1349 -50.28 6.61 -5.31
C THR B 1349 -51.56 5.74 -5.25
N ILE B 1350 -52.65 6.25 -5.82
CA ILE B 1350 -53.94 5.58 -5.78
C ILE B 1350 -53.81 4.17 -6.35
N PRO B 1351 -54.40 3.16 -5.69
CA PRO B 1351 -55.21 3.20 -4.46
C PRO B 1351 -54.47 2.69 -3.21
N LEU B 1352 -53.15 2.87 -3.16
CA LEU B 1352 -52.33 2.21 -2.13
C LEU B 1352 -51.81 3.13 -1.01
N LYS B 1353 -52.18 4.41 -1.03
CA LYS B 1353 -51.72 5.34 0.00
C LYS B 1353 -52.05 4.89 1.43
N LEU B 1354 -53.19 4.22 1.60
CA LEU B 1354 -53.63 3.76 2.91
C LEU B 1354 -53.24 2.30 3.17
N ASP B 1355 -53.41 1.45 2.15
CA ASP B 1355 -53.17 0.01 2.29
C ASP B 1355 -51.68 -0.37 2.42
N ILE B 1356 -50.77 0.57 2.13
CA ILE B 1356 -49.34 0.31 2.24
C ILE B 1356 -48.81 0.30 3.68
N MSE B 1357 -49.42 1.12 4.54
CA MSE B 1357 -48.86 1.39 5.88
C MSE B 1357 -48.56 0.19 6.74
O MSE B 1357 -47.54 0.17 7.42
CB MSE B 1357 -49.79 2.35 6.65
CG MSE B 1357 -49.40 3.79 6.32
SE MSE B 1357 -50.90 4.99 6.71
CE MSE B 1357 -51.04 4.67 8.65
N PRO B 1358 -49.43 -0.84 6.73
CA PRO B 1358 -49.14 -2.07 7.49
C PRO B 1358 -47.85 -2.80 7.11
N LEU B 1359 -47.41 -2.65 5.86
CA LEU B 1359 -46.19 -3.30 5.37
C LEU B 1359 -44.92 -2.58 5.82
N LEU B 1360 -45.06 -1.29 6.18
CA LEU B 1360 -43.93 -0.48 6.60
C LEU B 1360 -43.71 -0.57 8.12
N ASP B 1361 -42.46 -0.41 8.54
CA ASP B 1361 -42.09 -0.52 9.96
C ASP B 1361 -42.54 0.70 10.77
N SER B 1362 -42.33 1.89 10.20
CA SER B 1362 -42.56 3.14 10.91
C SER B 1362 -43.31 4.13 10.00
N ALA B 1363 -43.79 5.23 10.59
CA ALA B 1363 -44.42 6.30 9.82
C ALA B 1363 -44.27 7.65 10.52
N THR B 1364 -44.05 8.71 9.72
CA THR B 1364 -43.83 10.05 10.26
C THR B 1364 -45.11 10.64 10.83
N ASP B 1365 -44.96 11.65 11.68
CA ASP B 1365 -46.09 12.25 12.39
C ASP B 1365 -47.08 12.93 11.44
N ALA B 1366 -46.59 13.40 10.29
CA ALA B 1366 -47.46 13.93 9.25
C ALA B 1366 -48.29 12.80 8.65
N ALA B 1367 -47.63 11.78 8.14
CA ALA B 1367 -48.30 10.65 7.49
C ALA B 1367 -49.20 9.85 8.44
N ARG B 1368 -48.93 9.94 9.73
CA ARG B 1368 -49.73 9.26 10.75
C ARG B 1368 -51.07 9.97 10.97
N THR B 1369 -51.01 11.28 11.23
CA THR B 1369 -52.24 12.07 11.46
C THR B 1369 -53.04 12.28 10.18
N ILE B 1370 -52.37 12.32 9.04
CA ILE B 1370 -53.05 12.39 7.74
C ILE B 1370 -53.69 11.04 7.40
N GLY B 1371 -53.03 9.95 7.80
CA GLY B 1371 -53.55 8.60 7.57
C GLY B 1371 -53.35 8.12 6.14
N ALA B 1372 -52.19 8.46 5.56
CA ALA B 1372 -51.88 8.14 4.18
C ALA B 1372 -50.40 8.31 3.91
N VAL B 1373 -49.80 7.35 3.23
CA VAL B 1373 -48.38 7.36 2.94
C VAL B 1373 -48.17 7.32 1.42
N ASN B 1374 -47.49 8.33 0.89
CA ASN B 1374 -47.14 8.34 -0.53
C ASN B 1374 -45.65 8.09 -0.78
N THR B 1375 -44.87 8.00 0.30
CA THR B 1375 -43.42 7.85 0.19
C THR B 1375 -42.88 6.78 1.13
N ILE B 1376 -42.11 5.84 0.57
CA ILE B 1376 -41.45 4.82 1.36
C ILE B 1376 -39.96 5.13 1.39
N ILE B 1377 -39.38 5.24 2.59
CA ILE B 1377 -37.97 5.57 2.76
C ILE B 1377 -37.27 4.45 3.53
N PRO B 1378 -36.24 3.84 2.93
CA PRO B 1378 -35.44 2.87 3.67
C PRO B 1378 -34.39 3.57 4.54
N GLN B 1379 -34.17 3.05 5.75
CA GLN B 1379 -33.18 3.60 6.68
C GLN B 1379 -32.18 2.50 7.02
N THR B 1380 -30.94 2.67 6.59
CA THR B 1380 -29.90 1.69 6.88
C THR B 1380 -29.48 1.79 8.35
N ARG B 1381 -29.91 0.82 9.15
CA ARG B 1381 -29.48 0.68 10.55
C ARG B 1381 -28.30 -0.30 10.62
N ASP B 1382 -27.10 0.20 10.32
CA ASP B 1382 -25.89 -0.64 10.22
C ASP B 1382 -25.74 -1.60 11.40
N GLY B 1383 -25.61 -2.89 11.07
CA GLY B 1383 -25.62 -3.95 12.07
C GLY B 1383 -26.96 -4.68 12.05
N SER B 1384 -28.03 -3.90 12.19
CA SER B 1384 -29.41 -4.43 12.12
C SER B 1384 -29.89 -4.49 10.67
N THR B 1385 -31.08 -5.07 10.49
CA THR B 1385 -31.73 -5.10 9.19
C THR B 1385 -32.22 -3.69 8.83
N THR B 1386 -32.63 -3.51 7.57
CA THR B 1386 -33.05 -2.20 7.08
C THR B 1386 -34.51 -1.88 7.50
N THR B 1387 -34.74 -0.64 7.94
CA THR B 1387 -36.06 -0.19 8.39
C THR B 1387 -36.77 0.55 7.27
N LEU B 1388 -38.09 0.41 7.20
CA LEU B 1388 -38.90 1.08 6.19
C LEU B 1388 -39.84 2.11 6.81
N VAL B 1389 -39.67 3.37 6.45
CA VAL B 1389 -40.45 4.49 7.00
C VAL B 1389 -41.45 4.99 5.95
N GLY B 1390 -42.65 5.30 6.41
CA GLY B 1390 -43.69 5.87 5.56
C GLY B 1390 -43.85 7.35 5.82
N ASP B 1391 -43.75 8.16 4.76
CA ASP B 1391 -43.93 9.61 4.86
C ASP B 1391 -44.96 10.10 3.84
N ASN B 1392 -45.43 11.32 4.04
CA ASN B 1392 -46.39 11.96 3.14
C ASN B 1392 -45.81 13.27 2.63
N THR B 1393 -45.55 13.33 1.32
CA THR B 1393 -45.08 14.56 0.68
C THR B 1393 -46.15 15.25 -0.16
N ASP B 1394 -47.36 14.69 -0.20
CA ASP B 1394 -48.47 15.32 -0.91
C ASP B 1394 -48.74 16.67 -0.32
N TRP B 1395 -48.98 16.69 0.99
CA TRP B 1395 -49.31 17.91 1.67
C TRP B 1395 -48.18 18.90 1.51
N ARG B 1396 -46.96 18.39 1.60
CA ARG B 1396 -45.76 19.21 1.47
C ARG B 1396 -45.73 19.88 0.10
N GLY B 1397 -46.03 19.12 -0.95
CA GLY B 1397 -46.07 19.64 -2.30
C GLY B 1397 -47.20 20.60 -2.53
N MSE B 1398 -48.38 20.28 -1.98
CA MSE B 1398 -49.56 21.14 -2.08
C MSE B 1398 -49.27 22.47 -1.46
O MSE B 1398 -49.60 23.50 -2.03
CB MSE B 1398 -50.77 20.52 -1.40
CG MSE B 1398 -51.34 19.37 -2.21
SE MSE B 1398 -52.81 18.56 -1.20
CE MSE B 1398 -52.79 16.73 -1.96
N VAL B 1399 -48.66 22.48 -0.27
CA VAL B 1399 -48.28 23.73 0.39
C VAL B 1399 -47.32 24.51 -0.50
N HIS B 1400 -46.30 23.83 -1.03
CA HIS B 1400 -45.29 24.47 -1.90
C HIS B 1400 -45.94 25.07 -3.13
N ALA B 1401 -46.87 24.33 -3.74
CA ALA B 1401 -47.57 24.78 -4.94
C ALA B 1401 -48.40 26.02 -4.68
N LEU B 1402 -49.15 26.02 -3.58
CA LEU B 1402 -49.98 27.16 -3.20
C LEU B 1402 -49.11 28.37 -2.85
N LEU B 1403 -47.98 28.12 -2.21
CA LEU B 1403 -47.11 29.18 -1.73
C LEU B 1403 -46.31 29.84 -2.87
N HIS B 1404 -45.69 29.02 -3.72
CA HIS B 1404 -44.78 29.50 -4.77
C HIS B 1404 -45.32 29.35 -6.20
N SER B 1405 -45.83 28.18 -6.52
CA SER B 1405 -46.19 27.86 -7.91
C SER B 1405 -47.46 28.55 -8.41
N SER B 1406 -48.35 28.96 -7.50
CA SER B 1406 -49.44 29.85 -7.86
C SER B 1406 -48.85 31.25 -7.99
N GLY B 1407 -49.49 32.11 -8.78
CA GLY B 1407 -48.92 33.41 -9.11
C GLY B 1407 -48.67 34.29 -7.91
N SER B 1408 -47.84 35.33 -8.09
CA SER B 1408 -47.69 36.36 -7.06
C SER B 1408 -48.96 37.20 -7.06
N GLY B 1409 -49.40 37.60 -5.88
CA GLY B 1409 -50.72 38.19 -5.71
C GLY B 1409 -51.79 37.13 -5.48
N SER B 1410 -51.38 35.89 -5.24
CA SER B 1410 -52.29 34.83 -4.78
C SER B 1410 -52.63 35.10 -3.33
N VAL B 1411 -53.78 34.62 -2.89
CA VAL B 1411 -54.20 34.76 -1.49
C VAL B 1411 -53.11 34.33 -0.52
N VAL B 1412 -52.33 33.32 -0.90
CA VAL B 1412 -51.26 32.83 -0.04
C VAL B 1412 -50.13 33.85 0.06
N GLN B 1413 -49.71 34.37 -1.09
CA GLN B 1413 -48.68 35.42 -1.14
C GLN B 1413 -49.15 36.75 -0.55
N ARG B 1414 -50.43 37.03 -0.75
CA ARG B 1414 -51.06 38.29 -0.34
C ARG B 1414 -51.32 38.41 1.15
N THR B 1415 -51.79 37.34 1.77
CA THR B 1415 -52.25 37.35 3.17
C THR B 1415 -51.34 36.52 4.06
N ALA B 1416 -51.55 36.64 5.37
CA ALA B 1416 -50.78 35.90 6.37
C ALA B 1416 -51.72 35.15 7.30
N ALA B 1417 -51.21 34.10 7.92
CA ALA B 1417 -52.01 33.27 8.82
C ALA B 1417 -52.48 34.10 10.01
N PRO B 1418 -53.76 33.97 10.40
CA PRO B 1418 -54.81 33.12 9.84
C PRO B 1418 -55.36 33.65 8.52
N ARG B 1419 -55.44 32.78 7.51
CA ARG B 1419 -55.81 33.17 6.14
C ARG B 1419 -57.31 33.06 5.84
N GLY B 1420 -58.11 32.80 6.86
CA GLY B 1420 -59.55 32.68 6.68
C GLY B 1420 -59.92 31.34 6.09
N ALA B 1421 -61.02 31.32 5.34
CA ALA B 1421 -61.63 30.07 4.90
C ALA B 1421 -60.93 29.43 3.71
N ALA B 1422 -61.18 28.13 3.54
CA ALA B 1422 -60.68 27.36 2.41
C ALA B 1422 -61.53 26.10 2.25
N MSE B 1423 -61.31 25.36 1.16
CA MSE B 1423 -62.19 24.25 0.79
C MSE B 1423 -61.46 23.06 0.25
O MSE B 1423 -60.40 23.20 -0.37
CB MSE B 1423 -63.15 24.72 -0.31
CG MSE B 1423 -64.61 24.44 0.04
SE MSE B 1423 -65.66 24.30 -1.62
CE MSE B 1423 -65.07 22.53 -2.20
N VAL B 1424 -62.03 21.88 0.47
CA VAL B 1424 -61.48 20.64 -0.06
C VAL B 1424 -62.62 19.79 -0.61
N VAL B 1425 -62.76 19.75 -1.93
CA VAL B 1425 -63.76 18.87 -2.54
C VAL B 1425 -63.15 17.50 -2.77
N GLY B 1426 -63.95 16.46 -2.57
CA GLY B 1426 -63.51 15.08 -2.73
C GLY B 1426 -63.29 14.39 -1.39
N SER B 1427 -63.25 13.06 -1.43
CA SER B 1427 -63.23 12.26 -0.21
C SER B 1427 -62.05 11.28 -0.10
N GLY B 1428 -61.11 11.33 -1.06
CA GLY B 1428 -60.01 10.38 -1.11
C GLY B 1428 -58.97 10.54 -0.02
N GLY B 1429 -57.88 9.77 -0.14
CA GLY B 1429 -56.73 9.90 0.76
C GLY B 1429 -55.92 11.15 0.44
N THR B 1430 -56.07 11.65 -0.78
CA THR B 1430 -55.51 12.94 -1.18
C THR B 1430 -56.15 14.07 -0.37
N ALA B 1431 -57.46 13.98 -0.18
CA ALA B 1431 -58.22 14.97 0.58
C ALA B 1431 -57.71 15.08 2.02
N ARG B 1432 -57.40 13.95 2.62
CA ARG B 1432 -56.77 13.92 3.94
C ARG B 1432 -55.56 14.85 3.98
N ALA B 1433 -54.65 14.65 3.03
CA ALA B 1433 -53.44 15.46 2.95
C ALA B 1433 -53.73 16.93 2.65
N ALA B 1434 -54.74 17.16 1.80
CA ALA B 1434 -55.16 18.51 1.46
C ALA B 1434 -55.57 19.32 2.69
N ILE B 1435 -56.29 18.67 3.61
CA ILE B 1435 -56.68 19.31 4.87
C ILE B 1435 -55.42 19.72 5.64
N TYR B 1436 -54.56 18.75 5.87
CA TYR B 1436 -53.32 18.98 6.60
C TYR B 1436 -52.52 20.13 5.99
N ALA B 1437 -52.47 20.16 4.65
CA ALA B 1437 -51.75 21.20 3.92
C ALA B 1437 -52.34 22.56 4.23
N LEU B 1438 -53.66 22.67 4.15
CA LEU B 1438 -54.35 23.93 4.39
C LEU B 1438 -54.20 24.40 5.83
N HIS B 1439 -54.26 23.47 6.77
CA HIS B 1439 -54.08 23.80 8.19
C HIS B 1439 -52.68 24.38 8.43
N ASP B 1440 -51.67 23.77 7.79
CA ASP B 1440 -50.28 24.25 7.89
C ASP B 1440 -50.17 25.68 7.37
N LEU B 1441 -50.78 25.95 6.23
CA LEU B 1441 -50.85 27.31 5.69
C LEU B 1441 -51.75 28.24 6.51
N GLY B 1442 -52.44 27.69 7.51
CA GLY B 1442 -53.16 28.49 8.49
C GLY B 1442 -54.56 28.86 8.06
N PHE B 1443 -55.18 28.01 7.24
CA PHE B 1443 -56.54 28.25 6.77
C PHE B 1443 -57.56 27.66 7.75
N ALA B 1444 -58.57 28.46 8.09
CA ALA B 1444 -59.64 28.03 8.99
C ALA B 1444 -60.82 29.00 8.85
N PRO B 1445 -62.05 28.48 8.71
CA PRO B 1445 -62.43 27.07 8.65
C PRO B 1445 -62.05 26.40 7.33
N ILE B 1446 -62.01 25.08 7.33
CA ILE B 1446 -61.75 24.30 6.13
C ILE B 1446 -63.03 23.56 5.74
N TRP B 1447 -63.74 24.11 4.75
CA TRP B 1447 -64.98 23.52 4.27
C TRP B 1447 -64.73 22.24 3.49
N ILE B 1448 -65.65 21.29 3.59
CA ILE B 1448 -65.53 20.01 2.88
C ILE B 1448 -66.80 19.71 2.09
N VAL B 1449 -66.62 19.37 0.81
CA VAL B 1449 -67.72 18.97 -0.06
C VAL B 1449 -67.48 17.52 -0.46
N ALA B 1450 -68.44 16.64 -0.15
CA ALA B 1450 -68.32 15.22 -0.46
C ALA B 1450 -69.68 14.57 -0.64
N ARG B 1451 -69.67 13.33 -1.10
CA ARG B 1451 -70.89 12.59 -1.41
C ARG B 1451 -71.83 12.48 -0.20
N SER B 1452 -71.36 11.79 0.84
CA SER B 1452 -72.20 11.46 1.99
C SER B 1452 -71.59 11.93 3.30
N GLU B 1453 -72.43 12.10 4.32
CA GLU B 1453 -71.97 12.45 5.67
C GLU B 1453 -71.23 11.29 6.33
N GLU B 1454 -71.45 10.08 5.83
CA GLU B 1454 -70.77 8.89 6.31
C GLU B 1454 -69.27 8.96 6.03
N ARG B 1455 -68.91 9.21 4.78
CA ARG B 1455 -67.51 9.26 4.37
C ARG B 1455 -66.81 10.58 4.74
N VAL B 1456 -67.58 11.66 4.92
CA VAL B 1456 -67.01 12.93 5.39
C VAL B 1456 -66.68 12.85 6.89
N ALA B 1457 -67.42 12.03 7.62
CA ALA B 1457 -67.17 11.83 9.06
C ALA B 1457 -65.86 11.10 9.31
N GLU B 1458 -65.55 10.11 8.47
CA GLU B 1458 -64.29 9.38 8.55
C GLU B 1458 -63.14 10.17 7.91
N LEU B 1459 -63.49 11.15 7.09
CA LEU B 1459 -62.51 12.10 6.54
C LEU B 1459 -62.10 13.16 7.58
N VAL B 1460 -62.99 13.46 8.52
CA VAL B 1460 -62.69 14.36 9.64
C VAL B 1460 -61.92 13.64 10.75
N ARG B 1461 -62.33 12.40 11.05
CA ARG B 1461 -61.72 11.60 12.13
C ARG B 1461 -60.20 11.73 12.13
N GLY B 1462 -59.65 12.13 13.28
CA GLY B 1462 -58.21 12.36 13.43
C GLY B 1462 -57.91 13.83 13.66
N PHE B 1463 -58.41 14.68 12.76
CA PHE B 1463 -58.16 16.12 12.85
C PHE B 1463 -59.05 16.74 13.93
N ASP B 1464 -58.40 17.31 14.94
CA ASP B 1464 -59.12 17.98 16.04
C ASP B 1464 -58.62 19.41 16.17
N GLY B 1465 -59.56 20.34 16.31
CA GLY B 1465 -59.25 21.77 16.38
C GLY B 1465 -58.79 22.33 15.04
N TYR B 1466 -59.21 21.69 13.96
CA TYR B 1466 -58.93 22.17 12.61
C TYR B 1466 -60.06 23.05 12.08
N ASP B 1467 -61.26 22.88 12.66
CA ASP B 1467 -62.47 23.58 12.23
C ASP B 1467 -62.95 23.05 10.86
N LEU B 1468 -63.12 21.75 10.78
CA LEU B 1468 -63.69 21.11 9.60
C LEU B 1468 -65.20 21.14 9.69
N ARG B 1469 -65.85 21.55 8.61
CA ARG B 1469 -67.31 21.56 8.54
C ARG B 1469 -67.78 21.36 7.10
N ARG B 1470 -68.81 20.52 6.94
CA ARG B 1470 -69.32 20.17 5.62
C ARG B 1470 -70.09 21.33 5.02
N MSE B 1471 -70.00 21.50 3.71
CA MSE B 1471 -70.81 22.45 2.98
C MSE B 1471 -71.73 21.67 2.07
O MSE B 1471 -71.27 21.01 1.14
CB MSE B 1471 -69.95 23.44 2.18
CG MSE B 1471 -70.59 24.84 2.22
SE MSE B 1471 -69.92 25.96 0.74
CE MSE B 1471 -68.47 26.85 1.73
N THR B 1472 -73.03 21.74 2.37
CA THR B 1472 -74.07 21.12 1.52
C THR B 1472 -74.92 22.17 0.79
N SER B 1473 -74.81 23.43 1.20
CA SER B 1473 -75.51 24.53 0.53
C SER B 1473 -74.62 25.78 0.56
N PRO B 1474 -74.67 26.60 -0.50
CA PRO B 1474 -73.82 27.81 -0.58
C PRO B 1474 -73.98 28.78 0.60
N HIS B 1475 -75.22 29.03 1.02
CA HIS B 1475 -75.56 30.03 2.05
C HIS B 1475 -74.87 29.79 3.40
N GLN B 1476 -74.41 28.56 3.64
CA GLN B 1476 -73.67 28.22 4.87
C GLN B 1476 -72.37 28.99 5.02
N GLY B 1477 -71.78 29.41 3.91
CA GLY B 1477 -70.48 30.10 3.94
C GLY B 1477 -70.52 31.61 4.12
N LYS B 1478 -71.71 32.19 4.34
CA LYS B 1478 -71.83 33.64 4.54
C LYS B 1478 -70.73 34.16 5.48
N ASP B 1479 -70.00 35.16 5.02
CA ASP B 1479 -68.89 35.78 5.78
C ASP B 1479 -67.72 34.82 6.07
N ASN B 1480 -67.63 33.72 5.32
CA ASN B 1480 -66.55 32.75 5.49
C ASN B 1480 -66.37 31.88 4.23
N MSE B 1481 -66.51 32.50 3.06
CA MSE B 1481 -66.40 31.77 1.79
C MSE B 1481 -64.94 31.52 1.53
O MSE B 1481 -64.10 32.36 1.85
CB MSE B 1481 -67.01 32.57 0.63
CG MSE B 1481 -68.52 32.72 0.77
SE MSE B 1481 -69.43 31.00 0.45
CE MSE B 1481 -69.90 31.23 -1.45
N PRO B 1482 -64.61 30.36 0.95
CA PRO B 1482 -63.22 29.98 0.79
C PRO B 1482 -62.46 30.79 -0.26
N SER B 1483 -61.19 31.08 0.03
CA SER B 1483 -60.29 31.76 -0.88
C SER B 1483 -59.49 30.76 -1.71
N VAL B 1484 -59.35 29.55 -1.20
CA VAL B 1484 -58.56 28.50 -1.83
C VAL B 1484 -59.34 27.20 -1.85
N VAL B 1485 -59.31 26.50 -2.99
CA VAL B 1485 -60.01 25.22 -3.14
C VAL B 1485 -59.02 24.18 -3.64
N ILE B 1486 -59.09 22.98 -3.06
CA ILE B 1486 -58.24 21.86 -3.45
C ILE B 1486 -59.13 20.70 -3.89
N SER B 1487 -59.08 20.37 -5.18
CA SER B 1487 -59.96 19.35 -5.74
C SER B 1487 -59.28 18.00 -5.84
N THR B 1488 -59.86 17.00 -5.16
CA THR B 1488 -59.33 15.64 -5.16
C THR B 1488 -60.24 14.64 -5.90
N ILE B 1489 -61.36 15.11 -6.43
CA ILE B 1489 -62.20 14.26 -7.29
C ILE B 1489 -61.49 14.06 -8.64
N PRO B 1490 -61.61 12.87 -9.24
CA PRO B 1490 -61.00 12.66 -10.56
C PRO B 1490 -61.75 13.37 -11.70
N ALA B 1491 -61.05 13.71 -12.77
CA ALA B 1491 -61.65 14.34 -13.95
C ALA B 1491 -62.34 13.30 -14.84
N THR B 1492 -62.00 12.03 -14.66
CA THR B 1492 -62.67 10.92 -15.36
C THR B 1492 -64.11 10.75 -14.88
N GLN B 1493 -64.32 10.88 -13.57
CA GLN B 1493 -65.65 10.83 -12.97
C GLN B 1493 -66.44 12.11 -13.22
N PRO B 1494 -67.76 11.99 -13.50
CA PRO B 1494 -68.59 13.18 -13.51
C PRO B 1494 -68.93 13.60 -12.08
N ILE B 1495 -69.22 14.88 -11.88
CA ILE B 1495 -69.48 15.43 -10.55
C ILE B 1495 -70.95 15.20 -10.19
N ASP B 1496 -71.21 15.02 -8.90
CA ASP B 1496 -72.58 14.84 -8.41
C ASP B 1496 -73.36 16.16 -8.52
N PRO B 1497 -74.60 16.11 -9.01
CA PRO B 1497 -75.41 17.32 -9.11
C PRO B 1497 -75.39 18.23 -7.87
N SER B 1498 -75.55 17.64 -6.69
CA SER B 1498 -75.63 18.41 -5.44
C SER B 1498 -74.28 19.01 -5.03
N MSE B 1499 -73.18 18.33 -5.36
CA MSE B 1499 -71.84 18.86 -5.11
C MSE B 1499 -71.50 19.96 -6.08
O MSE B 1499 -70.91 20.97 -5.72
CB MSE B 1499 -70.79 17.77 -5.21
CG MSE B 1499 -70.91 16.79 -4.04
SE MSE B 1499 -69.71 15.24 -4.20
CE MSE B 1499 -68.50 15.75 -5.69
N ARG B 1500 -71.90 19.77 -7.35
CA ARG B 1500 -71.72 20.79 -8.38
C ARG B 1500 -72.40 22.10 -7.99
N GLU B 1501 -73.66 22.01 -7.56
CA GLU B 1501 -74.41 23.20 -7.13
C GLU B 1501 -73.65 24.03 -6.08
N VAL B 1502 -72.96 23.34 -5.17
CA VAL B 1502 -72.15 24.00 -4.14
C VAL B 1502 -70.88 24.59 -4.75
N ILE B 1503 -70.14 23.77 -5.49
CA ILE B 1503 -68.86 24.18 -6.08
C ILE B 1503 -69.04 25.38 -7.01
N VAL B 1504 -69.99 25.25 -7.94
CA VAL B 1504 -70.31 26.31 -8.89
C VAL B 1504 -70.49 27.67 -8.19
N GLU B 1505 -71.30 27.70 -7.14
CA GLU B 1505 -71.60 28.94 -6.43
C GLU B 1505 -70.38 29.50 -5.68
N VAL B 1506 -69.54 28.60 -5.17
CA VAL B 1506 -68.31 29.01 -4.46
C VAL B 1506 -67.31 29.70 -5.39
N LEU B 1507 -67.24 29.24 -6.64
CA LEU B 1507 -66.35 29.84 -7.63
C LEU B 1507 -66.86 31.20 -8.09
N LYS B 1508 -68.17 31.32 -8.28
CA LYS B 1508 -68.78 32.56 -8.76
C LYS B 1508 -68.84 33.67 -7.71
N HIS B 1509 -68.65 33.32 -6.44
CA HIS B 1509 -68.85 34.27 -5.35
C HIS B 1509 -67.80 35.39 -5.28
N GLY B 1510 -68.26 36.62 -5.03
CA GLY B 1510 -67.38 37.76 -4.82
C GLY B 1510 -66.69 38.24 -6.08
N HIS B 1511 -65.42 38.62 -5.93
CA HIS B 1511 -64.59 39.06 -7.04
C HIS B 1511 -63.26 38.30 -6.96
N PRO B 1512 -63.27 36.98 -7.28
CA PRO B 1512 -62.10 36.11 -7.15
C PRO B 1512 -60.79 36.68 -7.69
N SER B 1513 -60.85 37.32 -8.86
CA SER B 1513 -59.66 37.88 -9.52
C SER B 1513 -58.86 38.82 -8.61
N ALA B 1514 -59.57 39.80 -8.03
CA ALA B 1514 -58.95 40.79 -7.14
C ALA B 1514 -58.74 40.25 -5.73
N GLU B 1515 -59.54 39.26 -5.34
CA GLU B 1515 -59.37 38.58 -4.06
C GLU B 1515 -58.10 37.72 -4.09
N GLY B 1516 -57.73 37.27 -5.29
CA GLY B 1516 -56.49 36.52 -5.51
C GLY B 1516 -56.68 35.02 -5.30
N LYS B 1517 -57.89 34.53 -5.56
CA LYS B 1517 -58.27 33.16 -5.20
C LYS B 1517 -57.60 32.11 -6.07
N VAL B 1518 -57.51 30.90 -5.53
CA VAL B 1518 -56.69 29.84 -6.12
C VAL B 1518 -57.38 28.48 -6.09
N LEU B 1519 -57.41 27.81 -7.25
CA LEU B 1519 -57.86 26.43 -7.32
C LEU B 1519 -56.67 25.53 -7.56
N LEU B 1520 -56.65 24.39 -6.86
CA LEU B 1520 -55.61 23.40 -6.98
C LEU B 1520 -56.24 22.08 -7.41
N GLU B 1521 -56.01 21.68 -8.66
CA GLU B 1521 -56.50 20.40 -9.17
C GLU B 1521 -55.40 19.34 -9.01
N MSE B 1522 -55.74 18.23 -8.38
CA MSE B 1522 -54.77 17.15 -8.08
C MSE B 1522 -54.61 16.19 -9.24
O MSE B 1522 -53.51 15.66 -9.45
CB MSE B 1522 -55.22 16.36 -6.86
CG MSE B 1522 -55.20 17.17 -5.57
SE MSE B 1522 -53.41 17.89 -5.18
CE MSE B 1522 -52.31 16.35 -5.73
N ALA B 1523 -55.69 15.93 -9.98
CA ALA B 1523 -55.62 15.10 -11.18
C ALA B 1523 -54.96 15.90 -12.29
N TYR B 1524 -53.97 15.30 -12.97
CA TYR B 1524 -53.19 16.05 -13.97
C TYR B 1524 -53.51 15.63 -15.41
N GLN B 1525 -54.47 14.73 -15.58
CA GLN B 1525 -54.88 14.25 -16.89
C GLN B 1525 -56.38 14.50 -17.06
N PRO B 1526 -56.77 15.40 -17.99
CA PRO B 1526 -55.92 16.20 -18.88
C PRO B 1526 -55.18 17.33 -18.14
N PRO B 1527 -54.26 18.02 -18.82
CA PRO B 1527 -53.56 19.18 -18.24
C PRO B 1527 -54.52 20.20 -17.62
N ARG B 1528 -55.63 20.45 -18.30
CA ARG B 1528 -56.68 21.35 -17.82
C ARG B 1528 -58.02 20.60 -17.72
N THR B 1529 -58.47 20.36 -16.50
CA THR B 1529 -59.71 19.61 -16.24
C THR B 1529 -60.93 20.51 -16.45
N PRO B 1530 -62.14 19.90 -16.52
CA PRO B 1530 -63.36 20.71 -16.62
C PRO B 1530 -63.52 21.71 -15.46
N LEU B 1531 -63.13 21.30 -14.26
CA LEU B 1531 -63.25 22.16 -13.07
C LEU B 1531 -62.33 23.38 -13.15
N MSE B 1532 -61.12 23.19 -13.66
CA MSE B 1532 -60.18 24.30 -13.86
C MSE B 1532 -60.74 25.29 -14.83
O MSE B 1532 -60.60 26.50 -14.64
CB MSE B 1532 -58.84 23.80 -14.40
CG MSE B 1532 -57.97 23.22 -13.29
SE MSE B 1532 -56.41 22.30 -14.10
CE MSE B 1532 -55.44 23.83 -14.85
N THR B 1533 -61.35 24.79 -15.90
CA THR B 1533 -61.93 25.63 -16.95
C THR B 1533 -62.95 26.59 -16.35
N LEU B 1534 -63.83 26.07 -15.50
CA LEU B 1534 -64.86 26.89 -14.87
C LEU B 1534 -64.25 27.94 -13.94
N ALA B 1535 -63.30 27.51 -13.13
CA ALA B 1535 -62.63 28.42 -12.20
C ALA B 1535 -61.91 29.56 -12.92
N GLU B 1536 -61.24 29.24 -14.03
CA GLU B 1536 -60.54 30.26 -14.82
C GLU B 1536 -61.50 31.30 -15.39
N ASP B 1537 -62.67 30.86 -15.83
CA ASP B 1537 -63.71 31.78 -16.32
C ASP B 1537 -64.16 32.75 -15.23
N GLN B 1538 -64.18 32.29 -13.98
CA GLN B 1538 -64.58 33.12 -12.84
C GLN B 1538 -63.42 33.93 -12.23
N GLY B 1539 -62.24 33.87 -12.87
CA GLY B 1539 -61.10 34.69 -12.46
C GLY B 1539 -60.19 34.08 -11.42
N TRP B 1540 -60.34 32.77 -11.16
CA TRP B 1540 -59.49 32.06 -10.21
C TRP B 1540 -58.16 31.73 -10.85
N ARG B 1541 -57.11 31.70 -10.03
CA ARG B 1541 -55.81 31.20 -10.47
C ARG B 1541 -55.82 29.68 -10.30
N THR B 1542 -55.47 28.95 -11.36
CA THR B 1542 -55.48 27.48 -11.33
C THR B 1542 -54.07 26.95 -11.33
N VAL B 1543 -53.81 25.99 -10.45
CA VAL B 1543 -52.54 25.30 -10.39
C VAL B 1543 -52.79 23.83 -10.70
N GLY B 1544 -52.22 23.36 -11.81
CA GLY B 1544 -52.43 22.00 -12.28
C GLY B 1544 -51.83 20.95 -11.37
N GLY B 1545 -52.18 19.70 -11.62
CA GLY B 1545 -51.69 18.57 -10.83
C GLY B 1545 -50.20 18.33 -10.98
N LEU B 1546 -49.70 18.49 -12.21
CA LEU B 1546 -48.27 18.31 -12.50
C LEU B 1546 -47.41 19.22 -11.62
N GLU B 1547 -47.87 20.44 -11.40
CA GLU B 1547 -47.18 21.39 -10.54
C GLU B 1547 -47.01 20.85 -9.12
N VAL B 1548 -48.03 20.14 -8.62
CA VAL B 1548 -47.96 19.50 -7.31
C VAL B 1548 -47.07 18.27 -7.40
N LEU B 1549 -47.23 17.48 -8.47
CA LEU B 1549 -46.39 16.30 -8.69
C LEU B 1549 -44.94 16.70 -8.55
N ALA B 1550 -44.54 17.76 -9.26
CA ALA B 1550 -43.19 18.26 -9.20
C ALA B 1550 -42.79 18.47 -7.77
N ALA B 1551 -43.53 19.29 -7.05
CA ALA B 1551 -43.23 19.61 -5.64
C ALA B 1551 -43.25 18.36 -4.76
N GLN B 1552 -44.38 17.67 -4.75
CA GLN B 1552 -44.54 16.40 -4.07
C GLN B 1552 -43.32 15.51 -4.25
N GLY B 1553 -42.91 15.34 -5.50
CA GLY B 1553 -41.78 14.47 -5.86
C GLY B 1553 -40.45 15.06 -5.46
N TRP B 1554 -40.25 16.33 -5.78
CA TRP B 1554 -39.06 17.08 -5.36
C TRP B 1554 -38.72 16.78 -3.90
N TYR B 1555 -39.73 16.75 -3.04
CA TYR B 1555 -39.53 16.43 -1.63
C TYR B 1555 -39.15 14.96 -1.42
N GLN B 1556 -39.78 14.05 -2.16
CA GLN B 1556 -39.41 12.63 -2.11
C GLN B 1556 -37.93 12.43 -2.44
N PHE B 1557 -37.48 13.08 -3.50
CA PHE B 1557 -36.09 13.00 -3.93
C PHE B 1557 -35.15 13.43 -2.81
N GLN B 1558 -35.49 14.55 -2.16
CA GLN B 1558 -34.72 15.05 -1.03
C GLN B 1558 -34.64 13.99 0.07
N LEU B 1559 -35.78 13.39 0.40
CA LEU B 1559 -35.84 12.37 1.46
C LEU B 1559 -35.03 11.12 1.15
N TRP B 1560 -34.92 10.76 -0.13
CA TRP B 1560 -34.19 9.57 -0.54
C TRP B 1560 -32.70 9.82 -0.69
N THR B 1561 -32.33 10.98 -1.23
CA THR B 1561 -30.94 11.26 -1.60
C THR B 1561 -30.19 12.16 -0.65
N GLY B 1562 -30.93 13.01 0.07
CA GLY B 1562 -30.31 14.05 0.90
C GLY B 1562 -29.82 15.21 0.06
N ILE B 1563 -30.22 15.25 -1.21
CA ILE B 1563 -29.81 16.30 -2.12
C ILE B 1563 -31.05 17.11 -2.49
N THR B 1564 -30.93 18.42 -2.41
CA THR B 1564 -32.02 19.31 -2.77
C THR B 1564 -31.66 20.06 -4.04
N PRO B 1565 -32.00 19.50 -5.21
CA PRO B 1565 -31.78 20.27 -6.43
C PRO B 1565 -32.73 21.45 -6.47
N LEU B 1566 -32.51 22.39 -7.37
CA LEU B 1566 -33.44 23.51 -7.52
C LEU B 1566 -34.80 22.96 -7.95
N TYR B 1567 -35.89 23.57 -7.48
CA TYR B 1567 -37.26 23.12 -7.86
C TYR B 1567 -37.44 23.19 -9.38
N GLU B 1568 -36.91 24.24 -10.00
CA GLU B 1568 -36.95 24.39 -11.45
C GLU B 1568 -36.56 23.11 -12.18
N GLU B 1569 -35.54 22.41 -11.68
CA GLU B 1569 -35.05 21.19 -12.31
C GLU B 1569 -36.14 20.11 -12.29
N ALA B 1570 -36.81 19.98 -11.15
CA ALA B 1570 -37.90 18.99 -10.98
C ALA B 1570 -39.14 19.39 -11.78
N ARG B 1571 -39.45 20.68 -11.76
CA ARG B 1571 -40.54 21.26 -12.57
C ARG B 1571 -40.35 20.90 -14.04
N ALA B 1572 -39.17 21.24 -14.58
CA ALA B 1572 -38.85 21.01 -15.98
C ALA B 1572 -38.87 19.53 -16.36
N ALA B 1573 -38.48 18.66 -15.43
CA ALA B 1573 -38.50 17.22 -15.67
C ALA B 1573 -39.93 16.72 -15.86
N VAL B 1574 -40.86 17.24 -15.09
CA VAL B 1574 -42.26 16.83 -15.17
C VAL B 1574 -42.91 17.36 -16.46
N MSE B 1575 -42.62 18.61 -16.83
CA MSE B 1575 -43.16 19.18 -18.07
C MSE B 1575 -42.55 18.57 -19.29
O MSE B 1575 -43.16 18.56 -20.36
CB MSE B 1575 -42.94 20.69 -18.16
CG MSE B 1575 -43.55 21.51 -17.03
SE MSE B 1575 -45.37 20.90 -16.57
CE MSE B 1575 -45.34 21.16 -14.62
N GLY B 1576 -41.33 18.05 -19.16
CA GLY B 1576 -40.63 17.44 -20.28
C GLY B 1576 -39.77 18.44 -21.03
N GLU B 1577 -39.58 19.63 -20.45
CA GLU B 1577 -38.72 20.66 -21.03
C GLU B 1577 -37.25 20.28 -20.88
N ASP B 1578 -36.93 19.49 -19.86
CA ASP B 1578 -35.56 19.04 -19.62
C ASP B 1578 -35.55 17.75 -18.78
N SER B 1579 -35.70 16.61 -19.46
CA SER B 1579 -35.78 15.30 -18.81
C SER B 1579 -34.97 14.24 -19.57
N VAL B 1580 -34.94 13.01 -19.03
CA VAL B 1580 -34.29 11.89 -19.70
C VAL B 1580 -35.34 10.82 -20.08
N GLU B 1581 -35.67 10.78 -21.37
CA GLU B 1581 -36.65 9.83 -21.90
C GLU B 1581 -36.08 9.13 -23.15
PA NAD C . 12.64 -23.27 0.02
O1A NAD C . 11.66 -22.35 -0.64
O2A NAD C . 12.77 -23.20 1.52
O5B NAD C . 12.21 -24.77 -0.40
C5B NAD C . 12.18 -25.14 -1.77
C4B NAD C . 10.79 -25.57 -2.27
O4B NAD C . 10.56 -26.94 -1.97
C3B NAD C . 9.62 -24.84 -1.65
O3B NAD C . 8.61 -24.67 -2.67
C2B NAD C . 9.13 -25.75 -0.55
O2B NAD C . 7.72 -25.61 -0.31
C1B NAD C . 9.47 -27.12 -1.08
N9A NAD C . 9.88 -28.13 -0.08
C8A NAD C . 10.70 -27.99 0.97
N7A NAD C . 10.84 -29.18 1.62
C5A NAD C . 10.11 -30.09 0.98
C6A NAD C . 9.80 -31.53 1.12
N6A NAD C . 10.33 -32.27 2.12
N1A NAD C . 8.97 -32.09 0.22
C2A NAD C . 8.44 -31.39 -0.79
N3A NAD C . 8.68 -30.09 -0.98
C4A NAD C . 9.49 -29.40 -0.15
O3 NAD C . 14.09 -23.07 -0.69
PN NAD C . 15.53 -23.64 -0.22
O1N NAD C . 15.34 -24.64 0.89
O2N NAD C . 16.31 -24.07 -1.41
O5D NAD C . 16.23 -22.34 0.40
C5D NAD C . 16.83 -21.33 -0.39
C4D NAD C . 16.95 -20.07 0.46
O4D NAD C . 17.84 -20.32 1.55
C3D NAD C . 17.50 -18.85 -0.26
O3D NAD C . 16.68 -17.72 0.03
C2D NAD C . 18.90 -18.64 0.28
O2D NAD C . 19.28 -17.26 0.35
C1D NAD C . 18.79 -19.26 1.66
N1N NAD C . 20.04 -19.84 2.17
C2N NAD C . 20.45 -19.47 3.39
C3N NAD C . 21.62 -19.99 3.95
C7N NAD C . 22.08 -19.58 5.32
O7N NAD C . 23.21 -19.87 5.68
N7N NAD C . 21.27 -18.92 6.15
C4N NAD C . 22.35 -20.93 3.21
C5N NAD C . 21.90 -21.29 1.95
C6N NAD C . 20.73 -20.74 1.44
ZN ZN D . 24.14 -20.30 -0.59
N GLU E . 25.52 -20.60 1.65
CA GLU E . 25.18 -19.39 2.45
C GLU E . 24.13 -18.51 1.74
O GLU E . 23.57 -17.59 2.34
CB GLU E . 26.44 -18.58 2.72
CG GLU E . 26.49 -17.93 4.09
CD GLU E . 27.04 -18.86 5.16
OE1 GLU E . 27.98 -18.44 5.87
OE2 GLU E . 26.54 -19.99 5.29
OXT GLU E . 23.80 -18.71 0.57
P PO4 F . 25.17 -14.11 3.00
O1 PO4 F . 25.55 -12.97 2.09
O2 PO4 F . 25.87 -13.95 4.32
O3 PO4 F . 23.68 -14.09 3.22
O4 PO4 F . 25.59 -15.42 2.38
OAA 3DS G . -13.78 -8.99 -15.91
OAC 3DS G . -13.53 -10.74 -14.60
OAD 3DS G . -14.72 -12.99 -19.62
OAE 3DS G . -11.98 -13.83 -19.73
CAF 3DS G . -11.86 -11.41 -16.95
CAG 3DS G . -14.15 -11.35 -17.93
CAH 3DS G . -13.51 -10.20 -15.73
CAI 3DS G . -11.40 -12.20 -18.11
CAJ 3DS G . -13.13 -11.00 -16.87
CAK 3DS G . -13.77 -12.66 -18.60
CAL 3DS G . -12.38 -12.58 -19.18
O12 SKM H . -12.24 18.82 -44.28
C8 SKM H . -13.31 19.42 -43.55
C6 SKM H . -12.82 19.87 -42.18
O7 SKM H . -12.17 18.78 -41.53
C5 SKM H . -13.98 20.35 -41.33
C4 SKM H . -14.88 21.30 -42.10
C1 SKM H . -15.84 22.10 -41.34
O2 SKM H . -16.05 21.75 -40.16
O3 SKM H . -16.42 23.07 -41.87
C10 SKM H . -14.82 21.43 -43.45
C9 SKM H . -13.87 20.61 -44.31
O11 SKM H . -12.80 21.47 -44.74
O12 SKM I . -2.50 -34.17 -57.13
C8 SKM I . -3.47 -34.15 -58.18
C6 SKM I . -3.79 -35.57 -58.63
O7 SKM I . -4.75 -35.55 -59.69
C5 SKM I . -4.31 -36.41 -57.46
C4 SKM I . -5.35 -35.66 -56.65
C1 SKM I . -6.13 -36.41 -55.67
O2 SKM I . -5.57 -37.29 -55.00
O3 SKM I . -7.34 -36.14 -55.53
C10 SKM I . -5.55 -34.32 -56.77
C9 SKM I . -4.74 -33.45 -57.71
O11 SKM I . -4.39 -32.24 -57.03
P PO4 J . -9.25 -25.32 -55.84
O1 PO4 J . -9.21 -23.82 -55.91
O2 PO4 J . -9.82 -25.72 -54.51
O3 PO4 J . -7.87 -25.92 -55.98
O4 PO4 J . -10.15 -25.84 -56.94
O12 SKM K . 37.70 -33.54 -36.58
C8 SKM K . 38.66 -34.46 -36.09
C6 SKM K . 38.13 -35.20 -34.87
O7 SKM K . 37.77 -34.27 -33.84
C5 SKM K . 39.14 -36.19 -34.30
C4 SKM K . 40.04 -36.81 -35.35
C1 SKM K . 41.01 -37.83 -34.90
O2 SKM K . 41.38 -38.73 -35.68
O3 SKM K . 41.45 -37.77 -33.73
C10 SKM K . 40.00 -36.48 -36.65
C9 SKM K . 39.05 -35.44 -37.19
O11 SKM K . 37.88 -36.10 -37.70
P PO4 L . 37.67 -26.30 -36.05
O1 PO4 L . 38.22 -24.90 -36.19
O2 PO4 L . 38.24 -27.18 -37.15
O3 PO4 L . 36.18 -26.27 -36.16
O4 PO4 L . 38.08 -26.84 -34.69
PA NAD M . 12.14 11.76 21.28
O1A NAD M . 10.98 11.85 20.31
O2A NAD M . 13.36 10.97 20.86
O5B NAD M . 12.55 13.27 21.62
C5B NAD M . 11.59 14.18 22.17
C4B NAD M . 11.29 15.36 21.26
O4B NAD M . 12.21 16.43 21.52
C3B NAD M . 11.42 15.13 19.77
O3B NAD M . 10.44 15.93 19.12
C2B NAD M . 12.81 15.59 19.40
O2B NAD M . 12.90 16.03 18.05
C1B NAD M . 12.99 16.75 20.36
N9A NAD M . 14.36 16.97 20.84
C8A NAD M . 15.27 16.04 21.24
N7A NAD M . 16.42 16.64 21.65
C5A NAD M . 16.24 17.95 21.53
C6A NAD M . 17.05 19.15 21.79
N6A NAD M . 18.31 19.03 22.28
N1A NAD M . 16.48 20.36 21.53
C2A NAD M . 15.24 20.48 21.06
N3A NAD M . 14.45 19.43 20.80
C4A NAD M . 14.89 18.17 21.01
O3 NAD M . 11.56 11.21 22.67
PN NAD M . 12.43 10.58 23.88
O1N NAD M . 13.85 11.06 23.79
O2N NAD M . 11.67 10.84 25.15
O5D NAD M . 12.38 9.00 23.60
C5D NAD M . 11.25 8.24 24.01
C4D NAD M . 11.37 6.82 23.46
O4D NAD M . 12.47 6.20 24.12
C3D NAD M . 10.16 5.94 23.71
O3D NAD M . 9.72 5.37 22.47
C2D NAD M . 10.63 4.87 24.69
O2D NAD M . 10.08 3.58 24.47
C1D NAD M . 12.13 4.87 24.46
N1N NAD M . 12.95 4.47 25.59
C2N NAD M . 13.87 3.52 25.39
C3N NAD M . 14.72 3.09 26.40
C7N NAD M . 15.72 2.00 26.11
O7N NAD M . 16.04 1.24 27.00
N7N NAD M . 16.25 1.90 24.90
C4N NAD M . 14.61 3.67 27.66
C5N NAD M . 13.66 4.67 27.86
C6N NAD M . 12.84 5.06 26.81
ZN ZN N . 11.10 3.84 30.01
N GLU O . 13.39 2.45 30.77
CA GLU O . 13.48 1.36 29.77
C GLU O . 12.33 1.44 28.75
O GLU O . 11.48 2.34 28.82
CB GLU O . 13.48 0.01 30.47
CG GLU O . 14.24 -1.09 29.74
CD GLU O . 15.68 -1.22 30.20
OE1 GLU O . 16.45 -0.26 30.05
OE2 GLU O . 16.04 -2.31 30.69
OXT GLU O . 12.23 0.63 27.83
P PO4 P . 11.31 -2.72 27.26
O1 PO4 P . 11.49 -1.82 28.47
O2 PO4 P . 11.49 -1.93 25.99
O3 PO4 P . 9.92 -3.32 27.29
O4 PO4 P . 12.35 -3.82 27.30
OAA 3DS Q . -7.71 21.84 -1.75
OAC 3DS Q . -9.72 21.49 -2.58
OAD 3DS Q . -10.90 26.36 -0.50
OAE 3DS Q . -10.31 25.74 2.22
CAF 3DS Q . -9.30 22.62 0.55
CAG 3DS Q . -10.28 24.14 -1.16
CAH 3DS Q . -8.95 22.03 -1.75
CAI 3DS Q . -9.82 23.49 1.61
CAJ 3DS Q . -9.51 22.91 -0.75
CAK 3DS Q . -10.12 25.23 -0.12
CAL 3DS Q . -10.57 24.74 1.24
O12 SKM R . -48.33 11.39 -4.10
C8 SKM R . -48.02 11.25 -5.49
C6 SKM R . -47.11 10.05 -5.68
O7 SKM R . -46.00 10.14 -4.80
C5 SKM R . -46.62 9.99 -7.12
C4 SKM R . -47.77 10.14 -8.08
C1 SKM R . -47.56 9.75 -9.47
O2 SKM R . -48.45 9.11 -10.07
O3 SKM R . -46.48 10.05 -10.00
C10 SKM R . -48.98 10.63 -7.72
C9 SKM R . -49.29 11.11 -6.31
O11 SKM R . -50.20 10.20 -5.68
O12 SKM S . -31.38 53.68 28.00
C8 SKM S . -32.24 54.68 27.44
C6 SKM S . -31.80 56.07 27.90
O7 SKM S . -32.68 57.07 27.37
C5 SKM S . -30.37 56.37 27.48
C4 SKM S . -30.16 56.05 26.02
C1 SKM S . -28.99 56.61 25.36
O2 SKM S . -27.85 56.31 25.78
O3 SKM S . -29.15 57.39 24.39
C10 SKM S . -30.99 55.26 25.31
C9 SKM S . -32.21 54.62 25.91
O11 SKM S . -32.27 53.25 25.48
O12 SKM T . -12.11 20.58 58.62
C8 SKM T . -11.08 20.58 59.60
C6 SKM T . -9.77 21.08 59.00
O7 SKM T . -9.43 20.30 57.84
C5 SKM T . -8.63 20.99 60.00
C4 SKM T . -9.04 21.43 61.40
C1 SKM T . -7.99 21.61 62.41
O2 SKM T . -7.00 20.85 62.38
O3 SKM T . -8.10 22.53 63.26
C10 SKM T . -10.33 21.62 61.76
C9 SKM T . -11.49 21.44 60.79
O11 SKM T . -11.94 22.73 60.35
P PO4 U . -15.34 15.34 55.85
O1 PO4 U . -15.64 16.38 56.90
O2 PO4 U . -13.85 15.12 55.76
O3 PO4 U . -15.89 15.81 54.53
O4 PO4 U . -15.97 14.02 56.22
#